data_7X08
#
_entry.id   7X08
#
_cell.length_a   1.00
_cell.length_b   1.00
_cell.length_c   1.00
_cell.angle_alpha   90.00
_cell.angle_beta   90.00
_cell.angle_gamma   90.00
#
_symmetry.space_group_name_H-M   'P 1'
#
loop_
_entity.id
_entity.type
_entity.pdbx_description
1 polymer 'Spike glycoprotein'
2 polymer 'heavy chain of 2G1'
3 polymer 'light chain of 2G1'
4 branched 2-acetamido-2-deoxy-beta-D-glucopyranose-(1-4)-2-acetamido-2-deoxy-beta-D-glucopyranose
5 non-polymer 2-acetamido-2-deoxy-beta-D-glucopyranose
6 non-polymer 'LINOLEIC ACID'
#
loop_
_entity_poly.entity_id
_entity_poly.type
_entity_poly.pdbx_seq_one_letter_code
_entity_poly.pdbx_strand_id
1 'polypeptide(L)'
;MFVFLVLLPLVSSQCVNLTTRTQLPPAYTNSFTRGVYYPDKVFRSSVLHSTQDLFLPFFSNVTWFHAIHVSGTNGTKRFD
NPVLPFNDGVYFASTEKSNIIRGWIFGTTLDSKTQSLLIVNNATNVVIKVCEFQFCNDPFLGVYYHKNNKSWMESEFRVY
SSANNCTFEYVSQPFLMDLEGKQGNFKNLREFVFKNIDGYFKIYSKHTPINLVRDLPQGFSALEPLVDLPIGINITRFQT
LLALHRSYLTPGDSSSGWTAGAAAYYVGYLQPRTFLLKYNENGTITDAVDCALDPLSETKCTLKSFTVEKGIYQTSNFRV
QPTESIVRFPNITNLCPFGEVFNATRFASVYAWNRKRISNCVADYSVLYNSASFSTFKCYGVSPTKLNDLCFTNVYADSF
VIRGDEVRQIAPGQTGKIADYNYKLPDDFTGCVIAWNSNNLDSKVGGNYNYLYRLFRKSNLKPFERDISTEIYQAGSTPC
NGVEGFNCYFPLQSYGFQPTNGVGYQPYRVVVLSFELLHAPATVCGPKKSTNLVKNKCVNFNFNGLTGTGVLTESNKKFL
PFQQFGRDIADTTDAVRDPQTLEILDITPCSFGGVSVITPGTNTSNQVAVLYQDVNCTEVPVAIHADQLTPTWRVYSTGS
NVFQTRAGCLIGAEHVNNSYECDIPIGAGICASYQTQTNSPRRARSVASQSIIAYTMSLGAENSVAYSNNSIAIPTNFTI
SVTTEILPVSMTKTSVDCTMYICGDSTECSNLLLQYGSFCTQLNRALTGIAVEQDKNTQEVFAQVKQIYKTPPIKDFGGF
NFSQILPDPSKPSKRSPIEDLLFNKVTLADAGFIKQYGDCLGDIAARDLICAQKFNGLTVLPPLLTDEMIAQYTSALLAG
TITSGWTFGAGPALQIPFPMQMAYRFNGIGVTQNVLYENQKLIANQFNSAIGKIQDSLSSTPSALGKLQDVVNQNAQALN
TLVKQLSSNFGAISSVLNDILSRLDPPEAEVQIDRLITGRLQSLQTYVTQQLIRAAEIRASANLAATKMSECVLGQSKRV
DFCGKGYHLMSFPQSAPHGVVFLHVTYVPAQEKNFTTAPAICHDGKAHFPREGVFVSNGTHWFVTQRNFYEPQIITTDNT
FVSGNCDVVIGIVNNTVYDPLQPELDSFKEELDKYFKNHTSPDVDLGDISGINASVVNIQKEIDRLNEVAKNLNESLIDL
QELGKYEQYIKWPWYIWLGFIAGLIAIVMVTIMLCCMTSCCSCLKGCCSCGSCCKFDEDDSEPVLKGVKLHYTLEDYKDD
DDK
;
A,B,C
2 'polypeptide(L)'
;EVQLLESGGGQIQPGGSLRLSCAASGFSFISNYMSWVRQAPGKGLEWVSVIYSGGSTFYADSVKGRFTISRDKSKNTLYL
QMNSLRAEDTAFYYCARGLIRGIIMTGAFDIWDEGTMVTVSSASTKGPSVFPLAPSSKSTSGGTAALGCLVKDYFPEPVT
VSWNSGALTSGVHTFPAVLQSSGLYSLSSVVTVPSSSLGTQTYICNVNHKPSNTKVDKKVEPKSCDKTHTCPPCPAPELL
GGPSVFLFPPKPKDTLMISRTPEVTCVVVDVSHEDPEVKFNWYVDGVEVHNAKTKPREEQYNSTYRVVSVLTVLHQDWLN
GKEYKCKVSNKALPAPIEKTISKAKGQPREPQVYTLPPSRDELTKNQVSLTCLVKGFYPSDIAVEWESNGQPENNYKTTP
PVLDSDGSFFLYSKLTVDKSRWQQGNVFSCSVMHEALHNHYTQKSLSLSPGK
;
H,I,J
3 'polypeptide(L)'
;QSALTQPPSASGSPGQSVTISCTGTSSDVGGSNYVSWYQQHPGKAPKLMISEVSKRPSGVPDRFSGSKSGNTASLTVSGL
QAEDEADYYCSSYAGSNNWVFGGGTKLTVLGQPKAAPSVTLFPPSSEELQANKATLVCLISDFYPGAVTVAWKGDSSPVK
AGVETTTPSKQSNNKYAASSYLSLTPEQWKSHRSYSCQVTHEGSTVEKTVAPTECS
;
L,M,N
#
loop_
_chem_comp.id
_chem_comp.type
_chem_comp.name
_chem_comp.formula
EIC non-polymer 'LINOLEIC ACID' 'C18 H32 O2'
NAG D-saccharide, beta linking 2-acetamido-2-deoxy-beta-D-glucopyranose 'C8 H15 N O6'
#
# COMPACT_ATOMS: atom_id res chain seq x y z
N GLN A 14 48.86 20.16 -34.75
CA GLN A 14 48.80 21.41 -33.99
C GLN A 14 48.55 21.17 -32.52
N CYS A 15 49.61 20.85 -31.77
CA CYS A 15 49.40 20.63 -30.34
C CYS A 15 50.73 20.77 -29.62
N VAL A 16 50.84 21.77 -28.76
CA VAL A 16 52.13 22.17 -28.18
C VAL A 16 52.09 22.04 -26.68
N ASN A 17 53.29 21.93 -26.09
CA ASN A 17 53.47 21.88 -24.66
C ASN A 17 54.11 23.23 -24.39
N LEU A 18 53.42 24.09 -23.65
CA LEU A 18 53.91 25.45 -23.43
C LEU A 18 54.99 25.48 -22.36
N THR A 19 55.75 26.57 -22.35
CA THR A 19 56.82 26.78 -21.39
C THR A 19 56.82 28.24 -20.97
N THR A 20 57.93 28.67 -20.33
CA THR A 20 58.09 30.01 -19.79
C THR A 20 57.03 30.31 -18.73
N ARG A 21 56.80 29.35 -17.84
CA ARG A 21 55.79 29.47 -16.80
C ARG A 21 56.47 29.35 -15.43
N THR A 22 56.12 30.26 -14.53
CA THR A 22 56.76 30.33 -13.23
C THR A 22 56.03 29.43 -12.23
N GLN A 23 56.74 29.04 -11.18
CA GLN A 23 56.20 28.14 -10.18
C GLN A 23 55.59 28.94 -9.04
N LEU A 24 54.49 28.44 -8.49
CA LEU A 24 53.79 29.05 -7.37
C LEU A 24 52.93 28.01 -6.69
N PRO A 25 52.74 28.12 -5.38
CA PRO A 25 51.79 27.26 -4.68
C PRO A 25 50.36 27.71 -4.93
N PRO A 26 49.37 26.90 -4.58
CA PRO A 26 47.97 27.29 -4.82
C PRO A 26 47.51 28.38 -3.87
N ALA A 27 46.43 29.06 -4.28
CA ALA A 27 45.81 30.12 -3.50
C ALA A 27 44.37 29.76 -3.21
N TYR A 28 43.88 30.19 -2.04
CA TYR A 28 42.54 29.87 -1.60
C TYR A 28 41.81 31.14 -1.22
N THR A 29 40.49 31.06 -1.22
CA THR A 29 39.65 32.22 -0.95
C THR A 29 38.36 31.72 -0.31
N ASN A 30 37.60 32.63 0.27
CA ASN A 30 36.34 32.31 0.91
C ASN A 30 35.18 32.64 -0.02
N SER A 31 34.16 31.80 0.00
CA SER A 31 32.94 32.04 -0.76
C SER A 31 31.87 32.62 0.18
N PHE A 32 31.63 33.92 0.09
CA PHE A 32 30.71 34.60 0.99
C PHE A 32 29.28 34.43 0.50
N THR A 33 28.68 33.29 0.85
CA THR A 33 27.28 32.99 0.50
C THR A 33 27.05 33.06 -1.01
N ARG A 34 27.93 32.44 -1.77
CA ARG A 34 27.81 32.41 -3.23
C ARG A 34 27.33 31.05 -3.68
N GLY A 35 26.74 31.01 -4.86
CA GLY A 35 26.41 29.75 -5.52
C GLY A 35 25.06 29.16 -5.19
N VAL A 36 24.01 29.96 -5.28
CA VAL A 36 22.65 29.50 -5.06
C VAL A 36 21.91 29.60 -6.38
N TYR A 37 21.05 28.62 -6.66
CA TYR A 37 20.32 28.58 -7.91
C TYR A 37 18.86 28.25 -7.65
N TYR A 38 18.02 28.56 -8.62
CA TYR A 38 16.61 28.21 -8.54
C TYR A 38 16.47 26.70 -8.64
N PRO A 39 15.92 26.03 -7.64
CA PRO A 39 15.89 24.56 -7.66
C PRO A 39 14.71 23.94 -8.41
N ASP A 40 13.74 24.72 -8.87
CA ASP A 40 12.69 24.17 -9.74
C ASP A 40 12.32 25.24 -10.76
N LYS A 41 11.24 24.98 -11.48
CA LYS A 41 10.70 25.92 -12.47
C LYS A 41 9.34 26.46 -12.03
N VAL A 42 9.09 26.52 -10.73
CA VAL A 42 7.83 27.01 -10.21
C VAL A 42 8.03 28.43 -9.72
N PHE A 43 7.00 29.26 -9.89
CA PHE A 43 7.04 30.64 -9.42
C PHE A 43 6.56 30.69 -7.96
N ARG A 44 7.35 31.36 -7.12
CA ARG A 44 6.98 31.59 -5.74
C ARG A 44 7.25 33.04 -5.39
N SER A 45 6.41 33.60 -4.54
CA SER A 45 6.45 35.03 -4.24
C SER A 45 6.17 35.25 -2.77
N SER A 46 7.01 36.06 -2.12
CA SER A 46 6.84 36.44 -0.73
C SER A 46 6.73 35.22 0.18
N VAL A 47 7.82 34.46 0.25
CA VAL A 47 7.78 33.18 0.95
C VAL A 47 9.19 32.78 1.35
N LEU A 48 9.28 31.85 2.30
CA LEU A 48 10.53 31.21 2.68
C LEU A 48 10.37 29.72 2.45
N HIS A 49 11.20 29.16 1.57
CA HIS A 49 11.06 27.79 1.13
C HIS A 49 12.30 26.99 1.52
N SER A 50 12.08 25.83 2.12
CA SER A 50 13.18 24.96 2.52
C SER A 50 13.40 23.91 1.46
N THR A 51 14.66 23.72 1.06
CA THR A 51 15.00 22.89 -0.08
C THR A 51 16.26 22.11 0.22
N GLN A 52 16.29 20.83 -0.16
CA GLN A 52 17.50 20.04 -0.09
C GLN A 52 18.01 19.75 -1.49
N ASP A 53 19.30 20.01 -1.71
CA ASP A 53 19.91 19.77 -3.01
C ASP A 53 21.42 19.87 -2.92
N LEU A 54 22.09 19.80 -4.07
CA LEU A 54 23.54 19.95 -4.14
C LEU A 54 23.85 21.43 -4.21
N PHE A 55 24.35 21.99 -3.12
CA PHE A 55 24.65 23.40 -3.03
C PHE A 55 26.11 23.58 -2.64
N LEU A 56 26.62 24.78 -2.88
CA LEU A 56 27.94 25.14 -2.41
C LEU A 56 27.83 25.68 -0.99
N PRO A 57 28.43 25.03 0.01
CA PRO A 57 28.25 25.46 1.39
C PRO A 57 28.74 26.88 1.60
N PHE A 58 28.11 27.58 2.54
CA PHE A 58 28.46 28.96 2.82
C PHE A 58 29.83 29.04 3.46
N PHE A 59 30.58 30.09 3.09
CA PHE A 59 31.92 30.30 3.61
C PHE A 59 32.80 29.09 3.39
N SER A 60 32.85 28.65 2.13
CA SER A 60 33.67 27.51 1.73
C SER A 60 35.03 28.00 1.25
N ASN A 61 35.98 27.06 1.26
CA ASN A 61 37.35 27.32 0.82
C ASN A 61 37.46 26.99 -0.66
N VAL A 62 37.35 27.99 -1.52
CA VAL A 62 37.42 27.77 -2.95
C VAL A 62 38.85 28.00 -3.41
N THR A 63 39.20 27.38 -4.52
CA THR A 63 40.55 27.50 -5.06
C THR A 63 40.60 28.59 -6.13
N TRP A 64 41.73 29.28 -6.18
CA TRP A 64 41.89 30.50 -6.96
C TRP A 64 42.98 30.30 -8.00
N PHE A 65 42.67 30.62 -9.25
CA PHE A 65 43.60 30.43 -10.36
C PHE A 65 43.70 31.72 -11.16
N HIS A 66 44.89 32.08 -11.59
CA HIS A 66 44.98 33.32 -12.36
C HIS A 66 45.72 33.19 -13.68
N ALA A 67 46.38 34.27 -14.08
CA ALA A 67 47.12 34.33 -15.32
C ALA A 67 47.44 35.75 -15.64
N ILE A 68 48.50 36.26 -15.01
CA ILE A 68 48.95 37.61 -15.23
C ILE A 68 50.40 37.43 -15.64
N HIS A 69 50.81 38.13 -16.69
CA HIS A 69 52.17 38.05 -17.16
C HIS A 69 52.85 39.39 -16.92
N VAL A 70 54.00 39.36 -16.24
CA VAL A 70 54.81 40.54 -15.93
C VAL A 70 54.41 41.25 -14.64
N THR A 76 56.60 37.76 -14.25
CA THR A 76 55.76 36.63 -13.84
C THR A 76 54.72 36.31 -14.92
N LYS A 77 54.61 35.02 -15.24
CA LYS A 77 53.65 34.50 -16.20
C LYS A 77 52.90 33.46 -15.38
N ARG A 78 51.60 33.32 -15.61
CA ARG A 78 50.82 32.36 -14.85
C ARG A 78 49.62 31.89 -15.65
N PHE A 79 49.78 30.79 -16.38
CA PHE A 79 48.66 30.29 -17.18
C PHE A 79 48.11 29.06 -16.48
N ASP A 80 47.17 29.22 -15.55
CA ASP A 80 46.69 28.06 -14.83
C ASP A 80 45.56 27.37 -15.59
N ASN A 81 45.77 26.10 -15.92
CA ASN A 81 44.69 25.25 -16.40
C ASN A 81 44.98 23.80 -16.08
N PRO A 82 45.09 23.42 -14.81
CA PRO A 82 45.34 22.01 -14.49
C PRO A 82 44.08 21.18 -14.62
N VAL A 83 44.23 19.88 -14.45
CA VAL A 83 43.09 18.97 -14.47
C VAL A 83 42.57 18.83 -13.05
N LEU A 84 41.34 19.26 -12.84
CA LEU A 84 40.74 19.30 -11.51
C LEU A 84 39.68 18.22 -11.39
N PRO A 85 39.45 17.71 -10.18
CA PRO A 85 38.36 16.75 -10.00
C PRO A 85 37.00 17.38 -10.23
N PHE A 86 36.02 16.52 -10.48
CA PHE A 86 34.63 16.90 -10.64
C PHE A 86 33.86 15.96 -9.72
N ASN A 87 33.75 16.32 -8.44
CA ASN A 87 33.35 15.34 -7.45
C ASN A 87 31.87 15.03 -7.51
N ASP A 88 31.02 16.01 -7.25
CA ASP A 88 29.58 15.82 -7.28
C ASP A 88 28.87 16.94 -8.01
N GLY A 89 29.63 17.85 -8.60
CA GLY A 89 29.12 19.09 -9.14
C GLY A 89 30.16 20.14 -8.86
N VAL A 90 30.10 21.22 -9.63
CA VAL A 90 31.14 22.24 -9.55
C VAL A 90 30.50 23.62 -9.63
N TYR A 91 30.88 24.49 -8.70
CA TYR A 91 30.64 25.92 -8.81
C TYR A 91 31.89 26.55 -9.42
N PHE A 92 31.72 27.28 -10.51
CA PHE A 92 32.82 27.88 -11.24
C PHE A 92 32.52 29.36 -11.39
N ALA A 93 33.46 30.21 -11.02
CA ALA A 93 33.27 31.64 -11.15
C ALA A 93 34.46 32.23 -11.89
N SER A 94 34.19 33.23 -12.72
CA SER A 94 35.25 33.84 -13.53
C SER A 94 35.09 35.35 -13.51
N THR A 95 36.16 36.04 -13.09
CA THR A 95 36.24 37.49 -13.15
C THR A 95 37.18 37.86 -14.28
N GLU A 96 36.66 38.59 -15.27
CA GLU A 96 37.46 39.01 -16.41
C GLU A 96 37.04 40.37 -16.92
N LYS A 97 37.83 40.85 -17.89
CA LYS A 97 37.54 42.05 -18.65
C LYS A 97 37.78 41.87 -20.15
N SER A 98 38.43 40.78 -20.56
CA SER A 98 38.87 40.65 -21.94
C SER A 98 38.67 39.24 -22.49
N ASN A 99 37.72 38.50 -21.95
CA ASN A 99 37.25 37.24 -22.52
C ASN A 99 38.36 36.19 -22.66
N ILE A 100 38.92 35.76 -21.54
CA ILE A 100 40.03 34.82 -21.54
C ILE A 100 39.57 33.38 -21.34
N ILE A 101 38.62 33.14 -20.44
CA ILE A 101 38.07 31.79 -20.30
C ILE A 101 37.03 31.56 -21.38
N ARG A 102 37.14 30.42 -22.06
CA ARG A 102 36.34 30.15 -23.25
C ARG A 102 35.49 28.90 -23.15
N GLY A 103 35.71 28.06 -22.14
CA GLY A 103 34.93 26.86 -22.01
C GLY A 103 35.68 25.81 -21.22
N TRP A 104 35.17 24.59 -21.28
CA TRP A 104 35.72 23.51 -20.48
C TRP A 104 35.66 22.20 -21.26
N ILE A 105 36.43 21.23 -20.79
CA ILE A 105 36.32 19.84 -21.24
C ILE A 105 36.11 18.98 -20.02
N PHE A 106 35.20 18.02 -20.13
CA PHE A 106 34.83 17.13 -19.04
C PHE A 106 35.00 15.68 -19.49
N GLY A 107 35.42 14.82 -18.57
CA GLY A 107 35.58 13.42 -18.91
C GLY A 107 36.21 12.67 -17.78
N THR A 108 36.66 11.45 -18.06
CA THR A 108 37.39 10.64 -17.08
C THR A 108 38.86 10.48 -17.42
N THR A 109 39.20 10.00 -18.63
CA THR A 109 40.59 9.85 -19.02
C THR A 109 41.05 10.89 -20.01
N LEU A 110 40.15 11.48 -20.80
CA LEU A 110 40.47 12.55 -21.74
C LEU A 110 41.50 12.13 -22.77
N ASP A 111 41.50 10.86 -23.16
CA ASP A 111 42.55 10.35 -24.03
C ASP A 111 42.05 9.39 -25.10
N SER A 112 40.82 9.58 -25.60
CA SER A 112 40.29 8.87 -26.75
C SER A 112 40.00 7.39 -26.50
N LYS A 113 40.21 6.91 -25.27
CA LYS A 113 39.71 5.60 -24.89
C LYS A 113 38.32 5.67 -24.29
N THR A 114 37.81 6.88 -24.04
CA THR A 114 36.51 7.09 -23.47
C THR A 114 35.92 8.36 -24.06
N GLN A 115 34.62 8.52 -23.88
CA GLN A 115 33.92 9.69 -24.43
C GLN A 115 34.10 10.88 -23.51
N SER A 116 34.14 12.07 -24.12
CA SER A 116 34.33 13.30 -23.38
C SER A 116 33.45 14.39 -23.97
N LEU A 117 33.15 15.37 -23.12
CA LEU A 117 32.30 16.50 -23.49
C LEU A 117 33.15 17.74 -23.59
N LEU A 118 32.88 18.56 -24.59
CA LEU A 118 33.60 19.79 -24.84
C LEU A 118 32.61 20.92 -25.04
N ILE A 119 32.70 21.96 -24.21
CA ILE A 119 31.92 23.18 -24.36
C ILE A 119 32.91 24.29 -24.63
N VAL A 120 32.81 24.93 -25.79
CA VAL A 120 33.81 25.91 -26.17
C VAL A 120 33.13 27.10 -26.83
N ASN A 121 33.80 28.24 -26.76
CA ASN A 121 33.32 29.49 -27.35
C ASN A 121 34.38 30.00 -28.31
N ASN A 122 34.24 29.65 -29.59
CA ASN A 122 35.03 30.29 -30.62
C ASN A 122 34.71 31.78 -30.66
N ALA A 123 35.45 32.51 -31.47
CA ALA A 123 35.10 33.92 -31.57
C ALA A 123 33.78 34.14 -32.29
N THR A 124 33.15 33.08 -32.81
CA THR A 124 31.93 33.23 -33.59
C THR A 124 30.77 32.35 -33.14
N ASN A 125 31.03 31.14 -32.63
CA ASN A 125 29.95 30.25 -32.22
C ASN A 125 30.24 29.65 -30.85
N VAL A 126 29.20 29.09 -30.24
CA VAL A 126 29.31 28.22 -29.09
C VAL A 126 29.12 26.79 -29.57
N VAL A 127 30.05 25.92 -29.20
CA VAL A 127 30.08 24.55 -29.70
C VAL A 127 30.05 23.59 -28.52
N ILE A 128 29.11 22.65 -28.55
CA ILE A 128 29.01 21.60 -27.56
C ILE A 128 29.11 20.27 -28.30
N LYS A 129 30.04 19.42 -27.89
CA LYS A 129 30.26 18.17 -28.57
C LYS A 129 30.61 17.07 -27.59
N VAL A 130 29.93 15.93 -27.70
CA VAL A 130 30.17 14.80 -26.81
C VAL A 130 30.62 13.57 -27.60
N CYS A 131 31.91 13.53 -27.94
CA CYS A 131 32.47 12.41 -28.69
C CYS A 131 33.79 11.95 -28.09
N GLU A 132 34.55 11.18 -28.87
CA GLU A 132 35.84 10.68 -28.42
C GLU A 132 36.98 11.58 -28.87
N PHE A 133 37.47 12.42 -27.96
CA PHE A 133 38.56 13.34 -28.26
C PHE A 133 39.88 12.79 -27.75
N GLN A 134 40.96 13.20 -28.40
CA GLN A 134 42.32 13.01 -27.89
C GLN A 134 42.83 14.39 -27.54
N PHE A 135 42.67 14.77 -26.28
CA PHE A 135 43.05 16.10 -25.84
C PHE A 135 44.54 16.20 -25.59
N CYS A 136 45.05 17.42 -25.68
CA CYS A 136 46.46 17.67 -25.42
C CYS A 136 46.74 17.86 -23.94
N ASN A 137 48.03 17.96 -23.60
CA ASN A 137 48.43 18.29 -22.25
C ASN A 137 48.15 19.76 -21.93
N ASP A 138 48.17 20.62 -22.93
CA ASP A 138 47.95 22.05 -22.76
C ASP A 138 47.01 22.55 -23.84
N PRO A 139 45.71 22.31 -23.70
CA PRO A 139 44.76 22.79 -24.69
C PRO A 139 44.46 24.26 -24.48
N PHE A 140 44.35 24.99 -25.59
CA PHE A 140 44.06 26.41 -25.48
C PHE A 140 43.56 26.95 -26.82
N LEU A 141 43.19 28.21 -26.80
CA LEU A 141 42.89 28.97 -27.99
C LEU A 141 43.90 30.11 -28.06
N GLY A 142 43.86 30.87 -29.14
CA GLY A 142 44.84 31.92 -29.28
C GLY A 142 44.44 33.05 -30.19
N VAL A 143 44.59 34.28 -29.69
CA VAL A 143 44.24 35.51 -30.42
C VAL A 143 45.53 36.20 -30.81
N TYR A 144 45.56 36.73 -32.03
CA TYR A 144 46.73 37.43 -32.55
C TYR A 144 46.41 38.91 -32.76
N TYR A 145 47.38 39.76 -32.46
CA TYR A 145 47.21 41.20 -32.47
C TYR A 145 48.14 41.83 -33.49
N HIS A 146 47.56 42.53 -34.47
CA HIS A 146 48.31 43.24 -35.49
C HIS A 146 48.20 44.74 -35.23
N LYS A 147 49.27 45.48 -35.52
CA LYS A 147 49.16 46.94 -35.49
C LYS A 147 48.92 47.52 -36.87
N ASN A 148 49.60 46.98 -37.89
CA ASN A 148 49.37 47.44 -39.26
C ASN A 148 47.88 47.37 -39.59
N ASN A 149 47.28 46.22 -39.28
CA ASN A 149 45.85 46.01 -39.42
C ASN A 149 45.32 46.34 -38.03
N LYS A 150 44.23 47.10 -37.94
CA LYS A 150 43.70 47.50 -36.64
C LYS A 150 42.77 46.42 -36.09
N SER A 151 43.32 45.34 -35.52
CA SER A 151 42.44 44.24 -35.14
C SER A 151 43.16 43.20 -34.29
N TRP A 152 42.43 42.68 -33.31
CA TRP A 152 42.70 41.40 -32.67
C TRP A 152 41.86 40.34 -33.37
N MET A 153 42.48 39.26 -33.82
CA MET A 153 41.75 38.23 -34.52
C MET A 153 42.03 36.86 -33.91
N GLU A 154 41.05 35.98 -34.00
CA GLU A 154 41.18 34.62 -33.49
C GLU A 154 42.04 33.79 -34.44
N SER A 155 43.13 33.23 -33.93
CA SER A 155 44.09 32.53 -34.78
C SER A 155 44.21 31.05 -34.50
N GLU A 156 44.51 30.63 -33.27
CA GLU A 156 44.73 29.21 -33.00
C GLU A 156 43.59 28.60 -32.21
N PHE A 157 43.35 27.31 -32.47
CA PHE A 157 42.39 26.48 -31.73
C PHE A 157 43.08 25.13 -31.54
N ARG A 158 43.82 24.98 -30.44
CA ARG A 158 44.63 23.78 -30.23
C ARG A 158 44.10 23.06 -29.00
N VAL A 159 43.10 22.23 -29.22
CA VAL A 159 42.43 21.48 -28.14
C VAL A 159 42.66 19.98 -28.29
N TYR A 160 42.26 19.41 -29.42
CA TYR A 160 42.30 17.97 -29.61
C TYR A 160 42.99 17.62 -30.91
N SER A 161 43.37 16.35 -31.02
CA SER A 161 43.95 15.84 -32.26
C SER A 161 42.89 15.14 -33.11
N SER A 162 42.03 14.33 -32.49
CA SER A 162 41.05 13.54 -33.22
C SER A 162 39.70 13.60 -32.52
N ALA A 163 38.65 13.27 -33.27
CA ALA A 163 37.29 13.16 -32.75
C ALA A 163 36.56 12.10 -33.54
N ASN A 164 36.43 10.90 -32.98
CA ASN A 164 36.02 9.77 -33.81
C ASN A 164 34.52 9.47 -33.80
N ASN A 165 33.97 9.10 -32.66
CA ASN A 165 32.64 8.50 -32.62
C ASN A 165 31.75 9.43 -31.79
N CYS A 166 31.31 10.50 -32.44
CA CYS A 166 30.52 11.54 -31.81
C CYS A 166 29.08 11.11 -31.59
N THR A 167 28.54 11.51 -30.45
CA THR A 167 27.15 11.16 -30.15
C THR A 167 26.23 12.36 -30.08
N PHE A 168 26.69 13.49 -29.58
CA PHE A 168 25.88 14.68 -29.40
C PHE A 168 26.63 15.88 -29.93
N GLU A 169 25.91 16.77 -30.61
CA GLU A 169 26.52 17.95 -31.18
C GLU A 169 25.51 19.09 -31.25
N TYR A 170 25.95 20.28 -30.83
CA TYR A 170 25.15 21.49 -30.92
C TYR A 170 26.06 22.66 -31.27
N VAL A 171 25.60 23.50 -32.18
CA VAL A 171 26.32 24.71 -32.58
C VAL A 171 25.35 25.87 -32.60
N SER A 172 25.69 26.93 -31.87
CA SER A 172 24.82 28.10 -31.73
C SER A 172 24.80 28.92 -33.02
N GLN A 173 23.93 29.94 -33.06
CA GLN A 173 23.93 30.87 -34.18
C GLN A 173 25.21 31.70 -34.18
N PRO A 174 25.66 32.15 -35.35
CA PRO A 174 26.94 32.86 -35.42
C PRO A 174 26.86 34.24 -34.80
N PHE A 175 27.99 34.67 -34.24
CA PHE A 175 28.14 36.02 -33.71
C PHE A 175 29.61 36.41 -33.90
N LEU A 176 30.02 37.47 -33.21
CA LEU A 176 31.42 37.85 -33.17
C LEU A 176 31.71 38.56 -31.86
N MET A 177 32.63 37.99 -31.08
CA MET A 177 33.02 38.60 -29.81
C MET A 177 34.00 39.73 -30.05
N ASP A 178 34.50 40.31 -28.97
CA ASP A 178 35.33 41.50 -29.06
C ASP A 178 36.81 41.13 -29.17
N LEU A 179 37.28 40.27 -28.26
CA LEU A 179 38.65 39.75 -28.23
C LEU A 179 39.66 40.84 -27.91
N GLU A 180 39.23 42.09 -27.78
CA GLU A 180 40.14 43.21 -27.60
C GLU A 180 40.61 43.24 -26.16
N GLY A 181 41.91 43.46 -25.97
CA GLY A 181 42.49 43.43 -24.64
C GLY A 181 42.34 44.76 -23.92
N LYS A 182 41.59 44.75 -22.83
CA LYS A 182 41.37 45.95 -22.02
C LYS A 182 42.49 46.08 -21.00
N GLN A 183 42.50 47.20 -20.27
CA GLN A 183 43.58 47.49 -19.32
C GLN A 183 43.06 48.03 -18.00
N GLY A 184 41.75 47.97 -17.76
CA GLY A 184 41.19 48.55 -16.55
C GLY A 184 41.17 47.56 -15.40
N ASN A 185 40.00 47.39 -14.80
CA ASN A 185 39.79 46.39 -13.76
C ASN A 185 38.79 45.36 -14.25
N PHE A 186 38.67 44.28 -13.50
CA PHE A 186 37.72 43.23 -13.85
C PHE A 186 36.31 43.78 -13.85
N LYS A 187 35.65 43.68 -15.00
CA LYS A 187 34.35 44.28 -15.19
C LYS A 187 33.21 43.27 -15.32
N ASN A 188 33.51 41.98 -15.44
CA ASN A 188 32.48 40.98 -15.67
C ASN A 188 32.70 39.79 -14.77
N LEU A 189 31.66 39.41 -14.04
CA LEU A 189 31.64 38.18 -13.26
C LEU A 189 30.66 37.21 -13.89
N ARG A 190 31.10 35.99 -14.11
CA ARG A 190 30.23 34.96 -14.69
C ARG A 190 30.32 33.72 -13.83
N GLU A 191 29.16 33.25 -13.36
CA GLU A 191 29.10 32.12 -12.45
C GLU A 191 28.29 30.99 -13.06
N PHE A 192 28.77 29.77 -12.88
CA PHE A 192 28.17 28.57 -13.42
C PHE A 192 28.10 27.50 -12.35
N VAL A 193 27.04 26.70 -12.42
CA VAL A 193 26.93 25.49 -11.63
C VAL A 193 26.75 24.33 -12.60
N PHE A 194 27.61 23.33 -12.48
CA PHE A 194 27.59 22.13 -13.32
C PHE A 194 27.19 20.94 -12.47
N LYS A 195 26.12 20.25 -12.87
CA LYS A 195 25.70 19.02 -12.23
C LYS A 195 25.58 17.94 -13.30
N ASN A 196 25.69 16.68 -12.86
CA ASN A 196 25.68 15.53 -13.77
C ASN A 196 24.91 14.39 -13.12
N ILE A 197 23.63 14.22 -13.49
CA ILE A 197 22.78 13.21 -12.85
C ILE A 197 21.87 12.58 -13.90
N ASP A 198 21.73 11.26 -13.85
CA ASP A 198 20.91 10.50 -14.79
C ASP A 198 21.25 10.79 -16.24
N GLY A 199 22.54 10.87 -16.54
CA GLY A 199 22.95 11.15 -17.90
C GLY A 199 22.59 12.52 -18.38
N TYR A 200 22.17 13.41 -17.49
CA TYR A 200 21.88 14.80 -17.83
C TYR A 200 22.98 15.67 -17.24
N PHE A 201 23.54 16.53 -18.08
CA PHE A 201 24.50 17.54 -17.65
C PHE A 201 23.75 18.85 -17.56
N LYS A 202 23.51 19.33 -16.34
CA LYS A 202 22.74 20.52 -16.11
C LYS A 202 23.67 21.69 -15.83
N ILE A 203 23.38 22.82 -16.47
CA ILE A 203 24.17 24.03 -16.34
C ILE A 203 23.25 25.16 -15.91
N TYR A 204 23.60 25.78 -14.78
CA TYR A 204 22.99 27.02 -14.30
C TYR A 204 23.98 28.15 -14.43
N SER A 205 23.50 29.36 -14.71
CA SER A 205 24.42 30.43 -15.05
C SER A 205 23.86 31.78 -14.60
N LYS A 206 24.78 32.71 -14.34
CA LYS A 206 24.42 34.09 -14.05
C LYS A 206 25.57 35.01 -14.39
N HIS A 207 25.24 36.13 -15.04
CA HIS A 207 26.22 37.15 -15.40
C HIS A 207 25.96 38.41 -14.57
N THR A 208 27.02 39.05 -14.10
CA THR A 208 26.89 40.25 -13.28
C THR A 208 27.95 41.29 -13.62
N PRO A 209 27.58 42.57 -13.64
CA PRO A 209 28.56 43.64 -13.85
C PRO A 209 29.19 44.05 -12.53
N ILE A 210 30.52 44.05 -12.49
CA ILE A 210 31.27 44.39 -11.30
C ILE A 210 32.33 45.43 -11.65
N ASN A 211 33.08 45.83 -10.63
CA ASN A 211 34.22 46.74 -10.79
C ASN A 211 35.16 46.39 -9.62
N LEU A 212 36.18 45.59 -9.90
CA LEU A 212 36.92 44.95 -8.83
C LEU A 212 38.33 44.68 -9.32
N VAL A 213 39.24 44.34 -8.40
CA VAL A 213 40.64 44.15 -8.75
C VAL A 213 41.10 42.72 -8.47
N ARG A 214 40.50 42.03 -7.51
CA ARG A 214 40.92 40.68 -7.15
C ARG A 214 39.91 40.08 -6.20
N ASP A 215 40.17 38.84 -5.78
CA ASP A 215 39.52 38.28 -4.60
C ASP A 215 38.00 38.29 -4.67
N LEU A 216 37.42 37.33 -5.40
CA LEU A 216 36.00 37.27 -5.77
C LEU A 216 35.10 37.89 -4.72
N PRO A 217 34.17 38.76 -5.12
CA PRO A 217 33.48 39.63 -4.16
C PRO A 217 32.43 38.91 -3.32
N GLN A 218 31.81 39.68 -2.43
CA GLN A 218 30.66 39.25 -1.67
C GLN A 218 29.39 39.74 -2.32
N GLY A 219 28.26 39.22 -1.86
CA GLY A 219 26.98 39.57 -2.43
C GLY A 219 26.14 38.32 -2.60
N PHE A 220 24.95 38.53 -3.14
CA PHE A 220 24.03 37.42 -3.35
C PHE A 220 23.32 37.59 -4.68
N SER A 221 23.46 36.60 -5.55
CA SER A 221 22.68 36.52 -6.77
C SER A 221 22.45 35.06 -7.08
N ALA A 222 21.22 34.74 -7.46
CA ALA A 222 20.81 33.36 -7.71
C ALA A 222 20.96 33.03 -9.19
N LEU A 223 21.54 31.88 -9.47
CA LEU A 223 21.79 31.45 -10.85
C LEU A 223 20.54 30.80 -11.42
N GLU A 224 20.23 31.11 -12.66
CA GLU A 224 19.04 30.60 -13.30
C GLU A 224 19.36 29.42 -14.20
N PRO A 225 18.41 28.51 -14.42
CA PRO A 225 18.70 27.33 -15.24
C PRO A 225 19.03 27.71 -16.68
N LEU A 226 20.15 27.21 -17.16
CA LEU A 226 20.60 27.47 -18.51
C LEU A 226 20.25 26.33 -19.46
N VAL A 227 20.66 25.10 -19.18
CA VAL A 227 20.42 24.00 -20.12
C VAL A 227 20.58 22.65 -19.44
N ASP A 228 19.96 21.62 -20.05
CA ASP A 228 20.15 20.22 -19.68
C ASP A 228 20.58 19.47 -20.94
N LEU A 229 21.80 18.99 -20.96
CA LEU A 229 22.27 18.24 -22.11
C LEU A 229 22.15 16.75 -21.84
N PRO A 230 21.56 15.98 -22.73
CA PRO A 230 21.47 14.52 -22.55
C PRO A 230 22.69 13.78 -23.10
N ILE A 231 23.78 13.82 -22.36
CA ILE A 231 25.05 13.30 -22.85
C ILE A 231 25.29 11.86 -22.44
N GLY A 232 24.88 11.47 -21.23
CA GLY A 232 24.97 10.07 -20.83
C GLY A 232 26.36 9.52 -20.68
N ILE A 233 27.32 10.31 -20.22
CA ILE A 233 28.69 9.85 -20.05
C ILE A 233 29.09 9.93 -18.59
N ASN A 234 30.22 9.31 -18.26
CA ASN A 234 30.77 9.36 -16.91
C ASN A 234 31.78 10.50 -16.85
N ILE A 235 31.70 11.29 -15.78
CA ILE A 235 32.56 12.47 -15.63
C ILE A 235 33.19 12.42 -14.24
N THR A 236 34.51 12.53 -14.20
CA THR A 236 35.22 12.58 -12.94
C THR A 236 36.29 13.66 -12.89
N ARG A 237 36.66 14.26 -14.02
CA ARG A 237 37.66 15.31 -14.08
C ARG A 237 37.23 16.33 -15.11
N PHE A 238 37.81 17.52 -15.02
CA PHE A 238 37.55 18.56 -15.99
C PHE A 238 38.71 19.52 -16.06
N GLN A 239 38.70 20.38 -17.07
CA GLN A 239 39.80 21.29 -17.32
C GLN A 239 39.29 22.52 -18.06
N THR A 240 39.90 23.66 -17.79
CA THR A 240 39.45 24.92 -18.34
C THR A 240 40.24 25.28 -19.59
N LEU A 241 39.57 25.96 -20.52
CA LEU A 241 40.15 26.37 -21.78
C LEU A 241 40.35 27.88 -21.77
N LEU A 242 41.61 28.30 -21.87
CA LEU A 242 41.96 29.71 -21.85
C LEU A 242 42.44 30.15 -23.22
N ALA A 243 42.39 31.46 -23.46
CA ALA A 243 42.85 32.06 -24.70
C ALA A 243 44.22 32.70 -24.49
N LEU A 244 45.04 32.64 -25.53
CA LEU A 244 46.40 33.15 -25.52
C LEU A 244 46.47 34.46 -26.27
N HIS A 245 47.56 35.20 -26.05
CA HIS A 245 47.80 36.45 -26.75
C HIS A 245 49.15 36.38 -27.45
N ARG A 246 49.14 36.63 -28.75
CA ARG A 246 50.37 36.66 -29.54
C ARG A 246 50.37 37.91 -30.40
N SER A 247 51.51 38.59 -30.43
CA SER A 247 51.65 39.81 -31.23
C SER A 247 53.12 40.01 -31.54
N TYR A 248 53.45 41.20 -32.03
CA TYR A 248 54.81 41.49 -32.46
C TYR A 248 55.79 41.57 -31.29
N LEU A 249 55.27 41.58 -30.06
CA LEU A 249 56.14 41.64 -28.88
C LEU A 249 56.38 40.27 -28.26
N THR A 250 55.88 39.20 -28.88
CA THR A 250 56.06 37.85 -28.35
C THR A 250 56.93 37.04 -29.30
N PRO A 251 58.27 37.19 -29.25
CA PRO A 251 59.10 36.55 -30.27
C PRO A 251 59.07 35.03 -30.22
N GLY A 252 59.52 34.44 -29.12
CA GLY A 252 59.48 33.01 -28.88
C GLY A 252 59.79 32.17 -30.11
N ASP A 253 59.20 30.98 -30.16
CA ASP A 253 59.01 30.33 -31.45
C ASP A 253 57.52 30.09 -31.71
N SER A 254 56.94 29.17 -30.94
CA SER A 254 55.49 29.02 -30.81
C SER A 254 55.11 28.50 -29.44
N SER A 255 56.09 28.37 -28.54
CA SER A 255 55.87 27.77 -27.23
C SER A 255 56.47 28.63 -26.13
N SER A 256 57.16 29.70 -26.52
CA SER A 256 57.69 30.65 -25.55
C SER A 256 57.27 32.06 -25.92
N GLY A 257 56.80 32.27 -27.15
CA GLY A 257 56.35 33.56 -27.59
C GLY A 257 54.87 33.78 -27.42
N TRP A 258 54.42 33.93 -26.16
CA TRP A 258 53.02 34.17 -25.87
C TRP A 258 52.91 35.04 -24.63
N THR A 259 51.87 35.85 -24.59
CA THR A 259 51.54 36.62 -23.40
C THR A 259 50.21 36.12 -22.85
N ALA A 260 50.07 36.15 -21.53
CA ALA A 260 48.93 35.54 -20.87
C ALA A 260 47.67 36.39 -21.02
N GLY A 261 47.71 37.60 -20.48
CA GLY A 261 46.50 38.38 -20.36
C GLY A 261 46.17 38.65 -18.91
N ALA A 262 44.88 38.77 -18.61
CA ALA A 262 44.45 39.03 -17.26
C ALA A 262 43.07 38.43 -17.02
N ALA A 263 43.00 37.40 -16.18
CA ALA A 263 41.72 36.84 -15.79
C ALA A 263 41.92 36.03 -14.53
N ALA A 264 40.82 35.76 -13.82
CA ALA A 264 40.91 34.89 -12.66
C ALA A 264 39.67 34.02 -12.59
N TYR A 265 39.84 32.80 -12.08
CA TYR A 265 38.68 31.94 -11.89
C TYR A 265 38.83 31.11 -10.63
N TYR A 266 37.68 30.78 -10.05
CA TYR A 266 37.58 30.16 -8.74
C TYR A 266 36.71 28.92 -8.86
N VAL A 267 37.11 27.87 -8.15
CA VAL A 267 36.46 26.57 -8.26
C VAL A 267 36.09 26.09 -6.86
N GLY A 268 34.83 25.65 -6.71
CA GLY A 268 34.39 25.02 -5.48
C GLY A 268 33.48 23.85 -5.80
N TYR A 269 33.25 23.01 -4.80
CA TYR A 269 32.53 21.75 -4.99
C TYR A 269 31.25 21.74 -4.20
N LEU A 270 30.19 21.18 -4.79
CA LEU A 270 28.88 21.12 -4.18
C LEU A 270 28.76 19.88 -3.29
N GLN A 271 27.90 19.98 -2.28
CA GLN A 271 27.53 18.86 -1.43
C GLN A 271 26.04 18.93 -1.15
N PRO A 272 25.43 17.83 -0.72
CA PRO A 272 24.00 17.85 -0.41
C PRO A 272 23.69 18.55 0.89
N ARG A 273 23.02 19.70 0.81
CA ARG A 273 22.67 20.52 1.95
C ARG A 273 21.20 20.89 1.92
N THR A 274 20.72 21.36 3.05
CA THR A 274 19.40 21.96 3.17
C THR A 274 19.56 23.46 3.32
N PHE A 275 18.91 24.22 2.45
CA PHE A 275 18.92 25.67 2.46
C PHE A 275 17.52 26.18 2.69
N LEU A 276 17.44 27.40 3.19
CA LEU A 276 16.17 28.11 3.34
C LEU A 276 16.26 29.36 2.47
N LEU A 277 15.53 29.37 1.36
CA LEU A 277 15.57 30.45 0.40
C LEU A 277 14.44 31.43 0.67
N LYS A 278 14.66 32.69 0.33
CA LYS A 278 13.68 33.74 0.55
C LYS A 278 13.31 34.37 -0.79
N TYR A 279 12.03 34.29 -1.15
CA TYR A 279 11.50 34.91 -2.35
C TYR A 279 10.81 36.21 -1.96
N ASN A 280 11.18 37.29 -2.65
CA ASN A 280 10.49 38.56 -2.42
C ASN A 280 9.16 38.55 -3.16
N GLU A 281 8.48 39.69 -3.23
CA GLU A 281 7.16 39.71 -3.83
C GLU A 281 7.23 39.54 -5.35
N ASN A 282 8.36 39.90 -5.95
CA ASN A 282 8.53 39.79 -7.39
C ASN A 282 8.95 38.40 -7.83
N GLY A 283 9.24 37.50 -6.89
CA GLY A 283 9.56 36.14 -7.24
C GLY A 283 11.04 35.84 -7.30
N THR A 284 11.88 36.77 -6.88
CA THR A 284 13.33 36.61 -6.93
C THR A 284 13.84 36.09 -5.60
N ILE A 285 14.82 35.19 -5.66
CA ILE A 285 15.50 34.74 -4.45
C ILE A 285 16.52 35.79 -4.05
N THR A 286 16.33 36.38 -2.87
CA THR A 286 17.19 37.46 -2.42
C THR A 286 18.05 37.10 -1.22
N ASP A 287 17.79 35.99 -0.54
CA ASP A 287 18.62 35.60 0.59
C ASP A 287 18.42 34.12 0.86
N ALA A 288 19.36 33.56 1.62
CA ALA A 288 19.32 32.14 1.93
C ALA A 288 20.03 31.89 3.26
N VAL A 289 19.64 30.79 3.90
CA VAL A 289 20.24 30.34 5.15
C VAL A 289 20.72 28.92 4.95
N ASP A 290 21.98 28.66 5.29
CA ASP A 290 22.56 27.32 5.23
C ASP A 290 22.30 26.63 6.56
N CYS A 291 21.37 25.67 6.56
CA CYS A 291 20.85 25.09 7.80
C CYS A 291 21.82 24.14 8.47
N ALA A 292 23.09 24.14 8.08
CA ALA A 292 24.05 23.26 8.74
C ALA A 292 25.39 23.95 8.94
N LEU A 293 25.44 25.28 8.81
CA LEU A 293 26.68 26.01 8.97
C LEU A 293 27.05 26.16 10.45
N ASP A 294 26.10 26.63 11.26
CA ASP A 294 26.32 26.85 12.68
C ASP A 294 25.10 26.34 13.42
N PRO A 295 25.12 26.36 14.76
CA PRO A 295 23.86 26.20 15.49
C PRO A 295 22.93 27.39 15.35
N LEU A 296 23.48 28.60 15.18
CA LEU A 296 22.63 29.76 14.94
C LEU A 296 21.79 29.57 13.69
N SER A 297 22.42 29.10 12.62
CA SER A 297 21.67 28.87 11.38
C SER A 297 20.72 27.69 11.52
N GLU A 298 21.11 26.67 12.29
CA GLU A 298 20.19 25.59 12.61
C GLU A 298 18.91 26.12 13.23
N THR A 299 19.02 27.07 14.16
CA THR A 299 17.84 27.63 14.80
C THR A 299 17.08 28.54 13.84
N LYS A 300 17.79 29.37 13.08
CA LYS A 300 17.13 30.19 12.07
C LYS A 300 16.30 29.34 11.13
N CYS A 301 16.76 28.13 10.85
CA CYS A 301 16.14 27.32 9.83
C CYS A 301 15.00 26.48 10.42
N THR A 302 15.16 26.03 11.67
CA THR A 302 14.05 25.35 12.34
C THR A 302 12.95 26.31 12.75
N LEU A 303 13.29 27.59 12.91
CA LEU A 303 12.29 28.63 13.17
C LEU A 303 11.61 29.09 11.89
N LYS A 304 12.18 28.80 10.74
CA LYS A 304 11.70 29.32 9.46
C LYS A 304 11.59 30.84 9.52
N SER A 305 12.67 31.47 9.93
CA SER A 305 12.75 32.92 9.98
C SER A 305 14.21 33.32 9.95
N PHE A 306 14.46 34.54 9.48
CA PHE A 306 15.82 35.05 9.39
C PHE A 306 16.25 35.80 10.63
N THR A 307 15.33 36.04 11.57
CA THR A 307 15.64 36.75 12.79
C THR A 307 15.39 35.82 13.98
N VAL A 308 16.30 35.86 14.95
CA VAL A 308 16.17 35.08 16.17
C VAL A 308 16.08 36.03 17.34
N GLU A 309 15.14 35.77 18.24
CA GLU A 309 14.92 36.62 19.41
C GLU A 309 15.73 36.08 20.59
N LYS A 310 16.07 36.98 21.50
CA LYS A 310 16.90 36.64 22.65
C LYS A 310 16.38 35.40 23.36
N GLY A 311 17.28 34.49 23.72
CA GLY A 311 16.87 33.31 24.44
C GLY A 311 17.86 32.18 24.28
N ILE A 312 17.38 30.99 24.62
CA ILE A 312 18.15 29.76 24.47
C ILE A 312 17.25 28.74 23.77
N TYR A 313 17.81 28.05 22.78
CA TYR A 313 17.05 27.17 21.92
C TYR A 313 17.72 25.80 21.83
N GLN A 314 16.91 24.75 21.81
CA GLN A 314 17.43 23.40 21.62
C GLN A 314 17.70 23.14 20.16
N THR A 315 18.85 22.55 19.85
CA THR A 315 19.20 22.16 18.49
C THR A 315 19.35 20.64 18.43
N SER A 316 19.79 20.10 17.31
CA SER A 316 19.89 18.65 17.16
C SER A 316 21.00 18.11 18.03
N ASN A 317 20.91 16.83 18.36
CA ASN A 317 21.92 16.16 19.15
C ASN A 317 23.28 16.22 18.45
N PHE A 318 24.34 15.95 19.17
CA PHE A 318 25.68 16.02 18.62
C PHE A 318 25.93 14.83 17.71
N ARG A 319 26.17 15.09 16.43
CA ARG A 319 26.34 14.04 15.44
C ARG A 319 27.82 13.83 15.14
N VAL A 320 28.18 12.58 14.89
CA VAL A 320 29.51 12.22 14.41
C VAL A 320 29.35 11.45 13.10
N GLN A 321 30.15 11.80 12.11
CA GLN A 321 30.07 11.16 10.81
C GLN A 321 31.02 9.98 10.71
N PRO A 322 30.63 8.93 10.00
CA PRO A 322 31.52 7.78 9.83
C PRO A 322 32.70 8.10 8.94
N THR A 323 33.85 7.54 9.29
CA THR A 323 35.10 7.85 8.62
C THR A 323 35.49 6.81 7.58
N GLU A 324 35.11 5.55 7.81
CA GLU A 324 35.50 4.43 6.96
C GLU A 324 34.29 3.56 6.64
N SER A 325 34.53 2.59 5.77
CA SER A 325 33.55 1.57 5.42
C SER A 325 34.26 0.22 5.45
N ILE A 326 33.66 -0.75 6.13
CA ILE A 326 34.26 -2.07 6.24
C ILE A 326 33.24 -3.13 5.83
N VAL A 327 33.75 -4.24 5.29
CA VAL A 327 32.97 -5.40 4.92
C VAL A 327 33.62 -6.61 5.54
N ARG A 328 32.82 -7.50 6.12
CA ARG A 328 33.33 -8.71 6.76
C ARG A 328 32.46 -9.89 6.35
N PHE A 329 32.94 -10.67 5.39
CA PHE A 329 32.29 -11.89 4.95
C PHE A 329 33.15 -13.07 5.38
N PRO A 330 32.57 -14.27 5.47
CA PRO A 330 33.36 -15.45 5.83
C PRO A 330 34.37 -15.81 4.75
N ASN A 331 35.29 -16.70 5.13
CA ASN A 331 36.35 -17.16 4.24
C ASN A 331 35.78 -18.25 3.32
N ILE A 332 35.33 -17.85 2.13
CA ILE A 332 34.80 -18.77 1.15
C ILE A 332 35.58 -18.60 -0.14
N THR A 333 35.99 -19.72 -0.73
CA THR A 333 36.83 -19.70 -1.93
C THR A 333 36.15 -20.28 -3.16
N ASN A 334 35.44 -21.40 -3.03
CA ASN A 334 34.84 -22.05 -4.18
C ASN A 334 33.71 -21.23 -4.76
N LEU A 335 33.31 -21.57 -5.98
CA LEU A 335 32.16 -20.99 -6.63
C LEU A 335 31.02 -21.99 -6.57
N CYS A 336 29.79 -21.48 -6.54
CA CYS A 336 28.65 -22.36 -6.37
C CYS A 336 28.43 -23.21 -7.61
N PRO A 337 27.82 -24.38 -7.46
CA PRO A 337 27.65 -25.27 -8.61
C PRO A 337 26.63 -24.76 -9.62
N PHE A 338 26.99 -23.69 -10.31
CA PHE A 338 26.10 -23.12 -11.33
C PHE A 338 25.99 -24.01 -12.54
N GLY A 339 26.98 -24.88 -12.76
CA GLY A 339 26.99 -25.70 -13.95
C GLY A 339 26.46 -27.10 -13.76
N GLU A 340 26.16 -27.48 -12.52
CA GLU A 340 25.51 -28.77 -12.32
C GLU A 340 24.10 -28.61 -11.78
N VAL A 341 23.61 -27.38 -11.74
CA VAL A 341 22.27 -27.10 -11.24
C VAL A 341 21.41 -26.44 -12.31
N PHE A 342 22.06 -25.99 -13.38
CA PHE A 342 21.35 -25.33 -14.47
C PHE A 342 21.66 -26.00 -15.80
N ASN A 343 22.79 -26.69 -15.87
CA ASN A 343 23.21 -27.38 -17.08
C ASN A 343 23.21 -28.89 -16.90
N ALA A 344 22.55 -29.36 -15.86
CA ALA A 344 22.47 -30.78 -15.57
C ALA A 344 22.09 -31.58 -16.82
N THR A 345 22.59 -32.80 -16.90
CA THR A 345 22.31 -33.66 -18.05
C THR A 345 20.81 -33.85 -18.25
N ARG A 346 20.17 -34.50 -17.28
CA ARG A 346 18.74 -34.74 -17.34
C ARG A 346 18.03 -34.21 -16.09
N PHE A 347 16.85 -33.65 -16.29
CA PHE A 347 16.07 -33.11 -15.18
C PHE A 347 15.06 -34.12 -14.70
N ALA A 348 14.36 -33.79 -13.63
CA ALA A 348 13.38 -34.69 -13.05
C ALA A 348 12.00 -34.26 -13.49
N SER A 349 11.07 -35.21 -13.42
CA SER A 349 9.69 -34.87 -13.67
C SER A 349 9.11 -34.17 -12.45
N VAL A 350 7.96 -33.55 -12.63
CA VAL A 350 7.48 -32.59 -11.63
C VAL A 350 6.83 -33.29 -10.45
N TYR A 351 6.26 -34.49 -10.62
CA TYR A 351 5.60 -35.13 -9.48
C TYR A 351 6.61 -35.68 -8.49
N ALA A 352 7.83 -35.98 -8.92
CA ALA A 352 8.90 -36.38 -8.02
C ALA A 352 10.02 -35.39 -8.26
N TRP A 353 9.91 -34.23 -7.66
CA TRP A 353 10.85 -33.18 -7.99
C TRP A 353 12.09 -33.30 -7.13
N ASN A 354 13.24 -32.94 -7.73
CA ASN A 354 14.55 -33.02 -7.03
C ASN A 354 14.75 -31.81 -6.11
N ARG A 355 15.57 -31.97 -5.06
CA ARG A 355 15.90 -30.88 -4.11
C ARG A 355 17.39 -31.00 -3.74
N LYS A 356 18.22 -30.08 -4.23
CA LYS A 356 19.68 -30.11 -3.98
C LYS A 356 20.02 -29.12 -2.85
N ARG A 357 20.99 -29.49 -2.01
CA ARG A 357 21.41 -28.62 -0.87
C ARG A 357 22.62 -27.78 -1.28
N ILE A 358 22.50 -26.45 -1.18
CA ILE A 358 23.60 -25.51 -1.52
C ILE A 358 24.31 -25.14 -0.21
N SER A 359 25.57 -25.58 -0.07
CA SER A 359 26.40 -25.31 1.13
C SER A 359 27.49 -24.28 0.80
N ASN A 360 28.30 -23.93 1.79
CA ASN A 360 29.42 -22.94 1.76
C ASN A 360 30.07 -22.79 0.38
N CYS A 361 29.62 -21.79 -0.39
CA CYS A 361 30.17 -21.48 -1.75
C CYS A 361 29.95 -19.99 -2.05
N VAL A 362 30.56 -19.48 -3.14
CA VAL A 362 30.43 -18.04 -3.52
C VAL A 362 29.37 -17.92 -4.62
N ALA A 363 28.40 -17.02 -4.43
CA ALA A 363 27.29 -16.83 -5.39
C ALA A 363 27.62 -15.75 -6.43
N ASP A 364 28.30 -16.15 -7.52
CA ASP A 364 28.64 -15.23 -8.64
C ASP A 364 27.74 -15.60 -9.81
N TYR A 365 26.58 -14.93 -9.96
CA TYR A 365 25.62 -15.33 -11.02
C TYR A 365 25.90 -14.58 -12.32
N SER A 366 27.07 -13.95 -12.43
CA SER A 366 27.45 -13.24 -13.62
C SER A 366 28.10 -14.20 -14.60
N VAL A 367 28.53 -15.35 -14.08
CA VAL A 367 29.16 -16.37 -14.91
C VAL A 367 28.15 -17.03 -15.83
N LEU A 368 26.87 -16.76 -15.58
CA LEU A 368 25.79 -17.31 -16.38
C LEU A 368 25.41 -16.39 -17.54
N TYR A 369 25.88 -15.15 -17.48
CA TYR A 369 25.58 -14.14 -18.49
C TYR A 369 25.88 -14.50 -19.94
N ASN A 370 26.79 -15.44 -20.18
CA ASN A 370 27.14 -15.81 -21.53
C ASN A 370 26.79 -17.26 -21.85
N SER A 371 26.23 -17.98 -20.88
CA SER A 371 25.91 -19.38 -21.12
C SER A 371 24.43 -19.69 -21.35
N ALA A 372 23.54 -18.99 -20.67
CA ALA A 372 22.12 -19.26 -20.87
C ALA A 372 21.30 -18.01 -20.61
N SER A 373 20.29 -17.82 -21.45
CA SER A 373 19.23 -16.86 -21.20
C SER A 373 18.18 -17.53 -20.35
N PHE A 374 17.30 -16.74 -19.75
CA PHE A 374 16.30 -17.31 -18.87
C PHE A 374 14.87 -17.16 -19.34
N SER A 375 14.38 -15.93 -19.50
CA SER A 375 13.01 -15.53 -19.83
C SER A 375 11.97 -15.75 -18.75
N THR A 376 12.28 -16.42 -17.64
CA THR A 376 11.48 -16.13 -16.46
C THR A 376 12.44 -16.17 -15.29
N PHE A 377 12.42 -15.09 -14.50
CA PHE A 377 13.29 -14.94 -13.31
C PHE A 377 12.66 -13.92 -12.35
N LYS A 378 11.99 -14.41 -11.30
CA LYS A 378 11.30 -13.50 -10.35
C LYS A 378 11.73 -13.83 -8.91
N CYS A 379 12.12 -12.79 -8.15
CA CYS A 379 12.50 -12.97 -6.73
C CYS A 379 11.33 -12.48 -5.86
N TYR A 380 11.27 -12.88 -4.59
CA TYR A 380 10.10 -12.58 -3.80
C TYR A 380 10.40 -11.85 -2.49
N GLY A 381 11.30 -12.38 -1.68
CA GLY A 381 11.60 -11.70 -0.44
C GLY A 381 12.67 -10.64 -0.53
N VAL A 382 13.25 -10.42 -1.71
CA VAL A 382 14.45 -9.64 -1.86
C VAL A 382 14.47 -9.04 -3.27
N SER A 383 15.12 -7.88 -3.38
CA SER A 383 15.27 -7.14 -4.67
C SER A 383 16.46 -7.77 -5.42
N PRO A 384 16.43 -7.82 -6.77
CA PRO A 384 17.52 -8.41 -7.55
C PRO A 384 18.84 -7.61 -7.56
N THR A 385 18.80 -6.35 -7.15
CA THR A 385 20.00 -5.47 -7.16
C THR A 385 20.83 -5.66 -5.89
N LYS A 386 20.36 -6.47 -4.94
CA LYS A 386 21.12 -6.68 -3.67
C LYS A 386 21.44 -8.16 -3.49
N LEU A 387 21.50 -8.93 -4.58
CA LEU A 387 21.78 -10.39 -4.48
C LEU A 387 23.26 -10.64 -4.17
N ASN A 388 24.17 -9.85 -4.76
CA ASN A 388 25.63 -10.08 -4.51
C ASN A 388 26.13 -9.14 -3.41
N ASP A 389 25.37 -9.02 -2.32
CA ASP A 389 25.74 -8.14 -1.17
C ASP A 389 25.24 -8.78 0.12
N LEU A 390 24.64 -9.97 0.03
CA LEU A 390 24.05 -10.64 1.16
C LEU A 390 24.65 -12.03 1.31
N CYS A 391 24.49 -12.59 2.51
CA CYS A 391 24.81 -13.98 2.79
C CYS A 391 23.52 -14.72 3.04
N PHE A 392 23.42 -15.94 2.53
CA PHE A 392 22.20 -16.70 2.60
C PHE A 392 22.39 -17.93 3.48
N THR A 393 21.40 -18.19 4.33
CA THR A 393 21.49 -19.27 5.36
C THR A 393 21.17 -20.67 4.80
N ASN A 394 19.88 -21.01 4.67
CA ASN A 394 19.48 -22.36 4.21
C ASN A 394 19.19 -22.34 2.70
N VAL A 395 20.19 -22.67 1.88
CA VAL A 395 19.99 -22.63 0.41
C VAL A 395 19.67 -24.03 -0.12
N TYR A 396 18.54 -24.14 -0.84
CA TYR A 396 18.08 -25.40 -1.47
C TYR A 396 17.67 -25.08 -2.91
N ALA A 397 17.86 -26.03 -3.83
CA ALA A 397 17.50 -25.80 -5.25
C ALA A 397 16.62 -26.92 -5.79
N ASP A 398 15.32 -26.63 -5.97
CA ASP A 398 14.39 -27.60 -6.55
C ASP A 398 14.41 -27.44 -8.05
N SER A 399 14.09 -28.51 -8.76
CA SER A 399 14.15 -28.42 -10.21
C SER A 399 13.20 -29.43 -10.81
N PHE A 400 12.53 -29.05 -11.89
CA PHE A 400 11.66 -29.97 -12.61
C PHE A 400 11.46 -29.45 -14.02
N VAL A 401 10.58 -30.11 -14.77
CA VAL A 401 10.27 -29.74 -16.14
C VAL A 401 8.76 -29.76 -16.29
N ILE A 402 8.19 -28.64 -16.72
CA ILE A 402 6.75 -28.58 -16.92
C ILE A 402 6.43 -28.04 -18.31
N ARG A 403 5.14 -27.87 -18.58
CA ARG A 403 4.70 -27.28 -19.83
C ARG A 403 4.93 -25.78 -19.81
N GLY A 404 4.95 -25.18 -21.00
CA GLY A 404 5.18 -23.75 -21.08
C GLY A 404 4.04 -22.92 -20.56
N ASP A 405 2.82 -23.45 -20.61
CA ASP A 405 1.69 -22.70 -20.13
C ASP A 405 1.57 -22.73 -18.62
N GLU A 406 2.15 -23.72 -17.97
CA GLU A 406 2.00 -23.88 -16.54
C GLU A 406 3.08 -23.17 -15.75
N VAL A 407 4.00 -22.48 -16.43
CA VAL A 407 5.05 -21.72 -15.77
C VAL A 407 4.49 -20.63 -14.88
N ARG A 408 3.36 -20.05 -15.25
CA ARG A 408 2.68 -19.08 -14.41
C ARG A 408 2.17 -19.67 -13.10
N GLN A 409 2.07 -20.99 -13.00
CA GLN A 409 1.57 -21.62 -11.79
C GLN A 409 2.61 -21.68 -10.70
N ILE A 410 3.88 -21.46 -11.01
CA ILE A 410 4.93 -21.53 -10.00
C ILE A 410 5.02 -20.14 -9.40
N ALA A 411 4.15 -19.89 -8.44
CA ALA A 411 4.03 -18.64 -7.71
C ALA A 411 3.17 -18.90 -6.49
N PRO A 412 3.35 -18.16 -5.41
CA PRO A 412 2.48 -18.34 -4.25
C PRO A 412 1.08 -17.83 -4.53
N GLY A 413 0.09 -18.58 -4.07
CA GLY A 413 -1.29 -18.23 -4.30
C GLY A 413 -1.72 -18.47 -5.73
N GLN A 414 -1.59 -19.71 -6.19
CA GLN A 414 -2.00 -20.09 -7.53
C GLN A 414 -2.84 -21.35 -7.46
N THR A 415 -3.65 -21.56 -8.48
CA THR A 415 -4.38 -22.80 -8.64
C THR A 415 -4.11 -23.35 -10.04
N GLY A 416 -4.60 -24.56 -10.26
CA GLY A 416 -4.32 -25.27 -11.48
C GLY A 416 -3.60 -26.56 -11.17
N LYS A 417 -3.34 -27.32 -12.24
CA LYS A 417 -2.94 -28.71 -12.13
C LYS A 417 -1.60 -28.89 -11.42
N ILE A 418 -0.66 -27.98 -11.65
CA ILE A 418 0.65 -28.11 -11.03
C ILE A 418 0.59 -27.60 -9.60
N ALA A 419 -0.04 -26.46 -9.40
CA ALA A 419 -0.05 -25.86 -8.09
C ALA A 419 -0.99 -26.55 -7.12
N ASP A 420 -1.95 -27.32 -7.60
CA ASP A 420 -2.85 -28.01 -6.68
C ASP A 420 -2.18 -29.22 -6.06
N TYR A 421 -1.75 -30.17 -6.89
CA TYR A 421 -1.15 -31.38 -6.36
C TYR A 421 0.08 -31.84 -7.16
N ASN A 422 0.97 -30.93 -7.51
CA ASN A 422 2.26 -31.37 -7.98
C ASN A 422 3.39 -30.65 -7.28
N TYR A 423 3.21 -29.36 -7.03
CA TYR A 423 4.26 -28.54 -6.44
C TYR A 423 3.59 -27.27 -5.91
N LYS A 424 3.75 -27.00 -4.62
CA LYS A 424 3.03 -25.93 -3.97
C LYS A 424 4.02 -25.03 -3.22
N LEU A 425 3.91 -23.73 -3.46
CA LEU A 425 4.81 -22.83 -2.74
C LEU A 425 4.09 -22.25 -1.53
N PRO A 426 4.81 -21.98 -0.44
CA PRO A 426 4.18 -21.31 0.70
C PRO A 426 3.88 -19.86 0.39
N ASP A 427 3.01 -19.27 1.20
CA ASP A 427 2.61 -17.89 0.97
C ASP A 427 3.69 -16.92 1.45
N ASP A 428 4.58 -17.37 2.32
CA ASP A 428 5.69 -16.58 2.82
C ASP A 428 7.00 -16.99 2.16
N PHE A 429 6.95 -17.29 0.87
CA PHE A 429 8.13 -17.76 0.14
C PHE A 429 9.18 -16.65 0.03
N THR A 430 10.45 -17.07 -0.03
CA THR A 430 11.55 -16.12 0.02
C THR A 430 12.49 -16.17 -1.17
N GLY A 431 12.68 -17.32 -1.80
CA GLY A 431 13.68 -17.46 -2.85
C GLY A 431 13.30 -16.85 -4.18
N CYS A 432 13.84 -17.44 -5.25
CA CYS A 432 13.63 -16.94 -6.59
C CYS A 432 13.24 -18.09 -7.50
N VAL A 433 12.42 -17.80 -8.50
CA VAL A 433 11.90 -18.77 -9.45
C VAL A 433 12.49 -18.46 -10.81
N ILE A 434 12.99 -19.48 -11.49
CA ILE A 434 13.71 -19.34 -12.75
C ILE A 434 13.15 -20.38 -13.68
N ALA A 435 12.87 -19.99 -14.92
CA ALA A 435 12.42 -20.97 -15.89
C ALA A 435 12.84 -20.56 -17.28
N TRP A 436 13.26 -21.56 -18.06
CA TRP A 436 13.68 -21.34 -19.43
C TRP A 436 13.14 -22.42 -20.35
N ASN A 437 12.91 -22.04 -21.60
CA ASN A 437 12.40 -22.95 -22.62
C ASN A 437 13.43 -24.01 -22.94
N SER A 438 12.99 -25.24 -23.18
CA SER A 438 13.93 -26.34 -23.39
C SER A 438 13.51 -27.27 -24.51
N ASN A 439 12.95 -26.71 -25.58
CA ASN A 439 12.42 -27.55 -26.63
C ASN A 439 13.53 -28.20 -27.45
N ASN A 440 14.70 -27.59 -27.51
CA ASN A 440 15.80 -28.15 -28.25
C ASN A 440 16.52 -29.27 -27.50
N LEU A 441 16.13 -29.53 -26.27
CA LEU A 441 16.79 -30.54 -25.46
C LEU A 441 15.87 -31.68 -25.10
N ASP A 442 14.70 -31.38 -24.53
CA ASP A 442 13.87 -32.37 -23.89
C ASP A 442 12.74 -32.86 -24.77
N SER A 443 12.82 -32.63 -26.07
CA SER A 443 11.81 -33.15 -26.97
C SER A 443 12.48 -33.96 -28.08
N LYS A 444 11.69 -34.81 -28.73
CA LYS A 444 12.18 -35.59 -29.85
C LYS A 444 11.02 -35.96 -30.75
N VAL A 445 11.37 -36.39 -31.97
CA VAL A 445 10.38 -36.72 -32.98
C VAL A 445 9.60 -37.96 -32.56
N GLY A 446 8.28 -37.83 -32.57
CA GLY A 446 7.42 -38.87 -32.08
C GLY A 446 7.00 -38.71 -30.63
N GLY A 447 7.67 -37.84 -29.89
CA GLY A 447 7.29 -37.57 -28.51
C GLY A 447 8.24 -38.16 -27.50
N ASN A 448 8.47 -37.44 -26.41
CA ASN A 448 9.30 -37.89 -25.32
C ASN A 448 8.42 -38.08 -24.10
N TYR A 449 8.23 -39.32 -23.69
CA TYR A 449 7.32 -39.66 -22.59
C TYR A 449 8.08 -40.01 -21.33
N ASN A 450 9.18 -39.33 -21.05
CA ASN A 450 9.91 -39.55 -19.81
C ASN A 450 9.47 -38.61 -18.70
N TYR A 451 8.52 -37.73 -18.98
CA TYR A 451 8.14 -36.66 -18.06
C TYR A 451 6.67 -36.80 -17.72
N LEU A 452 6.37 -36.85 -16.43
CA LEU A 452 5.04 -37.18 -15.96
C LEU A 452 4.54 -36.11 -14.99
N TYR A 453 3.23 -36.15 -14.74
CA TYR A 453 2.61 -35.25 -13.80
C TYR A 453 1.40 -35.93 -13.19
N ARG A 454 1.06 -35.54 -11.97
CA ARG A 454 -0.09 -36.07 -11.26
C ARG A 454 -1.35 -35.32 -11.70
N LEU A 455 -2.43 -36.07 -11.91
CA LEU A 455 -3.66 -35.47 -12.40
C LEU A 455 -4.79 -35.56 -11.37
N PHE A 456 -4.72 -36.49 -10.42
CA PHE A 456 -5.83 -36.73 -9.52
C PHE A 456 -5.31 -36.86 -8.09
N ARG A 457 -5.98 -36.19 -7.17
CA ARG A 457 -5.68 -36.37 -5.76
C ARG A 457 -6.92 -36.04 -4.95
N LYS A 458 -6.93 -36.55 -3.72
CA LYS A 458 -8.07 -36.31 -2.84
C LYS A 458 -8.10 -34.86 -2.39
N SER A 459 -6.95 -34.31 -2.04
CA SER A 459 -6.89 -32.96 -1.50
C SER A 459 -5.68 -32.27 -2.08
N ASN A 460 -5.62 -30.97 -1.88
CA ASN A 460 -4.48 -30.20 -2.35
C ASN A 460 -3.26 -30.50 -1.50
N LEU A 461 -2.09 -30.35 -2.10
CA LEU A 461 -0.86 -30.54 -1.35
C LEU A 461 -0.66 -29.40 -0.37
N LYS A 462 0.07 -29.69 0.70
CA LYS A 462 0.62 -28.64 1.52
C LYS A 462 1.84 -28.08 0.78
N PRO A 463 2.32 -26.90 1.16
CA PRO A 463 3.52 -26.36 0.52
C PRO A 463 4.75 -27.22 0.77
N PHE A 464 5.51 -27.43 -0.30
CA PHE A 464 6.83 -28.08 -0.29
C PHE A 464 6.77 -29.54 0.12
N GLU A 465 5.69 -30.23 -0.22
CA GLU A 465 5.68 -31.68 -0.05
C GLU A 465 5.64 -32.38 -1.39
N ARG A 466 5.84 -33.69 -1.35
CA ARG A 466 6.03 -34.49 -2.53
C ARG A 466 5.20 -35.76 -2.40
N ASP A 467 4.46 -36.08 -3.45
CA ASP A 467 3.58 -37.24 -3.45
C ASP A 467 4.00 -38.16 -4.58
N ILE A 468 4.78 -39.19 -4.27
CA ILE A 468 5.24 -40.14 -5.26
C ILE A 468 4.47 -41.44 -5.21
N SER A 469 3.36 -41.47 -4.47
CA SER A 469 2.53 -42.66 -4.43
C SER A 469 1.77 -42.85 -5.73
N THR A 470 1.61 -44.10 -6.12
CA THR A 470 0.90 -44.43 -7.35
C THR A 470 -0.34 -45.28 -7.07
N GLU A 471 -1.03 -45.00 -5.98
CA GLU A 471 -2.28 -45.70 -5.71
C GLU A 471 -3.38 -45.18 -6.64
N ILE A 472 -4.30 -46.06 -6.97
CA ILE A 472 -5.28 -45.76 -7.99
C ILE A 472 -6.38 -44.88 -7.40
N TYR A 473 -6.61 -43.75 -8.03
CA TYR A 473 -7.57 -42.76 -7.53
C TYR A 473 -8.99 -43.25 -7.75
N GLN A 474 -9.82 -43.15 -6.73
CA GLN A 474 -11.18 -43.64 -6.76
C GLN A 474 -12.12 -42.47 -6.96
N ALA A 475 -12.71 -42.36 -8.15
CA ALA A 475 -13.60 -41.25 -8.43
C ALA A 475 -15.03 -41.53 -8.02
N GLY A 476 -15.37 -42.78 -7.75
CA GLY A 476 -16.73 -43.18 -7.46
C GLY A 476 -16.90 -43.64 -6.03
N SER A 477 -18.10 -44.17 -5.77
CA SER A 477 -18.42 -44.60 -4.42
C SER A 477 -18.01 -46.05 -4.14
N THR A 478 -17.93 -46.88 -5.18
CA THR A 478 -17.53 -48.27 -4.98
C THR A 478 -16.02 -48.42 -5.14
N PRO A 479 -15.34 -49.16 -4.28
CA PRO A 479 -13.89 -49.27 -4.39
C PRO A 479 -13.49 -50.15 -5.56
N CYS A 480 -12.19 -50.17 -5.84
CA CYS A 480 -11.71 -50.93 -6.99
C CYS A 480 -10.44 -51.71 -6.77
N ASN A 481 -9.89 -51.74 -5.55
CA ASN A 481 -8.99 -52.79 -5.08
C ASN A 481 -7.70 -52.88 -5.90
N GLY A 482 -7.29 -51.77 -6.49
CA GLY A 482 -6.02 -51.77 -7.18
C GLY A 482 -6.04 -52.21 -8.62
N VAL A 483 -7.17 -52.08 -9.32
CA VAL A 483 -7.20 -52.23 -10.77
C VAL A 483 -7.81 -50.97 -11.37
N GLU A 484 -7.42 -50.67 -12.60
CA GLU A 484 -7.94 -49.53 -13.31
C GLU A 484 -9.22 -49.93 -14.02
N GLY A 485 -10.17 -49.02 -14.09
CA GLY A 485 -11.43 -49.38 -14.72
C GLY A 485 -12.54 -48.38 -14.52
N PHE A 486 -13.69 -48.87 -14.07
CA PHE A 486 -14.86 -48.03 -13.83
C PHE A 486 -14.59 -47.08 -12.68
N ASN A 487 -14.48 -45.79 -13.02
CA ASN A 487 -14.28 -44.69 -12.06
C ASN A 487 -13.02 -44.85 -11.23
N CYS A 488 -11.99 -45.47 -11.80
CA CYS A 488 -10.70 -45.60 -11.13
C CYS A 488 -9.62 -45.40 -12.18
N TYR A 489 -8.75 -44.42 -11.95
CA TYR A 489 -7.75 -44.01 -12.92
C TYR A 489 -6.36 -44.07 -12.32
N PHE A 490 -5.39 -44.37 -13.15
CA PHE A 490 -4.00 -44.21 -12.76
C PHE A 490 -3.70 -42.72 -12.62
N PRO A 491 -3.13 -42.29 -11.50
CA PRO A 491 -3.07 -40.85 -11.22
C PRO A 491 -1.95 -40.10 -11.90
N LEU A 492 -1.12 -40.74 -12.75
CA LEU A 492 -0.01 -40.07 -13.40
C LEU A 492 -0.18 -40.13 -14.91
N GLN A 493 0.00 -39.00 -15.56
CA GLN A 493 -0.04 -38.90 -17.02
C GLN A 493 1.30 -38.39 -17.52
N SER A 494 1.52 -38.53 -18.82
CA SER A 494 2.76 -38.11 -19.45
C SER A 494 2.50 -36.95 -20.40
N TYR A 495 3.43 -36.00 -20.42
CA TYR A 495 3.39 -34.98 -21.44
C TYR A 495 3.79 -35.59 -22.78
N GLY A 496 3.22 -35.03 -23.85
CA GLY A 496 3.69 -35.37 -25.18
C GLY A 496 4.49 -34.26 -25.81
N PHE A 497 5.81 -34.40 -25.84
CA PHE A 497 6.67 -33.30 -26.27
C PHE A 497 7.24 -33.60 -27.65
N GLN A 498 6.46 -33.35 -28.69
CA GLN A 498 7.01 -33.47 -30.03
C GLN A 498 7.59 -32.13 -30.44
N PRO A 499 8.64 -32.08 -31.26
CA PRO A 499 9.42 -30.84 -31.38
C PRO A 499 8.69 -29.67 -32.02
N THR A 500 7.76 -29.91 -32.94
CA THR A 500 6.99 -28.81 -33.49
C THR A 500 5.62 -28.82 -32.82
N ASN A 501 5.59 -28.25 -31.62
CA ASN A 501 4.34 -27.98 -30.94
C ASN A 501 4.19 -26.47 -30.85
N GLY A 502 2.98 -26.03 -30.52
CA GLY A 502 2.80 -24.65 -30.15
C GLY A 502 3.60 -24.34 -28.89
N VAL A 503 4.26 -23.19 -28.91
CA VAL A 503 5.04 -22.78 -27.75
C VAL A 503 4.10 -22.56 -26.58
N GLY A 504 4.45 -23.11 -25.44
CA GLY A 504 3.53 -23.29 -24.35
C GLY A 504 3.08 -24.71 -24.17
N TYR A 505 3.18 -25.52 -25.21
CA TYR A 505 3.20 -26.96 -25.07
C TYR A 505 4.62 -27.50 -25.11
N GLN A 506 5.57 -26.66 -25.32
CA GLN A 506 6.96 -27.04 -25.34
C GLN A 506 7.50 -27.11 -23.91
N PRO A 507 8.46 -27.98 -23.66
CA PRO A 507 8.91 -28.20 -22.27
C PRO A 507 9.78 -27.06 -21.76
N TYR A 508 9.61 -26.77 -20.48
CA TYR A 508 10.37 -25.73 -19.80
C TYR A 508 11.04 -26.32 -18.57
N ARG A 509 12.28 -25.91 -18.34
CA ARG A 509 13.01 -26.29 -17.14
C ARG A 509 12.86 -25.19 -16.10
N VAL A 510 12.49 -25.59 -14.89
CA VAL A 510 12.18 -24.66 -13.81
C VAL A 510 13.06 -25.00 -12.62
N VAL A 511 13.75 -24.01 -12.10
CA VAL A 511 14.56 -24.13 -10.89
C VAL A 511 14.01 -23.15 -9.87
N VAL A 512 13.78 -23.63 -8.65
CA VAL A 512 13.28 -22.75 -7.55
C VAL A 512 14.39 -22.64 -6.50
N LEU A 513 14.89 -21.43 -6.26
CA LEU A 513 15.94 -21.21 -5.27
C LEU A 513 15.37 -20.68 -3.95
N SER A 514 15.33 -21.53 -2.94
CA SER A 514 14.81 -21.14 -1.63
C SER A 514 15.94 -20.81 -0.66
N PHE A 515 15.65 -19.97 0.32
CA PHE A 515 16.64 -19.57 1.31
C PHE A 515 16.14 -18.41 2.16
N GLU A 516 16.91 -18.06 3.18
CA GLU A 516 16.54 -16.96 4.08
C GLU A 516 17.60 -15.87 4.06
N LEU A 517 17.39 -14.85 4.89
CA LEU A 517 18.32 -13.73 4.97
C LEU A 517 18.53 -13.23 6.39
N LEU A 518 19.80 -13.18 6.80
CA LEU A 518 20.18 -12.72 8.13
C LEU A 518 19.67 -13.67 9.21
N HIS A 519 19.46 -13.12 10.41
CA HIS A 519 18.96 -13.89 11.54
C HIS A 519 19.87 -15.03 11.99
N ALA A 520 20.46 -15.77 11.04
CA ALA A 520 21.33 -16.88 11.40
C ALA A 520 22.63 -16.95 10.62
N PRO A 521 23.63 -17.74 11.14
CA PRO A 521 24.87 -17.79 10.34
C PRO A 521 24.58 -18.17 8.89
N ALA A 522 25.49 -17.80 7.99
CA ALA A 522 25.33 -18.06 6.57
C ALA A 522 26.66 -18.52 5.99
N THR A 523 26.58 -19.23 4.86
CA THR A 523 27.79 -19.77 4.24
C THR A 523 27.87 -19.55 2.74
N VAL A 524 26.92 -18.84 2.13
CA VAL A 524 26.97 -18.68 0.68
C VAL A 524 27.65 -17.36 0.31
N CYS A 525 27.05 -16.25 0.72
CA CYS A 525 27.60 -14.94 0.43
C CYS A 525 27.67 -14.67 -1.07
N GLY A 526 28.11 -13.48 -1.44
CA GLY A 526 28.22 -13.11 -2.84
C GLY A 526 29.65 -12.95 -3.29
N PRO A 527 29.90 -11.99 -4.17
CA PRO A 527 31.25 -11.75 -4.70
C PRO A 527 31.99 -10.63 -3.94
N LYS A 528 31.29 -9.96 -3.03
CA LYS A 528 31.87 -8.88 -2.26
C LYS A 528 33.18 -9.30 -1.62
N LYS A 529 34.08 -8.34 -1.43
CA LYS A 529 35.39 -8.60 -0.85
C LYS A 529 35.51 -7.94 0.53
N SER A 530 36.15 -8.66 1.44
CA SER A 530 36.31 -8.20 2.81
C SER A 530 37.46 -7.23 3.04
N THR A 531 37.40 -6.56 4.18
CA THR A 531 38.40 -5.59 4.59
C THR A 531 38.91 -5.97 5.97
N ASN A 532 39.68 -5.08 6.59
CA ASN A 532 40.13 -5.32 7.95
C ASN A 532 39.13 -4.77 8.95
N LEU A 533 39.34 -5.13 10.21
CA LEU A 533 38.45 -4.75 11.30
C LEU A 533 39.00 -3.52 12.00
N VAL A 534 38.27 -2.41 11.90
CA VAL A 534 38.61 -1.17 12.58
C VAL A 534 37.72 -1.03 13.79
N LYS A 535 38.31 -1.01 14.97
CA LYS A 535 37.58 -0.90 16.22
C LYS A 535 37.80 0.47 16.82
N ASN A 536 36.88 0.86 17.71
CA ASN A 536 36.94 2.11 18.46
C ASN A 536 36.81 3.34 17.58
N LYS A 537 36.12 3.23 16.45
CA LYS A 537 35.90 4.35 15.56
C LYS A 537 34.52 4.26 14.95
N CYS A 538 34.04 5.37 14.42
CA CYS A 538 32.75 5.41 13.74
C CYS A 538 32.91 4.96 12.30
N VAL A 539 32.32 3.82 11.95
CA VAL A 539 32.47 3.26 10.61
C VAL A 539 31.10 2.80 10.12
N ASN A 540 30.95 2.79 8.80
CA ASN A 540 29.90 1.98 8.18
C ASN A 540 30.38 0.54 8.12
N PHE A 541 29.50 -0.40 8.41
CA PHE A 541 29.89 -1.79 8.42
C PHE A 541 28.91 -2.62 7.62
N ASN A 542 29.42 -3.73 7.10
CA ASN A 542 28.62 -4.74 6.40
C ASN A 542 29.06 -6.10 6.94
N PHE A 543 28.28 -6.66 7.85
CA PHE A 543 28.57 -7.95 8.45
C PHE A 543 27.60 -8.98 7.89
N ASN A 544 28.11 -9.87 7.03
CA ASN A 544 27.31 -10.95 6.44
C ASN A 544 26.08 -10.42 5.73
N GLY A 545 26.17 -9.24 5.14
CA GLY A 545 25.05 -8.63 4.45
C GLY A 545 24.28 -7.62 5.26
N LEU A 546 24.42 -7.63 6.58
CA LEU A 546 23.74 -6.68 7.45
C LEU A 546 24.55 -5.39 7.51
N THR A 547 23.96 -4.30 7.03
CA THR A 547 24.64 -3.02 6.95
C THR A 547 24.30 -2.16 8.16
N GLY A 548 25.16 -1.20 8.44
CA GLY A 548 24.87 -0.28 9.52
C GLY A 548 25.98 0.74 9.71
N THR A 549 25.84 1.52 10.78
CA THR A 549 26.80 2.54 11.16
C THR A 549 27.00 2.50 12.66
N GLY A 550 28.23 2.67 13.11
CA GLY A 550 28.47 2.77 14.54
C GLY A 550 29.90 2.51 14.91
N VAL A 551 30.10 2.25 16.20
CA VAL A 551 31.41 1.99 16.78
C VAL A 551 31.44 0.55 17.23
N LEU A 552 32.50 -0.16 16.88
CA LEU A 552 32.66 -1.57 17.22
C LEU A 552 33.68 -1.71 18.33
N THR A 553 33.32 -2.46 19.37
CA THR A 553 34.21 -2.66 20.50
C THR A 553 34.20 -4.12 20.90
N GLU A 554 35.24 -4.54 21.60
CA GLU A 554 35.34 -5.91 22.05
C GLU A 554 34.28 -6.19 23.11
N SER A 555 33.75 -7.41 23.11
CA SER A 555 32.56 -7.72 23.89
C SER A 555 32.86 -8.81 24.92
N ASN A 556 31.96 -8.91 25.90
CA ASN A 556 32.01 -9.98 26.88
C ASN A 556 30.85 -10.96 26.75
N LYS A 557 29.86 -10.65 25.91
CA LYS A 557 28.81 -11.61 25.63
C LYS A 557 29.41 -12.85 24.97
N LYS A 558 28.72 -13.97 25.13
CA LYS A 558 29.24 -15.24 24.65
C LYS A 558 28.11 -16.01 24.00
N PHE A 559 28.18 -16.13 22.68
CA PHE A 559 27.08 -16.68 21.89
C PHE A 559 27.12 -18.20 21.91
N LEU A 560 25.94 -18.80 21.79
CA LEU A 560 25.87 -20.23 21.51
C LEU A 560 26.28 -20.46 20.06
N PRO A 561 26.71 -21.68 19.71
CA PRO A 561 27.25 -21.91 18.36
C PRO A 561 26.27 -21.64 17.23
N PHE A 562 24.96 -21.66 17.48
CA PHE A 562 23.97 -21.44 16.44
C PHE A 562 23.53 -19.99 16.36
N GLN A 563 24.27 -19.06 16.96
CA GLN A 563 23.89 -17.65 16.99
C GLN A 563 24.93 -16.81 16.27
N GLN A 564 24.46 -15.77 15.59
CA GLN A 564 25.32 -14.86 14.86
C GLN A 564 25.11 -13.41 15.23
N PHE A 565 23.87 -12.99 15.50
CA PHE A 565 23.56 -11.62 15.84
C PHE A 565 22.95 -11.56 17.23
N GLY A 566 23.06 -10.40 17.85
CA GLY A 566 22.44 -10.16 19.15
C GLY A 566 21.60 -8.89 19.10
N ARG A 567 20.44 -8.94 19.74
CA ARG A 567 19.48 -7.85 19.67
C ARG A 567 19.11 -7.37 21.06
N ASP A 568 18.84 -6.08 21.18
CA ASP A 568 18.40 -5.48 22.43
C ASP A 568 16.88 -5.42 22.50
N ILE A 569 16.36 -4.68 23.47
CA ILE A 569 14.92 -4.64 23.68
C ILE A 569 14.20 -3.89 22.57
N ALA A 570 14.83 -2.86 22.00
CA ALA A 570 14.27 -2.17 20.84
C ALA A 570 14.48 -2.93 19.54
N ASP A 571 15.00 -4.16 19.62
CA ASP A 571 15.17 -5.06 18.48
C ASP A 571 16.23 -4.59 17.49
N THR A 572 17.10 -3.68 17.89
CA THR A 572 18.22 -3.30 17.05
C THR A 572 19.40 -4.22 17.32
N THR A 573 20.20 -4.46 16.30
CA THR A 573 21.36 -5.32 16.43
C THR A 573 22.44 -4.58 17.20
N ASP A 574 22.80 -5.10 18.36
CA ASP A 574 23.81 -4.47 19.20
C ASP A 574 25.04 -5.34 19.41
N ALA A 575 25.03 -6.58 18.96
CA ALA A 575 26.20 -7.43 19.03
C ALA A 575 26.27 -8.27 17.76
N VAL A 576 27.48 -8.66 17.37
CA VAL A 576 27.66 -9.45 16.17
C VAL A 576 28.90 -10.33 16.34
N ARG A 577 28.87 -11.51 15.76
CA ARG A 577 30.04 -12.37 15.73
C ARG A 577 30.80 -12.17 14.43
N ASP A 578 32.08 -11.84 14.54
CA ASP A 578 32.87 -11.61 13.35
C ASP A 578 33.04 -12.92 12.58
N PRO A 579 32.71 -12.96 11.29
CA PRO A 579 32.67 -14.23 10.57
C PRO A 579 34.03 -14.82 10.24
N GLN A 580 35.12 -14.10 10.47
CA GLN A 580 36.45 -14.63 10.17
C GLN A 580 37.26 -14.91 11.42
N THR A 581 37.18 -14.08 12.45
CA THR A 581 37.90 -14.32 13.68
C THR A 581 37.05 -14.96 14.76
N LEU A 582 35.74 -15.05 14.56
CA LEU A 582 34.80 -15.70 15.48
C LEU A 582 34.79 -15.03 16.85
N GLU A 583 35.02 -13.72 16.87
CA GLU A 583 34.98 -12.96 18.10
C GLU A 583 33.73 -12.09 18.13
N ILE A 584 33.20 -11.89 19.32
CA ILE A 584 31.98 -11.12 19.50
C ILE A 584 32.34 -9.65 19.64
N LEU A 585 31.54 -8.80 19.02
CA LEU A 585 31.73 -7.36 19.04
C LEU A 585 30.43 -6.69 19.41
N ASP A 586 30.54 -5.59 20.15
CA ASP A 586 29.42 -4.73 20.45
C ASP A 586 29.38 -3.54 19.51
N ILE A 587 28.17 -3.19 19.09
CA ILE A 587 27.93 -2.09 18.17
C ILE A 587 27.20 -0.99 18.92
N THR A 588 27.85 0.16 19.06
CA THR A 588 27.28 1.27 19.79
C THR A 588 27.03 2.43 18.83
N PRO A 589 25.90 3.11 18.95
CA PRO A 589 25.61 4.24 18.04
C PRO A 589 26.65 5.34 18.16
N CYS A 590 26.56 6.30 17.25
CA CYS A 590 27.63 7.28 17.12
C CYS A 590 27.23 8.66 17.61
N SER A 591 25.95 9.02 17.50
CA SER A 591 25.47 10.33 17.92
C SER A 591 24.92 10.26 19.35
N PHE A 592 25.20 11.30 20.13
CA PHE A 592 24.89 11.29 21.55
C PHE A 592 25.09 12.67 22.14
N GLY A 593 24.15 13.11 22.97
CA GLY A 593 24.32 14.37 23.68
C GLY A 593 23.53 15.53 23.11
N GLY A 594 22.85 16.26 23.99
CA GLY A 594 22.05 17.39 23.56
C GLY A 594 22.87 18.66 23.43
N VAL A 595 22.35 19.61 22.66
CA VAL A 595 23.02 20.85 22.37
C VAL A 595 22.01 21.98 22.38
N SER A 596 22.35 23.08 23.04
CA SER A 596 21.51 24.27 23.03
C SER A 596 22.35 25.48 22.64
N VAL A 597 21.71 26.46 22.03
CA VAL A 597 22.38 27.67 21.58
C VAL A 597 21.75 28.87 22.29
N ILE A 598 22.61 29.71 22.86
CA ILE A 598 22.20 30.89 23.60
C ILE A 598 22.51 32.12 22.77
N THR A 599 21.48 32.86 22.40
CA THR A 599 21.68 34.06 21.62
C THR A 599 21.09 35.28 22.33
N PRO A 600 21.77 36.43 22.25
CA PRO A 600 21.18 37.68 22.71
C PRO A 600 20.22 38.33 21.70
N GLY A 601 19.83 37.59 20.68
CA GLY A 601 19.01 38.13 19.61
C GLY A 601 19.84 38.59 18.43
N THR A 602 19.44 38.18 17.24
CA THR A 602 20.22 38.52 16.05
C THR A 602 19.92 39.93 15.58
N ASN A 603 19.06 40.64 16.30
CA ASN A 603 18.82 42.05 16.01
C ASN A 603 19.74 42.93 16.83
N THR A 604 20.65 42.32 17.58
CA THR A 604 21.62 43.02 18.42
C THR A 604 23.04 42.55 18.13
N SER A 605 23.22 41.26 17.85
CA SER A 605 24.52 40.71 17.52
C SER A 605 24.35 39.27 17.03
N ASN A 606 25.34 38.77 16.31
CA ASN A 606 25.37 37.37 15.93
C ASN A 606 26.39 36.58 16.74
N GLN A 607 26.82 37.12 17.87
CA GLN A 607 27.55 36.33 18.85
C GLN A 607 26.60 35.34 19.50
N VAL A 608 27.08 34.12 19.73
CA VAL A 608 26.29 33.08 20.38
C VAL A 608 27.17 32.33 21.35
N ALA A 609 26.54 31.65 22.29
CA ALA A 609 27.21 30.67 23.13
C ALA A 609 26.55 29.32 22.92
N VAL A 610 27.28 28.24 23.16
CA VAL A 610 26.77 26.91 22.92
C VAL A 610 26.92 26.09 24.19
N LEU A 611 25.85 25.42 24.59
CA LEU A 611 25.84 24.57 25.78
C LEU A 611 25.75 23.12 25.34
N TYR A 612 26.80 22.36 25.60
CA TYR A 612 26.83 20.92 25.36
C TYR A 612 26.43 20.25 26.65
N GLN A 613 25.21 19.71 26.67
CA GLN A 613 24.59 19.26 27.91
C GLN A 613 25.10 17.91 28.38
N ASP A 614 26.12 17.35 27.73
CA ASP A 614 26.59 16.03 28.13
C ASP A 614 28.11 15.92 28.10
N VAL A 615 28.81 17.05 28.16
CA VAL A 615 30.26 17.07 28.13
C VAL A 615 30.84 17.60 29.44
N ASN A 616 31.95 17.03 29.85
CA ASN A 616 32.62 17.44 31.09
C ASN A 616 34.10 17.69 30.82
N CYS A 617 34.46 18.96 30.69
CA CYS A 617 35.85 19.32 30.41
C CYS A 617 36.61 19.85 31.61
N THR A 618 37.68 19.14 31.98
CA THR A 618 38.50 19.55 33.12
C THR A 618 39.93 19.08 32.97
N TRP A 633 37.40 16.68 22.89
CA TRP A 633 36.02 16.69 23.38
C TRP A 633 35.03 16.55 22.24
N ARG A 634 33.81 16.17 22.59
CA ARG A 634 32.74 16.06 21.60
C ARG A 634 32.03 17.41 21.45
N VAL A 635 32.76 18.38 20.89
CA VAL A 635 32.28 19.73 20.69
C VAL A 635 32.50 20.12 19.25
N TYR A 636 31.73 21.11 18.78
CA TYR A 636 31.90 21.63 17.43
C TYR A 636 33.11 22.53 17.32
N SER A 637 33.36 23.35 18.33
CA SER A 637 34.47 24.28 18.36
C SER A 637 34.96 24.40 19.80
N THR A 638 36.13 25.00 19.97
CA THR A 638 36.67 25.14 21.32
C THR A 638 36.91 26.59 21.72
N GLY A 639 37.17 27.49 20.79
CA GLY A 639 37.31 28.92 21.06
C GLY A 639 38.03 29.25 22.33
N SER A 640 37.47 30.20 23.09
CA SER A 640 37.93 30.49 24.44
C SER A 640 36.71 30.61 25.34
N ASN A 641 36.96 30.91 26.61
CA ASN A 641 35.89 30.94 27.60
C ASN A 641 35.14 29.61 27.64
N VAL A 642 35.83 28.54 28.04
CA VAL A 642 35.18 27.27 28.34
C VAL A 642 34.83 27.26 29.82
N PHE A 643 33.56 27.02 30.13
CA PHE A 643 33.08 27.09 31.51
C PHE A 643 32.20 25.90 31.79
N GLN A 644 32.55 25.12 32.81
CA GLN A 644 31.83 23.90 33.13
C GLN A 644 30.71 24.19 34.11
N THR A 645 29.55 23.55 33.89
CA THR A 645 28.36 23.72 34.68
C THR A 645 27.72 22.37 34.94
N ARG A 646 26.90 22.30 35.99
CA ARG A 646 26.13 21.10 36.23
C ARG A 646 25.04 20.90 35.18
N ALA A 647 24.92 21.81 34.22
CA ALA A 647 24.05 21.65 33.08
C ALA A 647 24.82 21.33 31.80
N GLY A 648 26.15 21.31 31.85
CA GLY A 648 26.95 20.97 30.70
C GLY A 648 28.10 21.93 30.54
N CYS A 649 28.80 21.80 29.43
CA CYS A 649 29.94 22.65 29.10
C CYS A 649 29.46 23.82 28.26
N LEU A 650 29.68 25.03 28.74
CA LEU A 650 29.26 26.24 28.04
C LEU A 650 30.48 26.85 27.36
N ILE A 651 30.36 27.13 26.07
CA ILE A 651 31.47 27.61 25.26
C ILE A 651 31.05 28.89 24.57
N GLY A 652 31.78 29.96 24.81
CA GLY A 652 31.50 31.25 24.22
C GLY A 652 31.06 32.32 25.19
N ALA A 653 30.99 32.02 26.48
CA ALA A 653 30.54 32.98 27.48
C ALA A 653 31.55 33.04 28.61
N GLU A 654 31.79 34.24 29.11
CA GLU A 654 32.79 34.47 30.15
C GLU A 654 32.15 34.38 31.53
N HIS A 655 32.81 33.65 32.43
CA HIS A 655 32.30 33.46 33.78
C HIS A 655 32.71 34.62 34.66
N VAL A 656 31.74 35.19 35.38
CA VAL A 656 31.98 36.30 36.28
C VAL A 656 31.64 35.86 37.70
N ASN A 657 32.06 36.66 38.67
CA ASN A 657 31.83 36.36 40.07
C ASN A 657 30.65 37.09 40.68
N ASN A 658 30.04 38.01 39.94
CA ASN A 658 28.90 38.74 40.48
C ASN A 658 27.66 37.86 40.47
N SER A 659 26.52 38.48 40.74
CA SER A 659 25.24 37.79 40.72
C SER A 659 24.16 38.81 40.47
N TYR A 660 23.29 38.53 39.50
CA TYR A 660 22.21 39.42 39.15
C TYR A 660 20.92 38.62 39.07
N GLU A 661 19.83 39.27 38.67
CA GLU A 661 18.61 38.55 38.35
C GLU A 661 18.80 37.80 37.04
N CYS A 662 18.09 36.67 36.92
CA CYS A 662 18.24 35.84 35.74
C CYS A 662 17.79 36.59 34.50
N ASP A 663 18.58 36.47 33.43
CA ASP A 663 18.26 37.07 32.16
C ASP A 663 17.90 36.01 31.13
N ILE A 664 18.80 35.07 30.89
CA ILE A 664 18.56 33.90 30.06
C ILE A 664 18.88 32.69 30.91
N PRO A 665 17.91 31.85 31.25
CA PRO A 665 18.19 30.73 32.16
C PRO A 665 18.91 29.61 31.45
N ILE A 666 20.15 29.36 31.85
CA ILE A 666 20.90 28.20 31.40
C ILE A 666 20.48 26.95 32.16
N GLY A 667 20.36 27.05 33.47
CA GLY A 667 19.94 25.91 34.25
C GLY A 667 20.87 25.60 35.40
N ALA A 668 20.42 24.76 36.33
CA ALA A 668 21.19 24.37 37.50
C ALA A 668 21.71 25.57 38.27
N GLY A 669 20.96 26.67 38.25
CA GLY A 669 21.31 27.86 38.99
C GLY A 669 22.10 28.88 38.20
N ILE A 670 22.37 28.62 36.94
CA ILE A 670 23.23 29.48 36.14
C ILE A 670 22.41 30.20 35.08
N CYS A 671 22.65 31.50 34.93
CA CYS A 671 22.00 32.33 33.93
C CYS A 671 23.07 33.01 33.09
N ALA A 672 22.65 33.61 31.99
CA ALA A 672 23.56 34.27 31.07
C ALA A 672 22.95 35.57 30.57
N SER A 673 23.81 36.51 30.18
CA SER A 673 23.32 37.80 29.73
C SER A 673 24.37 38.48 28.87
N TYR A 674 23.90 39.39 28.03
CA TYR A 674 24.74 40.16 27.11
C TYR A 674 25.18 41.46 27.78
N GLN A 675 26.24 41.39 28.57
CA GLN A 675 26.76 42.55 29.27
C GLN A 675 28.11 42.99 28.74
N THR A 676 28.94 43.55 29.61
CA THR A 676 30.27 44.01 29.23
C THR A 676 31.32 43.44 30.18
N GLN A 690 31.18 44.63 24.10
CA GLN A 690 30.11 43.77 24.62
C GLN A 690 30.46 42.31 24.40
N SER A 691 29.92 41.46 25.27
CA SER A 691 30.17 40.03 25.24
C SER A 691 29.07 39.33 26.03
N ILE A 692 29.13 38.01 26.08
CA ILE A 692 28.16 37.19 26.78
C ILE A 692 28.80 36.69 28.07
N ILE A 693 28.12 36.89 29.19
CA ILE A 693 28.62 36.51 30.49
C ILE A 693 27.66 35.48 31.09
N ALA A 694 28.21 34.63 31.95
CA ALA A 694 27.45 33.61 32.64
C ALA A 694 27.73 33.72 34.13
N TYR A 695 26.68 33.65 34.93
CA TYR A 695 26.81 33.88 36.36
C TYR A 695 25.83 32.98 37.11
N THR A 696 25.97 32.97 38.43
CA THR A 696 25.01 32.33 39.31
C THR A 696 23.95 33.32 39.73
N MET A 697 22.69 32.97 39.53
CA MET A 697 21.61 33.89 39.82
C MET A 697 21.51 34.14 41.32
N SER A 698 21.13 35.36 41.66
CA SER A 698 20.93 35.74 43.06
C SER A 698 19.47 35.60 43.43
N LEU A 699 19.23 35.13 44.65
CA LEU A 699 17.87 34.93 45.13
C LEU A 699 17.23 36.21 45.62
N GLY A 700 18.04 37.15 46.10
CA GLY A 700 17.53 38.40 46.63
C GLY A 700 18.49 38.98 47.65
N ALA A 701 18.16 40.19 48.07
CA ALA A 701 18.98 40.90 49.03
C ALA A 701 18.90 40.24 50.40
N GLU A 702 20.01 40.21 51.12
CA GLU A 702 20.06 39.61 52.43
C GLU A 702 19.54 40.59 53.47
N ASN A 703 18.90 40.03 54.49
CA ASN A 703 18.24 40.85 55.50
C ASN A 703 18.27 40.11 56.82
N SER A 704 18.20 40.88 57.90
CA SER A 704 18.22 40.33 59.25
C SER A 704 17.24 41.11 60.11
N VAL A 705 16.50 40.40 60.94
CA VAL A 705 15.51 41.00 61.81
C VAL A 705 16.11 41.12 63.19
N ALA A 706 15.93 42.30 63.81
CA ALA A 706 16.50 42.57 65.12
C ALA A 706 15.60 41.98 66.20
N TYR A 707 15.59 40.65 66.27
CA TYR A 707 14.73 39.94 67.19
C TYR A 707 15.33 39.93 68.59
N SER A 708 14.52 40.32 69.57
CA SER A 708 14.83 40.14 70.98
C SER A 708 13.54 39.73 71.68
N ASN A 709 13.65 39.34 72.95
CA ASN A 709 12.51 38.82 73.67
C ASN A 709 11.62 39.92 74.27
N ASN A 710 12.04 41.18 74.19
CA ASN A 710 11.15 42.26 74.61
C ASN A 710 11.22 43.47 73.71
N SER A 711 11.25 43.27 72.40
CA SER A 711 11.33 44.38 71.47
C SER A 711 10.26 44.21 70.41
N ILE A 712 9.58 45.31 70.08
CA ILE A 712 8.54 45.28 69.07
C ILE A 712 8.73 46.48 68.16
N ALA A 713 8.25 46.37 66.93
CA ALA A 713 8.31 47.45 65.97
C ALA A 713 6.90 47.80 65.53
N ILE A 714 6.54 49.07 65.66
CA ILE A 714 5.19 49.53 65.37
C ILE A 714 5.26 50.56 64.25
N PRO A 715 4.40 50.48 63.24
CA PRO A 715 4.41 51.50 62.18
C PRO A 715 3.86 52.81 62.68
N THR A 716 4.34 53.90 62.08
CA THR A 716 3.87 55.22 62.42
C THR A 716 3.22 55.96 61.26
N ASN A 717 3.35 55.45 60.03
CA ASN A 717 2.69 56.05 58.87
C ASN A 717 2.21 54.91 57.99
N PHE A 718 1.61 55.25 56.86
CA PHE A 718 1.15 54.24 55.93
C PHE A 718 1.27 54.76 54.51
N THR A 719 1.04 53.86 53.56
CA THR A 719 0.97 54.19 52.15
C THR A 719 -0.22 53.47 51.56
N ILE A 720 -0.90 54.13 50.65
CA ILE A 720 -2.00 53.55 49.89
C ILE A 720 -1.44 53.11 48.56
N SER A 721 -1.44 51.81 48.32
CA SER A 721 -0.85 51.26 47.11
C SER A 721 -1.92 50.75 46.17
N VAL A 722 -1.71 50.92 44.87
CA VAL A 722 -2.61 50.43 43.85
C VAL A 722 -1.81 49.57 42.88
N THR A 723 -2.26 48.33 42.69
CA THR A 723 -1.53 47.41 41.84
C THR A 723 -2.48 46.80 40.82
N THR A 724 -1.93 46.33 39.70
CA THR A 724 -2.73 45.72 38.66
C THR A 724 -2.54 44.20 38.65
N GLU A 725 -3.59 43.51 38.22
CA GLU A 725 -3.53 42.08 38.01
C GLU A 725 -4.32 41.73 36.76
N ILE A 726 -3.68 41.04 35.83
CA ILE A 726 -4.27 40.74 34.52
C ILE A 726 -4.65 39.27 34.46
N LEU A 727 -5.84 38.98 33.92
CA LEU A 727 -6.31 37.61 33.85
C LEU A 727 -7.00 37.35 32.53
N PRO A 728 -6.62 36.30 31.81
CA PRO A 728 -7.33 35.94 30.58
C PRO A 728 -8.67 35.29 30.90
N VAL A 729 -9.68 35.62 30.10
CA VAL A 729 -11.03 35.13 30.32
C VAL A 729 -11.59 34.33 29.15
N SER A 730 -11.20 34.62 27.91
CA SER A 730 -11.71 33.89 26.77
C SER A 730 -10.60 33.69 25.76
N MET A 731 -10.87 32.83 24.79
CA MET A 731 -10.02 32.71 23.62
C MET A 731 -10.90 32.72 22.38
N THR A 732 -10.28 32.64 21.21
CA THR A 732 -11.03 32.75 19.96
C THR A 732 -11.85 31.49 19.71
N LYS A 733 -13.08 31.69 19.27
CA LYS A 733 -13.96 30.60 18.89
C LYS A 733 -13.79 30.31 17.41
N THR A 734 -13.45 29.08 17.08
CA THR A 734 -13.18 28.71 15.70
C THR A 734 -14.08 27.55 15.31
N SER A 735 -14.21 27.37 14.00
CA SER A 735 -14.94 26.25 13.43
C SER A 735 -14.21 25.81 12.17
N VAL A 736 -14.40 24.54 11.81
CA VAL A 736 -13.67 23.93 10.71
C VAL A 736 -14.65 23.16 9.85
N ASP A 737 -14.54 23.34 8.53
CA ASP A 737 -15.25 22.52 7.56
C ASP A 737 -14.29 21.43 7.08
N CYS A 738 -14.54 20.19 7.52
CA CYS A 738 -13.68 19.07 7.09
C CYS A 738 -13.57 18.96 5.59
N THR A 739 -14.71 18.90 4.90
CA THR A 739 -14.67 18.63 3.48
C THR A 739 -13.82 19.68 2.75
N MET A 740 -13.94 20.94 3.15
CA MET A 740 -13.21 21.99 2.47
C MET A 740 -11.73 21.96 2.80
N TYR A 741 -11.37 21.45 3.98
CA TYR A 741 -9.97 21.41 4.35
C TYR A 741 -9.28 20.21 3.73
N ILE A 742 -9.92 19.05 3.78
CA ILE A 742 -9.31 17.81 3.33
C ILE A 742 -9.36 17.70 1.81
N CYS A 743 -10.48 18.06 1.20
CA CYS A 743 -10.68 17.81 -0.21
C CYS A 743 -10.68 19.06 -1.07
N GLY A 744 -11.27 20.16 -0.60
CA GLY A 744 -11.47 21.28 -1.49
C GLY A 744 -12.70 21.07 -2.33
N ASP A 745 -12.63 21.49 -3.59
CA ASP A 745 -13.73 21.28 -4.52
C ASP A 745 -13.60 19.97 -5.31
N SER A 746 -12.80 19.03 -4.81
CA SER A 746 -12.68 17.72 -5.42
C SER A 746 -13.90 16.87 -5.10
N THR A 747 -14.55 16.33 -6.13
CA THR A 747 -15.72 15.49 -5.89
C THR A 747 -15.31 14.04 -5.66
N GLU A 748 -14.24 13.60 -6.30
CA GLU A 748 -13.71 12.27 -6.04
C GLU A 748 -13.24 12.13 -4.60
N CYS A 749 -12.48 13.11 -4.12
CA CYS A 749 -12.04 13.09 -2.74
C CYS A 749 -13.23 13.13 -1.78
N SER A 750 -14.24 13.95 -2.10
CA SER A 750 -15.36 14.08 -1.18
C SER A 750 -16.19 12.81 -1.13
N ASN A 751 -16.24 12.06 -2.24
CA ASN A 751 -16.90 10.77 -2.20
C ASN A 751 -16.07 9.74 -1.46
N LEU A 752 -14.75 9.82 -1.57
CA LEU A 752 -13.90 8.91 -0.82
C LEU A 752 -13.94 9.19 0.68
N LEU A 753 -14.25 10.43 1.05
CA LEU A 753 -14.23 10.82 2.45
C LEU A 753 -15.43 10.31 3.23
N LEU A 754 -16.46 9.80 2.55
CA LEU A 754 -17.68 9.44 3.24
C LEU A 754 -17.51 8.24 4.18
N GLN A 755 -16.32 7.64 4.23
CA GLN A 755 -16.02 6.61 5.21
C GLN A 755 -15.44 7.19 6.48
N TYR A 756 -15.36 8.51 6.57
CA TYR A 756 -14.79 9.18 7.73
C TYR A 756 -15.66 10.34 8.18
N GLY A 757 -16.99 10.19 8.09
CA GLY A 757 -17.86 11.27 8.48
C GLY A 757 -18.07 11.36 9.98
N SER A 758 -18.02 10.23 10.67
CA SER A 758 -18.13 10.23 12.12
C SER A 758 -17.01 11.06 12.75
N PHE A 759 -15.81 11.00 12.16
CA PHE A 759 -14.68 11.70 12.72
C PHE A 759 -14.85 13.21 12.60
N CYS A 760 -15.47 13.67 11.52
CA CYS A 760 -15.71 15.10 11.38
C CYS A 760 -16.86 15.59 12.24
N THR A 761 -17.92 14.81 12.37
CA THR A 761 -18.94 15.19 13.33
C THR A 761 -18.36 15.29 14.73
N GLN A 762 -17.44 14.38 15.06
CA GLN A 762 -16.80 14.41 16.37
C GLN A 762 -15.94 15.66 16.56
N LEU A 763 -15.12 15.99 15.56
CA LEU A 763 -14.30 17.19 15.63
C LEU A 763 -15.16 18.43 15.85
N ASN A 764 -16.23 18.55 15.07
CA ASN A 764 -17.05 19.75 15.18
C ASN A 764 -17.81 19.79 16.49
N ARG A 765 -18.21 18.64 17.03
CA ARG A 765 -18.81 18.61 18.35
C ARG A 765 -17.85 19.18 19.39
N ALA A 766 -16.59 18.74 19.35
CA ALA A 766 -15.62 19.27 20.30
C ALA A 766 -15.44 20.77 20.15
N LEU A 767 -15.32 21.25 18.92
CA LEU A 767 -15.09 22.67 18.71
C LEU A 767 -16.28 23.51 19.17
N THR A 768 -17.50 23.03 18.96
CA THR A 768 -18.66 23.79 19.42
C THR A 768 -18.75 23.80 20.95
N GLY A 769 -18.37 22.70 21.60
CA GLY A 769 -18.30 22.73 23.04
C GLY A 769 -17.39 23.84 23.54
N ILE A 770 -16.19 23.93 22.97
CA ILE A 770 -15.27 25.02 23.33
C ILE A 770 -15.93 26.37 23.07
N ALA A 771 -16.60 26.50 21.94
CA ALA A 771 -17.13 27.81 21.54
C ALA A 771 -18.20 28.29 22.50
N VAL A 772 -19.07 27.41 22.97
CA VAL A 772 -20.09 27.88 23.91
C VAL A 772 -19.48 28.07 25.29
N GLU A 773 -18.45 27.30 25.64
CA GLU A 773 -17.79 27.50 26.92
C GLU A 773 -17.19 28.88 27.02
N GLN A 774 -16.69 29.44 25.91
CA GLN A 774 -16.08 30.76 25.98
C GLN A 774 -17.09 31.83 26.41
N ASP A 775 -18.28 31.80 25.80
CA ASP A 775 -19.31 32.75 26.19
C ASP A 775 -19.76 32.53 27.63
N LYS A 776 -19.84 31.27 28.05
CA LYS A 776 -20.18 31.03 29.45
C LYS A 776 -19.13 31.63 30.37
N ASN A 777 -17.85 31.51 30.03
CA ASN A 777 -16.78 32.12 30.81
C ASN A 777 -16.99 33.61 30.99
N THR A 778 -17.15 34.32 29.87
CA THR A 778 -17.33 35.76 29.95
C THR A 778 -18.53 36.12 30.80
N GLN A 779 -19.60 35.33 30.72
CA GLN A 779 -20.79 35.63 31.51
C GLN A 779 -20.53 35.44 33.00
N GLU A 780 -19.82 34.38 33.39
CA GLU A 780 -19.55 34.23 34.82
C GLU A 780 -18.69 35.36 35.35
N VAL A 781 -17.75 35.85 34.55
CA VAL A 781 -16.87 36.89 35.08
C VAL A 781 -17.59 38.22 35.17
N PHE A 782 -18.24 38.66 34.09
CA PHE A 782 -18.67 40.04 34.03
C PHE A 782 -20.14 40.27 34.38
N ALA A 783 -20.99 39.26 34.28
CA ALA A 783 -22.43 39.45 34.45
C ALA A 783 -22.87 39.08 35.85
N GLN A 784 -22.06 39.37 36.85
CA GLN A 784 -22.39 39.01 38.22
C GLN A 784 -23.68 39.68 38.69
N VAL A 785 -23.82 40.98 38.45
CA VAL A 785 -24.97 41.74 38.88
C VAL A 785 -25.84 42.05 37.67
N LYS A 786 -27.15 42.03 37.87
CA LYS A 786 -28.10 42.31 36.80
C LYS A 786 -28.89 43.59 37.04
N GLN A 787 -28.24 44.59 37.62
CA GLN A 787 -28.77 45.93 37.68
C GLN A 787 -27.69 46.88 37.19
N ILE A 788 -28.01 47.68 36.20
CA ILE A 788 -27.03 48.56 35.59
C ILE A 788 -27.05 49.88 36.35
N TYR A 789 -26.22 49.97 37.38
CA TYR A 789 -26.14 51.17 38.19
C TYR A 789 -25.39 52.25 37.44
N LYS A 790 -25.84 53.50 37.60
CA LYS A 790 -25.12 54.65 37.10
C LYS A 790 -24.61 55.48 38.27
N THR A 791 -23.49 56.15 38.03
CA THR A 791 -22.99 57.04 39.07
C THR A 791 -23.58 58.43 38.91
N PRO A 792 -24.00 59.06 40.00
CA PRO A 792 -24.69 60.34 39.88
C PRO A 792 -23.74 61.42 39.43
N PRO A 793 -24.25 62.57 38.99
CA PRO A 793 -23.38 63.72 38.73
C PRO A 793 -22.79 64.33 39.99
N ILE A 794 -23.11 63.80 41.16
CA ILE A 794 -22.54 64.23 42.42
C ILE A 794 -21.17 63.57 42.54
N LYS A 795 -20.13 64.25 42.05
CA LYS A 795 -18.79 63.70 42.14
C LYS A 795 -18.11 64.19 43.41
N ASP A 796 -18.80 64.00 44.53
CA ASP A 796 -18.29 64.39 45.84
C ASP A 796 -18.01 63.11 46.62
N PHE A 797 -16.81 62.56 46.43
CA PHE A 797 -16.42 61.31 47.04
C PHE A 797 -15.38 61.49 48.12
N GLY A 798 -15.44 62.60 48.84
CA GLY A 798 -14.52 62.85 49.93
C GLY A 798 -13.13 63.26 49.51
N GLY A 799 -12.93 63.64 48.25
CA GLY A 799 -11.63 64.01 47.76
C GLY A 799 -11.00 62.98 46.84
N PHE A 800 -11.57 61.79 46.75
CA PHE A 800 -11.05 60.77 45.87
C PHE A 800 -11.49 61.03 44.44
N ASN A 801 -10.58 60.84 43.49
CA ASN A 801 -10.83 61.15 42.09
C ASN A 801 -10.89 59.86 41.31
N PHE A 802 -12.06 59.52 40.78
CA PHE A 802 -12.27 58.30 40.03
C PHE A 802 -12.46 58.58 38.54
N SER A 803 -11.90 59.68 38.06
CA SER A 803 -12.17 60.13 36.71
C SER A 803 -11.48 59.29 35.64
N GLN A 804 -10.37 58.63 35.96
CA GLN A 804 -9.66 57.84 34.97
C GLN A 804 -10.19 56.43 34.83
N ILE A 805 -11.05 55.99 35.74
CA ILE A 805 -11.65 54.66 35.65
C ILE A 805 -13.15 54.70 35.44
N LEU A 806 -13.73 55.87 35.36
CA LEU A 806 -15.15 55.98 35.09
C LEU A 806 -15.38 56.26 33.61
N PRO A 807 -16.55 55.86 33.08
CA PRO A 807 -16.79 55.98 31.65
C PRO A 807 -16.59 57.39 31.08
N ASP A 808 -16.12 57.44 29.84
CA ASP A 808 -15.93 58.70 29.13
C ASP A 808 -17.05 58.91 28.13
N PRO A 809 -18.01 59.80 28.37
CA PRO A 809 -19.09 59.99 27.40
C PRO A 809 -18.65 60.68 26.12
N SER A 810 -17.38 61.06 25.99
CA SER A 810 -16.88 61.75 24.81
C SER A 810 -16.40 60.79 23.74
N LYS A 811 -16.48 59.49 23.99
CA LYS A 811 -16.03 58.48 23.04
C LYS A 811 -17.23 57.92 22.30
N PRO A 812 -17.03 57.24 21.17
CA PRO A 812 -18.13 56.47 20.57
C PRO A 812 -18.62 55.40 21.51
N SER A 813 -17.68 54.59 22.02
CA SER A 813 -17.95 53.71 23.14
C SER A 813 -17.97 54.53 24.42
N LYS A 814 -18.28 53.88 25.54
CA LYS A 814 -18.26 54.54 26.83
C LYS A 814 -17.16 53.92 27.68
N ARG A 815 -15.98 53.76 27.08
CA ARG A 815 -14.84 53.17 27.78
C ARG A 815 -14.13 54.20 28.65
N SER A 816 -13.35 53.72 29.61
CA SER A 816 -12.62 54.60 30.52
C SER A 816 -11.23 54.90 29.98
N PRO A 817 -10.62 56.04 30.49
CA PRO A 817 -9.27 56.31 29.95
C PRO A 817 -8.35 55.09 30.09
N ILE A 818 -8.43 54.41 31.24
CA ILE A 818 -7.62 53.24 31.49
C ILE A 818 -7.95 52.11 30.53
N GLU A 819 -9.24 51.92 30.27
CA GLU A 819 -9.70 50.87 29.37
C GLU A 819 -9.25 51.14 27.94
N ASP A 820 -9.22 52.41 27.54
CA ASP A 820 -8.69 52.75 26.23
C ASP A 820 -7.20 52.49 26.14
N LEU A 821 -6.44 52.85 27.18
CA LEU A 821 -5.01 52.54 27.15
C LEU A 821 -4.78 51.04 27.06
N LEU A 822 -5.62 50.24 27.72
CA LEU A 822 -5.47 48.79 27.66
C LEU A 822 -5.85 48.26 26.29
N PHE A 823 -6.86 48.86 25.66
CA PHE A 823 -7.38 48.36 24.40
C PHE A 823 -6.36 48.48 23.28
N ASN A 824 -5.44 49.43 23.37
CA ASN A 824 -4.47 49.67 22.31
C ASN A 824 -3.15 48.95 22.52
N LYS A 825 -3.02 48.15 23.58
CA LYS A 825 -1.81 47.39 23.83
C LYS A 825 -1.96 45.93 23.47
N VAL A 826 -3.10 45.52 22.94
CA VAL A 826 -3.34 44.16 22.49
C VAL A 826 -3.80 44.22 21.05
N THR A 827 -2.97 43.74 20.13
CA THR A 827 -3.26 43.77 18.71
C THR A 827 -3.91 42.45 18.31
N LEU A 828 -5.19 42.49 17.93
CA LEU A 828 -5.88 41.31 17.48
C LEU A 828 -5.49 40.96 16.05
N ALA A 829 -6.14 39.94 15.50
CA ALA A 829 -5.91 39.56 14.10
C ALA A 829 -7.14 39.79 13.23
N ASP A 830 -8.30 39.99 13.85
CA ASP A 830 -9.55 40.19 13.13
C ASP A 830 -10.17 41.51 13.55
N ALA A 831 -9.97 42.56 12.75
CA ALA A 831 -10.65 43.83 12.97
C ALA A 831 -12.03 43.75 12.35
N GLY A 832 -12.96 43.17 13.09
CA GLY A 832 -14.25 42.82 12.56
C GLY A 832 -14.30 41.36 12.15
N PHE A 833 -15.48 40.93 11.71
CA PHE A 833 -15.67 39.53 11.33
C PHE A 833 -16.42 39.38 10.01
N ILE A 834 -16.41 40.40 9.15
CA ILE A 834 -17.02 40.32 7.83
C ILE A 834 -15.94 40.61 6.81
N LYS A 835 -15.34 39.57 6.25
CA LYS A 835 -14.38 39.67 5.17
C LYS A 835 -15.01 39.06 3.93
N GLN A 836 -15.42 39.89 2.99
CA GLN A 836 -16.24 39.45 1.88
C GLN A 836 -15.39 38.72 0.83
N TYR A 837 -16.07 37.91 0.03
CA TYR A 837 -15.38 37.17 -1.03
C TYR A 837 -14.71 38.11 -2.02
N GLY A 838 -15.46 39.11 -2.50
CA GLY A 838 -14.89 40.05 -3.45
C GLY A 838 -13.74 40.86 -2.91
N ASP A 839 -13.54 40.88 -1.59
CA ASP A 839 -12.52 41.74 -1.00
C ASP A 839 -11.13 41.14 -1.13
N CYS A 840 -11.00 39.81 -1.03
CA CYS A 840 -9.78 39.14 -1.42
C CYS A 840 -10.06 38.19 -2.57
N LEU A 841 -10.03 38.74 -3.78
CA LEU A 841 -10.23 37.98 -5.00
C LEU A 841 -9.08 38.28 -5.95
N GLY A 842 -8.20 37.30 -6.13
CA GLY A 842 -6.99 37.48 -6.90
C GLY A 842 -5.79 36.95 -6.14
N ASP A 843 -4.72 37.74 -6.13
CA ASP A 843 -3.53 37.38 -5.37
C ASP A 843 -3.55 37.95 -3.96
N ILE A 844 -4.61 38.68 -3.61
CA ILE A 844 -4.78 39.11 -2.22
C ILE A 844 -4.92 37.89 -1.31
N ALA A 845 -5.49 36.80 -1.83
CA ALA A 845 -5.45 35.53 -1.14
C ALA A 845 -4.03 34.99 -1.09
N ALA A 846 -3.74 34.21 -0.05
CA ALA A 846 -2.42 33.62 0.16
C ALA A 846 -1.34 34.70 0.31
N ARG A 847 -1.79 35.92 0.61
CA ARG A 847 -0.90 37.00 1.03
C ARG A 847 -1.52 37.65 2.25
N ASP A 848 -2.83 37.52 2.37
CA ASP A 848 -3.55 37.82 3.60
C ASP A 848 -3.84 36.50 4.30
N LEU A 849 -3.33 36.34 5.52
CA LEU A 849 -3.43 35.05 6.19
C LEU A 849 -4.87 34.67 6.47
N ILE A 850 -5.75 35.65 6.65
CA ILE A 850 -7.13 35.33 7.01
C ILE A 850 -7.88 34.76 5.82
N CYS A 851 -7.64 35.29 4.62
CA CYS A 851 -8.26 34.69 3.44
C CYS A 851 -7.65 33.33 3.13
N ALA A 852 -6.37 33.15 3.40
CA ALA A 852 -5.77 31.82 3.27
C ALA A 852 -6.44 30.83 4.21
N GLN A 853 -6.77 31.25 5.42
CA GLN A 853 -7.47 30.36 6.35
C GLN A 853 -8.89 30.11 5.89
N LYS A 854 -9.56 31.14 5.37
CA LYS A 854 -10.96 31.01 5.00
C LYS A 854 -11.16 30.16 3.76
N PHE A 855 -10.24 30.23 2.80
CA PHE A 855 -10.36 29.41 1.61
C PHE A 855 -10.13 27.92 1.90
N ASN A 856 -9.65 27.59 3.10
CA ASN A 856 -9.42 26.21 3.49
C ASN A 856 -10.39 25.73 4.55
N GLY A 857 -11.45 26.49 4.82
CA GLY A 857 -12.51 26.04 5.69
C GLY A 857 -12.36 26.37 7.15
N LEU A 858 -11.50 27.32 7.50
CA LEU A 858 -11.24 27.66 8.90
C LEU A 858 -11.87 29.01 9.21
N THR A 859 -12.91 29.00 10.04
CA THR A 859 -13.72 30.18 10.33
C THR A 859 -13.52 30.59 11.79
N VAL A 860 -13.61 31.89 12.03
CA VAL A 860 -13.58 32.45 13.38
C VAL A 860 -14.92 33.13 13.65
N LEU A 861 -15.58 32.72 14.72
CA LEU A 861 -16.90 33.25 15.02
C LEU A 861 -16.81 34.39 16.03
N PRO A 862 -17.73 35.35 15.97
CA PRO A 862 -17.64 36.52 16.85
C PRO A 862 -18.20 36.20 18.23
N PRO A 863 -17.70 36.86 19.27
CA PRO A 863 -18.22 36.61 20.62
C PRO A 863 -19.63 37.14 20.78
N LEU A 864 -20.35 36.57 21.75
CA LEU A 864 -21.74 36.96 21.96
C LEU A 864 -21.87 38.36 22.52
N LEU A 865 -21.04 38.72 23.50
CA LEU A 865 -21.07 40.04 24.09
C LEU A 865 -20.05 40.92 23.38
N THR A 866 -20.51 42.04 22.84
CA THR A 866 -19.61 43.00 22.25
C THR A 866 -18.77 43.67 23.32
N ASP A 867 -17.77 44.43 22.89
CA ASP A 867 -16.90 45.09 23.86
C ASP A 867 -17.62 46.21 24.59
N GLU A 868 -18.62 46.82 23.95
CA GLU A 868 -19.39 47.86 24.61
C GLU A 868 -20.25 47.29 25.72
N MET A 869 -20.78 46.09 25.54
CA MET A 869 -21.56 45.46 26.60
C MET A 869 -20.69 45.14 27.81
N ILE A 870 -19.48 44.66 27.56
CA ILE A 870 -18.57 44.37 28.66
C ILE A 870 -18.16 45.65 29.37
N ALA A 871 -17.96 46.73 28.62
CA ALA A 871 -17.66 48.01 29.24
C ALA A 871 -18.84 48.50 30.09
N GLN A 872 -20.07 48.26 29.62
CA GLN A 872 -21.24 48.61 30.42
C GLN A 872 -21.28 47.82 31.72
N TYR A 873 -20.95 46.53 31.66
CA TYR A 873 -20.95 45.73 32.87
C TYR A 873 -19.92 46.22 33.88
N THR A 874 -18.70 46.50 33.43
CA THR A 874 -17.69 46.99 34.37
C THR A 874 -18.06 48.37 34.90
N SER A 875 -18.71 49.19 34.09
CA SER A 875 -19.17 50.48 34.57
C SER A 875 -20.21 50.33 35.67
N ALA A 876 -21.14 49.39 35.51
CA ALA A 876 -22.14 49.16 36.54
C ALA A 876 -21.48 48.66 37.82
N LEU A 877 -20.49 47.78 37.70
CA LEU A 877 -19.79 47.29 38.89
C LEU A 877 -19.10 48.43 39.62
N LEU A 878 -18.41 49.30 38.88
CA LEU A 878 -17.72 50.42 39.50
C LEU A 878 -18.70 51.37 40.19
N ALA A 879 -19.78 51.73 39.51
CA ALA A 879 -20.75 52.64 40.10
C ALA A 879 -21.33 52.05 41.37
N GLY A 880 -21.70 50.77 41.34
CA GLY A 880 -22.23 50.15 42.53
C GLY A 880 -21.22 50.14 43.67
N THR A 881 -19.96 49.87 43.36
CA THR A 881 -18.99 49.69 44.44
C THR A 881 -18.57 51.03 45.03
N ILE A 882 -18.66 52.13 44.28
CA ILE A 882 -18.28 53.41 44.87
C ILE A 882 -19.45 54.17 45.46
N THR A 883 -20.69 53.78 45.15
CA THR A 883 -21.81 54.44 45.80
C THR A 883 -22.52 53.57 46.82
N SER A 884 -22.16 52.30 46.95
CA SER A 884 -22.88 51.41 47.86
C SER A 884 -21.97 50.53 48.69
N GLY A 885 -20.66 50.60 48.50
CA GLY A 885 -19.78 49.73 49.25
C GLY A 885 -19.92 48.29 48.83
N TRP A 886 -20.14 47.41 49.80
CA TRP A 886 -20.27 45.99 49.52
C TRP A 886 -21.70 45.49 49.68
N THR A 887 -22.69 46.38 49.68
CA THR A 887 -24.05 45.96 49.94
C THR A 887 -24.77 45.55 48.67
N PHE A 888 -24.36 46.07 47.52
CA PHE A 888 -25.03 45.70 46.28
C PHE A 888 -24.71 44.29 45.85
N GLY A 889 -23.70 43.67 46.44
CA GLY A 889 -23.42 42.28 46.15
C GLY A 889 -24.15 41.28 47.01
N ALA A 890 -24.88 41.75 48.02
CA ALA A 890 -25.60 40.88 48.93
C ALA A 890 -27.11 41.11 48.90
N GLY A 891 -27.57 42.07 48.12
CA GLY A 891 -29.00 42.36 48.04
C GLY A 891 -29.26 43.71 47.43
N PRO A 892 -30.12 44.54 48.14
CA PRO A 892 -30.36 45.85 47.51
C PRO A 892 -29.21 46.81 47.79
N ALA A 893 -28.89 47.68 46.84
CA ALA A 893 -27.81 48.63 47.02
C ALA A 893 -28.25 49.69 48.02
N LEU A 894 -27.43 49.90 49.05
CA LEU A 894 -27.72 50.86 50.11
C LEU A 894 -26.64 51.91 50.10
N GLN A 895 -27.01 53.15 49.79
CA GLN A 895 -26.02 54.20 49.64
C GLN A 895 -25.33 54.49 50.98
N ILE A 896 -24.13 55.06 50.87
CA ILE A 896 -23.34 55.43 52.05
C ILE A 896 -22.25 56.38 51.57
N PRO A 897 -21.98 57.44 52.32
CA PRO A 897 -20.95 58.39 51.90
C PRO A 897 -19.63 57.66 51.71
N PHE A 898 -18.84 58.06 50.72
CA PHE A 898 -17.57 57.37 50.48
C PHE A 898 -16.65 57.34 51.69
N PRO A 899 -16.38 58.52 52.27
CA PRO A 899 -15.53 58.60 53.47
C PRO A 899 -15.89 57.58 54.56
N MET A 900 -17.18 57.36 54.80
CA MET A 900 -17.61 56.43 55.83
C MET A 900 -17.43 54.98 55.39
N GLN A 901 -17.58 54.71 54.11
CA GLN A 901 -17.27 53.39 53.59
C GLN A 901 -15.79 53.08 53.72
N MET A 902 -14.94 54.06 53.45
CA MET A 902 -13.51 53.87 53.63
C MET A 902 -13.15 53.65 55.10
N ALA A 903 -13.89 54.29 56.01
CA ALA A 903 -13.67 54.05 57.42
C ALA A 903 -14.06 52.63 57.81
N TYR A 904 -15.19 52.14 57.28
CA TYR A 904 -15.54 50.74 57.48
C TYR A 904 -14.43 49.81 57.00
N ARG A 905 -13.85 50.12 55.84
CA ARG A 905 -12.81 49.25 55.31
C ARG A 905 -11.53 49.35 56.11
N PHE A 906 -11.26 50.51 56.71
CA PHE A 906 -10.12 50.62 57.63
C PHE A 906 -10.35 49.78 58.88
N ASN A 907 -11.59 49.77 59.40
CA ASN A 907 -11.92 48.89 60.50
C ASN A 907 -11.66 47.44 60.15
N GLY A 908 -11.94 47.05 58.92
CA GLY A 908 -11.78 45.66 58.51
C GLY A 908 -10.37 45.13 58.53
N ILE A 909 -9.36 45.99 58.57
CA ILE A 909 -7.98 45.54 58.59
C ILE A 909 -7.31 45.80 59.94
N GLY A 910 -8.06 46.25 60.93
CA GLY A 910 -7.52 46.42 62.27
C GLY A 910 -7.01 47.80 62.58
N VAL A 911 -7.56 48.83 61.96
CA VAL A 911 -7.19 50.21 62.21
C VAL A 911 -8.45 50.97 62.55
N THR A 912 -8.40 51.81 63.58
CA THR A 912 -9.59 52.52 64.02
C THR A 912 -9.99 53.58 62.99
N GLN A 913 -11.25 54.02 63.07
CA GLN A 913 -11.77 54.92 62.05
C GLN A 913 -11.17 56.31 62.15
N ASN A 914 -10.85 56.76 63.35
CA ASN A 914 -10.28 58.08 63.49
C ASN A 914 -8.96 58.22 62.75
N VAL A 915 -8.28 57.11 62.49
CA VAL A 915 -7.07 57.15 61.69
C VAL A 915 -7.39 57.58 60.26
N LEU A 916 -8.54 57.16 59.75
CA LEU A 916 -8.96 57.63 58.44
C LEU A 916 -9.46 59.06 58.50
N TYR A 917 -10.36 59.34 59.43
CA TYR A 917 -11.00 60.66 59.45
C TYR A 917 -10.01 61.77 59.73
N GLU A 918 -8.93 61.47 60.44
CA GLU A 918 -7.95 62.51 60.76
C GLU A 918 -6.89 62.65 59.68
N ASN A 919 -6.79 61.68 58.78
CA ASN A 919 -5.83 61.73 57.68
C ASN A 919 -6.51 61.67 56.32
N GLN A 920 -7.69 62.25 56.18
CA GLN A 920 -8.47 62.02 54.98
C GLN A 920 -7.83 62.63 53.74
N LYS A 921 -7.31 63.85 53.87
CA LYS A 921 -6.71 64.50 52.71
C LYS A 921 -5.46 63.78 52.25
N LEU A 922 -4.62 63.35 53.19
CA LEU A 922 -3.41 62.62 52.84
C LEU A 922 -3.75 61.32 52.12
N ILE A 923 -4.79 60.61 52.59
CA ILE A 923 -5.18 59.36 51.98
C ILE A 923 -5.73 59.59 50.58
N ALA A 924 -6.57 60.60 50.42
CA ALA A 924 -7.10 60.90 49.09
C ALA A 924 -5.99 61.27 48.13
N ASN A 925 -5.01 62.04 48.59
CA ASN A 925 -3.90 62.41 47.72
C ASN A 925 -3.06 61.21 47.33
N GLN A 926 -2.80 60.32 48.28
CA GLN A 926 -2.03 59.12 47.97
C GLN A 926 -2.76 58.25 46.96
N PHE A 927 -4.08 58.11 47.11
CA PHE A 927 -4.84 57.32 46.16
C PHE A 927 -4.80 57.94 44.76
N ASN A 928 -5.00 59.26 44.67
CA ASN A 928 -4.98 59.91 43.37
C ASN A 928 -3.61 59.78 42.71
N SER A 929 -2.54 59.92 43.50
CA SER A 929 -1.20 59.77 42.94
C SER A 929 -0.96 58.35 42.44
N ALA A 930 -1.44 57.35 43.18
CA ALA A 930 -1.22 55.97 42.76
C ALA A 930 -1.98 55.67 41.47
N ILE A 931 -3.20 56.18 41.34
CA ILE A 931 -3.93 55.97 40.09
C ILE A 931 -3.23 56.66 38.92
N GLY A 932 -2.73 57.87 39.15
CA GLY A 932 -1.97 58.54 38.11
C GLY A 932 -0.74 57.74 37.70
N LYS A 933 -0.09 57.10 38.67
CA LYS A 933 1.08 56.29 38.37
C LYS A 933 0.74 55.12 37.45
N ILE A 934 -0.44 54.54 37.63
CA ILE A 934 -0.88 53.41 36.82
C ILE A 934 -1.01 53.85 35.37
N GLN A 935 -1.88 54.81 35.11
CA GLN A 935 -2.08 55.33 33.76
C GLN A 935 -0.73 55.62 33.14
N ASP A 936 0.09 56.38 33.87
CA ASP A 936 1.42 56.73 33.42
C ASP A 936 2.12 55.48 32.91
N SER A 937 2.51 54.60 33.83
CA SER A 937 3.20 53.35 33.51
C SER A 937 2.64 52.68 32.27
N LEU A 938 1.32 52.53 32.22
CA LEU A 938 0.68 51.89 31.07
C LEU A 938 1.01 52.64 29.78
N SER A 939 0.39 53.81 29.62
CA SER A 939 0.60 54.63 28.43
C SER A 939 2.07 54.71 28.05
N SER A 940 2.93 54.40 29.00
CA SER A 940 4.37 54.43 28.76
C SER A 940 4.80 53.13 28.12
N THR A 941 5.00 52.10 28.93
CA THR A 941 5.41 50.79 28.46
C THR A 941 5.94 49.94 29.60
N ALA A 944 3.49 45.59 30.22
CA ALA A 944 2.61 45.30 29.09
C ALA A 944 1.64 44.19 29.43
N LEU A 945 0.72 43.91 28.50
CA LEU A 945 -0.26 42.85 28.69
C LEU A 945 0.19 41.59 27.97
N GLY A 946 1.30 41.01 28.41
CA GLY A 946 1.82 39.84 27.72
C GLY A 946 0.91 38.63 27.85
N LYS A 947 0.28 38.46 29.00
CA LYS A 947 -0.53 37.28 29.23
C LYS A 947 -1.79 37.30 28.36
N LEU A 948 -2.26 38.47 27.96
CA LEU A 948 -3.39 38.57 27.07
C LEU A 948 -3.00 38.51 25.61
N GLN A 949 -1.78 38.88 25.27
CA GLN A 949 -1.33 38.78 23.90
C GLN A 949 -0.90 37.37 23.54
N ASP A 950 -0.42 36.60 24.51
CA ASP A 950 -0.04 35.22 24.25
C ASP A 950 -1.21 34.38 23.78
N VAL A 951 -2.41 34.65 24.28
CA VAL A 951 -3.57 33.88 23.84
C VAL A 951 -3.84 34.11 22.36
N VAL A 952 -3.88 35.37 21.95
CA VAL A 952 -4.09 35.71 20.55
C VAL A 952 -2.99 35.09 19.68
N ASN A 953 -1.74 35.22 20.12
CA ASN A 953 -0.63 34.68 19.35
C ASN A 953 -0.75 33.17 19.19
N GLN A 954 -1.11 32.47 20.26
CA GLN A 954 -1.20 31.02 20.19
C GLN A 954 -2.30 30.58 19.25
N ASN A 955 -3.47 31.21 19.32
CA ASN A 955 -4.54 30.80 18.42
C ASN A 955 -4.19 31.07 16.96
N ALA A 956 -3.61 32.24 16.69
CA ALA A 956 -3.22 32.54 15.31
C ALA A 956 -2.17 31.56 14.80
N GLN A 957 -1.19 31.24 15.64
CA GLN A 957 -0.15 30.31 15.21
C GLN A 957 -0.72 28.93 14.95
N ALA A 958 -1.68 28.49 15.76
CA ALA A 958 -2.28 27.19 15.52
C ALA A 958 -3.00 27.14 14.18
N LEU A 959 -3.78 28.17 13.87
CA LEU A 959 -4.48 28.17 12.59
C LEU A 959 -3.50 28.22 11.42
N ASN A 960 -2.45 29.02 11.53
CA ASN A 960 -1.51 29.11 10.43
C ASN A 960 -0.73 27.81 10.25
N THR A 961 -0.43 27.12 11.35
CA THR A 961 0.22 25.81 11.24
C THR A 961 -0.69 24.82 10.52
N LEU A 962 -1.98 24.86 10.83
CA LEU A 962 -2.91 24.04 10.07
C LEU A 962 -2.81 24.32 8.59
N VAL A 963 -2.74 25.59 8.22
CA VAL A 963 -2.73 25.92 6.80
C VAL A 963 -1.45 25.43 6.13
N LYS A 964 -0.29 25.64 6.76
CA LYS A 964 0.94 25.15 6.11
C LYS A 964 1.03 23.64 6.12
N GLN A 965 0.34 22.95 7.01
CA GLN A 965 0.46 21.50 6.93
C GLN A 965 -0.26 20.90 5.76
N LEU A 966 -0.78 21.70 4.83
CA LEU A 966 -1.39 21.18 3.62
C LEU A 966 -0.36 20.94 2.52
N SER A 967 0.92 21.05 2.83
CA SER A 967 2.00 20.87 1.88
C SER A 967 2.75 19.56 2.12
N SER A 968 2.16 18.68 2.91
CA SER A 968 2.80 17.42 3.23
C SER A 968 2.27 16.32 2.33
N ASN A 969 3.17 15.46 1.87
CA ASN A 969 2.77 14.34 1.02
C ASN A 969 2.17 13.21 1.82
N PHE A 970 2.60 13.03 3.07
CA PHE A 970 2.20 11.92 3.92
C PHE A 970 2.52 10.58 3.29
N GLY A 971 3.52 10.53 2.41
CA GLY A 971 3.87 9.30 1.74
C GLY A 971 3.23 9.09 0.39
N ALA A 972 2.58 10.11 -0.15
CA ALA A 972 1.97 10.03 -1.47
C ALA A 972 2.95 10.59 -2.49
N ILE A 973 2.55 10.64 -3.76
CA ILE A 973 3.42 11.13 -4.81
C ILE A 973 3.43 12.65 -4.90
N SER A 974 2.40 13.31 -4.38
CA SER A 974 2.32 14.76 -4.40
C SER A 974 1.35 15.17 -3.31
N SER A 975 1.30 16.46 -3.02
CA SER A 975 0.40 16.99 -2.01
C SER A 975 -0.77 17.76 -2.62
N VAL A 976 -0.93 17.71 -3.94
CA VAL A 976 -2.01 18.38 -4.63
C VAL A 976 -2.95 17.33 -5.17
N LEU A 977 -4.24 17.49 -4.93
CA LEU A 977 -5.20 16.51 -5.43
C LEU A 977 -5.33 16.60 -6.94
N ASN A 978 -5.02 17.75 -7.53
CA ASN A 978 -5.22 17.91 -8.96
C ASN A 978 -4.06 17.35 -9.76
N ASP A 979 -2.88 17.19 -9.14
CA ASP A 979 -1.79 16.48 -9.80
C ASP A 979 -1.99 14.98 -9.72
N ILE A 980 -2.69 14.51 -8.69
CA ILE A 980 -2.96 13.08 -8.63
C ILE A 980 -4.12 12.73 -9.53
N LEU A 981 -5.21 13.50 -9.49
CA LEU A 981 -6.41 13.14 -10.23
C LEU A 981 -6.20 13.29 -11.73
N SER A 982 -5.23 14.10 -12.12
CA SER A 982 -4.78 14.19 -13.50
C SER A 982 -3.38 13.63 -13.62
N ARG A 983 -3.18 12.67 -14.54
CA ARG A 983 -2.08 11.70 -14.62
C ARG A 983 -2.31 10.39 -13.88
N LEU A 984 -3.44 10.21 -13.20
CA LEU A 984 -3.75 8.92 -12.61
C LEU A 984 -5.24 8.65 -12.73
N ASP A 985 -5.59 7.39 -12.92
CA ASP A 985 -6.98 6.99 -13.10
C ASP A 985 -7.56 6.46 -11.80
N PRO A 986 -8.88 6.42 -11.66
CA PRO A 986 -9.52 6.31 -10.34
C PRO A 986 -8.92 5.24 -9.45
N PRO A 987 -8.90 3.97 -9.85
CA PRO A 987 -8.57 2.92 -8.87
C PRO A 987 -7.17 3.01 -8.32
N GLU A 988 -6.23 3.59 -9.06
CA GLU A 988 -4.86 3.70 -8.60
C GLU A 988 -4.50 5.11 -8.17
N ALA A 989 -5.42 6.07 -8.34
CA ALA A 989 -5.32 7.35 -7.66
C ALA A 989 -5.93 7.29 -6.27
N GLU A 990 -6.82 6.32 -6.03
CA GLU A 990 -7.46 6.20 -4.74
C GLU A 990 -6.47 5.90 -3.62
N VAL A 991 -5.38 5.19 -3.93
CA VAL A 991 -4.40 4.92 -2.89
C VAL A 991 -3.73 6.20 -2.42
N GLN A 992 -3.34 7.05 -3.36
CA GLN A 992 -2.73 8.32 -3.01
C GLN A 992 -3.70 9.23 -2.27
N ILE A 993 -4.95 9.29 -2.77
CA ILE A 993 -5.94 10.13 -2.10
C ILE A 993 -6.22 9.62 -0.70
N ASP A 994 -6.14 8.31 -0.50
CA ASP A 994 -6.32 7.76 0.84
C ASP A 994 -5.19 8.19 1.76
N ARG A 995 -3.96 8.16 1.28
CA ARG A 995 -2.86 8.64 2.10
C ARG A 995 -3.06 10.09 2.50
N LEU A 996 -3.43 10.94 1.53
CA LEU A 996 -3.64 12.35 1.85
C LEU A 996 -4.78 12.54 2.85
N ILE A 997 -5.86 11.79 2.68
CA ILE A 997 -7.01 11.91 3.58
C ILE A 997 -6.61 11.55 4.99
N THR A 998 -5.89 10.44 5.15
CA THR A 998 -5.47 10.04 6.49
C THR A 998 -4.58 11.10 7.14
N GLY A 999 -3.59 11.61 6.39
CA GLY A 999 -2.73 12.63 6.95
C GLY A 999 -3.48 13.87 7.40
N ARG A 1000 -4.36 14.39 6.53
CA ARG A 1000 -5.04 15.62 6.87
C ARG A 1000 -6.05 15.43 7.99
N LEU A 1001 -6.68 14.26 8.08
CA LEU A 1001 -7.54 13.97 9.21
C LEU A 1001 -6.77 14.00 10.51
N GLN A 1002 -5.58 13.40 10.54
CA GLN A 1002 -4.83 13.41 11.79
C GLN A 1002 -4.33 14.81 12.13
N SER A 1003 -4.07 15.63 11.12
CA SER A 1003 -3.74 17.03 11.38
C SER A 1003 -4.88 17.75 12.09
N LEU A 1004 -6.10 17.59 11.58
CA LEU A 1004 -7.26 18.20 12.22
C LEU A 1004 -7.42 17.68 13.65
N GLN A 1005 -7.20 16.38 13.84
CA GLN A 1005 -7.36 15.79 15.16
C GLN A 1005 -6.37 16.39 16.15
N THR A 1006 -5.12 16.56 15.74
CA THR A 1006 -4.12 17.16 16.62
C THR A 1006 -4.54 18.57 17.00
N TYR A 1007 -4.99 19.35 16.02
CA TYR A 1007 -5.44 20.71 16.33
C TYR A 1007 -6.55 20.71 17.37
N VAL A 1008 -7.56 19.87 17.18
CA VAL A 1008 -8.70 19.89 18.10
C VAL A 1008 -8.27 19.46 19.49
N THR A 1009 -7.39 18.48 19.60
CA THR A 1009 -6.94 18.05 20.92
C THR A 1009 -6.21 19.17 21.65
N GLN A 1010 -5.28 19.83 20.98
CA GLN A 1010 -4.57 20.90 21.66
C GLN A 1010 -5.48 22.07 21.99
N GLN A 1011 -6.50 22.32 21.18
CA GLN A 1011 -7.47 23.34 21.51
C GLN A 1011 -8.25 22.99 22.76
N LEU A 1012 -8.61 21.72 22.92
CA LEU A 1012 -9.31 21.31 24.14
C LEU A 1012 -8.45 21.52 25.37
N ILE A 1013 -7.17 21.16 25.27
CA ILE A 1013 -6.29 21.34 26.42
C ILE A 1013 -6.15 22.82 26.76
N ARG A 1014 -5.96 23.68 25.75
CA ARG A 1014 -5.86 25.11 26.03
C ARG A 1014 -7.15 25.67 26.61
N ALA A 1015 -8.29 25.17 26.16
CA ALA A 1015 -9.56 25.65 26.67
C ALA A 1015 -9.74 25.29 28.14
N ALA A 1016 -9.23 24.13 28.55
CA ALA A 1016 -9.28 23.79 29.97
C ALA A 1016 -8.48 24.80 30.80
N GLU A 1017 -7.31 25.19 30.32
CA GLU A 1017 -6.51 26.16 31.05
C GLU A 1017 -7.20 27.53 31.12
N ILE A 1018 -7.77 27.98 30.00
CA ILE A 1018 -8.49 29.24 30.02
C ILE A 1018 -9.71 29.17 30.94
N ARG A 1019 -10.35 28.00 31.02
CA ARG A 1019 -11.47 27.83 31.93
C ARG A 1019 -11.04 28.00 33.38
N ALA A 1020 -9.90 27.41 33.74
CA ALA A 1020 -9.39 27.62 35.10
C ALA A 1020 -9.11 29.09 35.37
N SER A 1021 -8.50 29.79 34.41
CA SER A 1021 -8.21 31.20 34.59
C SER A 1021 -9.49 32.02 34.76
N ALA A 1022 -10.52 31.71 33.98
CA ALA A 1022 -11.77 32.45 34.09
C ALA A 1022 -12.47 32.17 35.40
N ASN A 1023 -12.37 30.95 35.92
CA ASN A 1023 -12.94 30.67 37.23
C ASN A 1023 -12.23 31.47 38.32
N LEU A 1024 -10.90 31.55 38.23
CA LEU A 1024 -10.17 32.38 39.18
C LEU A 1024 -10.60 33.84 39.08
N ALA A 1025 -10.80 34.33 37.86
CA ALA A 1025 -11.21 35.73 37.70
C ALA A 1025 -12.60 35.98 38.26
N ALA A 1026 -13.50 35.02 38.12
CA ALA A 1026 -14.84 35.18 38.70
C ALA A 1026 -14.78 35.19 40.22
N THR A 1027 -13.96 34.32 40.80
CA THR A 1027 -13.79 34.34 42.24
C THR A 1027 -13.21 35.66 42.72
N LYS A 1028 -12.22 36.19 42.01
CA LYS A 1028 -11.65 37.47 42.39
C LYS A 1028 -12.66 38.60 42.25
N MET A 1029 -13.53 38.51 41.25
CA MET A 1029 -14.55 39.54 41.10
C MET A 1029 -15.53 39.51 42.26
N SER A 1030 -15.91 38.31 42.72
CA SER A 1030 -16.89 38.28 43.80
C SER A 1030 -16.26 38.61 45.14
N GLU A 1031 -14.99 38.27 45.34
CA GLU A 1031 -14.40 38.39 46.67
C GLU A 1031 -13.55 39.64 46.88
N CYS A 1032 -12.97 40.20 45.83
CA CYS A 1032 -12.19 41.42 45.98
C CYS A 1032 -12.96 42.66 45.58
N VAL A 1033 -13.84 42.59 44.59
CA VAL A 1033 -14.58 43.74 44.12
C VAL A 1033 -15.91 43.89 44.85
N LEU A 1034 -16.63 42.81 45.06
CA LEU A 1034 -17.92 42.86 45.73
C LEU A 1034 -17.80 42.71 47.24
N GLY A 1035 -16.60 42.71 47.77
CA GLY A 1035 -16.40 42.61 49.20
C GLY A 1035 -15.00 43.03 49.57
N GLN A 1036 -14.61 42.69 50.79
CA GLN A 1036 -13.25 42.92 51.28
C GLN A 1036 -12.70 41.60 51.77
N SER A 1037 -11.50 41.25 51.31
CA SER A 1037 -10.95 39.92 51.53
C SER A 1037 -9.95 39.93 52.67
N LYS A 1038 -9.99 38.88 53.49
CA LYS A 1038 -9.00 38.65 54.53
C LYS A 1038 -7.93 37.66 54.09
N ARG A 1039 -8.07 37.07 52.91
CA ARG A 1039 -7.09 36.12 52.41
C ARG A 1039 -5.83 36.84 51.99
N VAL A 1040 -4.70 36.37 52.48
CA VAL A 1040 -3.42 37.04 52.28
C VAL A 1040 -3.00 36.90 50.82
N ASP A 1041 -2.60 38.02 50.21
CA ASP A 1041 -2.08 38.08 48.86
C ASP A 1041 -3.07 37.61 47.82
N PHE A 1042 -4.36 37.57 48.15
CA PHE A 1042 -5.35 37.20 47.16
C PHE A 1042 -5.76 38.40 46.31
N CYS A 1043 -5.82 39.58 46.91
CA CYS A 1043 -6.22 40.78 46.20
C CYS A 1043 -5.11 41.83 46.34
N GLY A 1044 -3.88 41.43 46.06
CA GLY A 1044 -2.77 42.33 46.07
C GLY A 1044 -1.86 42.11 47.26
N LYS A 1045 -0.77 42.87 47.29
CA LYS A 1045 0.20 42.80 48.37
C LYS A 1045 -0.09 43.91 49.38
N GLY A 1046 -0.27 43.54 50.63
CA GLY A 1046 -0.69 44.45 51.68
C GLY A 1046 -2.00 44.01 52.28
N TYR A 1047 -2.63 44.92 53.00
CA TYR A 1047 -3.95 44.67 53.53
C TYR A 1047 -4.99 45.21 52.57
N HIS A 1048 -5.83 44.33 52.06
CA HIS A 1048 -6.76 44.70 50.99
C HIS A 1048 -7.79 45.69 51.49
N LEU A 1049 -7.92 46.81 50.78
CA LEU A 1049 -8.97 47.78 51.05
C LEU A 1049 -10.11 47.66 50.03
N MET A 1050 -9.81 47.76 48.74
CA MET A 1050 -10.87 47.62 47.74
C MET A 1050 -10.26 47.24 46.40
N SER A 1051 -11.11 47.08 45.40
CA SER A 1051 -10.66 46.71 44.07
C SER A 1051 -11.62 47.26 43.02
N PHE A 1052 -11.07 47.55 41.84
CA PHE A 1052 -11.86 48.06 40.73
C PHE A 1052 -11.57 47.23 39.48
N PRO A 1053 -12.59 46.80 38.75
CA PRO A 1053 -12.36 46.07 37.51
C PRO A 1053 -12.33 46.96 36.28
N GLN A 1054 -11.51 46.54 35.32
CA GLN A 1054 -11.44 47.15 34.01
C GLN A 1054 -11.42 46.04 32.98
N SER A 1055 -12.08 46.25 31.85
CA SER A 1055 -12.13 45.23 30.82
C SER A 1055 -10.97 45.40 29.85
N ALA A 1056 -10.45 44.29 29.35
CA ALA A 1056 -9.35 44.28 28.41
C ALA A 1056 -9.65 43.27 27.33
N PRO A 1057 -9.00 43.35 26.17
CA PRO A 1057 -9.27 42.37 25.12
C PRO A 1057 -9.06 40.94 25.57
N HIS A 1058 -10.14 40.17 25.64
CA HIS A 1058 -10.14 38.79 26.06
C HIS A 1058 -9.75 38.61 27.52
N GLY A 1059 -9.94 39.63 28.36
CA GLY A 1059 -9.55 39.44 29.73
C GLY A 1059 -10.02 40.58 30.61
N VAL A 1060 -9.55 40.53 31.86
CA VAL A 1060 -9.93 41.52 32.86
C VAL A 1060 -8.67 41.98 33.58
N VAL A 1061 -8.70 43.24 34.04
CA VAL A 1061 -7.65 43.83 34.83
C VAL A 1061 -8.25 44.29 36.15
N PHE A 1062 -7.60 43.95 37.25
CA PHE A 1062 -8.04 44.39 38.57
C PHE A 1062 -7.06 45.41 39.10
N LEU A 1063 -7.57 46.53 39.58
CA LEU A 1063 -6.79 47.50 40.32
C LEU A 1063 -7.09 47.30 41.80
N HIS A 1064 -6.11 46.78 42.53
CA HIS A 1064 -6.23 46.45 43.94
C HIS A 1064 -5.67 47.60 44.76
N VAL A 1065 -6.49 48.19 45.60
CA VAL A 1065 -6.08 49.24 46.53
C VAL A 1065 -5.86 48.58 47.89
N THR A 1066 -4.63 48.66 48.38
CA THR A 1066 -4.21 48.03 49.62
C THR A 1066 -3.50 49.04 50.51
N TYR A 1067 -3.38 48.68 51.78
CA TYR A 1067 -2.80 49.52 52.82
C TYR A 1067 -1.48 48.91 53.25
N VAL A 1068 -0.40 49.68 53.17
CA VAL A 1068 0.94 49.20 53.45
C VAL A 1068 1.52 50.02 54.58
N PRO A 1069 1.88 49.42 55.72
CA PRO A 1069 2.47 50.20 56.81
C PRO A 1069 3.84 50.74 56.45
N ALA A 1070 4.25 51.79 57.15
CA ALA A 1070 5.50 52.46 56.80
C ALA A 1070 6.04 53.22 58.00
N GLN A 1071 7.34 53.47 57.97
CA GLN A 1071 8.04 54.25 58.99
C GLN A 1071 7.87 53.64 60.38
N GLU A 1072 8.34 52.41 60.55
CA GLU A 1072 8.21 51.73 61.83
C GLU A 1072 9.20 52.27 62.84
N LYS A 1073 8.97 51.95 64.10
CA LYS A 1073 9.79 52.44 65.19
C LYS A 1073 9.89 51.36 66.26
N ASN A 1074 11.03 51.34 66.94
CA ASN A 1074 11.33 50.34 67.95
C ASN A 1074 10.76 50.74 69.31
N PHE A 1075 10.26 49.76 70.04
CA PHE A 1075 9.75 49.97 71.38
C PHE A 1075 10.06 48.76 72.22
N THR A 1076 10.11 48.97 73.53
CA THR A 1076 10.12 47.89 74.50
C THR A 1076 8.69 47.49 74.78
N THR A 1077 8.47 46.20 75.01
CA THR A 1077 7.12 45.68 75.16
C THR A 1077 7.07 44.70 76.33
N ALA A 1078 5.85 44.32 76.71
CA ALA A 1078 5.64 43.42 77.82
C ALA A 1078 4.33 42.69 77.60
N PRO A 1079 4.21 41.44 78.06
CA PRO A 1079 2.95 40.73 77.88
C PRO A 1079 1.85 41.20 78.81
N ALA A 1080 2.16 41.58 80.04
CA ALA A 1080 1.15 41.99 81.00
C ALA A 1080 1.72 43.03 81.93
N ILE A 1081 0.83 43.69 82.66
CA ILE A 1081 1.19 44.72 83.63
C ILE A 1081 0.68 44.29 84.99
N CYS A 1082 1.51 44.43 86.01
CA CYS A 1082 1.16 44.04 87.37
C CYS A 1082 0.94 45.31 88.19
N HIS A 1083 -0.26 45.46 88.75
CA HIS A 1083 -0.57 46.66 89.51
C HIS A 1083 -0.82 46.42 90.99
N ASP A 1084 -1.76 45.56 91.33
CA ASP A 1084 -2.08 45.30 92.73
C ASP A 1084 -2.05 43.80 93.02
N GLY A 1085 -0.99 43.12 92.58
CA GLY A 1085 -0.96 41.69 92.68
C GLY A 1085 -1.92 41.06 91.69
N LYS A 1086 -2.27 41.83 90.66
CA LYS A 1086 -3.14 41.36 89.60
C LYS A 1086 -2.48 41.64 88.26
N ALA A 1087 -2.75 40.77 87.30
CA ALA A 1087 -2.18 40.88 85.96
C ALA A 1087 -3.20 41.49 85.02
N HIS A 1088 -2.80 42.50 84.27
CA HIS A 1088 -3.67 43.20 83.35
C HIS A 1088 -3.21 43.00 81.92
N PHE A 1089 -4.12 42.57 81.07
CA PHE A 1089 -3.82 42.34 79.67
C PHE A 1089 -4.56 43.35 78.81
N PRO A 1090 -3.99 43.78 77.69
CA PRO A 1090 -4.68 44.77 76.86
C PRO A 1090 -5.89 44.17 76.19
N ARG A 1091 -6.89 45.00 75.93
CA ARG A 1091 -8.10 44.49 75.31
C ARG A 1091 -7.91 44.30 73.81
N GLU A 1092 -7.51 45.35 73.10
CA GLU A 1092 -7.30 45.22 71.67
C GLU A 1092 -6.02 45.92 71.24
N GLY A 1093 -4.95 45.74 71.98
CA GLY A 1093 -3.73 46.44 71.67
C GLY A 1093 -2.52 45.71 72.15
N VAL A 1094 -1.47 46.48 72.43
CA VAL A 1094 -0.20 45.96 72.89
C VAL A 1094 0.43 47.01 73.78
N PHE A 1095 1.14 46.56 74.81
CA PHE A 1095 1.82 47.44 75.74
C PHE A 1095 3.19 47.81 75.19
N VAL A 1096 3.44 49.11 75.09
CA VAL A 1096 4.73 49.60 74.63
C VAL A 1096 5.28 50.59 75.65
N SER A 1097 6.54 50.95 75.49
CA SER A 1097 7.20 51.88 76.38
C SER A 1097 8.17 52.75 75.60
N ASN A 1098 8.05 54.07 75.75
CA ASN A 1098 8.93 54.99 75.04
C ASN A 1098 10.30 55.08 75.71
N GLY A 1099 10.56 54.23 76.69
CA GLY A 1099 11.82 54.23 77.41
C GLY A 1099 11.63 54.42 78.90
N THR A 1100 10.68 55.27 79.29
CA THR A 1100 10.39 55.53 80.69
C THR A 1100 8.93 55.30 81.08
N HIS A 1101 7.98 55.62 80.21
CA HIS A 1101 6.56 55.47 80.51
C HIS A 1101 5.97 54.34 79.67
N TRP A 1102 4.86 53.79 80.14
CA TRP A 1102 4.20 52.68 79.49
C TRP A 1102 2.86 53.15 78.92
N PHE A 1103 2.57 52.76 77.69
CA PHE A 1103 1.30 53.05 77.03
C PHE A 1103 0.74 51.78 76.44
N VAL A 1104 -0.51 51.85 75.99
CA VAL A 1104 -1.13 50.78 75.23
C VAL A 1104 -1.55 51.35 73.88
N THR A 1105 -1.19 50.65 72.82
CA THR A 1105 -1.47 51.13 71.47
C THR A 1105 -2.17 50.04 70.68
N GLN A 1106 -2.60 50.38 69.47
CA GLN A 1106 -3.10 49.40 68.54
C GLN A 1106 -1.94 48.86 67.71
N ARG A 1107 -2.12 47.64 67.19
CA ARG A 1107 -0.98 46.90 66.67
C ARG A 1107 -0.48 47.45 65.34
N ASN A 1108 -1.35 48.05 64.54
CA ASN A 1108 -1.00 48.41 63.16
C ASN A 1108 -0.72 49.89 62.96
N PHE A 1109 -0.79 50.69 64.01
CA PHE A 1109 -0.58 52.12 63.88
C PHE A 1109 -0.26 52.66 65.26
N TYR A 1110 0.84 53.40 65.37
CA TYR A 1110 1.31 53.87 66.65
C TYR A 1110 0.43 55.02 67.12
N GLU A 1111 -0.35 54.77 68.17
CA GLU A 1111 -1.24 55.78 68.75
C GLU A 1111 -1.32 55.53 70.25
N PRO A 1112 -0.34 56.01 71.00
CA PRO A 1112 -0.22 55.60 72.39
C PRO A 1112 -1.26 56.24 73.28
N GLN A 1113 -1.69 55.48 74.28
CA GLN A 1113 -2.71 55.93 75.21
C GLN A 1113 -2.35 55.48 76.61
N ILE A 1114 -2.93 56.15 77.60
CA ILE A 1114 -2.65 55.85 79.00
C ILE A 1114 -3.37 54.56 79.37
N ILE A 1115 -2.68 53.71 80.12
CA ILE A 1115 -3.24 52.44 80.55
C ILE A 1115 -4.26 52.70 81.65
N THR A 1116 -5.52 52.37 81.38
CA THR A 1116 -6.58 52.51 82.37
C THR A 1116 -7.27 51.17 82.57
N THR A 1117 -8.36 51.16 83.32
CA THR A 1117 -9.15 49.96 83.50
C THR A 1117 -10.16 49.75 82.39
N ASP A 1118 -10.22 50.67 81.43
CA ASP A 1118 -11.07 50.53 80.25
C ASP A 1118 -10.29 50.03 79.05
N ASN A 1119 -8.97 50.08 79.11
CA ASN A 1119 -8.11 49.55 78.07
C ASN A 1119 -7.74 48.11 78.30
N THR A 1120 -7.79 47.64 79.54
CA THR A 1120 -7.24 46.35 79.92
C THR A 1120 -8.32 45.50 80.56
N PHE A 1121 -7.97 44.26 80.85
CA PHE A 1121 -8.81 43.39 81.66
C PHE A 1121 -7.92 42.58 82.56
N VAL A 1122 -8.47 42.14 83.68
CA VAL A 1122 -7.71 41.48 84.73
C VAL A 1122 -7.94 39.98 84.65
N SER A 1123 -6.89 39.22 84.93
CA SER A 1123 -7.02 37.77 85.02
C SER A 1123 -5.84 37.23 85.82
N GLY A 1124 -6.11 36.71 87.00
CA GLY A 1124 -5.10 36.05 87.79
C GLY A 1124 -4.23 37.03 88.56
N ASN A 1125 -3.14 36.49 89.10
CA ASN A 1125 -2.16 37.26 89.86
C ASN A 1125 -0.86 37.31 89.10
N CYS A 1126 0.15 37.90 89.73
CA CYS A 1126 1.38 38.26 89.04
C CYS A 1126 2.47 37.20 89.15
N ASP A 1127 2.10 35.92 89.26
CA ASP A 1127 3.10 34.89 89.49
C ASP A 1127 3.29 33.92 88.33
N VAL A 1128 2.45 33.99 87.30
CA VAL A 1128 2.49 32.99 86.23
C VAL A 1128 3.02 33.55 84.92
N VAL A 1129 2.66 34.77 84.56
CA VAL A 1129 3.13 35.35 83.31
C VAL A 1129 4.63 35.57 83.39
N ILE A 1130 5.32 35.35 82.27
CA ILE A 1130 6.78 35.29 82.28
C ILE A 1130 7.41 36.66 82.31
N GLY A 1131 7.08 37.53 81.37
CA GLY A 1131 7.73 38.81 81.29
C GLY A 1131 6.92 39.96 81.83
N ILE A 1132 6.13 39.70 82.87
CA ILE A 1132 5.27 40.73 83.45
C ILE A 1132 6.11 41.85 84.05
N VAL A 1133 5.61 43.08 83.96
CA VAL A 1133 6.31 44.24 84.50
C VAL A 1133 5.38 45.01 85.43
N ASN A 1134 5.99 45.82 86.29
CA ASN A 1134 5.28 46.60 87.29
C ASN A 1134 4.98 47.98 86.74
N ASN A 1135 3.72 48.38 86.81
CA ASN A 1135 3.33 49.74 86.43
C ASN A 1135 1.96 50.03 87.01
N THR A 1136 1.53 51.28 86.87
CA THR A 1136 0.29 51.76 87.44
C THR A 1136 -0.82 51.70 86.40
N VAL A 1137 -2.02 51.31 86.82
CA VAL A 1137 -3.19 51.25 85.97
C VAL A 1137 -4.20 52.26 86.50
N TYR A 1138 -4.38 53.34 85.76
CA TYR A 1138 -5.17 54.48 86.23
C TYR A 1138 -6.65 54.17 86.20
N ASP A 1139 -7.31 54.28 87.35
CA ASP A 1139 -8.75 54.07 87.45
C ASP A 1139 -9.47 55.40 87.28
N PRO A 1140 -10.31 55.55 86.26
CA PRO A 1140 -10.95 56.85 86.03
C PRO A 1140 -12.24 57.07 86.80
N LEU A 1141 -12.29 56.70 88.07
CA LEU A 1141 -13.51 56.91 88.84
C LEU A 1141 -13.23 57.66 90.14
N GLN A 1142 -12.13 57.32 90.80
CA GLN A 1142 -11.76 57.95 92.05
C GLN A 1142 -11.71 59.47 91.88
N PRO A 1143 -11.05 59.92 90.81
CA PRO A 1143 -10.96 61.36 90.54
C PRO A 1143 -12.36 61.96 90.54
N GLU A 1144 -13.35 61.16 90.14
CA GLU A 1144 -14.74 61.60 90.12
C GLU A 1144 -15.31 61.57 91.53
N LEU A 1145 -14.50 61.12 92.48
CA LEU A 1145 -14.92 61.03 93.86
C LEU A 1145 -13.93 61.77 94.76
N ASP A 1146 -13.09 62.60 94.14
CA ASP A 1146 -12.10 63.37 94.88
C ASP A 1146 -12.05 64.81 94.40
N GLN B 14 13.18 -61.33 8.50
CA GLN B 14 13.43 -61.02 9.91
C GLN B 14 12.40 -60.06 10.45
N CYS B 15 11.24 -60.55 10.85
CA CYS B 15 10.24 -59.65 11.41
C CYS B 15 9.23 -60.45 12.21
N VAL B 16 9.18 -60.22 13.51
CA VAL B 16 8.45 -61.08 14.44
C VAL B 16 7.36 -60.28 15.14
N ASN B 17 6.37 -61.01 15.64
CA ASN B 17 5.28 -60.45 16.43
C ASN B 17 5.61 -60.99 17.81
N LEU B 18 5.92 -60.11 18.75
CA LEU B 18 6.34 -60.54 20.08
C LEU B 18 5.14 -60.96 20.92
N THR B 19 5.43 -61.70 21.99
CA THR B 19 4.42 -62.17 22.92
C THR B 19 4.99 -62.10 24.33
N THR B 20 4.31 -62.76 25.27
CA THR B 20 4.64 -62.76 26.69
C THR B 20 4.58 -61.35 27.26
N ARG B 21 3.53 -60.62 26.92
CA ARG B 21 3.35 -59.24 27.35
C ARG B 21 2.06 -59.14 28.16
N THR B 22 2.14 -58.47 29.31
CA THR B 22 1.01 -58.38 30.22
C THR B 22 0.14 -57.17 29.87
N GLN B 23 -1.12 -57.22 30.29
CA GLN B 23 -2.08 -56.18 29.98
C GLN B 23 -2.10 -55.16 31.12
N LEU B 24 -2.26 -53.89 30.75
CA LEU B 24 -2.35 -52.79 31.70
C LEU B 24 -3.04 -51.61 31.03
N PRO B 25 -3.76 -50.80 31.80
CA PRO B 25 -4.31 -49.55 31.26
C PRO B 25 -3.22 -48.49 31.16
N PRO B 26 -3.49 -47.38 30.47
CA PRO B 26 -2.46 -46.34 30.35
C PRO B 26 -2.26 -45.56 31.64
N ALA B 27 -1.11 -44.90 31.72
CA ALA B 27 -0.73 -44.07 32.85
C ALA B 27 -0.49 -42.64 32.39
N TYR B 28 -0.80 -41.70 33.26
CA TYR B 28 -0.68 -40.28 32.95
C TYR B 28 0.14 -39.58 34.02
N THR B 29 0.69 -38.44 33.65
CA THR B 29 1.57 -37.69 34.54
C THR B 29 1.42 -36.21 34.19
N ASN B 30 1.91 -35.35 35.07
CA ASN B 30 1.86 -33.91 34.88
C ASN B 30 3.21 -33.41 34.37
N SER B 31 3.16 -32.43 33.47
CA SER B 31 4.37 -31.78 32.98
C SER B 31 4.56 -30.46 33.71
N PHE B 32 5.49 -30.42 34.66
CA PHE B 32 5.69 -29.23 35.48
C PHE B 32 6.57 -28.23 34.75
N THR B 33 5.94 -27.43 33.88
CA THR B 33 6.63 -26.39 33.14
C THR B 33 7.80 -26.93 32.32
N ARG B 34 7.55 -28.02 31.60
CA ARG B 34 8.56 -28.63 30.77
C ARG B 34 8.29 -28.32 29.31
N GLY B 35 9.35 -28.39 28.49
CA GLY B 35 9.20 -28.32 27.05
C GLY B 35 9.24 -26.94 26.44
N VAL B 36 10.25 -26.15 26.81
CA VAL B 36 10.45 -24.83 26.24
C VAL B 36 11.74 -24.86 25.43
N TYR B 37 11.74 -24.16 24.30
CA TYR B 37 12.90 -24.16 23.43
C TYR B 37 13.18 -22.73 22.96
N TYR B 38 14.40 -22.52 22.49
CA TYR B 38 14.78 -21.23 21.94
C TYR B 38 14.04 -21.01 20.62
N PRO B 39 13.21 -19.97 20.51
CA PRO B 39 12.39 -19.82 19.31
C PRO B 39 13.07 -19.13 18.13
N ASP B 40 14.27 -18.60 18.29
CA ASP B 40 15.01 -18.08 17.14
C ASP B 40 16.50 -18.37 17.35
N LYS B 41 17.32 -17.77 16.52
CA LYS B 41 18.77 -17.88 16.61
C LYS B 41 19.41 -16.55 16.96
N VAL B 42 18.68 -15.68 17.66
CA VAL B 42 19.18 -14.37 18.06
C VAL B 42 19.59 -14.43 19.52
N PHE B 43 20.66 -13.71 19.87
CA PHE B 43 21.11 -13.63 21.24
C PHE B 43 20.39 -12.51 21.97
N ARG B 44 19.85 -12.83 23.14
CA ARG B 44 19.22 -11.85 24.00
C ARG B 44 19.71 -12.04 25.42
N SER B 45 19.84 -10.94 26.15
CA SER B 45 20.45 -10.97 27.47
C SER B 45 19.71 -10.01 28.39
N SER B 46 19.37 -10.49 29.58
CA SER B 46 18.72 -9.69 30.62
C SER B 46 17.45 -9.02 30.10
N VAL B 47 16.46 -9.85 29.77
CA VAL B 47 15.26 -9.35 29.10
C VAL B 47 14.12 -10.33 29.32
N LEU B 48 12.91 -9.85 29.11
CA LEU B 48 11.71 -10.67 29.08
C LEU B 48 11.07 -10.52 27.72
N HIS B 49 10.97 -11.62 26.98
CA HIS B 49 10.53 -11.60 25.59
C HIS B 49 9.23 -12.38 25.44
N SER B 50 8.25 -11.78 24.79
CA SER B 50 6.97 -12.45 24.55
C SER B 50 6.99 -13.08 23.17
N THR B 51 6.57 -14.34 23.09
CA THR B 51 6.70 -15.13 21.87
C THR B 51 5.47 -16.00 21.69
N GLN B 52 4.98 -16.09 20.47
CA GLN B 52 3.91 -17.03 20.14
C GLN B 52 4.45 -18.14 19.25
N ASP B 53 4.18 -19.38 19.64
CA ASP B 53 4.64 -20.54 18.88
C ASP B 53 3.96 -21.81 19.35
N LEU B 54 4.37 -22.95 18.82
CA LEU B 54 3.86 -24.25 19.24
C LEU B 54 4.64 -24.69 20.47
N PHE B 55 3.99 -24.63 21.62
CA PHE B 55 4.61 -24.98 22.88
C PHE B 55 3.81 -26.05 23.57
N LEU B 56 4.43 -26.73 24.52
CA LEU B 56 3.73 -27.66 25.37
C LEU B 56 3.13 -26.91 26.56
N PRO B 57 1.81 -26.86 26.70
CA PRO B 57 1.21 -26.06 27.77
C PRO B 57 1.67 -26.52 29.14
N PHE B 58 1.73 -25.57 30.06
CA PHE B 58 2.19 -25.85 31.42
C PHE B 58 1.18 -26.73 32.14
N PHE B 59 1.70 -27.65 32.95
CA PHE B 59 0.87 -28.57 33.73
C PHE B 59 -0.09 -29.33 32.81
N SER B 60 0.47 -29.96 31.79
CA SER B 60 -0.28 -30.76 30.84
C SER B 60 -0.29 -32.21 31.27
N ASN B 61 -1.27 -32.95 30.74
CA ASN B 61 -1.43 -34.36 31.02
C ASN B 61 -0.69 -35.18 29.98
N VAL B 62 0.53 -35.59 30.29
CA VAL B 62 1.34 -36.35 29.35
C VAL B 62 1.14 -37.83 29.61
N THR B 63 1.36 -38.63 28.58
CA THR B 63 1.18 -40.07 28.69
C THR B 63 2.52 -40.74 29.00
N TRP B 64 2.45 -41.81 29.79
CA TRP B 64 3.60 -42.45 30.39
C TRP B 64 3.69 -43.89 29.90
N PHE B 65 4.87 -44.28 29.41
CA PHE B 65 5.08 -45.61 28.86
C PHE B 65 6.33 -46.21 29.49
N HIS B 66 6.29 -47.49 29.83
CA HIS B 66 7.48 -48.07 30.43
C HIS B 66 7.98 -49.35 29.77
N ALA B 67 8.58 -50.22 30.58
CA ALA B 67 9.11 -51.47 30.11
C ALA B 67 10.01 -52.05 31.17
N ILE B 68 9.41 -52.69 32.15
CA ILE B 68 10.13 -53.32 33.22
C ILE B 68 9.65 -54.76 33.20
N HIS B 69 10.58 -55.69 33.29
CA HIS B 69 10.23 -57.10 33.27
C HIS B 69 10.54 -57.70 34.64
N VAL B 70 9.54 -58.34 35.23
CA VAL B 70 9.67 -58.99 36.54
C VAL B 70 9.38 -58.07 37.74
N THR B 76 6.09 -59.44 35.62
CA THR B 76 5.54 -58.41 34.74
C THR B 76 6.55 -58.01 33.67
N LYS B 77 6.06 -57.96 32.43
CA LYS B 77 6.84 -57.57 31.26
C LYS B 77 6.03 -56.41 30.69
N ARG B 78 6.69 -55.40 30.16
CA ARG B 78 5.97 -54.25 29.62
C ARG B 78 6.78 -53.58 28.54
N PHE B 79 6.56 -53.97 27.29
CA PHE B 79 7.32 -53.36 26.20
C PHE B 79 6.38 -52.42 25.46
N ASP B 80 6.26 -51.17 25.88
CA ASP B 80 5.32 -50.28 25.22
C ASP B 80 5.94 -49.62 24.00
N ASN B 81 5.34 -49.85 22.84
CA ASN B 81 5.66 -49.07 21.65
C ASN B 81 4.45 -49.03 20.71
N PRO B 82 3.33 -48.47 21.12
CA PRO B 82 2.18 -48.39 20.22
C PRO B 82 2.35 -47.28 19.19
N VAL B 83 1.42 -47.21 18.26
CA VAL B 83 1.42 -46.16 17.26
C VAL B 83 0.62 -44.98 17.80
N LEU B 84 1.28 -43.86 17.99
CA LEU B 84 0.67 -42.69 18.60
C LEU B 84 0.44 -41.61 17.56
N PRO B 85 -0.56 -40.76 17.74
CA PRO B 85 -0.76 -39.64 16.83
C PRO B 85 0.39 -38.65 16.91
N PHE B 86 0.50 -37.85 15.85
CA PHE B 86 1.46 -36.76 15.75
C PHE B 86 0.63 -35.55 15.32
N ASN B 87 0.04 -34.86 16.28
CA ASN B 87 -1.03 -33.93 15.94
C ASN B 87 -0.48 -32.65 15.32
N ASP B 88 0.28 -31.88 16.07
CA ASP B 88 0.84 -30.63 15.56
C ASP B 88 2.31 -30.48 15.91
N GLY B 89 2.90 -31.51 16.48
CA GLY B 89 4.21 -31.47 17.08
C GLY B 89 4.17 -32.33 18.33
N VAL B 90 5.34 -32.76 18.76
CA VAL B 90 5.41 -33.71 19.86
C VAL B 90 6.55 -33.32 20.80
N TYR B 91 6.27 -33.28 22.09
CA TYR B 91 7.28 -33.25 23.13
C TYR B 91 7.49 -34.68 23.59
N PHE B 92 8.73 -35.14 23.54
CA PHE B 92 9.07 -36.52 23.88
C PHE B 92 10.18 -36.48 24.92
N ALA B 93 9.99 -37.18 26.03
CA ALA B 93 11.00 -37.22 27.07
C ALA B 93 11.30 -38.67 27.42
N SER B 94 12.57 -38.94 27.70
CA SER B 94 12.99 -40.31 28.00
C SER B 94 13.92 -40.30 29.20
N THR B 95 13.56 -41.07 30.22
CA THR B 95 14.41 -41.31 31.38
C THR B 95 14.96 -42.72 31.28
N GLU B 96 16.30 -42.83 31.22
CA GLU B 96 16.94 -44.13 31.11
C GLU B 96 18.28 -44.15 31.83
N LYS B 97 18.85 -45.36 31.87
CA LYS B 97 20.19 -45.60 32.37
C LYS B 97 21.00 -46.52 31.46
N SER B 98 20.35 -47.20 30.50
CA SER B 98 21.00 -48.25 29.75
C SER B 98 20.65 -48.23 28.26
N ASN B 99 20.27 -47.06 27.74
CA ASN B 99 20.13 -46.83 26.30
C ASN B 99 19.12 -47.75 25.63
N ILE B 100 17.86 -47.64 26.03
CA ILE B 100 16.81 -48.51 25.52
C ILE B 100 16.03 -47.88 24.36
N ILE B 101 15.72 -46.59 24.43
CA ILE B 101 15.09 -45.92 23.31
C ILE B 101 16.16 -45.54 22.29
N ARG B 102 15.91 -45.88 21.02
CA ARG B 102 16.91 -45.75 19.97
C ARG B 102 16.49 -44.85 18.83
N GLY B 103 15.23 -44.46 18.75
CA GLY B 103 14.79 -43.60 17.66
C GLY B 103 13.32 -43.77 17.42
N TRP B 104 12.87 -43.24 16.29
CA TRP B 104 11.45 -43.22 15.98
C TRP B 104 11.26 -43.42 14.49
N ILE B 105 10.01 -43.76 14.13
CA ILE B 105 9.56 -43.78 12.75
C ILE B 105 8.32 -42.89 12.66
N PHE B 106 8.25 -42.08 11.62
CA PHE B 106 7.17 -41.14 11.41
C PHE B 106 6.55 -41.38 10.04
N GLY B 107 5.24 -41.21 9.94
CA GLY B 107 4.58 -41.38 8.66
C GLY B 107 3.09 -41.28 8.81
N THR B 108 2.37 -41.70 7.78
CA THR B 108 0.91 -41.77 7.82
C THR B 108 0.38 -43.19 7.83
N THR B 109 0.76 -44.03 6.88
CA THR B 109 0.30 -45.41 6.86
C THR B 109 1.38 -46.41 7.27
N LEU B 110 2.65 -46.07 7.10
CA LEU B 110 3.77 -46.91 7.53
C LEU B 110 3.75 -48.28 6.86
N ASP B 111 3.27 -48.36 5.62
CA ASP B 111 3.11 -49.65 4.98
C ASP B 111 3.48 -49.66 3.50
N SER B 112 4.48 -48.87 3.11
CA SER B 112 5.09 -48.92 1.78
C SER B 112 4.19 -48.40 0.67
N LYS B 113 2.99 -47.93 0.99
CA LYS B 113 2.20 -47.18 0.03
C LYS B 113 2.46 -45.69 0.10
N THR B 114 3.22 -45.25 1.08
CA THR B 114 3.55 -43.85 1.28
C THR B 114 4.95 -43.76 1.85
N GLN B 115 5.52 -42.57 1.78
CA GLN B 115 6.87 -42.34 2.26
C GLN B 115 6.88 -42.16 3.77
N SER B 116 7.96 -42.59 4.40
CA SER B 116 8.09 -42.51 5.85
C SER B 116 9.53 -42.14 6.19
N LEU B 117 9.66 -41.55 7.38
CA LEU B 117 10.94 -41.10 7.90
C LEU B 117 11.35 -42.02 9.05
N LEU B 118 12.63 -42.35 9.10
CA LEU B 118 13.20 -43.22 10.12
C LEU B 118 14.44 -42.56 10.69
N ILE B 119 14.43 -42.33 12.00
CA ILE B 119 15.60 -41.84 12.73
C ILE B 119 15.97 -42.93 13.71
N VAL B 120 17.17 -43.48 13.58
CA VAL B 120 17.56 -44.63 14.40
C VAL B 120 19.00 -44.48 14.83
N ASN B 121 19.32 -45.12 15.95
CA ASN B 121 20.66 -45.11 16.53
C ASN B 121 21.12 -46.55 16.65
N ASN B 122 21.85 -47.04 15.65
CA ASN B 122 22.56 -48.31 15.79
C ASN B 122 23.60 -48.19 16.90
N ALA B 123 24.24 -49.29 17.21
CA ALA B 123 25.28 -49.17 18.21
C ALA B 123 26.50 -48.42 17.70
N THR B 124 26.51 -48.03 16.42
CA THR B 124 27.69 -47.38 15.83
C THR B 124 27.39 -46.07 15.10
N ASN B 125 26.23 -45.93 14.47
CA ASN B 125 25.91 -44.72 13.72
C ASN B 125 24.52 -44.22 14.05
N VAL B 126 24.25 -42.97 13.70
CA VAL B 126 22.90 -42.41 13.64
C VAL B 126 22.49 -42.35 12.19
N VAL B 127 21.31 -42.89 11.88
CA VAL B 127 20.84 -43.04 10.52
C VAL B 127 19.50 -42.35 10.38
N ILE B 128 19.40 -41.46 9.40
CA ILE B 128 18.15 -40.78 9.06
C ILE B 128 17.83 -41.11 7.62
N LYS B 129 16.65 -41.63 7.36
CA LYS B 129 16.28 -42.04 6.02
C LYS B 129 14.82 -41.74 5.75
N VAL B 130 14.54 -41.12 4.62
CA VAL B 130 13.17 -40.78 4.24
C VAL B 130 12.78 -41.44 2.92
N CYS B 131 12.40 -42.71 3.00
CA CYS B 131 12.01 -43.46 1.81
C CYS B 131 10.73 -44.27 2.06
N GLU B 132 10.46 -45.24 1.20
CA GLU B 132 9.29 -46.08 1.32
C GLU B 132 9.60 -47.37 2.08
N PHE B 133 9.24 -47.41 3.35
CA PHE B 133 9.49 -48.59 4.18
C PHE B 133 8.24 -49.42 4.32
N GLN B 134 8.43 -50.72 4.54
CA GLN B 134 7.36 -51.62 4.96
C GLN B 134 7.69 -52.01 6.40
N PHE B 135 7.13 -51.28 7.35
CA PHE B 135 7.44 -51.50 8.75
C PHE B 135 6.65 -52.69 9.30
N CYS B 136 7.19 -53.29 10.36
CA CYS B 136 6.53 -54.39 11.02
C CYS B 136 5.51 -53.91 12.05
N ASN B 137 4.76 -54.87 12.59
CA ASN B 137 3.85 -54.57 13.70
C ASN B 137 4.62 -54.31 14.98
N ASP B 138 5.79 -54.91 15.15
CA ASP B 138 6.61 -54.75 16.34
C ASP B 138 8.05 -54.53 15.94
N PRO B 139 8.40 -53.32 15.52
CA PRO B 139 9.78 -53.05 15.17
C PRO B 139 10.64 -52.82 16.40
N PHE B 140 11.86 -53.34 16.36
CA PHE B 140 12.75 -53.17 17.51
C PHE B 140 14.18 -53.45 17.09
N LEU B 141 15.07 -53.24 18.05
CA LEU B 141 16.45 -53.65 17.94
C LEU B 141 16.71 -54.66 19.04
N GLY B 142 17.91 -55.22 19.07
CA GLY B 142 18.16 -56.24 20.06
C GLY B 142 19.62 -56.45 20.38
N VAL B 143 19.94 -56.45 21.68
CA VAL B 143 21.29 -56.63 22.19
C VAL B 143 21.38 -58.00 22.83
N TYR B 144 22.49 -58.68 22.61
CA TYR B 144 22.73 -60.01 23.16
C TYR B 144 23.87 -59.97 24.16
N TYR B 145 23.72 -60.74 25.24
CA TYR B 145 24.65 -60.74 26.36
C TYR B 145 25.29 -62.11 26.52
N HIS B 146 26.61 -62.16 26.41
CA HIS B 146 27.38 -63.39 26.61
C HIS B 146 28.12 -63.30 27.94
N LYS B 147 28.28 -64.44 28.62
CA LYS B 147 29.15 -64.46 29.79
C LYS B 147 30.53 -64.99 29.45
N ASN B 148 30.61 -66.03 28.62
CA ASN B 148 31.89 -66.56 28.19
C ASN B 148 32.74 -65.43 27.61
N ASN B 149 32.14 -64.66 26.72
CA ASN B 149 32.76 -63.47 26.15
C ASN B 149 32.25 -62.35 27.05
N LYS B 150 33.12 -61.44 27.46
CA LYS B 150 32.72 -60.38 28.37
C LYS B 150 32.15 -59.20 27.58
N SER B 151 30.88 -59.29 27.16
CA SER B 151 30.38 -58.24 26.27
C SER B 151 28.88 -58.34 26.05
N TRP B 152 28.25 -57.17 26.01
CA TRP B 152 26.94 -56.96 25.39
C TRP B 152 27.18 -56.48 23.96
N MET B 153 26.57 -57.15 22.99
CA MET B 153 26.78 -56.78 21.59
C MET B 153 25.43 -56.59 20.89
N GLU B 154 25.42 -55.70 19.89
CA GLU B 154 24.23 -55.43 19.11
C GLU B 154 24.00 -56.56 18.12
N SER B 155 22.84 -57.20 18.20
CA SER B 155 22.57 -58.39 17.40
C SER B 155 21.46 -58.22 16.37
N GLU B 156 20.26 -57.82 16.77
CA GLU B 156 19.14 -57.75 15.83
C GLU B 156 18.78 -56.31 15.49
N PHE B 157 18.31 -56.11 14.26
CA PHE B 157 17.76 -54.85 13.77
C PHE B 157 16.54 -55.22 12.94
N ARG B 158 15.37 -55.30 13.58
CA ARG B 158 14.16 -55.78 12.92
C ARG B 158 13.15 -54.64 12.88
N VAL B 159 13.26 -53.80 11.86
CA VAL B 159 12.40 -52.64 11.69
C VAL B 159 11.52 -52.76 10.46
N TYR B 160 12.14 -52.93 9.30
CA TYR B 160 11.41 -52.92 8.03
C TYR B 160 11.78 -54.13 7.20
N SER B 161 10.94 -54.40 6.20
CA SER B 161 11.22 -55.46 5.24
C SER B 161 11.86 -54.92 3.97
N SER B 162 11.36 -53.78 3.47
CA SER B 162 11.83 -53.23 2.21
C SER B 162 12.01 -51.72 2.33
N ALA B 163 12.78 -51.16 1.41
CA ALA B 163 12.99 -49.72 1.31
C ALA B 163 13.26 -49.38 -0.15
N ASN B 164 12.23 -48.89 -0.84
CA ASN B 164 12.32 -48.83 -2.30
C ASN B 164 12.81 -47.52 -2.89
N ASN B 165 12.08 -46.43 -2.69
CA ASN B 165 12.30 -45.20 -3.45
C ASN B 165 12.69 -44.12 -2.45
N CYS B 166 13.95 -44.17 -2.04
CA CYS B 166 14.48 -43.25 -1.03
C CYS B 166 14.73 -41.88 -1.58
N THR B 167 14.45 -40.87 -0.77
CA THR B 167 14.66 -39.50 -1.20
C THR B 167 15.74 -38.78 -0.41
N PHE B 168 15.85 -39.03 0.88
CA PHE B 168 16.78 -38.34 1.76
C PHE B 168 17.51 -39.38 2.61
N GLU B 169 18.81 -39.17 2.80
CA GLU B 169 19.61 -40.10 3.58
C GLU B 169 20.77 -39.36 4.23
N TYR B 170 20.98 -39.65 5.52
CA TYR B 170 22.11 -39.11 6.27
C TYR B 170 22.61 -40.18 7.23
N VAL B 171 23.94 -40.32 7.31
CA VAL B 171 24.58 -41.25 8.23
C VAL B 171 25.71 -40.53 8.93
N SER B 172 25.68 -40.55 10.27
CA SER B 172 26.66 -39.84 11.09
C SER B 172 28.01 -40.54 11.05
N GLN B 173 29.03 -39.91 11.65
CA GLN B 173 30.32 -40.56 11.79
C GLN B 173 30.23 -41.74 12.75
N PRO B 174 31.07 -42.76 12.58
CA PRO B 174 30.96 -43.95 13.40
C PRO B 174 31.38 -43.70 14.84
N PHE B 175 30.75 -44.43 15.75
CA PHE B 175 31.11 -44.43 17.16
C PHE B 175 30.80 -45.82 17.71
N LEU B 176 30.76 -45.94 19.03
CA LEU B 176 30.33 -47.16 19.68
C LEU B 176 29.72 -46.82 21.03
N MET B 177 28.44 -47.17 21.21
CA MET B 177 27.76 -46.93 22.47
C MET B 177 28.15 -48.01 23.48
N ASP B 178 27.53 -47.95 24.65
CA ASP B 178 27.91 -48.83 25.75
C ASP B 178 27.09 -50.12 25.74
N LEU B 179 25.76 -49.99 25.63
CA LEU B 179 24.83 -51.11 25.55
C LEU B 179 24.78 -51.92 26.82
N GLU B 180 25.62 -51.60 27.80
CA GLU B 180 25.73 -52.40 29.02
C GLU B 180 24.57 -52.10 29.94
N GLY B 181 23.99 -53.15 30.52
CA GLY B 181 22.80 -52.98 31.34
C GLY B 181 23.15 -52.62 32.78
N LYS B 182 22.76 -51.42 33.19
CA LYS B 182 23.01 -50.94 34.55
C LYS B 182 21.88 -51.40 35.47
N GLN B 183 22.03 -51.16 36.77
CA GLN B 183 21.08 -51.64 37.75
C GLN B 183 20.73 -50.59 38.80
N GLY B 184 21.14 -49.33 38.59
CA GLY B 184 20.91 -48.31 39.58
C GLY B 184 19.57 -47.62 39.41
N ASN B 185 19.59 -46.30 39.33
CA ASN B 185 18.40 -45.50 39.05
C ASN B 185 18.59 -44.79 37.72
N PHE B 186 17.49 -44.21 37.22
CA PHE B 186 17.55 -43.48 35.98
C PHE B 186 18.51 -42.31 36.09
N LYS B 187 19.53 -42.31 35.24
CA LYS B 187 20.60 -41.32 35.33
C LYS B 187 20.61 -40.33 34.18
N ASN B 188 19.80 -40.51 33.14
CA ASN B 188 19.85 -39.65 31.97
C ASN B 188 18.45 -39.28 31.55
N LEU B 189 18.20 -37.98 31.40
CA LEU B 189 16.97 -37.47 30.83
C LEU B 189 17.28 -36.85 29.49
N ARG B 190 16.51 -37.22 28.47
CA ARG B 190 16.70 -36.68 27.14
C ARG B 190 15.36 -36.18 26.63
N GLU B 191 15.29 -34.92 26.23
CA GLU B 191 14.04 -34.32 25.80
C GLU B 191 14.17 -33.81 24.37
N PHE B 192 13.12 -34.02 23.59
CA PHE B 192 13.06 -33.66 22.19
C PHE B 192 11.75 -32.96 21.90
N VAL B 193 11.80 -32.02 20.97
CA VAL B 193 10.61 -31.41 20.40
C VAL B 193 10.68 -31.62 18.90
N PHE B 194 9.62 -32.23 18.35
CA PHE B 194 9.50 -32.51 16.92
C PHE B 194 8.41 -31.64 16.33
N LYS B 195 8.76 -30.85 15.32
CA LYS B 195 7.81 -30.04 14.57
C LYS B 195 7.95 -30.38 13.09
N ASN B 196 6.88 -30.14 12.33
CA ASN B 196 6.83 -30.48 10.91
C ASN B 196 6.07 -29.37 10.17
N ILE B 197 6.79 -28.45 9.55
CA ILE B 197 6.16 -27.31 8.88
C ILE B 197 6.91 -26.98 7.60
N ASP B 198 6.17 -26.72 6.52
CA ASP B 198 6.74 -26.40 5.20
C ASP B 198 7.74 -27.45 4.74
N GLY B 199 7.40 -28.72 4.92
CA GLY B 199 8.29 -29.76 4.51
C GLY B 199 9.59 -29.82 5.27
N TYR B 200 9.69 -29.11 6.38
CA TYR B 200 10.85 -29.16 7.25
C TYR B 200 10.47 -29.89 8.51
N PHE B 201 11.27 -30.87 8.89
CA PHE B 201 11.14 -31.58 10.15
C PHE B 201 12.19 -31.00 11.09
N LYS B 202 11.75 -30.23 12.08
CA LYS B 202 12.64 -29.56 13.01
C LYS B 202 12.71 -30.33 14.30
N ILE B 203 13.93 -30.51 14.80
CA ILE B 203 14.19 -31.25 16.03
C ILE B 203 14.97 -30.34 16.96
N TYR B 204 14.42 -30.14 18.17
CA TYR B 204 15.09 -29.48 19.29
C TYR B 204 15.38 -30.51 20.36
N SER B 205 16.49 -30.35 21.07
CA SER B 205 16.94 -31.41 21.96
C SER B 205 17.67 -30.83 23.17
N LYS B 206 17.61 -31.58 24.27
CA LYS B 206 18.40 -31.25 25.46
C LYS B 206 18.64 -32.51 26.28
N HIS B 207 19.87 -32.65 26.76
CA HIS B 207 20.27 -33.77 27.61
C HIS B 207 20.56 -33.24 29.01
N THR B 208 20.14 -33.99 30.03
CA THR B 208 20.35 -33.57 31.41
C THR B 208 20.69 -34.76 32.31
N PRO B 209 21.62 -34.56 33.24
CA PRO B 209 21.94 -35.61 34.21
C PRO B 209 21.00 -35.53 35.41
N ILE B 210 20.38 -36.67 35.73
CA ILE B 210 19.43 -36.74 36.84
C ILE B 210 19.79 -37.94 37.72
N ASN B 211 19.00 -38.12 38.76
CA ASN B 211 19.11 -39.25 39.68
C ASN B 211 17.70 -39.45 40.24
N LEU B 212 16.96 -40.39 39.67
CA LEU B 212 15.53 -40.44 39.91
C LEU B 212 15.06 -41.89 39.75
N VAL B 213 13.84 -42.18 40.18
CA VAL B 213 13.33 -43.53 40.16
C VAL B 213 12.09 -43.67 39.26
N ARG B 214 11.32 -42.60 39.09
CA ARG B 214 10.11 -42.66 38.29
C ARG B 214 9.57 -41.25 38.08
N ASP B 215 8.44 -41.16 37.37
CA ASP B 215 7.62 -39.95 37.42
C ASP B 215 8.36 -38.68 37.05
N LEU B 216 8.55 -38.46 35.74
CA LEU B 216 9.42 -37.41 35.17
C LEU B 216 9.48 -36.17 36.03
N PRO B 217 10.67 -35.65 36.31
CA PRO B 217 10.84 -34.66 37.37
C PRO B 217 10.34 -33.27 37.01
N GLN B 218 10.46 -32.36 37.97
CA GLN B 218 10.21 -30.95 37.78
C GLN B 218 11.51 -30.22 37.54
N GLY B 219 11.41 -28.97 37.12
CA GLY B 219 12.58 -28.18 36.79
C GLY B 219 12.35 -27.44 35.50
N PHE B 220 13.37 -26.68 35.10
CA PHE B 220 13.27 -25.90 33.88
C PHE B 220 14.60 -25.98 33.14
N SER B 221 14.54 -26.43 31.89
CA SER B 221 15.68 -26.36 30.99
C SER B 221 15.15 -26.18 29.58
N ALA B 222 15.77 -25.27 28.84
CA ALA B 222 15.32 -24.92 27.50
C ALA B 222 16.06 -25.75 26.47
N LEU B 223 15.32 -26.29 25.50
CA LEU B 223 15.89 -27.14 24.47
C LEU B 223 16.45 -26.30 23.34
N GLU B 224 17.62 -26.68 22.86
CA GLU B 224 18.28 -25.91 21.82
C GLU B 224 18.07 -26.53 20.46
N PRO B 225 18.11 -25.74 19.38
CA PRO B 225 17.84 -26.28 18.05
C PRO B 225 18.89 -27.31 17.65
N LEU B 226 18.41 -28.48 17.24
CA LEU B 226 19.28 -29.57 16.82
C LEU B 226 19.42 -29.64 15.30
N VAL B 227 18.32 -29.74 14.55
CA VAL B 227 18.43 -29.89 13.10
C VAL B 227 17.11 -29.56 12.41
N ASP B 228 17.20 -29.24 11.11
CA ASP B 228 16.04 -29.08 10.22
C ASP B 228 16.26 -30.01 9.03
N LEU B 229 15.45 -31.03 8.91
CA LEU B 229 15.58 -31.94 7.78
C LEU B 229 14.58 -31.57 6.70
N PRO B 230 15.01 -31.43 5.45
CA PRO B 230 14.07 -31.12 4.36
C PRO B 230 13.46 -32.38 3.73
N ILE B 231 12.48 -32.96 4.42
CA ILE B 231 11.94 -34.25 4.03
C ILE B 231 10.71 -34.12 3.15
N GLY B 232 9.86 -33.12 3.39
CA GLY B 232 8.73 -32.87 2.51
C GLY B 232 7.68 -33.95 2.44
N ILE B 233 7.40 -34.62 3.56
CA ILE B 233 6.39 -35.67 3.59
C ILE B 233 5.27 -35.29 4.54
N ASN B 234 4.18 -36.04 4.48
CA ASN B 234 3.05 -35.85 5.37
C ASN B 234 3.21 -36.79 6.55
N ILE B 235 2.99 -36.28 7.76
CA ILE B 235 3.18 -37.04 8.98
C ILE B 235 1.94 -36.90 9.85
N THR B 236 1.37 -38.02 10.27
CA THR B 236 0.22 -38.01 11.15
C THR B 236 0.34 -39.00 12.29
N ARG B 237 1.28 -39.95 12.23
CA ARG B 237 1.47 -40.94 13.28
C ARG B 237 2.96 -41.18 13.45
N PHE B 238 3.33 -41.74 14.59
CA PHE B 238 4.72 -42.09 14.84
C PHE B 238 4.79 -43.22 15.85
N GLN B 239 5.98 -43.79 15.98
CA GLN B 239 6.18 -44.96 16.84
C GLN B 239 7.63 -45.00 17.31
N THR B 240 7.83 -45.50 18.52
CA THR B 240 9.15 -45.50 19.14
C THR B 240 9.85 -46.83 18.93
N LEU B 241 11.17 -46.78 18.82
CA LEU B 241 12.00 -47.95 18.59
C LEU B 241 12.78 -48.26 19.85
N LEU B 242 12.51 -49.43 20.44
CA LEU B 242 13.17 -49.86 21.67
C LEU B 242 14.14 -51.00 21.38
N ALA B 243 15.08 -51.19 22.29
CA ALA B 243 16.04 -52.26 22.21
C ALA B 243 15.67 -53.39 23.15
N LEU B 244 15.97 -54.62 22.72
CA LEU B 244 15.63 -55.83 23.45
C LEU B 244 16.88 -56.39 24.12
N HIS B 245 16.66 -57.28 25.08
CA HIS B 245 17.75 -57.96 25.76
C HIS B 245 17.58 -59.46 25.64
N ARG B 246 18.60 -60.13 25.14
CA ARG B 246 18.59 -61.57 25.00
C ARG B 246 19.90 -62.13 25.54
N SER B 247 19.81 -63.19 26.33
CA SER B 247 20.98 -63.82 26.92
C SER B 247 20.65 -65.26 27.24
N TYR B 248 21.53 -65.90 28.01
CA TYR B 248 21.37 -67.31 28.32
C TYR B 248 20.19 -67.58 29.24
N LEU B 249 19.59 -66.52 29.81
CA LEU B 249 18.45 -66.69 30.68
C LEU B 249 17.12 -66.47 29.97
N THR B 250 17.13 -66.24 28.66
CA THR B 250 15.91 -66.00 27.90
C THR B 250 15.68 -67.16 26.93
N PRO B 251 15.14 -68.29 27.38
CA PRO B 251 15.07 -69.46 26.50
C PRO B 251 14.17 -69.26 25.29
N GLY B 252 12.88 -69.06 25.52
CA GLY B 252 11.90 -68.76 24.47
C GLY B 252 12.10 -69.57 23.20
N ASP B 253 11.70 -68.97 22.08
CA ASP B 253 12.30 -69.39 20.82
C ASP B 253 12.99 -68.22 20.14
N SER B 254 12.20 -67.25 19.68
CA SER B 254 12.68 -65.92 19.29
C SER B 254 11.63 -64.86 19.55
N SER B 255 10.50 -65.25 20.14
CA SER B 255 9.37 -64.34 20.32
C SER B 255 8.85 -64.40 21.75
N SER B 256 9.43 -65.28 22.57
CA SER B 256 9.09 -65.35 23.98
C SER B 256 10.35 -65.30 24.83
N GLY B 257 11.51 -65.53 24.22
CA GLY B 257 12.77 -65.48 24.92
C GLY B 257 13.45 -64.13 24.85
N TRP B 258 12.90 -63.14 25.56
CA TRP B 258 13.48 -61.81 25.59
C TRP B 258 13.19 -61.17 26.94
N THR B 259 14.10 -60.33 27.39
CA THR B 259 13.91 -59.52 28.58
C THR B 259 13.84 -58.06 28.17
N ALA B 260 13.03 -57.29 28.89
CA ALA B 260 12.74 -55.92 28.48
C ALA B 260 13.91 -54.98 28.81
N GLY B 261 14.23 -54.86 30.08
CA GLY B 261 15.15 -53.83 30.51
C GLY B 261 14.48 -52.86 31.45
N ALA B 262 14.94 -51.60 31.40
CA ALA B 262 14.37 -50.57 32.25
C ALA B 262 14.48 -49.21 31.59
N ALA B 263 13.35 -48.64 31.19
CA ALA B 263 13.34 -47.29 30.67
C ALA B 263 11.92 -46.76 30.75
N ALA B 264 11.79 -45.44 30.66
CA ALA B 264 10.45 -44.85 30.61
C ALA B 264 10.46 -43.67 29.66
N TYR B 265 9.33 -43.44 29.00
CA TYR B 265 9.22 -42.28 28.14
C TYR B 265 7.82 -41.69 28.19
N TYR B 266 7.75 -40.39 27.98
CA TYR B 266 6.56 -39.59 28.16
C TYR B 266 6.31 -38.79 26.91
N VAL B 267 5.04 -38.68 26.52
CA VAL B 267 4.65 -38.06 25.28
C VAL B 267 3.60 -36.98 25.56
N GLY B 268 3.81 -35.78 25.01
CA GLY B 268 2.81 -34.74 25.07
C GLY B 268 2.75 -34.01 23.73
N TYR B 269 1.69 -33.23 23.55
CA TYR B 269 1.41 -32.59 22.27
C TYR B 269 1.46 -31.08 22.40
N LEU B 270 2.01 -30.42 21.38
CA LEU B 270 2.15 -28.98 21.37
C LEU B 270 0.89 -28.32 20.82
N GLN B 271 0.65 -27.09 21.26
CA GLN B 271 -0.41 -26.24 20.74
C GLN B 271 0.12 -24.82 20.61
N PRO B 272 -0.54 -23.98 19.81
CA PRO B 272 -0.08 -22.59 19.67
C PRO B 272 -0.42 -21.74 20.88
N ARG B 273 0.61 -21.31 21.60
CA ARG B 273 0.48 -20.53 22.82
C ARG B 273 1.38 -19.30 22.76
N THR B 274 1.11 -18.37 23.65
CA THR B 274 1.97 -17.22 23.90
C THR B 274 2.68 -17.43 25.22
N PHE B 275 4.00 -17.36 25.20
CA PHE B 275 4.82 -17.51 26.39
C PHE B 275 5.61 -16.23 26.62
N LEU B 276 6.02 -16.03 27.85
CA LEU B 276 6.91 -14.93 28.22
C LEU B 276 8.17 -15.55 28.78
N LEU B 277 9.27 -15.47 28.01
CA LEU B 277 10.53 -16.09 28.37
C LEU B 277 11.43 -15.06 29.05
N LYS B 278 12.28 -15.55 29.93
CA LYS B 278 13.20 -14.70 30.68
C LYS B 278 14.63 -15.09 30.37
N TYR B 279 15.41 -14.17 29.83
CA TYR B 279 16.81 -14.36 29.55
C TYR B 279 17.63 -13.71 30.66
N ASN B 280 18.55 -14.45 31.24
CA ASN B 280 19.45 -13.87 32.23
C ASN B 280 20.55 -13.09 31.51
N GLU B 281 21.56 -12.64 32.26
CA GLU B 281 22.59 -11.81 31.62
C GLU B 281 23.47 -12.60 30.69
N ASN B 282 23.58 -13.92 30.90
CA ASN B 282 24.41 -14.77 30.07
C ASN B 282 23.70 -15.22 28.81
N GLY B 283 22.42 -14.91 28.66
CA GLY B 283 21.72 -15.24 27.44
C GLY B 283 20.91 -16.52 27.50
N THR B 284 20.79 -17.12 28.68
CA THR B 284 20.07 -18.37 28.86
C THR B 284 18.64 -18.12 29.28
N ILE B 285 17.71 -18.91 28.74
CA ILE B 285 16.32 -18.84 29.17
C ILE B 285 16.21 -19.62 30.48
N THR B 286 15.84 -18.93 31.55
CA THR B 286 15.78 -19.55 32.87
C THR B 286 14.36 -19.66 33.43
N ASP B 287 13.38 -18.99 32.84
CA ASP B 287 12.01 -19.11 33.32
C ASP B 287 11.06 -18.67 32.23
N ALA B 288 9.79 -19.04 32.41
CA ALA B 288 8.77 -18.72 31.43
C ALA B 288 7.42 -18.64 32.11
N VAL B 289 6.52 -17.90 31.49
CA VAL B 289 5.13 -17.75 31.94
C VAL B 289 4.22 -18.12 30.78
N ASP B 290 3.28 -19.02 31.04
CA ASP B 290 2.28 -19.41 30.06
C ASP B 290 1.09 -18.47 30.16
N CYS B 291 0.96 -17.57 29.19
CA CYS B 291 0.02 -16.46 29.28
C CYS B 291 -1.43 -16.87 29.09
N ALA B 292 -1.74 -18.16 29.17
CA ALA B 292 -3.14 -18.58 29.04
C ALA B 292 -3.47 -19.70 30.01
N LEU B 293 -2.62 -19.93 31.02
CA LEU B 293 -2.89 -20.99 31.98
C LEU B 293 -3.95 -20.58 32.98
N ASP B 294 -3.80 -19.41 33.59
CA ASP B 294 -4.73 -18.91 34.59
C ASP B 294 -4.98 -17.44 34.30
N PRO B 295 -5.88 -16.79 35.06
CA PRO B 295 -5.90 -15.32 35.04
C PRO B 295 -4.68 -14.70 35.71
N LEU B 296 -4.12 -15.37 36.72
CA LEU B 296 -2.90 -14.87 37.34
C LEU B 296 -1.78 -14.75 36.31
N SER B 297 -1.61 -15.78 35.48
CA SER B 297 -0.58 -15.73 34.46
C SER B 297 -0.93 -14.73 33.36
N GLU B 298 -2.22 -14.59 33.06
CA GLU B 298 -2.65 -13.54 32.14
C GLU B 298 -2.16 -12.18 32.62
N THR B 299 -2.30 -11.91 33.92
CA THR B 299 -1.87 -10.63 34.45
C THR B 299 -0.35 -10.52 34.50
N LYS B 300 0.33 -11.59 34.90
CA LYS B 300 1.79 -11.61 34.87
C LYS B 300 2.30 -11.27 33.48
N CYS B 301 1.57 -11.70 32.46
CA CYS B 301 2.07 -11.59 31.10
C CYS B 301 1.71 -10.25 30.50
N THR B 302 0.53 -9.71 30.84
CA THR B 302 0.18 -8.36 30.40
C THR B 302 0.97 -7.30 31.16
N LEU B 303 1.45 -7.63 32.36
CA LEU B 303 2.33 -6.73 33.10
C LEU B 303 3.76 -6.82 32.63
N LYS B 304 4.12 -7.87 31.89
CA LYS B 304 5.50 -8.14 31.51
C LYS B 304 6.40 -8.15 32.74
N SER B 305 6.00 -8.93 33.73
CA SER B 305 6.77 -9.11 34.94
C SER B 305 6.37 -10.43 35.58
N PHE B 306 7.28 -10.99 36.36
CA PHE B 306 7.03 -12.26 37.03
C PHE B 306 6.42 -12.08 38.42
N THR B 307 6.34 -10.85 38.91
CA THR B 307 5.79 -10.56 40.23
C THR B 307 4.56 -9.68 40.06
N VAL B 308 3.52 -9.98 40.82
CA VAL B 308 2.30 -9.18 40.82
C VAL B 308 2.11 -8.61 42.22
N GLU B 309 1.77 -7.33 42.28
CA GLU B 309 1.57 -6.64 43.55
C GLU B 309 0.11 -6.70 43.94
N LYS B 310 -0.15 -6.63 45.25
CA LYS B 310 -1.50 -6.73 45.78
C LYS B 310 -2.46 -5.81 45.05
N GLY B 311 -3.64 -6.33 44.72
CA GLY B 311 -4.63 -5.50 44.07
C GLY B 311 -5.63 -6.33 43.28
N ILE B 312 -6.34 -5.64 42.39
CA ILE B 312 -7.30 -6.25 41.50
C ILE B 312 -7.01 -5.74 40.10
N TYR B 313 -7.00 -6.66 39.12
CA TYR B 313 -6.59 -6.34 37.77
C TYR B 313 -7.63 -6.83 36.77
N GLN B 314 -7.86 -6.06 35.72
CA GLN B 314 -8.75 -6.47 34.66
C GLN B 314 -8.03 -7.41 33.71
N THR B 315 -8.69 -8.49 33.33
CA THR B 315 -8.16 -9.44 32.36
C THR B 315 -9.06 -9.45 31.13
N SER B 316 -8.82 -10.34 30.17
CA SER B 316 -9.62 -10.36 28.95
C SER B 316 -11.03 -10.85 29.24
N ASN B 317 -11.96 -10.48 28.36
CA ASN B 317 -13.34 -10.90 28.48
C ASN B 317 -13.43 -12.42 28.45
N PHE B 318 -14.57 -12.96 28.88
CA PHE B 318 -14.75 -14.39 28.94
C PHE B 318 -14.95 -14.95 27.53
N ARG B 319 -14.05 -15.81 27.10
CA ARG B 319 -14.07 -16.37 25.75
C ARG B 319 -14.65 -17.77 25.76
N VAL B 320 -15.38 -18.09 24.69
CA VAL B 320 -15.86 -19.44 24.44
C VAL B 320 -15.36 -19.87 23.08
N GLN B 321 -14.85 -21.10 23.00
CA GLN B 321 -14.30 -21.61 21.75
C GLN B 321 -15.36 -22.37 20.97
N PRO B 322 -15.30 -22.29 19.64
CA PRO B 322 -16.27 -23.04 18.82
C PRO B 322 -16.01 -24.54 18.87
N THR B 323 -17.10 -25.29 18.87
CA THR B 323 -17.03 -26.74 19.03
C THR B 323 -17.13 -27.49 17.71
N GLU B 324 -17.84 -26.93 16.74
CA GLU B 324 -18.08 -27.59 15.47
C GLU B 324 -17.83 -26.62 14.32
N SER B 325 -17.91 -27.17 13.11
CA SER B 325 -17.83 -26.41 11.87
C SER B 325 -18.95 -26.88 10.96
N ILE B 326 -19.71 -25.93 10.40
CA ILE B 326 -20.82 -26.28 9.53
C ILE B 326 -20.71 -25.50 8.22
N VAL B 327 -21.22 -26.11 7.15
CA VAL B 327 -21.28 -25.51 5.83
C VAL B 327 -22.71 -25.64 5.34
N ARG B 328 -23.25 -24.58 4.77
CA ARG B 328 -24.62 -24.59 4.25
C ARG B 328 -24.64 -23.94 2.87
N PHE B 329 -24.66 -24.75 1.84
CA PHE B 329 -24.79 -24.31 0.46
C PHE B 329 -26.15 -24.72 -0.07
N PRO B 330 -26.64 -24.07 -1.12
CA PRO B 330 -27.93 -24.45 -1.70
C PRO B 330 -27.87 -25.83 -2.34
N ASN B 331 -29.06 -26.35 -2.64
CA ASN B 331 -29.20 -27.66 -3.27
C ASN B 331 -28.97 -27.53 -4.77
N ILE B 332 -27.73 -27.78 -5.19
CA ILE B 332 -27.36 -27.72 -6.59
C ILE B 332 -26.74 -29.05 -6.98
N THR B 333 -27.17 -29.59 -8.12
CA THR B 333 -26.74 -30.90 -8.56
C THR B 333 -25.94 -30.88 -9.85
N ASN B 334 -26.36 -30.10 -10.85
CA ASN B 334 -25.69 -30.10 -12.13
C ASN B 334 -24.30 -29.49 -12.04
N LEU B 335 -23.50 -29.73 -13.07
CA LEU B 335 -22.20 -29.11 -13.22
C LEU B 335 -22.31 -27.99 -14.26
N CYS B 336 -21.48 -26.97 -14.12
CA CYS B 336 -21.59 -25.82 -14.99
C CYS B 336 -21.14 -26.17 -16.40
N PRO B 337 -21.66 -25.47 -17.40
CA PRO B 337 -21.32 -25.81 -18.79
C PRO B 337 -19.88 -25.47 -19.14
N PHE B 338 -18.95 -26.23 -18.57
CA PHE B 338 -17.54 -26.03 -18.87
C PHE B 338 -17.18 -26.46 -20.29
N GLY B 339 -17.98 -27.33 -20.88
CA GLY B 339 -17.65 -27.85 -22.19
C GLY B 339 -18.37 -27.18 -23.33
N GLU B 340 -19.29 -26.26 -23.04
CA GLU B 340 -19.88 -25.49 -24.12
C GLU B 340 -19.52 -24.02 -24.01
N VAL B 341 -18.60 -23.67 -23.12
CA VAL B 341 -18.02 -22.35 -23.04
C VAL B 341 -16.55 -22.36 -23.44
N PHE B 342 -15.81 -23.31 -22.89
CA PHE B 342 -14.39 -23.44 -23.19
C PHE B 342 -14.11 -24.45 -24.30
N ASN B 343 -15.15 -24.88 -25.00
CA ASN B 343 -14.98 -25.87 -26.06
C ASN B 343 -15.86 -25.67 -27.30
N ALA B 344 -16.66 -24.59 -27.30
CA ALA B 344 -17.54 -24.30 -28.43
C ALA B 344 -16.78 -24.44 -29.75
N THR B 345 -17.37 -25.15 -30.70
CA THR B 345 -16.76 -25.35 -32.00
C THR B 345 -16.46 -24.02 -32.68
N ARG B 346 -17.23 -23.00 -32.33
CA ARG B 346 -17.07 -21.67 -32.90
C ARG B 346 -17.44 -20.57 -31.91
N PHE B 347 -16.64 -19.52 -31.89
CA PHE B 347 -16.89 -18.39 -30.98
C PHE B 347 -17.47 -17.20 -31.73
N ALA B 348 -16.98 -16.01 -31.41
CA ALA B 348 -17.46 -14.80 -32.04
C ALA B 348 -16.28 -13.87 -32.25
N SER B 349 -16.47 -12.95 -33.18
CA SER B 349 -15.48 -11.91 -33.37
C SER B 349 -15.64 -10.86 -32.27
N VAL B 350 -14.62 -10.01 -32.13
CA VAL B 350 -14.53 -9.19 -30.92
C VAL B 350 -15.45 -7.98 -30.99
N TYR B 351 -15.77 -7.47 -32.17
CA TYR B 351 -16.62 -6.27 -32.22
C TYR B 351 -18.07 -6.61 -31.89
N ALA B 352 -18.50 -7.84 -32.11
CA ALA B 352 -19.82 -8.27 -31.69
C ALA B 352 -19.59 -9.46 -30.78
N TRP B 353 -19.27 -9.17 -29.52
CA TRP B 353 -18.86 -10.24 -28.65
C TRP B 353 -20.06 -10.88 -27.99
N ASN B 354 -19.98 -12.19 -27.77
CA ASN B 354 -21.09 -12.98 -27.16
C ASN B 354 -21.09 -12.80 -25.63
N ARG B 355 -22.25 -12.97 -25.00
CA ARG B 355 -22.43 -12.88 -23.53
C ARG B 355 -23.41 -13.97 -23.09
N LYS B 356 -22.92 -15.01 -22.43
CA LYS B 356 -23.77 -16.14 -21.97
C LYS B 356 -24.11 -15.98 -20.50
N ARG B 357 -25.33 -16.36 -20.10
CA ARG B 357 -25.80 -16.23 -18.70
C ARG B 357 -25.57 -17.56 -17.96
N ILE B 358 -24.82 -17.52 -16.86
CA ILE B 358 -24.53 -18.74 -16.04
C ILE B 358 -25.52 -18.73 -14.86
N SER B 359 -26.44 -19.70 -14.85
CA SER B 359 -27.46 -19.84 -13.79
C SER B 359 -27.14 -21.05 -12.90
N ASN B 360 -27.97 -21.30 -11.89
CA ASN B 360 -27.88 -22.36 -10.86
C ASN B 360 -27.15 -23.62 -11.34
N CYS B 361 -25.84 -23.71 -11.05
CA CYS B 361 -24.99 -24.89 -11.41
C CYS B 361 -23.82 -24.99 -10.42
N VAL B 362 -23.07 -26.09 -10.46
CA VAL B 362 -21.91 -26.30 -9.53
C VAL B 362 -20.61 -25.95 -10.27
N ALA B 363 -19.78 -25.10 -9.66
CA ALA B 363 -18.52 -24.63 -10.29
C ALA B 363 -17.33 -25.54 -9.91
N ASP B 364 -17.14 -26.63 -10.66
CA ASP B 364 -16.00 -27.56 -10.46
C ASP B 364 -15.02 -27.32 -11.60
N TYR B 365 -14.01 -26.47 -11.39
CA TYR B 365 -13.09 -26.13 -12.50
C TYR B 365 -11.90 -27.09 -12.55
N SER B 366 -11.99 -28.20 -11.83
CA SER B 366 -10.92 -29.20 -11.83
C SER B 366 -11.13 -30.15 -12.98
N VAL B 367 -12.33 -30.16 -13.53
CA VAL B 367 -12.66 -31.02 -14.67
C VAL B 367 -11.96 -30.54 -15.93
N LEU B 368 -11.39 -29.34 -15.86
CA LEU B 368 -10.69 -28.76 -17.00
C LEU B 368 -9.20 -29.08 -16.96
N TYR B 369 -8.74 -29.58 -15.82
CA TYR B 369 -7.33 -29.92 -15.62
C TYR B 369 -6.69 -30.86 -16.64
N ASN B 370 -7.49 -31.67 -17.31
CA ASN B 370 -6.94 -32.62 -18.27
C ASN B 370 -7.41 -32.34 -19.69
N SER B 371 -8.24 -31.32 -19.88
CA SER B 371 -8.73 -31.03 -21.22
C SER B 371 -8.07 -29.85 -21.93
N ALA B 372 -7.75 -28.79 -21.20
CA ALA B 372 -7.14 -27.63 -21.84
C ALA B 372 -6.21 -26.92 -20.87
N SER B 373 -5.07 -26.49 -21.40
CA SER B 373 -4.21 -25.53 -20.73
C SER B 373 -4.70 -24.13 -21.06
N PHE B 374 -4.24 -23.16 -20.29
CA PHE B 374 -4.72 -21.80 -20.50
C PHE B 374 -3.67 -20.82 -20.96
N SER B 375 -2.63 -20.59 -20.16
CA SER B 375 -1.55 -19.61 -20.33
C SER B 375 -1.94 -18.14 -20.16
N THR B 376 -3.21 -17.81 -20.03
CA THR B 376 -3.49 -16.55 -19.33
C THR B 376 -4.74 -16.79 -18.50
N PHE B 377 -4.64 -16.49 -17.21
CA PHE B 377 -5.75 -16.66 -16.25
C PHE B 377 -5.52 -15.73 -15.05
N LYS B 378 -6.21 -14.59 -15.02
CA LYS B 378 -6.02 -13.61 -13.93
C LYS B 378 -7.37 -13.24 -13.31
N CYS B 379 -7.45 -13.29 -11.98
CA CYS B 379 -8.70 -12.89 -11.26
C CYS B 379 -8.47 -11.50 -10.66
N TYR B 380 -9.53 -10.78 -10.30
CA TYR B 380 -9.37 -9.39 -9.89
C TYR B 380 -9.97 -9.08 -8.53
N GLY B 381 -11.23 -9.40 -8.30
CA GLY B 381 -11.80 -9.11 -7.02
C GLY B 381 -11.62 -10.17 -5.96
N VAL B 382 -10.95 -11.27 -6.30
CA VAL B 382 -10.93 -12.47 -5.48
C VAL B 382 -9.63 -13.22 -5.75
N SER B 383 -9.18 -13.95 -4.72
CA SER B 383 -7.95 -14.80 -4.80
C SER B 383 -8.34 -16.13 -5.45
N PRO B 384 -7.45 -16.77 -6.23
CA PRO B 384 -7.75 -18.06 -6.88
C PRO B 384 -7.87 -19.27 -5.95
N THR B 385 -7.40 -19.14 -4.70
CA THR B 385 -7.42 -20.27 -3.73
C THR B 385 -8.78 -20.34 -3.00
N LYS B 386 -9.67 -19.38 -3.24
CA LYS B 386 -11.00 -19.37 -2.55
C LYS B 386 -12.13 -19.43 -3.58
N LEU B 387 -11.87 -19.96 -4.78
CA LEU B 387 -12.90 -20.02 -5.85
C LEU B 387 -13.93 -21.12 -5.55
N ASN B 388 -13.49 -22.27 -5.01
CA ASN B 388 -14.43 -23.39 -4.73
C ASN B 388 -14.86 -23.35 -3.26
N ASP B 389 -15.19 -22.17 -2.74
CA ASP B 389 -15.62 -21.99 -1.33
C ASP B 389 -16.64 -20.86 -1.25
N LEU B 390 -17.00 -20.29 -2.41
CA LEU B 390 -17.90 -19.15 -2.46
C LEU B 390 -19.07 -19.46 -3.37
N CYS B 391 -20.13 -18.68 -3.20
CA CYS B 391 -21.28 -18.70 -4.09
C CYS B 391 -21.30 -17.38 -4.85
N PHE B 392 -21.61 -17.45 -6.14
CA PHE B 392 -21.56 -16.28 -6.99
C PHE B 392 -22.95 -15.91 -7.47
N THR B 393 -23.24 -14.59 -7.44
CA THR B 393 -24.60 -14.06 -7.73
C THR B 393 -24.88 -13.93 -9.24
N ASN B 394 -24.43 -12.85 -9.87
CA ASN B 394 -24.71 -12.62 -11.32
C ASN B 394 -23.56 -13.12 -12.18
N VAL B 395 -23.64 -14.36 -12.66
CA VAL B 395 -22.53 -14.93 -13.48
C VAL B 395 -22.84 -14.77 -14.98
N TYR B 396 -21.90 -14.16 -15.71
CA TYR B 396 -22.00 -13.95 -17.17
C TYR B 396 -20.66 -14.34 -17.80
N ALA B 397 -20.67 -14.88 -19.02
CA ALA B 397 -19.42 -15.30 -19.68
C ALA B 397 -19.31 -14.69 -21.08
N ASP B 398 -18.43 -13.69 -21.25
CA ASP B 398 -18.18 -13.09 -22.54
C ASP B 398 -17.09 -13.87 -23.24
N SER B 399 -17.08 -13.85 -24.56
CA SER B 399 -16.08 -14.62 -25.26
C SER B 399 -15.84 -14.01 -26.62
N PHE B 400 -14.57 -14.01 -27.04
CA PHE B 400 -14.24 -13.54 -28.38
C PHE B 400 -12.89 -14.11 -28.77
N VAL B 401 -12.37 -13.65 -29.91
CA VAL B 401 -11.08 -14.10 -30.43
C VAL B 401 -10.31 -12.87 -30.86
N ILE B 402 -9.11 -12.70 -30.33
CA ILE B 402 -8.29 -11.56 -30.72
C ILE B 402 -6.89 -12.01 -31.11
N ARG B 403 -6.03 -11.06 -31.41
CA ARG B 403 -4.64 -11.37 -31.71
C ARG B 403 -3.88 -11.68 -30.44
N GLY B 404 -2.74 -12.34 -30.60
CA GLY B 404 -1.96 -12.72 -29.43
C GLY B 404 -1.31 -11.55 -28.74
N ASP B 405 -1.04 -10.48 -29.47
CA ASP B 405 -0.41 -9.33 -28.86
C ASP B 405 -1.40 -8.47 -28.08
N GLU B 406 -2.68 -8.56 -28.41
CA GLU B 406 -3.67 -7.70 -27.79
C GLU B 406 -4.28 -8.31 -26.54
N VAL B 407 -3.83 -9.50 -26.14
CA VAL B 407 -4.32 -10.15 -24.93
C VAL B 407 -4.02 -9.34 -23.69
N ARG B 408 -2.93 -8.58 -23.69
CA ARG B 408 -2.62 -7.67 -22.61
C ARG B 408 -3.62 -6.53 -22.48
N GLN B 409 -4.42 -6.27 -23.52
CA GLN B 409 -5.37 -5.18 -23.48
C GLN B 409 -6.61 -5.53 -22.69
N ILE B 410 -6.85 -6.80 -22.41
CA ILE B 410 -8.05 -7.21 -21.67
C ILE B 410 -7.69 -7.11 -20.20
N ALA B 411 -7.80 -5.90 -19.67
CA ALA B 411 -7.50 -5.55 -18.29
C ALA B 411 -8.09 -4.18 -18.04
N PRO B 412 -8.48 -3.86 -16.81
CA PRO B 412 -8.98 -2.52 -16.52
C PRO B 412 -7.86 -1.50 -16.57
N GLY B 413 -8.16 -0.34 -17.16
CA GLY B 413 -7.18 0.70 -17.32
C GLY B 413 -6.16 0.38 -18.39
N GLN B 414 -6.62 0.16 -19.61
CA GLN B 414 -5.76 -0.13 -20.74
C GLN B 414 -6.15 0.76 -21.90
N THR B 415 -5.22 0.97 -22.82
CA THR B 415 -5.50 1.63 -24.08
C THR B 415 -5.00 0.76 -25.21
N GLY B 416 -5.33 1.17 -26.43
CA GLY B 416 -5.06 0.39 -27.60
C GLY B 416 -6.33 0.03 -28.31
N LYS B 417 -6.17 -0.64 -29.45
CA LYS B 417 -7.24 -0.81 -30.42
C LYS B 417 -8.42 -1.59 -29.87
N ILE B 418 -8.16 -2.61 -29.05
CA ILE B 418 -9.25 -3.42 -28.52
C ILE B 418 -9.89 -2.70 -27.35
N ALA B 419 -9.08 -2.17 -26.46
CA ALA B 419 -9.61 -1.55 -25.26
C ALA B 419 -10.25 -0.20 -25.50
N ASP B 420 -9.94 0.46 -26.61
CA ASP B 420 -10.55 1.76 -26.87
C ASP B 420 -11.97 1.60 -27.36
N TYR B 421 -12.17 0.91 -28.48
CA TYR B 421 -13.50 0.76 -29.02
C TYR B 421 -13.78 -0.65 -29.57
N ASN B 422 -13.42 -1.68 -28.81
CA ASN B 422 -13.94 -2.98 -29.14
C ASN B 422 -14.51 -3.68 -27.91
N TYR B 423 -13.84 -3.52 -26.78
CA TYR B 423 -14.23 -4.20 -25.55
C TYR B 423 -13.56 -3.49 -24.39
N LYS B 424 -14.34 -3.01 -23.44
CA LYS B 424 -13.84 -2.15 -22.37
C LYS B 424 -14.26 -2.72 -21.03
N LEU B 425 -13.30 -2.88 -20.12
CA LEU B 425 -13.66 -3.36 -18.80
C LEU B 425 -13.82 -2.20 -17.83
N PRO B 426 -14.73 -2.30 -16.87
CA PRO B 426 -14.82 -1.25 -15.86
C PRO B 426 -13.64 -1.29 -14.91
N ASP B 427 -13.45 -0.18 -14.20
CA ASP B 427 -12.31 -0.08 -13.29
C ASP B 427 -12.55 -0.85 -12.00
N ASP B 428 -13.81 -1.15 -11.70
CA ASP B 428 -14.18 -1.94 -10.52
C ASP B 428 -14.57 -3.36 -10.92
N PHE B 429 -13.85 -3.94 -11.88
CA PHE B 429 -14.16 -5.27 -12.38
C PHE B 429 -13.92 -6.33 -11.31
N THR B 430 -14.69 -7.42 -11.38
CA THR B 430 -14.67 -8.43 -10.34
C THR B 430 -14.31 -9.83 -10.82
N GLY B 431 -14.65 -10.20 -12.04
CA GLY B 431 -14.46 -11.57 -12.51
C GLY B 431 -13.04 -11.96 -12.83
N CYS B 432 -12.90 -12.90 -13.76
CA CYS B 432 -11.60 -13.43 -14.14
C CYS B 432 -11.49 -13.44 -15.65
N VAL B 433 -10.28 -13.25 -16.13
CA VAL B 433 -9.96 -13.19 -17.56
C VAL B 433 -9.12 -14.40 -17.91
N ILE B 434 -9.50 -15.08 -19.00
CA ILE B 434 -8.88 -16.33 -19.40
C ILE B 434 -8.60 -16.23 -20.88
N ALA B 435 -7.41 -16.64 -21.29
CA ALA B 435 -7.12 -16.64 -22.72
C ALA B 435 -6.13 -17.73 -23.04
N TRP B 436 -6.37 -18.38 -24.18
CA TRP B 436 -5.51 -19.46 -24.65
C TRP B 436 -5.27 -19.34 -26.15
N ASN B 437 -4.10 -19.80 -26.58
CA ASN B 437 -3.70 -19.77 -27.98
C ASN B 437 -4.58 -20.73 -28.78
N SER B 438 -4.93 -20.36 -30.01
CA SER B 438 -5.86 -21.17 -30.78
C SER B 438 -5.45 -21.28 -32.24
N ASN B 439 -4.14 -21.39 -32.50
CA ASN B 439 -3.68 -21.37 -33.88
C ASN B 439 -4.01 -22.67 -34.59
N ASN B 440 -4.13 -23.77 -33.86
CA ASN B 440 -4.46 -25.05 -34.48
C ASN B 440 -5.94 -25.18 -34.81
N LEU B 441 -6.75 -24.21 -34.44
CA LEU B 441 -8.19 -24.29 -34.66
C LEU B 441 -8.68 -23.20 -35.60
N ASP B 442 -8.36 -21.96 -35.30
CA ASP B 442 -8.99 -20.83 -35.95
C ASP B 442 -8.17 -20.24 -37.08
N SER B 443 -7.20 -20.97 -37.58
CA SER B 443 -6.44 -20.50 -38.73
C SER B 443 -6.45 -21.55 -39.82
N LYS B 444 -6.15 -21.12 -41.04
CA LYS B 444 -6.08 -22.03 -42.17
C LYS B 444 -5.15 -21.44 -43.23
N VAL B 445 -4.74 -22.31 -44.15
CA VAL B 445 -3.81 -21.93 -45.20
C VAL B 445 -4.46 -20.93 -46.14
N GLY B 446 -3.78 -19.81 -46.35
CA GLY B 446 -4.33 -18.72 -47.11
C GLY B 446 -5.02 -17.66 -46.29
N GLY B 447 -5.31 -17.95 -45.03
CA GLY B 447 -5.92 -16.97 -44.17
C GLY B 447 -7.38 -17.22 -43.87
N ASN B 448 -7.80 -16.95 -42.64
CA ASN B 448 -9.18 -17.09 -42.23
C ASN B 448 -9.71 -15.70 -41.91
N TYR B 449 -10.63 -15.21 -42.74
CA TYR B 449 -11.16 -13.85 -42.62
C TYR B 449 -12.57 -13.85 -42.05
N ASN B 450 -12.86 -14.73 -41.09
CA ASN B 450 -14.15 -14.72 -40.43
C ASN B 450 -14.15 -13.88 -39.17
N TYR B 451 -13.02 -13.28 -38.83
CA TYR B 451 -12.85 -12.59 -37.55
C TYR B 451 -12.50 -11.14 -37.81
N LEU B 452 -13.26 -10.23 -37.22
CA LEU B 452 -13.18 -8.82 -37.52
C LEU B 452 -12.98 -8.00 -36.26
N TYR B 453 -12.58 -6.75 -36.45
CA TYR B 453 -12.42 -5.82 -35.35
C TYR B 453 -12.68 -4.41 -35.85
N ARG B 454 -13.12 -3.55 -34.94
CA ARG B 454 -13.39 -2.16 -35.24
C ARG B 454 -12.10 -1.36 -35.17
N LEU B 455 -11.90 -0.47 -36.13
CA LEU B 455 -10.67 0.30 -36.18
C LEU B 455 -10.90 1.79 -35.97
N PHE B 456 -12.11 2.29 -36.18
CA PHE B 456 -12.37 3.71 -36.13
C PHE B 456 -13.64 4.00 -35.35
N ARG B 457 -13.57 4.98 -34.46
CA ARG B 457 -14.77 5.42 -33.77
C ARG B 457 -14.57 6.86 -33.34
N LYS B 458 -15.69 7.54 -33.09
CA LYS B 458 -15.63 8.93 -32.67
C LYS B 458 -15.08 9.05 -31.26
N SER B 459 -15.51 8.18 -30.36
CA SER B 459 -15.12 8.27 -28.97
C SER B 459 -14.87 6.87 -28.46
N ASN B 460 -14.28 6.80 -27.27
CA ASN B 460 -14.03 5.51 -26.66
C ASN B 460 -15.32 4.91 -26.16
N LEU B 461 -15.36 3.59 -26.09
CA LEU B 461 -16.53 2.92 -25.55
C LEU B 461 -16.63 3.14 -24.06
N LYS B 462 -17.84 3.06 -23.54
CA LYS B 462 -18.03 2.89 -22.12
C LYS B 462 -17.75 1.44 -21.80
N PRO B 463 -17.54 1.09 -20.53
CA PRO B 463 -17.34 -0.31 -20.18
C PRO B 463 -18.57 -1.17 -20.46
N PHE B 464 -18.31 -2.35 -21.03
CA PHE B 464 -19.28 -3.42 -21.25
C PHE B 464 -20.38 -3.02 -22.22
N GLU B 465 -20.08 -2.19 -23.21
CA GLU B 465 -21.03 -1.98 -24.29
C GLU B 465 -20.51 -2.54 -25.59
N ARG B 466 -21.39 -2.56 -26.59
CA ARG B 466 -21.15 -3.25 -27.84
C ARG B 466 -21.59 -2.35 -28.98
N ASP B 467 -20.74 -2.20 -29.97
CA ASP B 467 -21.02 -1.33 -31.11
C ASP B 467 -20.97 -2.18 -32.38
N ILE B 468 -22.14 -2.60 -32.86
CA ILE B 468 -22.23 -3.41 -34.06
C ILE B 468 -22.67 -2.59 -35.26
N SER B 469 -22.68 -1.27 -35.14
CA SER B 469 -23.03 -0.42 -36.26
C SER B 469 -21.92 -0.40 -37.29
N THR B 470 -22.31 -0.34 -38.56
CA THR B 470 -21.35 -0.30 -39.65
C THR B 470 -21.47 0.97 -40.47
N GLU B 471 -21.73 2.10 -39.80
CA GLU B 471 -21.76 3.37 -40.50
C GLU B 471 -20.34 3.80 -40.84
N ILE B 472 -20.22 4.51 -41.95
CA ILE B 472 -18.90 4.83 -42.48
C ILE B 472 -18.30 5.99 -41.70
N TYR B 473 -17.10 5.78 -41.17
CA TYR B 473 -16.44 6.76 -40.33
C TYR B 473 -15.93 7.92 -41.16
N GLN B 474 -16.19 9.13 -40.71
CA GLN B 474 -15.83 10.34 -41.44
C GLN B 474 -14.60 10.94 -40.81
N ALA B 475 -13.46 10.85 -41.50
CA ALA B 475 -12.23 11.38 -40.96
C ALA B 475 -12.01 12.85 -41.29
N GLY B 476 -12.78 13.38 -42.23
CA GLY B 476 -12.59 14.74 -42.70
C GLY B 476 -13.75 15.64 -42.35
N SER B 477 -13.70 16.85 -42.88
CA SER B 477 -14.72 17.84 -42.59
C SER B 477 -15.93 17.75 -43.51
N THR B 478 -15.75 17.25 -44.73
CA THR B 478 -16.88 17.14 -45.64
C THR B 478 -17.53 15.76 -45.52
N PRO B 479 -18.85 15.68 -45.49
CA PRO B 479 -19.50 14.38 -45.31
C PRO B 479 -19.41 13.53 -46.57
N CYS B 480 -19.80 12.27 -46.44
CA CYS B 480 -19.68 11.35 -47.57
C CYS B 480 -20.86 10.44 -47.79
N ASN B 481 -21.94 10.57 -47.02
CA ASN B 481 -23.29 10.12 -47.42
C ASN B 481 -23.37 8.62 -47.65
N GLY B 482 -22.51 7.86 -46.98
CA GLY B 482 -22.61 6.42 -47.06
C GLY B 482 -21.88 5.76 -48.20
N VAL B 483 -20.83 6.38 -48.72
CA VAL B 483 -19.93 5.70 -49.65
C VAL B 483 -18.52 5.81 -49.10
N GLU B 484 -17.68 4.84 -49.44
CA GLU B 484 -16.28 4.83 -49.01
C GLU B 484 -15.48 5.62 -50.02
N GLY B 485 -14.46 6.33 -49.55
CA GLY B 485 -13.69 7.13 -50.45
C GLY B 485 -12.73 8.09 -49.78
N PHE B 486 -12.80 9.36 -50.20
CA PHE B 486 -11.95 10.41 -49.67
C PHE B 486 -12.29 10.66 -48.21
N ASN B 487 -11.37 10.27 -47.31
CA ASN B 487 -11.46 10.48 -45.87
C ASN B 487 -12.69 9.82 -45.26
N CYS B 488 -13.14 8.71 -45.84
CA CYS B 488 -14.24 7.94 -45.29
C CYS B 488 -13.91 6.47 -45.45
N TYR B 489 -13.89 5.74 -44.33
CA TYR B 489 -13.44 4.36 -44.31
C TYR B 489 -14.50 3.46 -43.70
N PHE B 490 -14.55 2.23 -44.18
CA PHE B 490 -15.35 1.22 -43.52
C PHE B 490 -14.72 0.88 -42.19
N PRO B 491 -15.47 0.92 -41.09
CA PRO B 491 -14.87 0.87 -39.76
C PRO B 491 -14.46 -0.51 -39.28
N LEU B 492 -14.65 -1.57 -40.06
CA LEU B 492 -14.31 -2.92 -39.62
C LEU B 492 -13.25 -3.52 -40.53
N GLN B 493 -12.22 -4.10 -39.93
CA GLN B 493 -11.18 -4.80 -40.65
C GLN B 493 -11.13 -6.26 -40.20
N SER B 494 -10.43 -7.08 -40.98
CA SER B 494 -10.32 -8.50 -40.70
C SER B 494 -8.89 -8.85 -40.33
N TYR B 495 -8.74 -9.75 -39.37
CA TYR B 495 -7.44 -10.32 -39.11
C TYR B 495 -7.06 -11.27 -40.24
N GLY B 496 -5.77 -11.37 -40.50
CA GLY B 496 -5.27 -12.40 -41.40
C GLY B 496 -4.56 -13.51 -40.65
N PHE B 497 -5.21 -14.65 -40.47
CA PHE B 497 -4.67 -15.71 -39.63
C PHE B 497 -4.17 -16.85 -40.49
N GLN B 498 -2.97 -16.72 -41.04
CA GLN B 498 -2.38 -17.86 -41.72
C GLN B 498 -1.58 -18.67 -40.74
N PRO B 499 -1.47 -20.00 -40.91
CA PRO B 499 -1.02 -20.85 -39.79
C PRO B 499 0.42 -20.64 -39.37
N THR B 500 1.31 -20.27 -40.27
CA THR B 500 2.68 -19.98 -39.84
C THR B 500 2.84 -18.46 -39.81
N ASN B 501 2.37 -17.90 -38.71
CA ASN B 501 2.63 -16.50 -38.40
C ASN B 501 3.51 -16.46 -37.17
N GLY B 502 4.10 -15.29 -36.91
CA GLY B 502 4.73 -15.08 -35.62
C GLY B 502 3.70 -15.18 -34.52
N VAL B 503 4.08 -15.86 -33.44
CA VAL B 503 3.18 -16.00 -32.31
C VAL B 503 2.94 -14.62 -31.70
N GLY B 504 1.69 -14.31 -31.45
CA GLY B 504 1.26 -12.96 -31.20
C GLY B 504 0.53 -12.35 -32.36
N TYR B 505 0.71 -12.88 -33.57
CA TYR B 505 -0.24 -12.70 -34.65
C TYR B 505 -1.16 -13.89 -34.78
N GLN B 506 -0.96 -14.89 -33.99
CA GLN B 506 -1.80 -16.07 -34.00
C GLN B 506 -3.04 -15.82 -33.16
N PRO B 507 -4.16 -16.44 -33.50
CA PRO B 507 -5.42 -16.12 -32.83
C PRO B 507 -5.50 -16.71 -31.43
N TYR B 508 -6.12 -15.96 -30.53
CA TYR B 508 -6.32 -16.37 -29.15
C TYR B 508 -7.79 -16.29 -28.81
N ARG B 509 -8.28 -17.28 -28.07
CA ARG B 509 -9.63 -17.28 -27.57
C ARG B 509 -9.63 -16.74 -26.15
N VAL B 510 -10.51 -15.78 -25.89
CA VAL B 510 -10.57 -15.06 -24.62
C VAL B 510 -11.97 -15.19 -24.05
N VAL B 511 -12.06 -15.62 -22.80
CA VAL B 511 -13.31 -15.71 -22.07
C VAL B 511 -13.18 -14.82 -20.85
N VAL B 512 -14.19 -13.97 -20.62
CA VAL B 512 -14.19 -13.08 -19.43
C VAL B 512 -15.33 -13.53 -18.51
N LEU B 513 -14.99 -13.96 -17.29
CA LEU B 513 -16.02 -14.41 -16.32
C LEU B 513 -16.43 -13.21 -15.45
N SER B 514 -17.67 -12.76 -15.54
CA SER B 514 -18.13 -11.65 -14.68
C SER B 514 -19.05 -12.14 -13.56
N PHE B 515 -18.91 -11.60 -12.35
CA PHE B 515 -19.77 -12.02 -11.23
C PHE B 515 -19.70 -11.14 -9.98
N GLU B 516 -20.46 -11.51 -8.95
CA GLU B 516 -20.51 -10.79 -7.69
C GLU B 516 -20.33 -11.76 -6.52
N LEU B 517 -19.88 -11.25 -5.37
CA LEU B 517 -19.66 -12.09 -4.20
C LEU B 517 -20.44 -11.61 -2.97
N LEU B 518 -20.95 -12.56 -2.20
CA LEU B 518 -21.73 -12.26 -1.01
C LEU B 518 -22.80 -11.24 -1.33
N HIS B 519 -23.26 -10.51 -0.32
CA HIS B 519 -24.28 -9.48 -0.51
C HIS B 519 -25.66 -9.97 -0.97
N ALA B 520 -25.72 -10.71 -2.07
CA ALA B 520 -27.01 -11.18 -2.58
C ALA B 520 -27.13 -12.70 -2.73
N PRO B 521 -28.41 -13.16 -3.01
CA PRO B 521 -28.50 -14.62 -3.16
C PRO B 521 -27.71 -15.15 -4.35
N ALA B 522 -27.10 -16.31 -4.19
CA ALA B 522 -26.32 -16.90 -5.28
C ALA B 522 -26.89 -18.24 -5.68
N THR B 523 -26.41 -18.75 -6.81
CA THR B 523 -26.85 -20.05 -7.31
C THR B 523 -25.75 -20.88 -7.94
N VAL B 524 -24.49 -20.43 -7.90
CA VAL B 524 -23.44 -21.21 -8.55
C VAL B 524 -22.73 -22.09 -7.54
N CYS B 525 -22.09 -21.49 -6.55
CA CYS B 525 -21.38 -22.23 -5.52
C CYS B 525 -20.24 -23.05 -6.12
N GLY B 526 -19.49 -23.74 -5.25
CA GLY B 526 -18.39 -24.56 -5.69
C GLY B 526 -18.64 -26.04 -5.48
N PRO B 527 -17.59 -26.78 -5.12
CA PRO B 527 -17.72 -28.23 -4.91
C PRO B 527 -17.90 -28.59 -3.44
N LYS B 528 -17.84 -27.58 -2.57
CA LYS B 528 -18.01 -27.77 -1.13
C LYS B 528 -19.27 -28.57 -0.80
N LYS B 529 -19.21 -29.35 0.26
CA LYS B 529 -20.36 -30.16 0.67
C LYS B 529 -20.95 -29.65 1.96
N SER B 530 -22.28 -29.68 2.04
CA SER B 530 -23.00 -29.18 3.19
C SER B 530 -23.11 -30.15 4.36
N THR B 531 -23.47 -29.60 5.50
CA THR B 531 -23.63 -30.34 6.74
C THR B 531 -25.02 -30.05 7.29
N ASN B 532 -25.27 -30.48 8.52
CA ASN B 532 -26.53 -30.18 9.18
C ASN B 532 -26.43 -28.87 9.94
N LEU B 533 -27.58 -28.39 10.39
CA LEU B 533 -27.70 -27.12 11.07
C LEU B 533 -27.70 -27.37 12.58
N VAL B 534 -26.66 -26.88 13.26
CA VAL B 534 -26.55 -26.95 14.70
C VAL B 534 -26.88 -25.59 15.28
N LYS B 535 -27.93 -25.51 16.06
CA LYS B 535 -28.38 -24.27 16.67
C LYS B 535 -28.10 -24.29 18.15
N ASN B 536 -28.04 -23.09 18.74
CA ASN B 536 -27.86 -22.88 20.17
C ASN B 536 -26.49 -23.33 20.66
N LYS B 537 -25.48 -23.28 19.80
CA LYS B 537 -24.12 -23.64 20.17
C LYS B 537 -23.13 -22.74 19.45
N CYS B 538 -21.91 -22.70 19.95
CA CYS B 538 -20.86 -21.93 19.32
C CYS B 538 -20.21 -22.75 18.21
N VAL B 539 -20.36 -22.31 16.96
CA VAL B 539 -19.86 -23.04 15.81
C VAL B 539 -19.17 -22.07 14.87
N ASN B 540 -18.22 -22.59 14.10
CA ASN B 540 -17.80 -21.92 12.88
C ASN B 540 -18.81 -22.24 11.78
N PHE B 541 -19.16 -21.24 10.98
CA PHE B 541 -20.16 -21.45 9.97
C PHE B 541 -19.65 -20.93 8.63
N ASN B 542 -20.18 -21.52 7.57
CA ASN B 542 -19.93 -21.08 6.19
C ASN B 542 -21.29 -21.06 5.48
N PHE B 543 -21.88 -19.89 5.35
CA PHE B 543 -23.17 -19.71 4.69
C PHE B 543 -22.94 -19.07 3.34
N ASN B 544 -23.12 -19.84 2.27
CA ASN B 544 -22.98 -19.36 0.90
C ASN B 544 -21.63 -18.69 0.66
N GLY B 545 -20.59 -19.17 1.31
CA GLY B 545 -19.27 -18.61 1.17
C GLY B 545 -18.88 -17.65 2.26
N LEU B 546 -19.83 -17.10 2.99
CA LEU B 546 -19.56 -16.17 4.08
C LEU B 546 -19.22 -16.95 5.34
N THR B 547 -18.00 -16.79 5.83
CA THR B 547 -17.51 -17.54 6.97
C THR B 547 -17.66 -16.73 8.24
N GLY B 548 -17.68 -17.42 9.37
CA GLY B 548 -17.74 -16.71 10.64
C GLY B 548 -17.79 -17.66 11.81
N THR B 549 -17.99 -17.08 12.99
CA THR B 549 -18.08 -17.82 14.24
C THR B 549 -19.21 -17.24 15.08
N GLY B 550 -19.97 -18.09 15.74
CA GLY B 550 -20.98 -17.59 16.64
C GLY B 550 -22.03 -18.63 16.96
N VAL B 551 -23.14 -18.13 17.50
CA VAL B 551 -24.28 -18.94 17.91
C VAL B 551 -25.44 -18.61 16.99
N LEU B 552 -26.10 -19.63 16.46
CA LEU B 552 -27.21 -19.47 15.55
C LEU B 552 -28.51 -19.78 16.28
N THR B 553 -29.49 -18.89 16.16
CA THR B 553 -30.77 -19.07 16.81
C THR B 553 -31.89 -18.73 15.84
N GLU B 554 -33.08 -19.25 16.13
CA GLU B 554 -34.22 -18.97 15.29
C GLU B 554 -34.62 -17.50 15.40
N SER B 555 -35.09 -16.93 14.29
CA SER B 555 -35.26 -15.49 14.19
C SER B 555 -36.72 -15.13 13.94
N ASN B 556 -37.04 -13.86 14.19
CA ASN B 556 -38.34 -13.31 13.88
C ASN B 556 -38.30 -12.30 12.75
N LYS B 557 -37.11 -11.88 12.31
CA LYS B 557 -37.00 -11.03 11.15
C LYS B 557 -37.55 -11.76 9.93
N LYS B 558 -38.00 -10.98 8.96
CA LYS B 558 -38.66 -11.56 7.79
C LYS B 558 -38.15 -10.84 6.55
N PHE B 559 -37.35 -11.53 5.75
CA PHE B 559 -36.65 -10.93 4.63
C PHE B 559 -37.56 -10.81 3.42
N LEU B 560 -37.30 -9.80 2.60
CA LEU B 560 -37.91 -9.75 1.29
C LEU B 560 -37.26 -10.80 0.40
N PRO B 561 -37.93 -11.23 -0.68
CA PRO B 561 -37.39 -12.35 -1.47
C PRO B 561 -36.03 -12.09 -2.09
N PHE B 562 -35.62 -10.84 -2.28
CA PHE B 562 -34.34 -10.53 -2.89
C PHE B 562 -33.23 -10.32 -1.86
N GLN B 563 -33.43 -10.74 -0.62
CA GLN B 563 -32.46 -10.53 0.44
C GLN B 563 -31.95 -11.86 0.97
N GLN B 564 -30.67 -11.88 1.34
CA GLN B 564 -30.05 -13.08 1.87
C GLN B 564 -29.36 -12.85 3.20
N PHE B 565 -28.73 -11.69 3.39
CA PHE B 565 -28.02 -11.37 4.62
C PHE B 565 -28.65 -10.16 5.29
N GLY B 566 -28.46 -10.05 6.59
CA GLY B 566 -28.90 -8.90 7.35
C GLY B 566 -27.75 -8.31 8.15
N ARG B 567 -27.68 -6.99 8.20
CA ARG B 567 -26.56 -6.30 8.83
C ARG B 567 -27.06 -5.33 9.88
N ASP B 568 -26.25 -5.16 10.93
CA ASP B 568 -26.56 -4.22 11.99
C ASP B 568 -25.88 -2.87 11.73
N ILE B 569 -25.87 -2.02 12.74
CA ILE B 569 -25.34 -0.67 12.56
C ILE B 569 -23.82 -0.68 12.40
N ALA B 570 -23.12 -1.60 13.06
CA ALA B 570 -21.69 -1.76 12.86
C ALA B 570 -21.35 -2.50 11.59
N ASP B 571 -22.35 -2.81 10.76
CA ASP B 571 -22.19 -3.44 9.45
C ASP B 571 -21.73 -4.88 9.53
N THR B 572 -21.85 -5.52 10.69
CA THR B 572 -21.57 -6.95 10.78
C THR B 572 -22.83 -7.74 10.46
N THR B 573 -22.64 -8.92 9.88
CA THR B 573 -23.75 -9.77 9.52
C THR B 573 -24.33 -10.39 10.79
N ASP B 574 -25.59 -10.07 11.09
CA ASP B 574 -26.23 -10.59 12.28
C ASP B 574 -27.44 -11.45 11.97
N ALA B 575 -27.86 -11.55 10.72
CA ALA B 575 -28.93 -12.46 10.34
C ALA B 575 -28.60 -13.07 8.98
N VAL B 576 -29.12 -14.26 8.74
CA VAL B 576 -28.84 -14.95 7.48
C VAL B 576 -30.02 -15.85 7.16
N ARG B 577 -30.30 -16.01 5.87
CA ARG B 577 -31.33 -16.94 5.43
C ARG B 577 -30.67 -18.27 5.05
N ASP B 578 -31.13 -19.34 5.67
CA ASP B 578 -30.55 -20.65 5.38
C ASP B 578 -30.88 -21.05 3.95
N PRO B 579 -29.88 -21.41 3.15
CA PRO B 579 -30.11 -21.61 1.71
C PRO B 579 -30.84 -22.90 1.36
N GLN B 580 -31.07 -23.80 2.32
CA GLN B 580 -31.78 -25.04 2.03
C GLN B 580 -33.16 -25.08 2.67
N THR B 581 -33.32 -24.57 3.89
CA THR B 581 -34.64 -24.56 4.52
C THR B 581 -35.35 -23.23 4.41
N LEU B 582 -34.67 -22.19 3.92
CA LEU B 582 -35.24 -20.87 3.68
C LEU B 582 -35.78 -20.24 4.96
N GLU B 583 -35.13 -20.55 6.09
CA GLU B 583 -35.50 -19.97 7.37
C GLU B 583 -34.45 -18.97 7.80
N ILE B 584 -34.90 -17.93 8.48
CA ILE B 584 -34.02 -16.86 8.93
C ILE B 584 -33.42 -17.23 10.28
N LEU B 585 -32.13 -16.94 10.44
CA LEU B 585 -31.40 -17.23 11.65
C LEU B 585 -30.68 -15.98 12.11
N ASP B 586 -30.58 -15.81 13.42
CA ASP B 586 -29.78 -14.77 14.03
C ASP B 586 -28.43 -15.33 14.45
N ILE B 587 -27.39 -14.52 14.25
CA ILE B 587 -26.03 -14.87 14.57
C ILE B 587 -25.57 -13.97 15.70
N THR B 588 -25.28 -14.57 16.86
CA THR B 588 -24.86 -13.82 18.03
C THR B 588 -23.43 -14.19 18.38
N PRO B 589 -22.59 -13.21 18.74
CA PRO B 589 -21.21 -13.53 19.08
C PRO B 589 -21.10 -14.46 20.28
N CYS B 590 -19.90 -14.93 20.54
CA CYS B 590 -19.72 -16.01 21.51
C CYS B 590 -19.06 -15.54 22.80
N SER B 591 -18.21 -14.53 22.74
CA SER B 591 -17.51 -14.02 23.91
C SER B 591 -18.26 -12.84 24.50
N PHE B 592 -18.31 -12.79 25.84
CA PHE B 592 -19.15 -11.82 26.53
C PHE B 592 -18.82 -11.81 28.02
N GLY B 593 -18.69 -10.64 28.61
CA GLY B 593 -18.53 -10.54 30.05
C GLY B 593 -17.11 -10.25 30.49
N GLY B 594 -16.96 -9.30 31.40
CA GLY B 594 -15.65 -8.94 31.91
C GLY B 594 -15.21 -9.81 33.05
N VAL B 595 -13.89 -9.84 33.27
CA VAL B 595 -13.27 -10.69 34.28
C VAL B 595 -12.16 -9.91 34.96
N SER B 596 -12.12 -9.98 36.29
CA SER B 596 -11.05 -9.38 37.05
C SER B 596 -10.46 -10.40 38.00
N VAL B 597 -9.18 -10.25 38.32
CA VAL B 597 -8.48 -11.15 39.21
C VAL B 597 -7.98 -10.38 40.41
N ILE B 598 -8.25 -10.90 41.60
CA ILE B 598 -7.89 -10.30 42.86
C ILE B 598 -6.76 -11.09 43.48
N THR B 599 -5.60 -10.46 43.64
CA THR B 599 -4.46 -11.12 44.24
C THR B 599 -3.96 -10.38 45.47
N PRO B 600 -3.54 -11.11 46.50
CA PRO B 600 -2.86 -10.49 47.63
C PRO B 600 -1.39 -10.22 47.38
N GLY B 601 -0.94 -10.33 46.14
CA GLY B 601 0.47 -10.20 45.81
C GLY B 601 1.15 -11.55 45.73
N THR B 602 1.90 -11.76 44.65
CA THR B 602 2.54 -13.05 44.47
C THR B 602 3.83 -13.17 45.28
N ASN B 603 4.14 -12.14 46.05
CA ASN B 603 5.26 -12.21 46.97
C ASN B 603 4.82 -12.66 48.34
N THR B 604 3.54 -13.02 48.47
CA THR B 604 2.94 -13.50 49.70
C THR B 604 2.22 -14.83 49.49
N SER B 605 1.58 -15.00 48.34
CA SER B 605 0.88 -16.24 48.01
C SER B 605 0.46 -16.19 46.54
N ASN B 606 0.21 -17.37 45.97
CA ASN B 606 -0.37 -17.45 44.64
C ASN B 606 -1.83 -17.86 44.67
N GLN B 607 -2.48 -17.70 45.82
CA GLN B 607 -3.94 -17.78 45.89
C GLN B 607 -4.52 -16.55 45.22
N VAL B 608 -5.60 -16.74 44.47
CA VAL B 608 -6.28 -15.63 43.81
C VAL B 608 -7.78 -15.84 43.93
N ALA B 609 -8.53 -14.76 43.75
CA ALA B 609 -9.97 -14.83 43.56
C ALA B 609 -10.31 -14.24 42.21
N VAL B 610 -11.43 -14.64 41.65
CA VAL B 610 -11.81 -14.19 40.32
C VAL B 610 -13.22 -13.63 40.38
N LEU B 611 -13.39 -12.44 39.82
CA LEU B 611 -14.68 -11.76 39.77
C LEU B 611 -15.19 -11.76 38.34
N TYR B 612 -16.29 -12.47 38.11
CA TYR B 612 -16.98 -12.49 36.83
C TYR B 612 -18.06 -11.43 36.88
N GLN B 613 -17.83 -10.32 36.19
CA GLN B 613 -18.64 -9.13 36.36
C GLN B 613 -19.98 -9.21 35.65
N ASP B 614 -20.33 -10.36 35.06
CA ASP B 614 -21.59 -10.44 34.33
C ASP B 614 -22.32 -11.76 34.56
N VAL B 615 -22.01 -12.44 35.67
CA VAL B 615 -22.65 -13.70 36.00
C VAL B 615 -23.48 -13.59 37.27
N ASN B 616 -24.60 -14.31 37.30
CA ASN B 616 -25.49 -14.30 38.45
C ASN B 616 -25.84 -15.73 38.84
N CYS B 617 -25.17 -16.23 39.88
CA CYS B 617 -25.40 -17.59 40.32
C CYS B 617 -26.26 -17.71 41.58
N THR B 618 -27.40 -18.37 41.46
CA THR B 618 -28.29 -18.55 42.60
C THR B 618 -29.12 -19.82 42.46
N TRP B 633 -22.56 -22.43 34.45
CA TRP B 633 -22.28 -21.00 34.42
C TRP B 633 -21.13 -20.70 33.46
N ARG B 634 -21.02 -19.44 33.07
CA ARG B 634 -19.94 -18.99 32.20
C ARG B 634 -18.74 -18.59 33.04
N VAL B 635 -18.13 -19.58 33.69
CA VAL B 635 -16.99 -19.38 34.56
C VAL B 635 -15.88 -20.35 34.14
N TYR B 636 -14.65 -20.00 34.50
CA TYR B 636 -13.51 -20.87 34.23
C TYR B 636 -13.44 -22.05 35.17
N SER B 637 -13.78 -21.84 36.44
CA SER B 637 -13.76 -22.87 37.46
C SER B 637 -14.87 -22.59 38.46
N THR B 638 -15.17 -23.56 39.30
CA THR B 638 -16.24 -23.38 40.26
C THR B 638 -15.79 -23.51 41.71
N GLY B 639 -14.73 -24.28 42.00
CA GLY B 639 -14.15 -24.40 43.32
C GLY B 639 -15.15 -24.43 44.46
N SER B 640 -14.86 -23.65 45.50
CA SER B 640 -15.81 -23.41 46.58
C SER B 640 -15.79 -21.92 46.88
N ASN B 641 -16.60 -21.52 47.86
CA ASN B 641 -16.76 -20.11 48.19
C ASN B 641 -17.22 -19.32 46.97
N VAL B 642 -18.42 -19.62 46.48
CA VAL B 642 -19.07 -18.79 45.47
C VAL B 642 -19.92 -17.75 46.18
N PHE B 643 -19.70 -16.47 45.88
CA PHE B 643 -20.36 -15.39 46.58
C PHE B 643 -20.85 -14.37 45.55
N GLN B 644 -22.14 -14.09 45.57
CA GLN B 644 -22.75 -13.21 44.59
C GLN B 644 -22.74 -11.77 45.10
N THR B 645 -22.44 -10.83 44.21
CA THR B 645 -22.34 -9.42 44.51
C THR B 645 -23.00 -8.62 43.41
N ARG B 646 -23.38 -7.39 43.74
CA ARG B 646 -23.89 -6.47 42.72
C ARG B 646 -22.81 -6.05 41.74
N ALA B 647 -21.58 -6.51 41.93
CA ALA B 647 -20.51 -6.32 40.97
C ALA B 647 -20.18 -7.59 40.20
N GLY B 648 -20.82 -8.70 40.51
CA GLY B 648 -20.61 -9.93 39.79
C GLY B 648 -20.45 -11.09 40.75
N CYS B 649 -20.11 -12.24 40.19
CA CYS B 649 -19.91 -13.46 40.97
C CYS B 649 -18.43 -13.57 41.33
N LEU B 650 -18.15 -13.64 42.63
CA LEU B 650 -16.80 -13.74 43.13
C LEU B 650 -16.53 -15.19 43.54
N ILE B 651 -15.44 -15.75 43.03
CA ILE B 651 -15.11 -17.16 43.22
C ILE B 651 -13.71 -17.25 43.78
N GLY B 652 -13.58 -17.86 44.95
CA GLY B 652 -12.31 -18.04 45.60
C GLY B 652 -12.14 -17.27 46.89
N ALA B 653 -13.15 -16.54 47.34
CA ALA B 653 -13.06 -15.75 48.56
C ALA B 653 -14.25 -16.06 49.45
N GLU B 654 -13.99 -16.13 50.75
CA GLU B 654 -15.02 -16.50 51.72
C GLU B 654 -15.71 -15.25 52.26
N HIS B 655 -17.04 -15.30 52.31
CA HIS B 655 -17.84 -14.17 52.77
C HIS B 655 -17.94 -14.19 54.29
N VAL B 656 -17.65 -13.05 54.91
CA VAL B 656 -17.72 -12.92 56.36
C VAL B 656 -18.78 -11.88 56.70
N ASN B 657 -19.16 -11.83 57.97
CA ASN B 657 -20.18 -10.91 58.43
C ASN B 657 -19.63 -9.64 59.09
N ASN B 658 -18.33 -9.58 59.29
CA ASN B 658 -17.74 -8.40 59.91
C ASN B 658 -17.69 -7.25 58.91
N SER B 659 -17.00 -6.19 59.31
CA SER B 659 -16.80 -5.03 58.44
C SER B 659 -15.55 -4.32 58.88
N TYR B 660 -14.67 -4.03 57.93
CA TYR B 660 -13.42 -3.35 58.21
C TYR B 660 -13.25 -2.21 57.22
N GLU B 661 -12.12 -1.53 57.30
CA GLU B 661 -11.75 -0.57 56.27
C GLU B 661 -11.40 -1.31 54.99
N CYS B 662 -11.65 -0.66 53.85
CA CYS B 662 -11.40 -1.30 52.57
C CYS B 662 -9.93 -1.60 52.40
N ASP B 663 -9.64 -2.80 51.90
CA ASP B 663 -8.27 -3.22 51.62
C ASP B 663 -8.04 -3.31 50.12
N ILE B 664 -8.83 -4.12 49.43
CA ILE B 664 -8.84 -4.21 47.98
C ILE B 664 -10.27 -3.96 47.54
N PRO B 665 -10.55 -2.87 46.83
CA PRO B 665 -11.94 -2.56 46.49
C PRO B 665 -12.44 -3.43 45.35
N ILE B 666 -13.42 -4.28 45.66
CA ILE B 666 -14.12 -5.04 44.64
C ILE B 666 -15.17 -4.19 43.95
N GLY B 667 -15.95 -3.44 44.71
CA GLY B 667 -16.96 -2.58 44.13
C GLY B 667 -18.33 -2.78 44.71
N ALA B 668 -19.24 -1.84 44.43
CA ALA B 668 -20.61 -1.90 44.93
C ALA B 668 -20.67 -2.07 46.44
N GLY B 669 -19.68 -1.54 47.14
CA GLY B 669 -19.64 -1.58 48.58
C GLY B 669 -18.87 -2.74 49.17
N ILE B 670 -18.29 -3.59 48.34
CA ILE B 670 -17.64 -4.81 48.78
C ILE B 670 -16.13 -4.68 48.60
N CYS B 671 -15.39 -5.09 49.63
CA CYS B 671 -13.93 -5.11 49.59
C CYS B 671 -13.45 -6.51 49.93
N ALA B 672 -12.16 -6.76 49.73
CA ALA B 672 -11.58 -8.06 49.97
C ALA B 672 -10.20 -7.90 50.61
N SER B 673 -9.78 -8.92 51.34
CA SER B 673 -8.51 -8.85 52.04
C SER B 673 -8.01 -10.25 52.37
N TYR B 674 -6.69 -10.34 52.53
CA TYR B 674 -6.01 -11.60 52.84
C TYR B 674 -5.89 -11.76 54.35
N GLN B 675 -6.95 -12.28 54.97
CA GLN B 675 -6.98 -12.48 56.40
C GLN B 675 -6.99 -13.96 56.77
N THR B 676 -7.62 -14.29 57.89
CA THR B 676 -7.70 -15.66 58.36
C THR B 676 -9.15 -16.05 58.65
N GLN B 690 -4.29 -19.06 56.26
CA GLN B 690 -4.65 -17.81 55.62
C GLN B 690 -5.52 -18.08 54.39
N SER B 691 -6.35 -17.09 54.06
CA SER B 691 -7.27 -17.19 52.94
C SER B 691 -7.71 -15.79 52.57
N ILE B 692 -8.55 -15.70 51.53
CA ILE B 692 -9.06 -14.44 51.04
C ILE B 692 -10.51 -14.30 51.47
N ILE B 693 -10.84 -13.16 52.10
CA ILE B 693 -12.17 -12.92 52.61
C ILE B 693 -12.75 -11.70 51.89
N ALA B 694 -14.07 -11.67 51.80
CA ALA B 694 -14.79 -10.58 51.17
C ALA B 694 -15.85 -10.08 52.14
N TYR B 695 -15.96 -8.77 52.27
CA TYR B 695 -16.85 -8.19 53.26
C TYR B 695 -17.43 -6.89 52.73
N THR B 696 -18.39 -6.35 53.47
CA THR B 696 -18.94 -5.03 53.22
C THR B 696 -18.15 -4.00 54.00
N MET B 697 -17.66 -2.98 53.32
CA MET B 697 -16.82 -1.99 53.99
C MET B 697 -17.64 -1.17 54.97
N SER B 698 -16.99 -0.78 56.06
CA SER B 698 -17.62 0.04 57.09
C SER B 698 -17.29 1.50 56.84
N LEU B 699 -18.28 2.36 57.06
CA LEU B 699 -18.10 3.78 56.86
C LEU B 699 -17.41 4.46 58.02
N GLY B 700 -17.55 3.91 59.21
CA GLY B 700 -16.95 4.50 60.40
C GLY B 700 -17.73 4.13 61.64
N ALA B 701 -17.16 4.50 62.78
CA ALA B 701 -17.77 4.22 64.06
C ALA B 701 -19.04 5.03 64.24
N GLU B 702 -20.04 4.42 64.87
CA GLU B 702 -21.30 5.10 65.11
C GLU B 702 -21.20 5.97 66.35
N ASN B 703 -21.92 7.09 66.32
CA ASN B 703 -21.83 8.07 67.37
C ASN B 703 -23.17 8.78 67.50
N SER B 704 -23.41 9.31 68.69
CA SER B 704 -24.65 10.01 68.99
C SER B 704 -24.34 11.20 69.86
N VAL B 705 -24.98 12.33 69.57
CA VAL B 705 -24.76 13.57 70.30
C VAL B 705 -25.90 13.73 71.30
N ALA B 706 -25.55 14.07 72.54
CA ALA B 706 -26.53 14.21 73.60
C ALA B 706 -27.20 15.58 73.50
N TYR B 707 -28.02 15.74 72.47
CA TYR B 707 -28.66 17.02 72.21
C TYR B 707 -29.88 17.20 73.09
N SER B 708 -29.95 18.35 73.75
CA SER B 708 -31.14 18.80 74.45
C SER B 708 -31.28 20.30 74.21
N ASN B 709 -32.41 20.86 74.60
CA ASN B 709 -32.68 22.26 74.33
C ASN B 709 -32.06 23.21 75.33
N ASN B 710 -31.44 22.70 76.40
CA ASN B 710 -30.71 23.58 77.30
C ASN B 710 -29.42 22.95 77.80
N SER B 711 -28.67 22.29 76.93
CA SER B 711 -27.43 21.66 77.34
C SER B 711 -26.32 22.07 76.38
N ILE B 712 -25.15 22.38 76.93
CA ILE B 712 -24.01 22.79 76.13
C ILE B 712 -22.79 22.06 76.65
N ALA B 713 -21.81 21.88 75.78
CA ALA B 713 -20.56 21.24 76.13
C ALA B 713 -19.41 22.20 75.87
N ILE B 714 -18.60 22.46 76.88
CA ILE B 714 -17.52 23.44 76.79
C ILE B 714 -16.21 22.73 77.02
N PRO B 715 -15.18 22.97 76.21
CA PRO B 715 -13.88 22.34 76.46
C PRO B 715 -13.19 22.93 77.67
N THR B 716 -12.38 22.12 78.33
CA THR B 716 -11.62 22.58 79.47
C THR B 716 -10.12 22.50 79.29
N ASN B 717 -9.65 21.82 78.24
CA ASN B 717 -8.22 21.75 77.95
C ASN B 717 -8.06 21.83 76.44
N PHE B 718 -6.83 21.75 75.96
CA PHE B 718 -6.59 21.79 74.53
C PHE B 718 -5.38 20.93 74.21
N THR B 719 -5.16 20.73 72.92
CA THR B 719 -3.99 20.06 72.40
C THR B 719 -3.46 20.87 71.22
N ILE B 720 -2.14 20.93 71.10
CA ILE B 720 -1.48 21.56 69.98
C ILE B 720 -1.08 20.46 69.02
N SER B 721 -1.67 20.45 67.84
CA SER B 721 -1.46 19.39 66.87
C SER B 721 -0.64 19.90 65.71
N VAL B 722 0.25 19.05 65.19
CA VAL B 722 1.06 19.36 64.03
C VAL B 722 0.85 18.28 62.99
N THR B 723 0.46 18.67 61.78
CA THR B 723 0.16 17.72 60.73
C THR B 723 0.93 18.08 59.47
N THR B 724 1.15 17.09 58.61
CA THR B 724 1.87 17.32 57.36
C THR B 724 0.92 17.29 56.19
N GLU B 725 1.28 18.05 55.15
CA GLU B 725 0.55 18.02 53.90
C GLU B 725 1.55 18.12 52.75
N ILE B 726 1.49 17.16 51.83
CA ILE B 726 2.46 17.05 50.75
C ILE B 726 1.82 17.49 49.44
N LEU B 727 2.55 18.27 48.64
CA LEU B 727 2.01 18.77 47.39
C LEU B 727 3.07 18.73 46.30
N PRO B 728 2.78 18.13 45.15
CA PRO B 728 3.71 18.18 44.02
C PRO B 728 3.73 19.55 43.37
N VAL B 729 4.92 19.99 42.97
CA VAL B 729 5.09 21.31 42.40
C VAL B 729 5.66 21.28 40.98
N SER B 730 6.50 20.31 40.63
CA SER B 730 7.08 20.25 39.31
C SER B 730 7.13 18.80 38.84
N MET B 731 7.42 18.62 37.57
CA MET B 731 7.76 17.33 37.02
C MET B 731 8.99 17.47 36.15
N THR B 732 9.45 16.36 35.59
CA THR B 732 10.69 16.36 34.83
C THR B 732 10.51 17.06 33.50
N LYS B 733 11.48 17.89 33.14
CA LYS B 733 11.50 18.57 31.85
C LYS B 733 12.25 17.70 30.86
N THR B 734 11.60 17.36 29.75
CA THR B 734 12.19 16.48 28.76
C THR B 734 12.20 17.17 27.41
N SER B 735 13.03 16.64 26.52
CA SER B 735 13.09 17.09 25.14
C SER B 735 13.36 15.88 24.26
N VAL B 736 12.95 15.99 23.00
CA VAL B 736 13.00 14.86 22.07
C VAL B 736 13.59 15.35 20.76
N ASP B 737 14.52 14.58 20.21
CA ASP B 737 15.02 14.78 18.86
C ASP B 737 14.28 13.83 17.94
N CYS B 738 13.37 14.36 17.12
CA CYS B 738 12.61 13.53 16.18
C CYS B 738 13.52 12.69 15.30
N THR B 739 14.46 13.34 14.62
CA THR B 739 15.25 12.61 13.64
C THR B 739 15.97 11.43 14.27
N MET B 740 16.48 11.61 15.48
CA MET B 740 17.23 10.54 16.13
C MET B 740 16.32 9.43 16.61
N TYR B 741 15.07 9.76 16.94
CA TYR B 741 14.15 8.73 17.42
C TYR B 741 13.56 7.94 16.26
N ILE B 742 13.14 8.63 15.21
CA ILE B 742 12.45 7.99 14.11
C ILE B 742 13.43 7.29 13.18
N CYS B 743 14.56 7.92 12.88
CA CYS B 743 15.46 7.40 11.87
C CYS B 743 16.77 6.87 12.42
N GLY B 744 17.35 7.51 13.42
CA GLY B 744 18.70 7.13 13.80
C GLY B 744 19.70 7.80 12.89
N ASP B 745 20.76 7.08 12.55
CA ASP B 745 21.77 7.57 11.62
C ASP B 745 21.48 7.19 10.18
N SER B 746 20.24 6.84 9.87
CA SER B 746 19.83 6.55 8.50
C SER B 746 19.66 7.84 7.72
N THR B 747 20.34 7.94 6.57
CA THR B 747 20.22 9.15 5.75
C THR B 747 19.04 9.05 4.81
N GLU B 748 18.72 7.84 4.35
CA GLU B 748 17.54 7.64 3.53
C GLU B 748 16.27 7.96 4.31
N CYS B 749 16.18 7.46 5.54
CA CYS B 749 15.03 7.77 6.37
C CYS B 749 14.95 9.26 6.65
N SER B 750 16.09 9.90 6.92
CA SER B 750 16.07 11.32 7.27
C SER B 750 15.66 12.16 6.08
N ASN B 751 15.99 11.74 4.86
CA ASN B 751 15.51 12.44 3.68
C ASN B 751 14.03 12.19 3.44
N LEU B 752 13.56 10.99 3.76
CA LEU B 752 12.13 10.71 3.62
C LEU B 752 11.31 11.47 4.65
N LEU B 753 11.92 11.81 5.78
CA LEU B 753 11.19 12.45 6.87
C LEU B 753 10.91 13.92 6.60
N LEU B 754 11.55 14.52 5.60
CA LEU B 754 11.42 15.95 5.40
C LEU B 754 10.01 16.38 4.98
N GLN B 755 9.09 15.44 4.80
CA GLN B 755 7.69 15.76 4.57
C GLN B 755 6.90 15.84 5.86
N TYR B 756 7.59 15.68 6.99
CA TYR B 756 6.93 15.72 8.29
C TYR B 756 7.70 16.58 9.26
N GLY B 757 8.27 17.69 8.80
CA GLY B 757 9.04 18.55 9.69
C GLY B 757 8.18 19.46 10.54
N SER B 758 7.01 19.87 10.00
CA SER B 758 6.09 20.68 10.77
C SER B 758 5.64 19.96 12.03
N PHE B 759 5.47 18.64 11.94
CA PHE B 759 4.99 17.87 13.07
C PHE B 759 6.02 17.82 14.18
N CYS B 760 7.30 17.77 13.82
CA CYS B 760 8.32 17.77 14.85
C CYS B 760 8.55 19.15 15.45
N THR B 761 8.49 20.20 14.64
CA THR B 761 8.53 21.52 15.25
C THR B 761 7.38 21.71 16.21
N GLN B 762 6.21 21.16 15.87
CA GLN B 762 5.05 21.26 16.76
C GLN B 762 5.28 20.51 18.07
N LEU B 763 5.76 19.26 17.97
CA LEU B 763 6.04 18.49 19.18
C LEU B 763 7.01 19.22 20.09
N ASN B 764 8.09 19.74 19.53
CA ASN B 764 9.08 20.39 20.36
C ASN B 764 8.56 21.70 20.94
N ARG B 765 7.71 22.41 20.21
CA ARG B 765 7.07 23.59 20.78
C ARG B 765 6.28 23.23 22.02
N ALA B 766 5.47 22.17 21.93
CA ALA B 766 4.68 21.75 23.09
C ALA B 766 5.59 21.39 24.26
N LEU B 767 6.65 20.62 24.00
CA LEU B 767 7.51 20.19 25.10
C LEU B 767 8.23 21.37 25.75
N THR B 768 8.65 22.36 24.97
CA THR B 768 9.29 23.53 25.57
C THR B 768 8.32 24.36 26.38
N GLY B 769 7.06 24.45 25.94
CA GLY B 769 6.07 25.10 26.77
C GLY B 769 5.98 24.47 28.14
N ILE B 770 5.87 23.14 28.17
CA ILE B 770 5.84 22.42 29.45
C ILE B 770 7.10 22.73 30.26
N ALA B 771 8.25 22.73 29.61
CA ALA B 771 9.52 22.87 30.32
C ALA B 771 9.64 24.23 30.98
N VAL B 772 9.20 25.31 30.33
CA VAL B 772 9.30 26.60 30.99
C VAL B 772 8.20 26.75 32.04
N GLU B 773 7.05 26.11 31.83
CA GLU B 773 6.01 26.16 32.84
C GLU B 773 6.47 25.55 34.16
N GLN B 774 7.32 24.52 34.11
CA GLN B 774 7.76 23.91 35.36
C GLN B 774 8.56 24.90 36.22
N ASP B 775 9.49 25.62 35.60
CA ASP B 775 10.24 26.62 36.34
C ASP B 775 9.35 27.73 36.84
N LYS B 776 8.36 28.13 36.04
CA LYS B 776 7.43 29.15 36.53
C LYS B 776 6.68 28.65 37.77
N ASN B 777 6.27 27.38 37.76
CA ASN B 777 5.61 26.78 38.92
C ASN B 777 6.45 26.93 40.17
N THR B 778 7.70 26.44 40.10
CA THR B 778 8.56 26.50 41.27
C THR B 778 8.73 27.92 41.75
N GLN B 779 8.82 28.87 40.82
CA GLN B 779 8.99 30.27 41.23
C GLN B 779 7.77 30.81 41.94
N GLU B 780 6.56 30.48 41.46
CA GLU B 780 5.38 30.99 42.18
C GLU B 780 5.31 30.40 43.57
N VAL B 781 5.69 29.14 43.75
CA VAL B 781 5.55 28.55 45.07
C VAL B 781 6.59 29.10 46.03
N PHE B 782 7.87 29.07 45.65
CA PHE B 782 8.91 29.29 46.64
C PHE B 782 9.46 30.70 46.69
N ALA B 783 9.34 31.47 45.62
CA ALA B 783 9.98 32.79 45.54
C ALA B 783 9.02 33.91 45.90
N GLN B 784 8.15 33.68 46.87
CA GLN B 784 7.16 34.67 47.25
C GLN B 784 7.82 35.95 47.75
N VAL B 785 8.79 35.83 48.64
CA VAL B 785 9.47 36.99 49.22
C VAL B 785 10.86 37.10 48.62
N LYS B 786 11.32 38.32 48.41
CA LYS B 786 12.63 38.58 47.83
C LYS B 786 13.56 39.27 48.82
N GLN B 787 13.47 38.90 50.09
CA GLN B 787 14.45 39.27 51.09
C GLN B 787 14.83 38.00 51.84
N ILE B 788 16.12 37.71 51.87
CA ILE B 788 16.61 36.48 52.47
C ILE B 788 16.86 36.75 53.95
N TYR B 789 15.84 36.54 54.77
CA TYR B 789 15.96 36.76 56.19
C TYR B 789 16.77 35.65 56.83
N LYS B 790 17.57 35.99 57.82
CA LYS B 790 18.27 35.02 58.65
C LYS B 790 17.72 35.08 60.06
N THR B 791 17.77 33.94 60.74
CA THR B 791 17.36 33.95 62.12
C THR B 791 18.54 34.24 63.03
N PRO B 792 18.37 35.08 64.03
CA PRO B 792 19.50 35.50 64.85
C PRO B 792 20.00 34.35 65.69
N PRO B 793 21.20 34.48 66.27
CA PRO B 793 21.65 33.48 67.25
C PRO B 793 20.90 33.55 68.57
N ILE B 794 19.95 34.46 68.70
CA ILE B 794 19.07 34.55 69.87
C ILE B 794 18.00 33.49 69.71
N LYS B 795 18.25 32.29 70.22
CA LYS B 795 17.27 31.22 70.14
C LYS B 795 16.39 31.24 71.38
N ASP B 796 15.84 32.40 71.68
CA ASP B 796 14.94 32.57 72.81
C ASP B 796 13.54 32.84 72.27
N PHE B 797 12.82 31.76 72.00
CA PHE B 797 11.49 31.85 71.41
C PHE B 797 10.39 31.46 72.38
N GLY B 798 10.58 31.78 73.66
CA GLY B 798 9.57 31.50 74.66
C GLY B 798 9.47 30.06 75.09
N GLY B 799 10.44 29.23 74.75
CA GLY B 799 10.41 27.82 75.07
C GLY B 799 10.15 26.92 73.89
N PHE B 800 9.77 27.48 72.74
CA PHE B 800 9.53 26.68 71.55
C PHE B 800 10.86 26.34 70.88
N ASN B 801 10.97 25.09 70.43
CA ASN B 801 12.21 24.58 69.86
C ASN B 801 12.01 24.36 68.37
N PHE B 802 12.71 25.14 67.55
CA PHE B 802 12.60 25.06 66.10
C PHE B 802 13.85 24.45 65.49
N SER B 803 14.56 23.62 66.23
CA SER B 803 15.85 23.14 65.79
C SER B 803 15.77 22.10 64.69
N GLN B 804 14.68 21.36 64.60
CA GLN B 804 14.56 20.33 63.58
C GLN B 804 14.08 20.85 62.24
N ILE B 805 13.60 22.09 62.18
CA ILE B 805 13.14 22.68 60.93
C ILE B 805 13.99 23.87 60.51
N LEU B 806 14.99 24.21 61.27
CA LEU B 806 15.87 25.29 60.90
C LEU B 806 17.14 24.74 60.26
N PRO B 807 17.80 25.51 59.40
CA PRO B 807 18.95 25.00 58.65
C PRO B 807 20.05 24.41 59.51
N ASP B 808 20.72 23.38 58.99
CA ASP B 808 21.84 22.75 59.67
C ASP B 808 23.14 23.19 59.03
N PRO B 809 23.93 24.05 59.67
CA PRO B 809 25.19 24.49 59.05
C PRO B 809 26.26 23.41 59.01
N SER B 810 25.99 22.21 59.53
CA SER B 810 26.97 21.13 59.56
C SER B 810 26.91 20.27 58.32
N LYS B 811 26.02 20.60 57.38
CA LYS B 811 25.87 19.83 56.15
C LYS B 811 26.60 20.55 55.02
N PRO B 812 26.87 19.87 53.90
CA PRO B 812 27.33 20.60 52.71
C PRO B 812 26.28 21.59 52.24
N SER B 813 25.04 21.10 52.09
CA SER B 813 23.90 21.97 51.92
C SER B 813 23.51 22.55 53.27
N LYS B 814 22.52 23.43 53.27
CA LYS B 814 22.03 23.99 54.53
C LYS B 814 20.59 23.53 54.74
N ARG B 815 20.36 22.24 54.53
CA ARG B 815 19.03 21.67 54.70
C ARG B 815 18.78 21.34 56.15
N SER B 816 17.50 21.36 56.54
CA SER B 816 17.12 21.05 57.90
C SER B 816 17.04 19.54 58.13
N PRO B 817 17.07 19.13 59.46
CA PRO B 817 17.00 17.67 59.63
C PRO B 817 15.79 17.07 58.92
N ILE B 818 14.64 17.68 59.08
CA ILE B 818 13.41 17.21 58.45
C ILE B 818 13.57 17.12 56.93
N GLU B 819 14.10 18.18 56.33
CA GLU B 819 14.29 18.23 54.89
C GLU B 819 15.22 17.10 54.44
N ASP B 820 16.21 16.76 55.25
CA ASP B 820 17.06 15.61 54.93
C ASP B 820 16.29 14.30 55.01
N LEU B 821 15.45 14.14 56.03
CA LEU B 821 14.65 12.93 56.09
C LEU B 821 13.73 12.81 54.88
N LEU B 822 13.20 13.94 54.41
CA LEU B 822 12.33 13.91 53.24
C LEU B 822 13.12 13.60 51.98
N PHE B 823 14.35 14.12 51.90
CA PHE B 823 15.14 13.97 50.68
C PHE B 823 15.51 12.53 50.40
N ASN B 824 15.57 11.69 51.43
CA ASN B 824 16.00 10.31 51.27
C ASN B 824 14.84 9.34 51.10
N LYS B 825 13.60 9.84 51.06
CA LYS B 825 12.44 8.98 50.86
C LYS B 825 11.90 9.06 49.45
N VAL B 826 12.53 9.84 48.57
CA VAL B 826 12.14 9.94 47.18
C VAL B 826 13.37 9.62 46.34
N THR B 827 13.34 8.48 45.63
CA THR B 827 14.45 8.03 44.81
C THR B 827 14.24 8.51 43.38
N LEU B 828 15.10 9.42 42.93
CA LEU B 828 15.02 9.90 41.56
C LEU B 828 15.61 8.88 40.59
N ALA B 829 15.69 9.27 39.32
CA ALA B 829 16.30 8.40 38.31
C ALA B 829 17.58 9.01 37.74
N ASP B 830 17.80 10.31 37.97
CA ASP B 830 18.97 11.01 37.45
C ASP B 830 19.73 11.62 38.63
N ALA B 831 20.80 10.95 39.07
CA ALA B 831 21.71 11.53 40.06
C ALA B 831 22.70 12.41 39.34
N GLY B 832 22.28 13.64 39.07
CA GLY B 832 23.02 14.53 38.20
C GLY B 832 22.47 14.50 36.78
N PHE B 833 23.05 15.35 35.93
CA PHE B 833 22.58 15.45 34.56
C PHE B 833 23.72 15.45 33.55
N ILE B 834 24.89 14.91 33.91
CA ILE B 834 26.01 14.79 32.99
C ILE B 834 26.37 13.32 32.91
N LYS B 835 25.88 12.63 31.89
CA LYS B 835 26.24 11.25 31.60
C LYS B 835 27.00 11.24 30.29
N GLN B 836 28.31 11.05 30.36
CA GLN B 836 29.17 11.24 29.21
C GLN B 836 29.06 10.05 28.25
N TYR B 837 29.45 10.30 27.00
CA TYR B 837 29.41 9.26 25.99
C TYR B 837 30.33 8.11 26.36
N GLY B 838 31.57 8.41 26.74
CA GLY B 838 32.51 7.36 27.11
C GLY B 838 32.08 6.56 28.32
N ASP B 839 31.12 7.05 29.09
CA ASP B 839 30.76 6.38 30.34
C ASP B 839 29.87 5.17 30.11
N CYS B 840 28.97 5.24 29.12
CA CYS B 840 28.28 4.05 28.63
C CYS B 840 28.64 3.81 27.18
N LEU B 841 29.77 3.13 26.97
CA LEU B 841 30.23 2.76 25.64
C LEU B 841 30.52 1.28 25.63
N GLY B 842 29.68 0.52 24.95
CA GLY B 842 29.76 -0.93 24.96
C GLY B 842 28.40 -1.54 25.21
N ASP B 843 28.36 -2.53 26.10
CA ASP B 843 27.10 -3.14 26.49
C ASP B 843 26.49 -2.47 27.71
N ILE B 844 27.16 -1.46 28.25
CA ILE B 844 26.55 -0.65 29.31
C ILE B 844 25.29 0.03 28.79
N ALA B 845 25.27 0.36 27.51
CA ALA B 845 24.04 0.81 26.86
C ALA B 845 23.05 -0.35 26.77
N ALA B 846 21.76 -0.02 26.78
CA ALA B 846 20.67 -1.00 26.72
C ALA B 846 20.71 -1.94 27.91
N ARG B 847 21.43 -1.53 28.95
CA ARG B 847 21.37 -2.19 30.26
C ARG B 847 21.20 -1.10 31.32
N ASP B 848 21.64 0.10 30.97
CA ASP B 848 21.31 1.30 31.73
C ASP B 848 20.20 2.03 30.97
N LEU B 849 19.05 2.21 31.62
CA LEU B 849 17.90 2.75 30.93
C LEU B 849 18.14 4.17 30.45
N ILE B 850 18.99 4.93 31.13
CA ILE B 850 19.18 6.32 30.75
C ILE B 850 19.99 6.43 29.47
N CYS B 851 21.00 5.57 29.30
CA CYS B 851 21.73 5.57 28.04
C CYS B 851 20.87 5.03 26.91
N ALA B 852 20.00 4.07 27.19
CA ALA B 852 19.04 3.62 26.19
C ALA B 852 18.14 4.75 25.75
N GLN B 853 17.71 5.60 26.68
CA GLN B 853 16.88 6.74 26.31
C GLN B 853 17.69 7.77 25.53
N LYS B 854 18.94 7.99 25.93
CA LYS B 854 19.76 9.02 25.31
C LYS B 854 20.18 8.65 23.90
N PHE B 855 20.46 7.38 23.64
CA PHE B 855 20.83 6.96 22.30
C PHE B 855 19.67 7.05 21.33
N ASN B 856 18.45 7.26 21.80
CA ASN B 856 17.28 7.38 20.95
C ASN B 856 16.72 8.79 20.92
N GLY B 857 17.47 9.77 21.43
CA GLY B 857 17.10 11.17 21.31
C GLY B 857 16.24 11.73 22.41
N LEU B 858 16.16 11.08 23.56
CA LEU B 858 15.29 11.52 24.66
C LEU B 858 16.16 12.09 25.77
N THR B 859 16.06 13.41 25.97
CA THR B 859 16.92 14.13 26.91
C THR B 859 16.09 14.65 28.07
N VAL B 860 16.72 14.74 29.24
CA VAL B 860 16.12 15.32 30.44
C VAL B 860 16.94 16.55 30.82
N LEU B 861 16.27 17.69 30.93
CA LEU B 861 16.99 18.93 31.22
C LEU B 861 16.93 19.26 32.70
N PRO B 862 17.94 19.92 33.25
CA PRO B 862 17.98 20.18 34.68
C PRO B 862 17.12 21.38 35.05
N PRO B 863 16.58 21.41 36.26
CA PRO B 863 15.76 22.54 36.68
C PRO B 863 16.60 23.79 36.87
N LEU B 864 15.94 24.95 36.77
CA LEU B 864 16.65 26.21 36.88
C LEU B 864 17.15 26.48 38.30
N LEU B 865 16.32 26.21 39.30
CA LEU B 865 16.71 26.41 40.69
C LEU B 865 17.24 25.10 41.25
N THR B 866 18.46 25.12 41.74
CA THR B 866 19.01 23.95 42.41
C THR B 866 18.30 23.71 43.72
N ASP B 867 18.57 22.55 44.33
CA ASP B 867 17.92 22.22 45.59
C ASP B 867 18.40 23.11 46.73
N GLU B 868 19.64 23.59 46.64
CA GLU B 868 20.15 24.49 47.66
C GLU B 868 19.46 25.84 47.61
N MET B 869 19.11 26.31 46.42
CA MET B 869 18.39 27.58 46.33
C MET B 869 16.99 27.45 46.91
N ILE B 870 16.33 26.33 46.67
CA ILE B 870 15.00 26.13 47.24
C ILE B 870 15.09 26.00 48.75
N ALA B 871 16.13 25.36 49.25
CA ALA B 871 16.33 25.30 50.70
C ALA B 871 16.57 26.68 51.28
N GLN B 872 17.30 27.53 50.57
CA GLN B 872 17.49 28.91 51.01
C GLN B 872 16.18 29.66 51.07
N TYR B 873 15.33 29.47 50.07
CA TYR B 873 14.04 30.15 50.08
C TYR B 873 13.18 29.71 51.27
N THR B 874 13.10 28.41 51.52
CA THR B 874 12.29 27.96 52.66
C THR B 874 12.89 28.43 53.98
N SER B 875 14.22 28.50 54.05
CA SER B 875 14.85 29.02 55.25
C SER B 875 14.49 30.47 55.49
N ALA B 876 14.49 31.28 54.43
CA ALA B 876 14.09 32.68 54.59
C ALA B 876 12.64 32.79 55.03
N LEU B 877 11.76 31.97 54.47
CA LEU B 877 10.36 31.99 54.89
C LEU B 877 10.21 31.66 56.36
N LEU B 878 10.91 30.61 56.83
CA LEU B 878 10.83 30.23 58.22
C LEU B 878 11.36 31.32 59.14
N ALA B 879 12.52 31.89 58.81
CA ALA B 879 13.08 32.93 59.64
C ALA B 879 12.15 34.12 59.74
N GLY B 880 11.60 34.55 58.60
CA GLY B 880 10.66 35.65 58.62
C GLY B 880 9.44 35.35 59.46
N THR B 881 8.91 34.14 59.37
CA THR B 881 7.65 33.84 60.03
C THR B 881 7.83 33.65 61.52
N ILE B 882 9.03 33.27 61.98
CA ILE B 882 9.20 33.11 63.42
C ILE B 882 9.78 34.34 64.09
N THR B 883 10.32 35.28 63.33
CA THR B 883 10.77 36.52 63.96
C THR B 883 9.89 37.72 63.66
N SER B 884 8.89 37.59 62.79
CA SER B 884 8.10 38.73 62.39
C SER B 884 6.61 38.45 62.34
N GLY B 885 6.19 37.22 62.59
CA GLY B 885 4.78 36.92 62.50
C GLY B 885 4.28 36.96 61.07
N TRP B 886 3.22 37.72 60.84
CA TRP B 886 2.64 37.83 59.51
C TRP B 886 2.89 39.18 58.87
N THR B 887 3.85 39.95 59.37
CA THR B 887 4.05 41.30 58.87
C THR B 887 4.99 41.32 57.68
N PHE B 888 5.88 40.35 57.56
CA PHE B 888 6.81 40.35 56.45
C PHE B 888 6.13 39.99 55.13
N GLY B 889 4.92 39.47 55.18
CA GLY B 889 4.17 39.20 53.96
C GLY B 889 3.35 40.36 53.46
N ALA B 890 3.23 41.42 54.25
CA ALA B 890 2.40 42.56 53.83
C ALA B 890 3.13 43.89 53.74
N GLY B 891 4.43 43.88 53.97
CA GLY B 891 5.21 45.10 53.91
C GLY B 891 6.54 44.92 54.62
N PRO B 892 6.99 45.94 55.34
CA PRO B 892 8.25 45.85 56.07
C PRO B 892 8.13 44.89 57.26
N ALA B 893 9.16 44.09 57.52
CA ALA B 893 9.10 43.15 58.63
C ALA B 893 9.26 43.85 59.96
N LEU B 894 8.32 43.61 60.87
CA LEU B 894 8.36 44.22 62.20
C LEU B 894 8.54 43.12 63.23
N GLN B 895 9.67 43.11 63.91
CA GLN B 895 9.94 42.08 64.91
C GLN B 895 8.90 42.12 66.02
N ILE B 896 8.75 40.99 66.71
CA ILE B 896 7.83 40.85 67.81
C ILE B 896 8.20 39.59 68.57
N PRO B 897 8.20 39.59 69.90
CA PRO B 897 8.53 38.37 70.64
C PRO B 897 7.59 37.23 70.27
N PHE B 898 8.11 36.02 70.24
CA PHE B 898 7.32 34.86 69.87
C PHE B 898 6.09 34.70 70.76
N PRO B 899 6.28 34.69 72.07
CA PRO B 899 5.17 34.56 73.01
C PRO B 899 4.00 35.52 72.72
N MET B 900 4.29 36.74 72.27
CA MET B 900 3.25 37.71 71.98
C MET B 900 2.63 37.47 70.62
N GLN B 901 3.41 36.98 69.66
CA GLN B 901 2.84 36.58 68.38
C GLN B 901 1.90 35.40 68.54
N MET B 902 2.27 34.43 69.39
CA MET B 902 1.39 33.31 69.65
C MET B 902 0.11 33.76 70.35
N ALA B 903 0.21 34.78 71.20
CA ALA B 903 -0.99 35.32 71.83
C ALA B 903 -1.91 35.98 70.80
N TYR B 904 -1.32 36.73 69.86
CA TYR B 904 -2.11 37.26 68.76
C TYR B 904 -2.82 36.16 68.01
N ARG B 905 -2.13 35.06 67.75
CA ARG B 905 -2.74 33.98 66.99
C ARG B 905 -3.81 33.26 67.81
N PHE B 906 -3.68 33.22 69.13
CA PHE B 906 -4.74 32.69 69.96
C PHE B 906 -5.97 33.59 69.93
N ASN B 907 -5.75 34.90 69.92
CA ASN B 907 -6.87 35.83 69.73
C ASN B 907 -7.59 35.56 68.43
N GLY B 908 -6.87 35.22 67.38
CA GLY B 908 -7.47 35.02 66.08
C GLY B 908 -8.43 33.87 65.98
N ILE B 909 -8.41 32.92 66.92
CA ILE B 909 -9.31 31.78 66.90
C ILE B 909 -10.38 31.85 67.99
N GLY B 910 -10.45 32.96 68.72
CA GLY B 910 -11.49 33.14 69.69
C GLY B 910 -11.13 32.73 71.10
N VAL B 911 -9.86 32.79 71.47
CA VAL B 911 -9.39 32.48 72.81
C VAL B 911 -8.60 33.67 73.32
N THR B 912 -8.85 34.05 74.56
CA THR B 912 -8.18 35.23 75.10
C THR B 912 -6.69 34.97 75.30
N GLN B 913 -5.92 36.04 75.42
CA GLN B 913 -4.47 35.91 75.48
C GLN B 913 -4.00 35.31 76.79
N ASN B 914 -4.70 35.59 77.88
CA ASN B 914 -4.27 35.04 79.16
C ASN B 914 -4.29 33.53 79.15
N VAL B 915 -5.07 32.91 78.27
CA VAL B 915 -5.05 31.46 78.15
C VAL B 915 -3.70 30.99 77.65
N LEU B 916 -3.08 31.77 76.76
CA LEU B 916 -1.73 31.44 76.33
C LEU B 916 -0.71 31.76 77.41
N TYR B 917 -0.76 32.98 77.94
CA TYR B 917 0.28 33.41 78.86
C TYR B 917 0.29 32.60 80.14
N GLU B 918 -0.85 32.04 80.54
CA GLU B 918 -0.90 31.27 81.76
C GLU B 918 -0.57 29.80 81.54
N ASN B 919 -0.57 29.35 80.29
CA ASN B 919 -0.25 27.98 79.95
C ASN B 919 0.94 27.89 78.99
N GLN B 920 1.92 28.78 79.14
CA GLN B 920 2.95 28.88 78.10
C GLN B 920 3.85 27.66 78.08
N LYS B 921 4.23 27.15 79.25
CA LYS B 921 5.13 26.00 79.29
C LYS B 921 4.45 24.75 78.74
N LEU B 922 3.18 24.55 79.09
CA LEU B 922 2.45 23.40 78.57
C LEU B 922 2.33 23.46 77.06
N ILE B 923 2.07 24.64 76.51
CA ILE B 923 1.92 24.79 75.08
C ILE B 923 3.26 24.56 74.37
N ALA B 924 4.34 25.11 74.91
CA ALA B 924 5.65 24.87 74.32
C ALA B 924 6.01 23.40 74.34
N ASN B 925 5.70 22.70 75.43
CA ASN B 925 6.01 21.28 75.51
C ASN B 925 5.19 20.48 74.52
N GLN B 926 3.91 20.81 74.38
CA GLN B 926 3.07 20.11 73.41
C GLN B 926 3.58 20.31 71.99
N PHE B 927 3.99 21.54 71.67
CA PHE B 927 4.53 21.80 70.33
C PHE B 927 5.81 21.01 70.09
N ASN B 928 6.73 21.01 71.06
CA ASN B 928 7.97 20.28 70.88
C ASN B 928 7.73 18.79 70.73
N SER B 929 6.79 18.24 71.51
CA SER B 929 6.48 16.83 71.39
C SER B 929 5.88 16.50 70.04
N ALA B 930 5.01 17.38 69.52
CA ALA B 930 4.40 17.11 68.23
C ALA B 930 5.43 17.15 67.11
N ILE B 931 6.37 18.08 67.17
CA ILE B 931 7.42 18.11 66.16
C ILE B 931 8.29 16.87 66.24
N GLY B 932 8.62 16.44 67.45
CA GLY B 932 9.36 15.19 67.59
C GLY B 932 8.61 14.01 67.01
N LYS B 933 7.30 13.98 67.17
CA LYS B 933 6.49 12.91 66.61
C LYS B 933 6.59 12.85 65.09
N ILE B 934 6.65 14.02 64.46
CA ILE B 934 6.76 14.09 63.00
C ILE B 934 8.05 13.43 62.54
N GLN B 935 9.17 13.98 62.97
CA GLN B 935 10.48 13.43 62.61
C GLN B 935 10.45 11.93 62.82
N ASP B 936 10.04 11.52 64.01
CA ASP B 936 9.94 10.10 64.35
C ASP B 936 9.24 9.37 63.21
N SER B 937 7.94 9.57 63.10
CA SER B 937 7.11 8.93 62.08
C SER B 937 7.82 8.85 60.73
N LEU B 938 8.35 9.99 60.29
CA LEU B 938 9.05 10.02 59.00
C LEU B 938 10.20 9.04 58.98
N SER B 939 11.27 9.38 59.68
CA SER B 939 12.46 8.53 59.75
C SER B 939 12.10 7.06 59.94
N SER B 940 10.88 6.81 60.42
CA SER B 940 10.41 5.45 60.63
C SER B 940 9.90 4.89 59.32
N THR B 941 8.65 5.22 58.99
CA THR B 941 8.03 4.75 57.76
C THR B 941 6.51 4.94 57.81
N ALA B 944 4.68 7.77 54.08
CA ALA B 944 5.67 7.98 53.04
C ALA B 944 5.23 9.11 52.11
N LEU B 945 6.11 9.45 51.16
CA LEU B 945 5.80 10.49 50.19
C LEU B 945 5.36 9.86 48.88
N GLY B 946 4.22 9.18 48.89
CA GLY B 946 3.77 8.50 47.69
C GLY B 946 3.39 9.45 46.58
N LYS B 947 2.79 10.59 46.93
CA LYS B 947 2.34 11.52 45.91
C LYS B 947 3.49 12.16 45.18
N LEU B 948 4.65 12.26 45.80
CA LEU B 948 5.83 12.79 45.14
C LEU B 948 6.60 11.73 44.38
N GLN B 949 6.50 10.47 44.77
CA GLN B 949 7.16 9.40 44.05
C GLN B 949 6.39 8.99 42.81
N ASP B 950 5.06 9.13 42.83
CA ASP B 950 4.27 8.80 41.66
C ASP B 950 4.61 9.65 40.46
N VAL B 951 4.99 10.91 40.68
CA VAL B 951 5.36 11.77 39.56
C VAL B 951 6.62 11.25 38.87
N VAL B 952 7.64 10.95 39.66
CA VAL B 952 8.89 10.39 39.12
C VAL B 952 8.61 9.08 38.40
N ASN B 953 7.82 8.22 39.03
CA ASN B 953 7.52 6.92 38.43
C ASN B 953 6.81 7.09 37.09
N GLN B 954 5.84 8.00 37.02
CA GLN B 954 5.08 8.16 35.80
C GLN B 954 5.96 8.69 34.67
N ASN B 955 6.82 9.67 34.95
CA ASN B 955 7.68 10.20 33.90
C ASN B 955 8.65 9.14 33.40
N ALA B 956 9.25 8.39 34.32
CA ALA B 956 10.19 7.34 33.91
C ALA B 956 9.48 6.28 33.08
N GLN B 957 8.29 5.87 33.50
CA GLN B 957 7.56 4.85 32.75
C GLN B 957 7.19 5.34 31.36
N ALA B 958 6.83 6.61 31.23
CA ALA B 958 6.50 7.13 29.91
C ALA B 958 7.70 7.09 28.98
N LEU B 959 8.87 7.52 29.47
CA LEU B 959 10.05 7.48 28.61
C LEU B 959 10.41 6.05 28.24
N ASN B 960 10.34 5.11 29.19
CA ASN B 960 10.70 3.75 28.86
C ASN B 960 9.71 3.11 27.90
N THR B 961 8.42 3.46 28.00
CA THR B 961 7.46 2.96 27.04
C THR B 961 7.77 3.49 25.65
N LEU B 962 8.16 4.76 25.55
CA LEU B 962 8.63 5.26 24.26
C LEU B 962 9.74 4.41 23.70
N VAL B 963 10.71 4.05 24.55
CA VAL B 963 11.85 3.30 24.04
C VAL B 963 11.44 1.91 23.57
N LYS B 964 10.61 1.20 24.34
CA LYS B 964 10.20 -0.13 23.88
C LYS B 964 9.28 -0.08 22.68
N GLN B 965 8.60 1.03 22.46
CA GLN B 965 7.74 1.03 21.27
C GLN B 965 8.52 1.13 19.99
N LEU B 966 9.84 1.04 20.00
CA LEU B 966 10.63 1.00 18.78
C LEU B 966 10.77 -0.41 18.22
N SER B 967 10.04 -1.37 18.79
CA SER B 967 10.09 -2.76 18.36
C SER B 967 8.83 -3.16 17.60
N SER B 968 8.04 -2.18 17.18
CA SER B 968 6.80 -2.46 16.49
C SER B 968 7.02 -2.35 14.99
N ASN B 969 6.42 -3.27 14.25
CA ASN B 969 6.51 -3.26 12.80
C ASN B 969 5.58 -2.23 12.18
N PHE B 970 4.44 -1.97 12.82
CA PHE B 970 3.41 -1.09 12.29
C PHE B 970 2.91 -1.55 10.93
N GLY B 971 3.02 -2.85 10.64
CA GLY B 971 2.60 -3.37 9.37
C GLY B 971 3.67 -3.46 8.32
N ALA B 972 4.93 -3.27 8.70
CA ALA B 972 6.05 -3.39 7.78
C ALA B 972 6.62 -4.80 7.89
N ILE B 973 7.68 -5.08 7.15
CA ILE B 973 8.29 -6.41 7.18
C ILE B 973 9.24 -6.60 8.36
N SER B 974 9.73 -5.52 8.93
CA SER B 974 10.62 -5.59 10.08
C SER B 974 10.56 -4.25 10.79
N SER B 975 11.14 -4.19 11.98
CA SER B 975 11.18 -2.96 12.75
C SER B 975 12.56 -2.33 12.76
N VAL B 976 13.50 -2.84 11.97
CA VAL B 976 14.85 -2.32 11.90
C VAL B 976 15.03 -1.68 10.53
N LEU B 977 15.54 -0.46 10.50
CA LEU B 977 15.74 0.22 9.22
C LEU B 977 16.88 -0.43 8.45
N ASN B 978 17.80 -1.09 9.13
CA ASN B 978 18.94 -1.66 8.43
C ASN B 978 18.63 -3.01 7.81
N ASP B 979 17.60 -3.70 8.28
CA ASP B 979 17.14 -4.89 7.59
C ASP B 979 16.29 -4.55 6.38
N ILE B 980 15.65 -3.38 6.40
CA ILE B 980 14.89 -2.98 5.23
C ILE B 980 15.82 -2.40 4.18
N LEU B 981 16.73 -1.52 4.58
CA LEU B 981 17.57 -0.83 3.61
C LEU B 981 18.57 -1.76 2.97
N SER B 982 18.87 -2.87 3.64
CA SER B 982 19.65 -3.95 3.05
C SER B 982 18.76 -5.16 2.85
N ARG B 983 18.74 -5.71 1.63
CA ARG B 983 17.73 -6.61 1.05
C ARG B 983 16.57 -5.91 0.34
N LEU B 984 16.53 -4.59 0.31
CA LEU B 984 15.51 -3.91 -0.48
C LEU B 984 16.11 -2.66 -1.11
N ASP B 985 15.67 -2.33 -2.32
CA ASP B 985 16.18 -1.19 -3.05
C ASP B 985 15.26 0.01 -2.89
N PRO B 986 15.74 1.22 -3.16
CA PRO B 986 15.07 2.45 -2.67
C PRO B 986 13.57 2.47 -2.91
N PRO B 987 13.10 2.37 -4.15
CA PRO B 987 11.68 2.67 -4.39
C PRO B 987 10.72 1.73 -3.69
N GLU B 988 11.13 0.50 -3.43
CA GLU B 988 10.27 -0.47 -2.77
C GLU B 988 10.64 -0.68 -1.31
N ALA B 989 11.73 -0.08 -0.85
CA ALA B 989 11.97 0.05 0.59
C ALA B 989 11.27 1.28 1.15
N GLU B 990 10.95 2.25 0.30
CA GLU B 990 10.29 3.47 0.77
C GLU B 990 8.92 3.19 1.35
N VAL B 991 8.22 2.17 0.87
CA VAL B 991 6.91 1.86 1.42
C VAL B 991 7.04 1.41 2.87
N GLN B 992 7.99 0.52 3.13
CA GLN B 992 8.22 0.04 4.49
C GLN B 992 8.69 1.17 5.39
N ILE B 993 9.63 1.99 4.90
CA ILE B 993 10.12 3.09 5.72
C ILE B 993 9.00 4.08 6.01
N ASP B 994 8.07 4.25 5.06
CA ASP B 994 6.93 5.12 5.31
C ASP B 994 6.04 4.56 6.42
N ARG B 995 5.79 3.26 6.41
CA ARG B 995 5.01 2.66 7.49
C ARG B 995 5.68 2.91 8.84
N LEU B 996 6.99 2.67 8.92
CA LEU B 996 7.70 2.88 10.17
C LEU B 996 7.64 4.34 10.62
N ILE B 997 7.82 5.26 9.67
CA ILE B 997 7.80 6.68 10.00
C ILE B 997 6.46 7.08 10.57
N THR B 998 5.37 6.64 9.93
CA THR B 998 4.05 6.98 10.43
C THR B 998 3.83 6.44 11.84
N GLY B 999 4.17 5.17 12.06
CA GLY B 999 4.00 4.60 13.39
C GLY B 999 4.77 5.37 14.46
N ARG B 1000 6.05 5.65 14.21
CA ARG B 1000 6.86 6.29 15.24
C ARG B 1000 6.43 7.72 15.46
N LEU B 1001 5.99 8.42 14.41
CA LEU B 1001 5.44 9.75 14.61
C LEU B 1001 4.22 9.73 15.52
N GLN B 1002 3.32 8.78 15.32
CA GLN B 1002 2.14 8.77 16.17
C GLN B 1002 2.50 8.37 17.60
N SER B 1003 3.54 7.56 17.78
CA SER B 1003 4.03 7.28 19.13
C SER B 1003 4.49 8.55 19.83
N LEU B 1004 5.30 9.36 19.15
CA LEU B 1004 5.74 10.62 19.73
C LEU B 1004 4.55 11.53 20.03
N GLN B 1005 3.56 11.55 19.15
CA GLN B 1005 2.39 12.39 19.36
C GLN B 1005 1.63 11.98 20.61
N THR B 1006 1.44 10.68 20.80
CA THR B 1006 0.76 10.20 22.00
C THR B 1006 1.50 10.62 23.25
N TYR B 1007 2.82 10.45 23.24
CA TYR B 1007 3.61 10.86 24.40
C TYR B 1007 3.40 12.34 24.71
N VAL B 1008 3.50 13.20 23.71
CA VAL B 1008 3.41 14.63 23.97
C VAL B 1008 2.02 15.00 24.48
N THR B 1009 0.98 14.38 23.94
CA THR B 1009 -0.36 14.69 24.42
C THR B 1009 -0.53 14.32 25.88
N GLN B 1010 -0.12 13.12 26.26
CA GLN B 1010 -0.27 12.75 27.66
C GLN B 1010 0.59 13.59 28.57
N GLN B 1011 1.75 14.03 28.09
CA GLN B 1011 2.57 14.94 28.89
C GLN B 1011 1.86 16.28 29.11
N LEU B 1012 1.17 16.78 28.08
CA LEU B 1012 0.43 18.03 28.26
C LEU B 1012 -0.67 17.88 29.29
N ILE B 1013 -1.38 16.76 29.24
CA ILE B 1013 -2.46 16.55 30.22
C ILE B 1013 -1.89 16.47 31.63
N ARG B 1014 -0.79 15.74 31.82
CA ARG B 1014 -0.19 15.64 33.14
C ARG B 1014 0.33 16.99 33.62
N ALA B 1015 0.86 17.81 32.71
CA ALA B 1015 1.37 19.10 33.09
C ALA B 1015 0.25 20.02 33.55
N ALA B 1016 -0.93 19.90 32.95
CA ALA B 1016 -2.06 20.67 33.45
C ALA B 1016 -2.41 20.32 34.89
N GLU B 1017 -2.38 19.03 35.21
CA GLU B 1017 -2.67 18.61 36.58
C GLU B 1017 -1.62 19.11 37.56
N ILE B 1018 -0.34 19.02 37.19
CA ILE B 1018 0.71 19.53 38.05
C ILE B 1018 0.60 21.03 38.21
N ARG B 1019 0.16 21.73 37.17
CA ARG B 1019 -0.05 23.18 37.28
C ARG B 1019 -1.12 23.50 38.30
N ALA B 1020 -2.22 22.75 38.29
CA ALA B 1020 -3.25 22.98 39.30
C ALA B 1020 -2.70 22.73 40.70
N SER B 1021 -1.93 21.66 40.87
CA SER B 1021 -1.36 21.37 42.19
C SER B 1021 -0.41 22.48 42.65
N ALA B 1022 0.40 23.00 41.74
CA ALA B 1022 1.32 24.07 42.11
C ALA B 1022 0.60 25.36 42.44
N ASN B 1023 -0.52 25.64 41.76
CA ASN B 1023 -1.31 26.81 42.12
C ASN B 1023 -1.89 26.66 43.51
N LEU B 1024 -2.39 25.47 43.84
CA LEU B 1024 -2.87 25.23 45.19
C LEU B 1024 -1.77 25.42 46.22
N ALA B 1025 -0.57 24.94 45.91
CA ALA B 1025 0.54 25.08 46.85
C ALA B 1025 0.93 26.54 47.04
N ALA B 1026 0.88 27.34 45.99
CA ALA B 1026 1.19 28.76 46.13
C ALA B 1026 0.14 29.46 46.98
N THR B 1027 -1.13 29.12 46.78
CA THR B 1027 -2.18 29.70 47.62
C THR B 1027 -1.99 29.31 49.08
N LYS B 1028 -1.64 28.05 49.34
CA LYS B 1028 -1.42 27.63 50.71
C LYS B 1028 -0.21 28.33 51.31
N MET B 1029 0.81 28.60 50.50
CA MET B 1029 1.97 29.30 51.02
C MET B 1029 1.62 30.73 51.41
N SER B 1030 0.79 31.40 50.61
CA SER B 1030 0.48 32.78 50.94
C SER B 1030 -0.52 32.87 52.08
N GLU B 1031 -1.43 31.92 52.20
CA GLU B 1031 -2.51 32.05 53.16
C GLU B 1031 -2.33 31.31 54.46
N CYS B 1032 -1.54 30.24 54.49
CA CYS B 1032 -1.30 29.53 55.73
C CYS B 1032 0.06 29.87 56.35
N VAL B 1033 1.07 30.15 55.55
CA VAL B 1033 2.40 30.44 56.05
C VAL B 1033 2.60 31.94 56.28
N LEU B 1034 2.14 32.77 55.34
CA LEU B 1034 2.31 34.20 55.45
C LEU B 1034 1.15 34.87 56.19
N GLY B 1035 0.24 34.09 56.76
CA GLY B 1035 -0.87 34.65 57.49
C GLY B 1035 -1.51 33.59 58.35
N GLN B 1036 -2.71 33.89 58.83
CA GLN B 1036 -3.52 32.95 59.59
C GLN B 1036 -4.88 32.83 58.92
N SER B 1037 -5.30 31.60 58.65
CA SER B 1037 -6.47 31.36 57.82
C SER B 1037 -7.69 31.05 58.68
N LYS B 1038 -8.83 31.60 58.26
CA LYS B 1038 -10.12 31.29 58.87
C LYS B 1038 -10.88 30.24 58.08
N ARG B 1039 -10.37 29.82 56.93
CA ARG B 1039 -11.03 28.82 56.12
C ARG B 1039 -10.90 27.46 56.76
N VAL B 1040 -12.01 26.76 56.89
CA VAL B 1040 -12.06 25.51 57.62
C VAL B 1040 -11.36 24.43 56.81
N ASP B 1041 -10.48 23.68 57.47
CA ASP B 1041 -9.76 22.54 56.89
C ASP B 1041 -8.88 22.93 55.72
N PHE B 1042 -8.54 24.21 55.59
CA PHE B 1042 -7.64 24.60 54.52
C PHE B 1042 -6.18 24.42 54.93
N CYS B 1043 -5.87 24.66 56.20
CA CYS B 1043 -4.52 24.55 56.70
C CYS B 1043 -4.50 23.57 57.87
N GLY B 1044 -5.11 22.40 57.67
CA GLY B 1044 -5.09 21.35 58.66
C GLY B 1044 -6.43 21.19 59.34
N LYS B 1045 -6.51 20.19 60.22
CA LYS B 1045 -7.71 19.90 60.97
C LYS B 1045 -7.61 20.55 62.34
N GLY B 1046 -8.59 21.37 62.69
CA GLY B 1046 -8.58 22.16 63.89
C GLY B 1046 -8.65 23.63 63.56
N TYR B 1047 -8.32 24.44 64.55
CA TYR B 1047 -8.23 25.88 64.34
C TYR B 1047 -6.79 26.24 64.02
N HIS B 1048 -6.58 26.80 62.84
CA HIS B 1048 -5.23 27.03 62.34
C HIS B 1048 -4.52 28.07 63.18
N LEU B 1049 -3.32 27.74 63.67
CA LEU B 1049 -2.46 28.68 64.36
C LEU B 1049 -1.33 29.17 63.45
N MET B 1050 -0.54 28.26 62.90
CA MET B 1050 0.53 28.68 61.99
C MET B 1050 0.94 27.52 61.11
N SER B 1051 1.91 27.77 60.23
CA SER B 1051 2.39 26.75 59.31
C SER B 1051 3.85 27.01 58.97
N PHE B 1052 4.56 25.93 58.68
CA PHE B 1052 5.97 26.01 58.31
C PHE B 1052 6.20 25.21 57.02
N PRO B 1053 6.91 25.77 56.06
CA PRO B 1053 7.21 25.02 54.83
C PRO B 1053 8.54 24.29 54.89
N GLN B 1054 8.58 23.15 54.22
CA GLN B 1054 9.79 22.38 54.01
C GLN B 1054 9.83 21.95 52.56
N SER B 1055 11.01 21.95 51.97
CA SER B 1055 11.13 21.57 50.57
C SER B 1055 11.36 20.07 50.44
N ALA B 1056 10.82 19.48 49.39
CA ALA B 1056 10.95 18.05 49.13
C ALA B 1056 11.23 17.88 47.65
N PRO B 1057 11.76 16.73 47.23
CA PRO B 1057 12.03 16.52 45.81
C PRO B 1057 10.79 16.71 44.95
N HIS B 1058 10.79 17.74 44.11
CA HIS B 1058 9.69 18.08 43.22
C HIS B 1058 8.43 18.49 43.97
N GLY B 1059 8.55 18.98 45.20
CA GLY B 1059 7.33 19.34 45.90
C GLY B 1059 7.61 20.07 47.19
N VAL B 1060 6.53 20.30 47.94
CA VAL B 1060 6.59 21.02 49.19
C VAL B 1060 5.81 20.26 50.25
N VAL B 1061 6.24 20.40 51.48
CA VAL B 1061 5.58 19.82 52.64
C VAL B 1061 5.23 20.96 53.59
N PHE B 1062 4.00 20.99 54.07
CA PHE B 1062 3.56 21.98 55.04
C PHE B 1062 3.35 21.30 56.38
N LEU B 1063 3.91 21.88 57.43
CA LEU B 1063 3.62 21.48 58.80
C LEU B 1063 2.64 22.49 59.36
N HIS B 1064 1.41 22.06 59.56
CA HIS B 1064 0.33 22.90 60.04
C HIS B 1064 0.18 22.71 61.54
N VAL B 1065 0.33 23.79 62.29
CA VAL B 1065 0.12 23.81 63.73
C VAL B 1065 -1.28 24.35 63.99
N THR B 1066 -2.12 23.52 64.61
CA THR B 1066 -3.51 23.84 64.87
C THR B 1066 -3.85 23.58 66.33
N TYR B 1067 -4.96 24.14 66.75
CA TYR B 1067 -5.45 24.09 68.13
C TYR B 1067 -6.69 23.21 68.18
N VAL B 1068 -6.67 22.17 68.99
CA VAL B 1068 -7.76 21.20 69.06
C VAL B 1068 -8.30 21.18 70.48
N PRO B 1069 -9.57 21.49 70.69
CA PRO B 1069 -10.13 21.46 72.05
C PRO B 1069 -10.19 20.04 72.60
N ALA B 1070 -10.23 19.93 73.93
CA ALA B 1070 -10.18 18.63 74.55
C ALA B 1070 -10.79 18.70 75.94
N GLN B 1071 -11.22 17.54 76.43
CA GLN B 1071 -11.77 17.37 77.77
C GLN B 1071 -12.98 18.27 77.99
N GLU B 1072 -14.02 18.05 77.21
CA GLU B 1072 -15.22 18.87 77.32
C GLU B 1072 -16.04 18.46 78.53
N LYS B 1073 -16.98 19.32 78.91
CA LYS B 1073 -17.79 19.11 80.08
C LYS B 1073 -19.19 19.66 79.82
N ASN B 1074 -20.19 19.02 80.43
CA ASN B 1074 -21.58 19.36 80.24
C ASN B 1074 -22.00 20.49 81.18
N PHE B 1075 -22.84 21.38 80.67
CA PHE B 1075 -23.39 22.46 81.45
C PHE B 1075 -24.81 22.73 81.00
N THR B 1076 -25.60 23.31 81.89
CA THR B 1076 -26.87 23.89 81.55
C THR B 1076 -26.65 25.31 81.05
N THR B 1077 -27.46 25.72 80.09
CA THR B 1077 -27.25 27.00 79.44
C THR B 1077 -28.59 27.72 79.27
N ALA B 1078 -28.51 28.99 78.91
CA ALA B 1078 -29.70 29.82 78.72
C ALA B 1078 -29.38 30.90 77.72
N PRO B 1079 -30.36 31.34 76.95
CA PRO B 1079 -30.09 32.41 75.98
C PRO B 1079 -29.93 33.79 76.60
N ALA B 1080 -30.68 34.09 77.66
CA ALA B 1080 -30.64 35.40 78.28
C ALA B 1080 -30.92 35.28 79.76
N ILE B 1081 -30.63 36.35 80.50
CA ILE B 1081 -30.84 36.42 81.93
C ILE B 1081 -31.78 37.59 82.21
N CYS B 1082 -32.76 37.36 83.07
CA CYS B 1082 -33.75 38.38 83.41
C CYS B 1082 -33.48 38.86 84.83
N HIS B 1083 -33.21 40.14 84.99
CA HIS B 1083 -32.88 40.69 86.31
C HIS B 1083 -33.92 41.66 86.85
N ASP B 1084 -34.22 42.73 86.14
CA ASP B 1084 -35.18 43.72 86.61
C ASP B 1084 -36.25 43.97 85.56
N GLY B 1085 -36.83 42.91 85.02
CA GLY B 1085 -37.76 43.07 83.93
C GLY B 1085 -37.01 43.46 82.66
N LYS B 1086 -35.71 43.19 82.63
CA LYS B 1086 -34.87 43.45 81.48
C LYS B 1086 -34.10 42.19 81.13
N ALA B 1087 -33.84 42.01 79.85
CA ALA B 1087 -33.14 40.84 79.34
C ALA B 1087 -31.68 41.21 79.09
N HIS B 1088 -30.77 40.38 79.58
CA HIS B 1088 -29.34 40.62 79.46
C HIS B 1088 -28.71 39.53 78.61
N PHE B 1089 -27.96 39.93 77.58
CA PHE B 1089 -27.30 38.98 76.72
C PHE B 1089 -25.79 39.11 76.89
N PRO B 1090 -25.04 38.02 76.76
CA PRO B 1090 -23.59 38.11 76.96
C PRO B 1090 -22.94 38.88 75.82
N ARG B 1091 -21.83 39.54 76.13
CA ARG B 1091 -21.15 40.32 75.10
C ARG B 1091 -20.34 39.42 74.18
N GLU B 1092 -19.43 38.63 74.72
CA GLU B 1092 -18.63 37.74 73.89
C GLU B 1092 -18.52 36.36 74.52
N GLY B 1093 -19.61 35.82 75.02
CA GLY B 1093 -19.54 34.56 75.69
C GLY B 1093 -20.84 33.82 75.64
N VAL B 1094 -21.04 32.98 76.65
CA VAL B 1094 -22.25 32.16 76.77
C VAL B 1094 -22.52 31.95 78.25
N PHE B 1095 -23.80 31.91 78.60
CA PHE B 1095 -24.23 31.70 79.98
C PHE B 1095 -24.25 30.22 80.29
N VAL B 1096 -23.54 29.82 81.34
CA VAL B 1096 -23.52 28.43 81.79
C VAL B 1096 -23.90 28.38 83.26
N SER B 1097 -24.15 27.18 83.75
CA SER B 1097 -24.50 26.97 85.14
C SER B 1097 -23.91 25.66 85.63
N ASN B 1098 -23.18 25.72 86.74
CA ASN B 1098 -22.57 24.52 87.31
C ASN B 1098 -23.59 23.66 88.05
N GLY B 1099 -24.86 24.00 87.96
CA GLY B 1099 -25.92 23.28 88.65
C GLY B 1099 -26.73 24.17 89.56
N THR B 1100 -26.06 25.10 90.24
CA THR B 1100 -26.73 26.02 91.15
C THR B 1100 -26.47 27.49 90.84
N HIS B 1101 -25.26 27.85 90.41
CA HIS B 1101 -24.91 29.24 90.13
C HIS B 1101 -24.73 29.43 88.63
N TRP B 1102 -24.87 30.68 88.19
CA TRP B 1102 -24.77 31.03 86.78
C TRP B 1102 -23.51 31.86 86.56
N PHE B 1103 -22.78 31.54 85.50
CA PHE B 1103 -21.60 32.27 85.09
C PHE B 1103 -21.68 32.59 83.62
N VAL B 1104 -20.77 33.42 83.15
CA VAL B 1104 -20.60 33.68 81.72
C VAL B 1104 -19.17 33.31 81.36
N THR B 1105 -19.01 32.54 80.30
CA THR B 1105 -17.70 32.07 79.89
C THR B 1105 -17.48 32.38 78.42
N GLN B 1106 -16.28 32.11 77.93
CA GLN B 1106 -15.99 32.18 76.51
C GLN B 1106 -16.27 30.81 75.89
N ARG B 1107 -16.54 30.83 74.59
CA ARG B 1107 -17.13 29.65 73.97
C ARG B 1107 -16.15 28.51 73.80
N ASN B 1108 -14.86 28.80 73.65
CA ASN B 1108 -13.89 27.78 73.27
C ASN B 1108 -13.02 27.31 74.41
N PHE B 1109 -13.23 27.80 75.62
CA PHE B 1109 -12.40 27.44 76.75
C PHE B 1109 -13.17 27.78 78.01
N TYR B 1110 -13.30 26.83 78.92
CA TYR B 1110 -14.12 27.03 80.11
C TYR B 1110 -13.36 27.91 81.09
N GLU B 1111 -13.86 29.13 81.28
CA GLU B 1111 -13.26 30.08 82.21
C GLU B 1111 -14.37 30.92 82.80
N PRO B 1112 -15.05 30.40 83.83
CA PRO B 1112 -16.29 31.03 84.28
C PRO B 1112 -16.03 32.32 85.03
N GLN B 1113 -16.97 33.26 84.88
CA GLN B 1113 -16.87 34.55 85.52
C GLN B 1113 -18.24 34.99 86.00
N ILE B 1114 -18.25 35.90 86.94
CA ILE B 1114 -19.49 36.40 87.52
C ILE B 1114 -20.18 37.33 86.53
N ILE B 1115 -21.49 37.17 86.40
CA ILE B 1115 -22.26 37.99 85.48
C ILE B 1115 -22.39 39.40 86.05
N THR B 1116 -21.84 40.38 85.35
CA THR B 1116 -21.94 41.77 85.77
C THR B 1116 -22.55 42.59 84.64
N THR B 1117 -22.55 43.91 84.79
CA THR B 1117 -23.03 44.79 83.74
C THR B 1117 -21.93 45.13 82.74
N ASP B 1118 -20.73 44.62 82.94
CA ASP B 1118 -19.64 44.78 82.00
C ASP B 1118 -19.46 43.55 81.12
N ASN B 1119 -20.07 42.44 81.50
CA ASN B 1119 -20.07 41.22 80.70
C ASN B 1119 -21.23 41.15 79.74
N THR B 1120 -22.33 41.86 80.02
CA THR B 1120 -23.58 41.69 79.31
C THR B 1120 -24.01 43.03 78.73
N PHE B 1121 -25.10 42.99 77.96
CA PHE B 1121 -25.76 44.20 77.51
C PHE B 1121 -27.26 43.94 77.56
N VAL B 1122 -28.01 45.02 77.69
CA VAL B 1122 -29.44 44.94 77.89
C VAL B 1122 -30.16 45.25 76.59
N SER B 1123 -31.27 44.55 76.36
CA SER B 1123 -32.11 44.84 75.21
C SER B 1123 -33.50 44.28 75.47
N GLY B 1124 -34.47 45.15 75.63
CA GLY B 1124 -35.85 44.72 75.77
C GLY B 1124 -36.20 44.27 77.18
N ASN B 1125 -37.38 43.64 77.27
CA ASN B 1125 -37.87 43.12 78.53
C ASN B 1125 -37.93 41.60 78.46
N CYS B 1126 -38.47 41.00 79.51
CA CYS B 1126 -38.35 39.55 79.70
C CYS B 1126 -39.53 38.77 79.15
N ASP B 1127 -40.18 39.25 78.09
CA ASP B 1127 -41.39 38.61 77.61
C ASP B 1127 -41.26 37.96 76.25
N VAL B 1128 -40.14 38.17 75.54
CA VAL B 1128 -40.02 37.70 74.18
C VAL B 1128 -39.05 36.52 74.03
N VAL B 1129 -37.94 36.54 74.74
CA VAL B 1129 -36.96 35.46 74.64
C VAL B 1129 -37.57 34.20 75.19
N ILE B 1130 -37.25 33.06 74.56
CA ILE B 1130 -37.95 31.82 74.84
C ILE B 1130 -37.46 31.16 76.12
N GLY B 1131 -36.17 30.89 76.23
CA GLY B 1131 -35.67 30.17 77.38
C GLY B 1131 -35.00 31.04 78.41
N ILE B 1132 -35.49 32.27 78.59
CA ILE B 1132 -34.90 33.20 79.53
C ILE B 1132 -35.03 32.66 80.95
N VAL B 1133 -34.03 32.93 81.79
CA VAL B 1133 -34.03 32.49 83.18
C VAL B 1133 -33.79 33.67 84.09
N ASN B 1134 -34.18 33.51 85.35
CA ASN B 1134 -34.08 34.54 86.37
C ASN B 1134 -32.76 34.41 87.12
N ASN B 1135 -32.01 35.49 87.20
CA ASN B 1135 -30.78 35.51 87.99
C ASN B 1135 -30.38 36.95 88.23
N THR B 1136 -29.37 37.13 89.07
CA THR B 1136 -28.91 38.45 89.48
C THR B 1136 -27.73 38.89 88.62
N VAL B 1137 -27.71 40.17 88.27
CA VAL B 1137 -26.63 40.76 87.49
C VAL B 1137 -25.95 41.80 88.35
N TYR B 1138 -24.73 41.50 88.79
CA TYR B 1138 -24.05 42.30 89.78
C TYR B 1138 -23.53 43.59 89.17
N ASP B 1139 -23.95 44.72 89.74
CA ASP B 1139 -23.48 46.03 89.31
C ASP B 1139 -22.27 46.43 90.12
N PRO B 1140 -21.11 46.64 89.50
CA PRO B 1140 -19.90 46.96 90.27
C PRO B 1140 -19.71 48.43 90.57
N LEU B 1141 -20.76 49.15 90.96
CA LEU B 1141 -20.61 50.56 91.28
C LEU B 1141 -21.17 50.90 92.65
N GLN B 1142 -22.32 50.31 92.98
CA GLN B 1142 -22.95 50.55 94.26
C GLN B 1142 -21.98 50.28 95.40
N PRO B 1143 -21.30 49.15 95.34
CA PRO B 1143 -20.32 48.79 96.36
C PRO B 1143 -19.33 49.94 96.54
N GLU B 1144 -19.09 50.67 95.45
CA GLU B 1144 -18.18 51.82 95.47
C GLU B 1144 -18.89 53.01 96.09
N LEU B 1145 -20.16 52.83 96.42
CA LEU B 1145 -20.96 53.89 97.01
C LEU B 1145 -21.58 53.41 98.32
N ASP B 1146 -21.07 52.31 98.85
CA ASP B 1146 -21.56 51.74 100.09
C ASP B 1146 -20.41 51.34 101.01
N GLN C 14 -47.46 -1.35 -41.95
CA GLN C 14 -48.34 -0.88 -40.89
C GLN C 14 -47.68 0.18 -40.04
N CYS C 15 -47.71 1.44 -40.49
CA CYS C 15 -47.12 2.48 -39.68
C CYS C 15 -47.67 3.83 -40.12
N VAL C 16 -48.39 4.50 -39.23
CA VAL C 16 -49.18 5.67 -39.58
C VAL C 16 -48.70 6.89 -38.81
N ASN C 17 -49.01 8.06 -39.35
CA ASN C 17 -48.73 9.33 -38.71
C ASN C 17 -50.12 9.79 -38.33
N LEU C 18 -50.38 9.90 -37.03
CA LEU C 18 -51.72 10.25 -36.56
C LEU C 18 -51.99 11.75 -36.70
N THR C 19 -53.28 12.10 -36.67
CA THR C 19 -53.72 13.47 -36.77
C THR C 19 -54.89 13.68 -35.81
N THR C 20 -55.60 14.80 -35.99
CA THR C 20 -56.71 15.21 -35.14
C THR C 20 -56.25 15.42 -33.70
N ARG C 21 -55.11 16.09 -33.53
CA ARG C 21 -54.52 16.33 -32.23
C ARG C 21 -54.42 17.83 -31.99
N THR C 22 -54.84 18.28 -30.82
CA THR C 22 -54.89 19.69 -30.50
C THR C 22 -53.57 20.15 -29.92
N GLN C 23 -53.30 21.44 -30.01
CA GLN C 23 -52.05 22.02 -29.55
C GLN C 23 -52.21 22.51 -28.11
N LEU C 24 -51.15 22.35 -27.32
CA LEU C 24 -51.12 22.80 -25.94
C LEU C 24 -49.67 22.95 -25.51
N PRO C 25 -49.39 23.88 -24.60
CA PRO C 25 -48.05 23.96 -24.00
C PRO C 25 -47.85 22.88 -22.96
N PRO C 26 -46.63 22.66 -22.50
CA PRO C 26 -46.39 21.62 -21.50
C PRO C 26 -46.91 22.01 -20.11
N ALA C 27 -47.10 20.99 -19.29
CA ALA C 27 -47.56 21.16 -17.91
C ALA C 27 -46.53 20.58 -16.95
N TYR C 28 -46.41 21.20 -15.78
CA TYR C 28 -45.44 20.81 -14.78
C TYR C 28 -46.13 20.56 -13.45
N THR C 29 -45.45 19.79 -12.60
CA THR C 29 -46.02 19.41 -11.32
C THR C 29 -44.86 19.23 -10.35
N ASN C 30 -45.17 19.16 -9.06
CA ASN C 30 -44.18 18.97 -8.01
C ASN C 30 -44.16 17.52 -7.58
N SER C 31 -42.96 17.01 -7.28
CA SER C 31 -42.80 15.67 -6.76
C SER C 31 -42.60 15.75 -5.24
N PHE C 32 -43.65 15.41 -4.49
CA PHE C 32 -43.61 15.54 -3.03
C PHE C 32 -42.92 14.33 -2.42
N THR C 33 -41.59 14.36 -2.39
CA THR C 33 -40.79 13.29 -1.79
C THR C 33 -41.09 11.93 -2.42
N ARG C 34 -41.12 11.88 -3.74
CA ARG C 34 -41.38 10.64 -4.47
C ARG C 34 -40.08 10.13 -5.07
N GLY C 35 -40.06 8.83 -5.33
CA GLY C 35 -38.97 8.23 -6.09
C GLY C 35 -37.77 7.76 -5.30
N VAL C 36 -38.01 7.00 -4.23
CA VAL C 36 -36.96 6.41 -3.43
C VAL C 36 -37.01 4.91 -3.60
N TYR C 37 -35.84 4.28 -3.66
CA TYR C 37 -35.77 2.84 -3.87
C TYR C 37 -34.76 2.24 -2.91
N TYR C 38 -34.88 0.93 -2.71
CA TYR C 38 -33.92 0.21 -1.89
C TYR C 38 -32.58 0.17 -2.60
N PRO C 39 -31.51 0.72 -2.00
CA PRO C 39 -30.23 0.82 -2.72
C PRO C 39 -29.35 -0.41 -2.65
N ASP C 40 -29.69 -1.43 -1.86
CA ASP C 40 -28.96 -2.69 -1.90
C ASP C 40 -29.94 -3.82 -1.68
N LYS C 41 -29.40 -5.02 -1.47
CA LYS C 41 -30.17 -6.20 -1.18
C LYS C 41 -29.94 -6.70 0.24
N VAL C 42 -29.57 -5.81 1.15
CA VAL C 42 -29.31 -6.17 2.53
C VAL C 42 -30.51 -5.79 3.38
N PHE C 43 -30.81 -6.60 4.38
CA PHE C 43 -31.90 -6.32 5.30
C PHE C 43 -31.41 -5.43 6.43
N ARG C 44 -32.15 -4.35 6.70
CA ARG C 44 -31.87 -3.48 7.82
C ARG C 44 -33.15 -3.17 8.55
N SER C 45 -33.08 -3.03 9.86
CA SER C 45 -34.25 -2.89 10.70
C SER C 45 -33.98 -1.89 11.80
N SER C 46 -34.91 -0.96 11.98
CA SER C 46 -34.86 0.04 13.06
C SER C 46 -33.54 0.82 13.01
N VAL C 47 -33.35 1.58 11.95
CA VAL C 47 -32.07 2.24 11.71
C VAL C 47 -32.27 3.43 10.79
N LEU C 48 -31.28 4.33 10.79
CA LEU C 48 -31.21 5.42 9.83
C LEU C 48 -29.91 5.28 9.07
N HIS C 49 -30.00 5.10 7.75
CA HIS C 49 -28.86 4.79 6.92
C HIS C 49 -28.63 5.90 5.91
N SER C 50 -27.39 6.36 5.81
CA SER C 50 -27.04 7.41 4.86
C SER C 50 -26.48 6.78 3.59
N THR C 51 -26.97 7.21 2.45
CA THR C 51 -26.67 6.57 1.17
C THR C 51 -26.50 7.62 0.10
N GLN C 52 -25.50 7.44 -0.75
CA GLN C 52 -25.34 8.29 -1.93
C GLN C 52 -25.63 7.48 -3.19
N ASP C 53 -26.49 8.03 -4.04
CA ASP C 53 -26.85 7.35 -5.29
C ASP C 53 -27.60 8.30 -6.21
N LEU C 54 -28.10 7.78 -7.32
CA LEU C 54 -28.90 8.56 -8.27
C LEU C 54 -30.34 8.54 -7.78
N PHE C 55 -30.80 9.67 -7.24
CA PHE C 55 -32.14 9.79 -6.70
C PHE C 55 -32.85 10.93 -7.38
N LEU C 56 -34.17 10.93 -7.26
CA LEU C 56 -34.97 12.05 -7.72
C LEU C 56 -35.07 13.09 -6.61
N PRO C 57 -34.54 14.29 -6.78
CA PRO C 57 -34.52 15.27 -5.69
C PRO C 57 -35.92 15.58 -5.21
N PHE C 58 -36.02 15.92 -3.92
CA PHE C 58 -37.30 16.22 -3.31
C PHE C 58 -37.85 17.53 -3.85
N PHE C 59 -39.16 17.57 -4.03
CA PHE C 59 -39.85 18.76 -4.55
C PHE C 59 -39.24 19.20 -5.88
N SER C 60 -39.17 18.26 -6.81
CA SER C 60 -38.65 18.51 -8.15
C SER C 60 -39.79 18.88 -9.09
N ASN C 61 -39.41 19.53 -10.19
CA ASN C 61 -40.35 19.94 -11.22
C ASN C 61 -40.45 18.86 -12.28
N VAL C 62 -41.46 18.00 -12.16
CA VAL C 62 -41.63 16.91 -13.10
C VAL C 62 -42.58 17.35 -14.21
N THR C 63 -42.46 16.72 -15.37
CA THR C 63 -43.28 17.06 -16.51
C THR C 63 -44.49 16.12 -16.58
N TRP C 64 -45.61 16.68 -17.03
CA TRP C 64 -46.92 16.04 -16.96
C TRP C 64 -47.46 15.85 -18.36
N PHE C 65 -47.88 14.64 -18.68
CA PHE C 65 -48.39 14.30 -20.00
C PHE C 65 -49.73 13.60 -19.87
N HIS C 66 -50.68 13.92 -20.73
CA HIS C 66 -51.97 13.25 -20.60
C HIS C 66 -52.50 12.61 -21.88
N ALA C 67 -53.82 12.58 -22.00
CA ALA C 67 -54.48 12.00 -23.15
C ALA C 67 -55.93 11.82 -22.83
N ILE C 68 -56.70 12.88 -22.96
CA ILE C 68 -58.12 12.85 -22.71
C ILE C 68 -58.72 13.38 -24.00
N HIS C 69 -59.74 12.70 -24.49
CA HIS C 69 -60.38 13.13 -25.72
C HIS C 69 -61.80 13.61 -25.38
N VAL C 70 -62.12 14.83 -25.81
CA VAL C 70 -63.45 15.44 -25.59
C VAL C 70 -63.59 16.19 -24.27
N THR C 76 -61.46 18.10 -27.26
CA THR C 76 -60.02 18.04 -27.03
C THR C 76 -59.52 16.59 -27.07
N LYS C 77 -58.43 16.40 -27.82
CA LYS C 77 -57.76 15.11 -27.96
C LYS C 77 -56.34 15.41 -27.51
N ARG C 78 -55.69 14.49 -26.84
CA ARG C 78 -54.33 14.73 -26.38
C ARG C 78 -53.58 13.42 -26.23
N PHE C 79 -52.87 13.03 -27.28
CA PHE C 79 -52.12 11.77 -27.21
C PHE C 79 -50.65 12.13 -27.07
N ASP C 80 -50.15 12.32 -25.84
CA ASP C 80 -48.76 12.72 -25.71
C ASP C 80 -47.83 11.52 -25.70
N ASN C 81 -46.91 11.48 -26.65
CA ASN C 81 -45.79 10.54 -26.60
C ASN C 81 -44.59 11.10 -27.34
N PRO C 82 -44.03 12.24 -26.92
CA PRO C 82 -42.85 12.77 -27.61
C PRO C 82 -41.60 12.01 -27.24
N VAL C 83 -40.50 12.34 -27.90
CA VAL C 83 -39.22 11.74 -27.59
C VAL C 83 -38.54 12.59 -26.53
N LEU C 84 -38.31 12.01 -25.37
CA LEU C 84 -37.76 12.72 -24.22
C LEU C 84 -36.33 12.30 -23.97
N PRO C 85 -35.51 13.18 -23.42
CA PRO C 85 -34.15 12.79 -23.05
C PRO C 85 -34.14 11.74 -21.95
N PHE C 86 -33.01 11.05 -21.86
CA PHE C 86 -32.74 10.08 -20.81
C PHE C 86 -31.38 10.45 -20.25
N ASN C 87 -31.35 11.38 -19.31
CA ASN C 87 -30.10 12.04 -18.99
C ASN C 87 -29.18 11.14 -18.17
N ASP C 88 -29.58 10.77 -16.96
CA ASP C 88 -28.77 9.93 -16.10
C ASP C 88 -29.58 8.82 -15.47
N GLY C 89 -30.84 8.71 -15.85
CA GLY C 89 -31.81 7.86 -15.19
C GLY C 89 -33.12 8.59 -15.22
N VAL C 90 -34.21 7.84 -15.06
CA VAL C 90 -35.54 8.43 -15.21
C VAL C 90 -36.45 7.86 -14.14
N TYR C 91 -37.17 8.75 -13.45
CA TYR C 91 -38.32 8.39 -12.65
C TYR C 91 -39.56 8.58 -13.51
N PHE C 92 -40.36 7.52 -13.63
CA PHE C 92 -41.54 7.53 -14.47
C PHE C 92 -42.73 7.09 -13.62
N ALA C 93 -43.80 7.87 -13.63
CA ALA C 93 -44.97 7.52 -12.86
C ALA C 93 -46.19 7.57 -13.77
N SER C 94 -47.12 6.65 -13.55
CA SER C 94 -48.31 6.56 -14.40
C SER C 94 -49.53 6.35 -13.54
N THR C 95 -50.51 7.24 -13.68
CA THR C 95 -51.82 7.11 -13.05
C THR C 95 -52.82 6.71 -14.12
N GLU C 96 -53.45 5.54 -13.94
CA GLU C 96 -54.42 5.05 -14.90
C GLU C 96 -55.53 4.27 -14.22
N LYS C 97 -56.51 3.91 -15.04
CA LYS C 97 -57.60 3.02 -14.67
C LYS C 97 -57.89 1.97 -15.74
N SER C 98 -57.34 2.11 -16.94
CA SER C 98 -57.73 1.27 -18.06
C SER C 98 -56.56 0.83 -18.92
N ASN C 99 -55.36 0.79 -18.35
CA ASN C 99 -54.19 0.16 -18.98
C ASN C 99 -53.82 0.79 -20.32
N ILE C 100 -53.44 2.08 -20.29
CA ILE C 100 -53.14 2.80 -21.52
C ILE C 100 -51.64 2.83 -21.81
N ILE C 101 -50.80 3.01 -20.80
CA ILE C 101 -49.35 2.94 -21.02
C ILE C 101 -48.93 1.48 -21.02
N ARG C 102 -48.16 1.09 -22.03
CA ARG C 102 -47.83 -0.31 -22.28
C ARG C 102 -46.34 -0.60 -22.27
N GLY C 103 -45.49 0.41 -22.28
CA GLY C 103 -44.07 0.17 -22.29
C GLY C 103 -43.33 1.34 -22.88
N TRP C 104 -42.06 1.11 -23.18
CA TRP C 104 -41.18 2.17 -23.64
C TRP C 104 -40.21 1.63 -24.67
N ILE C 105 -39.61 2.55 -25.42
CA ILE C 105 -38.47 2.25 -26.28
C ILE C 105 -37.34 3.18 -25.89
N PHE C 106 -36.13 2.65 -25.82
CA PHE C 106 -34.94 3.40 -25.42
C PHE C 106 -33.88 3.27 -26.50
N GLY C 107 -33.12 4.34 -26.71
CA GLY C 107 -32.06 4.27 -27.70
C GLY C 107 -31.43 5.63 -27.88
N THR C 108 -30.65 5.78 -28.94
CA THR C 108 -30.05 7.06 -29.30
C THR C 108 -30.65 7.66 -30.56
N THR C 109 -30.67 6.94 -31.68
CA THR C 109 -31.26 7.46 -32.91
C THR C 109 -32.60 6.82 -33.25
N LEU C 110 -32.87 5.61 -32.78
CA LEU C 110 -34.16 4.94 -32.97
C LEU C 110 -34.49 4.75 -34.44
N ASP C 111 -33.48 4.55 -35.29
CA ASP C 111 -33.72 4.50 -36.72
C ASP C 111 -32.90 3.43 -37.45
N SER C 112 -32.63 2.31 -36.79
CA SER C 112 -32.04 1.13 -37.42
C SER C 112 -30.57 1.29 -37.81
N LYS C 113 -29.97 2.45 -37.53
CA LYS C 113 -28.53 2.58 -37.63
C LYS C 113 -27.83 2.25 -36.32
N THR C 114 -28.59 2.04 -35.26
CA THR C 114 -28.05 1.73 -33.94
C THR C 114 -29.02 0.79 -33.25
N GLN C 115 -28.53 0.16 -32.19
CA GLN C 115 -29.34 -0.79 -31.44
C GLN C 115 -30.24 -0.06 -30.47
N SER C 116 -31.42 -0.63 -30.24
CA SER C 116 -32.41 -0.04 -29.35
C SER C 116 -33.08 -1.13 -28.53
N LEU C 117 -33.61 -0.72 -27.39
CA LEU C 117 -34.28 -1.61 -26.46
C LEU C 117 -35.76 -1.31 -26.47
N LEU C 118 -36.57 -2.35 -26.42
CA LEU C 118 -38.03 -2.24 -26.44
C LEU C 118 -38.59 -3.09 -25.32
N ILE C 119 -39.33 -2.46 -24.41
CA ILE C 119 -40.07 -3.15 -23.36
C ILE C 119 -41.54 -2.89 -23.62
N VAL C 120 -42.31 -3.93 -23.87
CA VAL C 120 -43.70 -3.75 -24.26
C VAL C 120 -44.58 -4.78 -23.58
N ASN C 121 -45.85 -4.45 -23.41
CA ASN C 121 -46.83 -5.32 -22.80
C ASN C 121 -47.96 -5.51 -23.79
N ASN C 122 -47.90 -6.60 -24.56
CA ASN C 122 -49.05 -7.02 -25.34
C ASN C 122 -50.20 -7.37 -24.41
N ALA C 123 -51.35 -7.67 -24.99
CA ALA C 123 -52.43 -8.08 -24.11
C ALA C 123 -52.19 -9.46 -23.50
N THR C 124 -51.11 -10.15 -23.89
CA THR C 124 -50.87 -11.50 -23.42
C THR C 124 -49.49 -11.74 -22.82
N ASN C 125 -48.44 -11.06 -23.32
CA ASN C 125 -47.09 -11.28 -22.81
C ASN C 125 -46.39 -9.96 -22.56
N VAL C 126 -45.31 -10.02 -21.79
CA VAL C 126 -44.33 -8.94 -21.67
C VAL C 126 -43.12 -9.30 -22.51
N VAL C 127 -42.71 -8.39 -23.38
CA VAL C 127 -41.66 -8.65 -24.35
C VAL C 127 -40.55 -7.63 -24.17
N ILE C 128 -39.32 -8.12 -24.01
CA ILE C 128 -38.14 -7.28 -23.92
C ILE C 128 -37.21 -7.70 -25.05
N LYS C 129 -36.80 -6.74 -25.87
CA LYS C 129 -35.96 -7.05 -27.03
C LYS C 129 -34.95 -5.96 -27.26
N VAL C 130 -33.68 -6.34 -27.44
CA VAL C 130 -32.62 -5.38 -27.68
C VAL C 130 -31.94 -5.63 -29.02
N CYS C 131 -32.56 -5.16 -30.09
CA CYS C 131 -32.01 -5.33 -31.43
C CYS C 131 -32.08 -4.03 -32.23
N GLU C 132 -31.94 -4.15 -33.55
CA GLU C 132 -31.98 -2.98 -34.43
C GLU C 132 -33.38 -2.77 -34.99
N PHE C 133 -34.11 -1.81 -34.41
CA PHE C 133 -35.46 -1.51 -34.84
C PHE C 133 -35.48 -0.28 -35.73
N GLN C 134 -36.46 -0.21 -36.62
CA GLN C 134 -36.78 1.01 -37.35
C GLN C 134 -38.13 1.48 -36.82
N PHE C 135 -38.10 2.36 -35.83
CA PHE C 135 -39.31 2.82 -35.18
C PHE C 135 -40.02 3.87 -36.02
N CYS C 136 -41.32 4.00 -35.80
CA CYS C 136 -42.11 5.01 -36.49
C CYS C 136 -42.06 6.35 -35.77
N ASN C 137 -42.65 7.36 -36.42
CA ASN C 137 -42.81 8.65 -35.77
C ASN C 137 -43.87 8.61 -34.69
N ASP C 138 -44.86 7.73 -34.82
CA ASP C 138 -45.95 7.62 -33.86
C ASP C 138 -46.20 6.15 -33.58
N PRO C 139 -45.38 5.53 -32.74
CA PRO C 139 -45.61 4.13 -32.40
C PRO C 139 -46.69 3.98 -31.35
N PHE C 140 -47.52 2.97 -31.52
CA PHE C 140 -48.59 2.75 -30.56
C PHE C 140 -49.13 1.34 -30.69
N LEU C 141 -50.05 1.02 -29.80
CA LEU C 141 -50.85 -0.18 -29.88
C LEU C 141 -52.30 0.24 -30.03
N GLY C 142 -53.19 -0.73 -30.20
CA GLY C 142 -54.56 -0.35 -30.42
C GLY C 142 -55.56 -1.43 -30.08
N VAL C 143 -56.59 -1.06 -29.31
CA VAL C 143 -57.64 -1.96 -28.86
C VAL C 143 -58.91 -1.59 -29.61
N TYR C 144 -59.67 -2.60 -30.03
CA TYR C 144 -60.91 -2.40 -30.75
C TYR C 144 -62.09 -2.89 -29.91
N TYR C 145 -63.19 -2.15 -29.98
CA TYR C 145 -64.37 -2.40 -29.16
C TYR C 145 -65.56 -2.74 -30.03
N HIS C 146 -66.13 -3.93 -29.83
CA HIS C 146 -67.32 -4.37 -30.54
C HIS C 146 -68.50 -4.36 -29.58
N LYS C 147 -69.69 -4.04 -30.10
CA LYS C 147 -70.89 -4.21 -29.28
C LYS C 147 -71.60 -5.52 -29.58
N ASN C 148 -71.68 -5.91 -30.85
CA ASN C 148 -72.27 -7.18 -31.23
C ASN C 148 -71.62 -8.31 -30.43
N ASN C 149 -70.29 -8.30 -30.43
CA ASN C 149 -69.50 -9.24 -29.64
C ASN C 149 -69.23 -8.45 -28.37
N LYS C 150 -69.36 -9.09 -27.21
CA LYS C 150 -69.18 -8.38 -25.94
C LYS C 150 -67.71 -8.39 -25.55
N SER C 151 -66.90 -7.51 -26.15
CA SER C 151 -65.46 -7.62 -25.89
C SER C 151 -64.69 -6.41 -26.43
N TRP C 152 -63.68 -6.01 -25.65
CA TRP C 152 -62.56 -5.21 -26.12
C TRP C 152 -61.42 -6.17 -26.46
N MET C 153 -60.88 -6.07 -27.67
CA MET C 153 -59.81 -6.97 -28.07
C MET C 153 -58.63 -6.18 -28.61
N GLU C 154 -57.43 -6.75 -28.44
CA GLU C 154 -56.20 -6.14 -28.92
C GLU C 154 -56.08 -6.33 -30.41
N SER C 155 -55.99 -5.23 -31.16
CA SER C 155 -56.01 -5.29 -32.61
C SER C 155 -54.72 -4.85 -33.28
N GLU C 156 -54.20 -3.65 -33.02
CA GLU C 156 -53.03 -3.18 -33.73
C GLU C 156 -51.80 -3.15 -32.83
N PHE C 157 -50.64 -3.38 -33.45
CA PHE C 157 -49.32 -3.27 -32.80
C PHE C 157 -48.43 -2.59 -33.84
N ARG C 158 -48.38 -1.26 -33.82
CA ARG C 158 -47.66 -0.51 -34.84
C ARG C 158 -46.52 0.24 -34.17
N VAL C 159 -45.39 -0.44 -34.03
CA VAL C 159 -44.21 0.10 -33.37
C VAL C 159 -43.05 0.26 -34.34
N TYR C 160 -42.64 -0.84 -34.97
CA TYR C 160 -41.45 -0.83 -35.81
C TYR C 160 -41.76 -1.46 -37.16
N SER C 161 -40.86 -1.20 -38.12
CA SER C 161 -40.96 -1.83 -39.43
C SER C 161 -40.06 -3.06 -39.54
N SER C 162 -38.85 -2.98 -39.01
CA SER C 162 -37.89 -4.06 -39.14
C SER C 162 -37.17 -4.30 -37.81
N ALA C 163 -36.57 -5.48 -37.69
CA ALA C 163 -35.77 -5.85 -36.54
C ALA C 163 -34.70 -6.83 -37.00
N ASN C 164 -33.47 -6.34 -37.21
CA ASN C 164 -32.51 -7.15 -37.94
C ASN C 164 -31.57 -7.99 -37.07
N ASN C 165 -30.74 -7.36 -36.26
CA ASN C 165 -29.62 -8.04 -35.63
C ASN C 165 -29.82 -7.98 -34.12
N CYS C 166 -30.70 -8.85 -33.65
CA CYS C 166 -31.09 -8.90 -32.26
C CYS C 166 -30.04 -9.52 -31.38
N THR C 167 -29.86 -8.96 -30.19
CA THR C 167 -28.88 -9.50 -29.27
C THR C 167 -29.48 -10.10 -28.00
N PHE C 168 -30.55 -9.52 -27.49
CA PHE C 168 -31.16 -9.96 -26.24
C PHE C 168 -32.67 -10.06 -26.45
N GLU C 169 -33.26 -11.11 -25.89
CA GLU C 169 -34.69 -11.33 -26.03
C GLU C 169 -35.24 -12.07 -24.82
N TYR C 170 -36.37 -11.58 -24.30
CA TYR C 170 -37.07 -12.24 -23.21
C TYR C 170 -38.56 -12.09 -23.43
N VAL C 171 -39.30 -13.17 -23.20
CA VAL C 171 -40.76 -13.18 -23.30
C VAL C 171 -41.33 -13.88 -22.08
N SER C 172 -42.23 -13.19 -21.38
CA SER C 172 -42.82 -13.68 -20.15
C SER C 172 -43.81 -14.81 -20.43
N GLN C 173 -44.30 -15.45 -19.36
CA GLN C 173 -45.36 -16.44 -19.50
C GLN C 173 -46.66 -15.77 -19.96
N PRO C 174 -47.51 -16.48 -20.68
CA PRO C 174 -48.71 -15.86 -21.23
C PRO C 174 -49.74 -15.53 -20.14
N PHE C 175 -50.48 -14.46 -20.39
CA PHE C 175 -51.60 -14.07 -19.54
C PHE C 175 -52.63 -13.40 -20.43
N LEU C 176 -53.58 -12.71 -19.81
CA LEU C 176 -54.53 -11.88 -20.54
C LEU C 176 -54.98 -10.72 -19.67
N MET C 177 -54.72 -9.50 -20.14
CA MET C 177 -55.12 -8.31 -19.42
C MET C 177 -56.61 -8.04 -19.65
N ASP C 178 -57.08 -6.92 -19.11
CA ASP C 178 -58.51 -6.62 -19.13
C ASP C 178 -58.88 -5.80 -20.37
N LEU C 179 -58.14 -4.73 -20.62
CA LEU C 179 -58.30 -3.85 -21.78
C LEU C 179 -59.63 -3.10 -21.75
N GLU C 180 -60.48 -3.37 -20.78
CA GLU C 180 -61.81 -2.79 -20.73
C GLU C 180 -61.73 -1.34 -20.24
N GLY C 181 -62.46 -0.46 -20.91
CA GLY C 181 -62.38 0.95 -20.60
C GLY C 181 -63.30 1.33 -19.45
N LYS C 182 -62.71 1.76 -18.34
CA LYS C 182 -63.45 2.18 -17.16
C LYS C 182 -63.84 3.65 -17.30
N GLN C 183 -64.64 4.14 -16.35
CA GLN C 183 -65.16 5.51 -16.41
C GLN C 183 -65.10 6.22 -15.07
N GLY C 184 -64.40 5.66 -14.09
CA GLY C 184 -64.37 6.25 -12.76
C GLY C 184 -63.25 7.25 -12.62
N ASN C 185 -62.43 7.07 -11.58
CA ASN C 185 -61.25 7.87 -11.37
C ASN C 185 -60.01 6.99 -11.47
N PHE C 186 -58.85 7.63 -11.51
CA PHE C 186 -57.60 6.90 -11.59
C PHE C 186 -57.44 6.01 -10.36
N LYS C 187 -57.33 4.70 -10.59
CA LYS C 187 -57.29 3.73 -9.52
C LYS C 187 -55.95 3.07 -9.33
N ASN C 188 -54.98 3.26 -10.23
CA ASN C 188 -53.71 2.56 -10.16
C ASN C 188 -52.58 3.52 -10.41
N LEU C 189 -51.61 3.54 -9.49
CA LEU C 189 -50.36 4.27 -9.67
C LEU C 189 -49.24 3.28 -9.82
N ARG C 190 -48.42 3.46 -10.85
CA ARG C 190 -47.28 2.59 -11.09
C ARG C 190 -46.05 3.45 -11.29
N GLU C 191 -45.02 3.19 -10.50
CA GLU C 191 -43.81 3.99 -10.52
C GLU C 191 -42.61 3.13 -10.86
N PHE C 192 -41.73 3.67 -11.69
CA PHE C 192 -40.55 2.98 -12.18
C PHE C 192 -39.35 3.91 -12.07
N VAL C 193 -38.20 3.31 -11.80
CA VAL C 193 -36.92 3.99 -11.90
C VAL C 193 -36.05 3.21 -12.87
N PHE C 194 -35.55 3.90 -13.89
CA PHE C 194 -34.71 3.32 -14.93
C PHE C 194 -33.30 3.88 -14.78
N LYS C 195 -32.33 3.00 -14.62
CA LYS C 195 -30.91 3.38 -14.60
C LYS C 195 -30.17 2.55 -15.64
N ASN C 196 -29.04 3.07 -16.11
CA ASN C 196 -28.25 2.44 -17.16
C ASN C 196 -26.77 2.63 -16.84
N ILE C 197 -26.14 1.60 -16.27
CA ILE C 197 -24.74 1.70 -15.85
C ILE C 197 -24.02 0.39 -16.12
N ASP C 198 -22.80 0.47 -16.67
CA ASP C 198 -21.99 -0.71 -17.00
C ASP C 198 -22.73 -1.70 -17.87
N GLY C 199 -23.44 -1.20 -18.86
CA GLY C 199 -24.18 -2.08 -19.74
C GLY C 199 -25.31 -2.81 -19.09
N TYR C 200 -25.69 -2.41 -17.88
CA TYR C 200 -26.84 -2.97 -17.17
C TYR C 200 -27.95 -1.94 -17.17
N PHE C 201 -29.13 -2.36 -17.57
CA PHE C 201 -30.33 -1.56 -17.49
C PHE C 201 -31.12 -2.04 -16.28
N LYS C 202 -31.13 -1.25 -15.22
CA LYS C 202 -31.77 -1.62 -13.97
C LYS C 202 -33.13 -0.95 -13.86
N ILE C 203 -34.11 -1.74 -13.46
CA ILE C 203 -35.49 -1.29 -13.33
C ILE C 203 -35.95 -1.58 -11.91
N TYR C 204 -36.40 -0.53 -11.21
CA TYR C 204 -37.08 -0.60 -9.93
C TYR C 204 -38.54 -0.23 -10.11
N SER C 205 -39.42 -0.85 -9.34
CA SER C 205 -40.84 -0.68 -9.60
C SER C 205 -41.64 -0.77 -8.32
N LYS C 206 -42.80 -0.11 -8.34
CA LYS C 206 -43.77 -0.22 -7.25
C LYS C 206 -45.17 0.10 -7.76
N HIS C 207 -46.14 -0.71 -7.33
CA HIS C 207 -47.53 -0.53 -7.69
C HIS C 207 -48.30 -0.12 -6.43
N THR C 208 -49.24 0.81 -6.57
CA THR C 208 -50.02 1.29 -5.44
C THR C 208 -51.47 1.55 -5.82
N PRO C 209 -52.42 1.19 -4.95
CA PRO C 209 -53.82 1.49 -5.20
C PRO C 209 -54.16 2.88 -4.70
N ILE C 210 -54.76 3.70 -5.57
CA ILE C 210 -55.11 5.06 -5.26
C ILE C 210 -56.56 5.30 -5.65
N ASN C 211 -57.02 6.53 -5.41
CA ASN C 211 -58.35 7.00 -5.81
C ASN C 211 -58.21 8.50 -5.98
N LEU C 212 -58.04 8.95 -7.22
CA LEU C 212 -57.58 10.31 -7.46
C LEU C 212 -58.10 10.76 -8.81
N VAL C 213 -58.01 12.06 -9.08
CA VAL C 213 -58.54 12.62 -10.32
C VAL C 213 -57.46 13.24 -11.19
N ARG C 214 -56.36 13.73 -10.60
CA ARG C 214 -55.31 14.39 -11.36
C ARG C 214 -54.11 14.62 -10.44
N ASP C 215 -53.07 15.22 -11.01
CA ASP C 215 -52.02 15.85 -10.21
C ASP C 215 -51.37 14.90 -9.22
N LEU C 216 -50.44 14.06 -9.69
CA LEU C 216 -49.84 12.94 -8.97
C LEU C 216 -49.73 13.20 -7.48
N PRO C 217 -50.15 12.25 -6.64
CA PRO C 217 -50.37 12.54 -5.22
C PRO C 217 -49.09 12.68 -4.40
N GLN C 218 -49.27 12.95 -3.13
CA GLN C 218 -48.20 12.95 -2.15
C GLN C 218 -48.21 11.63 -1.39
N GLY C 219 -47.15 11.39 -0.64
CA GLY C 219 -47.00 10.15 0.09
C GLY C 219 -45.59 9.64 -0.07
N PHE C 220 -45.34 8.49 0.55
CA PHE C 220 -44.02 7.88 0.50
C PHE C 220 -44.16 6.39 0.34
N SER C 221 -43.56 5.85 -0.72
CA SER C 221 -43.43 4.41 -0.90
C SER C 221 -42.12 4.16 -1.63
N ALA C 222 -41.38 3.17 -1.17
CA ALA C 222 -40.06 2.86 -1.71
C ALA C 222 -40.19 1.78 -2.78
N LEU C 223 -39.52 1.99 -3.91
CA LEU C 223 -39.58 1.06 -5.03
C LEU C 223 -38.58 -0.07 -4.83
N GLU C 224 -39.00 -1.28 -5.14
CA GLU C 224 -38.16 -2.44 -4.93
C GLU C 224 -37.50 -2.86 -6.23
N PRO C 225 -36.33 -3.51 -6.16
CA PRO C 225 -35.62 -3.90 -7.39
C PRO C 225 -36.43 -4.90 -8.21
N LEU C 226 -36.61 -4.59 -9.48
CA LEU C 226 -37.35 -5.45 -10.39
C LEU C 226 -36.43 -6.30 -11.24
N VAL C 227 -35.49 -5.72 -11.98
CA VAL C 227 -34.64 -6.53 -12.87
C VAL C 227 -33.40 -5.76 -13.28
N ASP C 228 -32.38 -6.51 -13.71
CA ASP C 228 -31.15 -5.98 -14.32
C ASP C 228 -30.99 -6.67 -15.67
N LEU C 229 -31.13 -5.94 -16.74
CA LEU C 229 -30.96 -6.52 -18.07
C LEU C 229 -29.56 -6.24 -18.59
N PRO C 230 -28.82 -7.24 -19.04
CA PRO C 230 -27.48 -7.00 -19.61
C PRO C 230 -27.52 -6.67 -21.10
N ILE C 231 -27.88 -5.43 -21.42
CA ILE C 231 -28.12 -5.03 -22.80
C ILE C 231 -26.89 -4.43 -23.45
N GLY C 232 -26.08 -3.67 -22.71
CA GLY C 232 -24.83 -3.16 -23.23
C GLY C 232 -24.95 -2.18 -24.38
N ILE C 233 -25.97 -1.32 -24.37
CA ILE C 233 -26.13 -0.34 -25.44
C ILE C 233 -26.05 1.06 -24.87
N ASN C 234 -25.95 2.04 -25.75
CA ASN C 234 -25.93 3.45 -25.37
C ASN C 234 -27.35 3.99 -25.45
N ILE C 235 -27.76 4.73 -24.43
CA ILE C 235 -29.12 5.25 -24.34
C ILE C 235 -29.05 6.73 -24.03
N THR C 236 -29.74 7.53 -24.84
CA THR C 236 -29.81 8.96 -24.62
C THR C 236 -31.21 9.52 -24.77
N ARG C 237 -32.15 8.77 -25.34
CA ARG C 237 -33.52 9.22 -25.53
C ARG C 237 -34.45 8.05 -25.30
N PHE C 238 -35.71 8.35 -25.04
CA PHE C 238 -36.71 7.30 -24.88
C PHE C 238 -38.08 7.86 -25.23
N GLN C 239 -39.05 6.95 -25.35
CA GLN C 239 -40.39 7.31 -25.78
C GLN C 239 -41.38 6.30 -25.22
N THR C 240 -42.59 6.78 -24.92
CA THR C 240 -43.61 5.95 -24.28
C THR C 240 -44.56 5.37 -25.32
N LEU C 241 -45.05 4.17 -25.04
CA LEU C 241 -45.96 3.44 -25.93
C LEU C 241 -47.34 3.44 -25.31
N LEU C 242 -48.29 4.06 -26.00
CA LEU C 242 -49.66 4.15 -25.53
C LEU C 242 -50.57 3.28 -26.38
N ALA C 243 -51.73 2.94 -25.82
CA ALA C 243 -52.74 2.16 -26.52
C ALA C 243 -53.86 3.07 -27.00
N LEU C 244 -54.42 2.71 -28.16
CA LEU C 244 -55.47 3.47 -28.82
C LEU C 244 -56.81 2.78 -28.62
N HIS C 245 -57.87 3.52 -28.87
CA HIS C 245 -59.22 3.00 -28.80
C HIS C 245 -59.93 3.23 -30.11
N ARG C 246 -60.45 2.15 -30.70
CA ARG C 246 -61.21 2.23 -31.94
C ARG C 246 -62.48 1.42 -31.80
N SER C 247 -63.58 1.99 -32.25
CA SER C 247 -64.88 1.33 -32.17
C SER C 247 -65.79 1.92 -33.24
N TYR C 248 -67.08 1.60 -33.14
CA TYR C 248 -68.04 2.03 -34.15
C TYR C 248 -68.29 3.53 -34.12
N LEU C 249 -67.77 4.23 -33.10
CA LEU C 249 -67.94 5.67 -33.02
C LEU C 249 -66.74 6.44 -33.53
N THR C 250 -65.73 5.75 -34.06
CA THR C 250 -64.52 6.40 -34.55
C THR C 250 -64.43 6.22 -36.06
N PRO C 251 -65.15 7.02 -36.86
CA PRO C 251 -65.20 6.76 -38.30
C PRO C 251 -63.87 6.90 -39.01
N GLY C 252 -63.31 8.12 -39.00
CA GLY C 252 -62.00 8.42 -39.55
C GLY C 252 -61.70 7.69 -40.85
N ASP C 253 -60.41 7.41 -41.07
CA ASP C 253 -60.06 6.30 -41.96
C ASP C 253 -59.25 5.26 -41.22
N SER C 254 -58.01 5.63 -40.87
CA SER C 254 -57.20 4.90 -39.90
C SER C 254 -56.27 5.83 -39.14
N SER C 255 -56.39 7.13 -39.38
CA SER C 255 -55.48 8.11 -38.82
C SER C 255 -56.24 9.28 -38.20
N SER C 256 -57.56 9.28 -38.34
CA SER C 256 -58.40 10.28 -37.69
C SER C 256 -59.52 9.60 -36.91
N GLY C 257 -59.76 8.31 -37.17
CA GLY C 257 -60.78 7.57 -36.46
C GLY C 257 -60.26 6.84 -35.25
N TRP C 258 -59.90 7.56 -34.20
CA TRP C 258 -59.41 6.96 -32.97
C TRP C 258 -59.82 7.82 -31.80
N THR C 259 -60.05 7.17 -30.65
CA THR C 259 -60.30 7.86 -29.40
C THR C 259 -59.14 7.57 -28.46
N ALA C 260 -58.80 8.56 -27.62
CA ALA C 260 -57.60 8.47 -26.80
C ALA C 260 -57.81 7.55 -25.61
N GLY C 261 -58.75 7.89 -24.74
CA GLY C 261 -58.85 7.20 -23.47
C GLY C 261 -58.60 8.17 -22.33
N ALA C 262 -58.06 7.63 -21.23
CA ALA C 262 -57.78 8.45 -20.07
C ALA C 262 -56.59 7.89 -19.30
N ALA C 263 -55.47 8.62 -19.31
CA ALA C 263 -54.33 8.24 -18.51
C ALA C 263 -53.42 9.45 -18.36
N ALA C 264 -52.55 9.40 -17.36
CA ALA C 264 -51.56 10.47 -17.23
C ALA C 264 -50.23 9.88 -16.79
N TYR C 265 -49.15 10.51 -17.22
CA TYR C 265 -47.84 10.06 -16.77
C TYR C 265 -46.90 11.24 -16.58
N TYR C 266 -45.97 11.07 -15.66
CA TYR C 266 -45.09 12.11 -15.18
C TYR C 266 -43.65 11.63 -15.28
N VAL C 267 -42.76 12.53 -15.69
CA VAL C 267 -41.37 12.18 -15.96
C VAL C 267 -40.47 13.13 -15.18
N GLY C 268 -39.50 12.56 -14.46
CA GLY C 268 -38.46 13.35 -13.81
C GLY C 268 -37.12 12.67 -13.95
N TYR C 269 -36.06 13.42 -13.67
CA TYR C 269 -34.70 12.96 -13.91
C TYR C 269 -33.92 12.85 -12.61
N LEU C 270 -33.11 11.80 -12.51
CA LEU C 270 -32.32 11.54 -11.32
C LEU C 270 -31.00 12.29 -11.36
N GLN C 271 -30.46 12.60 -10.18
CA GLN C 271 -29.14 13.18 -10.02
C GLN C 271 -28.47 12.52 -8.83
N PRO C 272 -27.14 12.61 -8.73
CA PRO C 272 -26.45 12.02 -7.58
C PRO C 272 -26.62 12.83 -6.31
N ARG C 273 -27.32 12.26 -5.34
CA ARG C 273 -27.62 12.91 -4.08
C ARG C 273 -27.28 11.99 -2.93
N THR C 274 -27.21 12.58 -1.73
CA THR C 274 -27.10 11.84 -0.48
C THR C 274 -28.44 11.92 0.24
N PHE C 275 -29.00 10.76 0.58
CA PHE C 275 -30.25 10.66 1.28
C PHE C 275 -30.01 9.97 2.62
N LEU C 276 -30.91 10.21 3.55
CA LEU C 276 -30.93 9.53 4.84
C LEU C 276 -32.24 8.77 4.92
N LEU C 277 -32.17 7.44 4.82
CA LEU C 277 -33.34 6.58 4.81
C LEU C 277 -33.62 6.06 6.20
N LYS C 278 -34.89 5.80 6.49
CA LYS C 278 -35.31 5.31 7.79
C LYS C 278 -35.99 3.95 7.63
N TYR C 279 -35.42 2.94 8.25
CA TYR C 279 -35.98 1.59 8.26
C TYR C 279 -36.72 1.38 9.58
N ASN C 280 -37.97 0.95 9.51
CA ASN C 280 -38.70 0.62 10.72
C ASN C 280 -38.27 -0.76 11.21
N GLU C 281 -38.96 -1.32 12.20
CA GLU C 281 -38.52 -2.58 12.77
C GLU C 281 -38.75 -3.74 11.81
N ASN C 282 -39.71 -3.60 10.90
CA ASN C 282 -40.02 -4.65 9.94
C ASN C 282 -39.10 -4.64 8.73
N GLY C 283 -38.25 -3.63 8.59
CA GLY C 283 -37.29 -3.60 7.51
C GLY C 283 -37.71 -2.75 6.33
N THR C 284 -38.80 -2.01 6.46
CA THR C 284 -39.33 -1.19 5.38
C THR C 284 -38.81 0.23 5.49
N ILE C 285 -38.49 0.84 4.36
CA ILE C 285 -38.12 2.25 4.33
C ILE C 285 -39.40 3.07 4.39
N THR C 286 -39.56 3.86 5.45
CA THR C 286 -40.77 4.63 5.65
C THR C 286 -40.58 6.13 5.54
N ASP C 287 -39.34 6.63 5.54
CA ASP C 287 -39.12 8.06 5.40
C ASP C 287 -37.69 8.30 4.95
N ALA C 288 -37.45 9.51 4.45
CA ALA C 288 -36.14 9.88 3.94
C ALA C 288 -35.94 11.37 4.07
N VAL C 289 -34.68 11.77 4.13
CA VAL C 289 -34.27 13.16 4.18
C VAL C 289 -33.30 13.42 3.05
N ASP C 290 -33.57 14.45 2.26
CA ASP C 290 -32.68 14.86 1.16
C ASP C 290 -31.66 15.84 1.72
N CYS C 291 -30.42 15.39 1.88
CA CYS C 291 -29.41 16.13 2.63
C CYS C 291 -28.87 17.33 1.86
N ALA C 292 -29.53 17.76 0.79
CA ALA C 292 -29.05 18.93 0.06
C ALA C 292 -30.21 19.82 -0.39
N LEU C 293 -31.40 19.61 0.16
CA LEU C 293 -32.55 20.40 -0.22
C LEU C 293 -32.51 21.79 0.41
N ASP C 294 -32.30 21.85 1.72
CA ASP C 294 -32.27 23.11 2.47
C ASP C 294 -31.10 23.04 3.44
N PRO C 295 -30.84 24.14 4.17
CA PRO C 295 -29.96 23.99 5.33
C PRO C 295 -30.60 23.23 6.48
N LEU C 296 -31.93 23.31 6.61
CA LEU C 296 -32.60 22.51 7.64
C LEU C 296 -32.35 21.03 7.42
N SER C 297 -32.47 20.56 6.17
CA SER C 297 -32.21 19.16 5.89
C SER C 297 -30.74 18.82 6.02
N GLU C 298 -29.86 19.77 5.68
CA GLU C 298 -28.44 19.59 5.94
C GLU C 298 -28.18 19.28 7.41
N THR C 299 -28.84 20.02 8.30
CA THR C 299 -28.66 19.79 9.73
C THR C 299 -29.31 18.49 10.17
N LYS C 300 -30.52 18.21 9.69
CA LYS C 300 -31.16 16.94 9.98
C LYS C 300 -30.26 15.77 9.62
N CYS C 301 -29.49 15.93 8.55
CA CYS C 301 -28.74 14.81 8.02
C CYS C 301 -27.38 14.70 8.68
N THR C 302 -26.77 15.84 9.04
CA THR C 302 -25.53 15.80 9.81
C THR C 302 -25.78 15.40 11.26
N LEU C 303 -26.99 15.61 11.76
CA LEU C 303 -27.38 15.14 13.08
C LEU C 303 -27.76 13.67 13.08
N LYS C 304 -28.03 13.10 11.91
CA LYS C 304 -28.56 11.74 11.80
C LYS C 304 -29.80 11.58 12.67
N SER C 305 -30.74 12.49 12.48
CA SER C 305 -32.02 12.44 13.16
C SER C 305 -33.03 13.24 12.35
N PHE C 306 -34.29 12.89 12.54
CA PHE C 306 -35.38 13.56 11.82
C PHE C 306 -35.93 14.76 12.59
N THR C 307 -35.52 14.95 13.83
CA THR C 307 -35.98 16.06 14.65
C THR C 307 -34.80 16.95 15.00
N VAL C 308 -35.02 18.26 14.93
CA VAL C 308 -34.01 19.23 15.30
C VAL C 308 -34.53 20.04 16.48
N GLU C 309 -33.68 20.24 17.47
CA GLU C 309 -34.04 20.98 18.67
C GLU C 309 -33.67 22.45 18.51
N LYS C 310 -34.39 23.31 19.21
CA LYS C 310 -34.20 24.75 19.13
C LYS C 310 -32.73 25.14 19.25
N GLY C 311 -32.28 26.03 18.38
CA GLY C 311 -30.92 26.48 18.47
C GLY C 311 -30.42 27.03 17.15
N ILE C 312 -29.09 27.13 17.07
CA ILE C 312 -28.41 27.57 15.86
C ILE C 312 -27.29 26.58 15.58
N TYR C 313 -27.17 26.17 14.31
CA TYR C 313 -26.26 25.11 13.92
C TYR C 313 -25.41 25.55 12.75
N GLN C 314 -24.13 25.15 12.76
CA GLN C 314 -23.25 25.45 11.63
C GLN C 314 -23.49 24.44 10.51
N THR C 315 -23.56 24.92 9.29
CA THR C 315 -23.70 24.06 8.12
C THR C 315 -22.46 24.23 7.23
N SER C 316 -22.45 23.63 6.05
CA SER C 316 -21.28 23.71 5.18
C SER C 316 -21.12 25.12 4.63
N ASN C 317 -19.89 25.44 4.24
CA ASN C 317 -19.59 26.74 3.65
C ASN C 317 -20.41 26.94 2.39
N PHE C 318 -20.49 28.19 1.94
CA PHE C 318 -21.29 28.51 0.77
C PHE C 318 -20.57 28.04 -0.49
N ARG C 319 -21.19 27.12 -1.22
CA ARG C 319 -20.59 26.52 -2.41
C ARG C 319 -21.15 27.16 -3.67
N VAL C 320 -20.29 27.28 -4.68
CA VAL C 320 -20.68 27.70 -6.01
C VAL C 320 -20.24 26.63 -6.99
N GLN C 321 -21.13 26.27 -7.91
CA GLN C 321 -20.84 25.23 -8.87
C GLN C 321 -20.28 25.81 -10.16
N PRO C 322 -19.35 25.10 -10.81
CA PRO C 322 -18.80 25.60 -12.07
C PRO C 322 -19.82 25.53 -13.20
N THR C 323 -19.77 26.55 -14.06
CA THR C 323 -20.75 26.71 -15.12
C THR C 323 -20.25 26.20 -16.46
N GLU C 324 -18.95 26.27 -16.71
CA GLU C 324 -18.35 25.91 -17.98
C GLU C 324 -17.13 25.03 -17.78
N SER C 325 -16.60 24.55 -18.89
CA SER C 325 -15.36 23.79 -18.93
C SER C 325 -14.51 24.36 -20.06
N ILE C 326 -13.24 24.64 -19.77
CA ILE C 326 -12.34 25.20 -20.78
C ILE C 326 -11.06 24.38 -20.83
N VAL C 327 -10.47 24.34 -22.02
CA VAL C 327 -9.20 23.68 -22.26
C VAL C 327 -8.30 24.68 -22.98
N ARG C 328 -7.03 24.77 -22.55
CA ARG C 328 -6.08 25.68 -23.15
C ARG C 328 -4.76 24.94 -23.37
N PHE C 329 -4.53 24.53 -24.60
CA PHE C 329 -3.28 23.92 -25.01
C PHE C 329 -2.54 24.87 -25.95
N PRO C 330 -1.23 24.71 -26.09
CA PRO C 330 -0.49 25.56 -27.02
C PRO C 330 -0.88 25.33 -28.47
N ASN C 331 -0.44 26.25 -29.33
CA ASN C 331 -0.71 26.19 -30.76
C ASN C 331 0.26 25.22 -31.42
N ILE C 332 -0.15 23.97 -31.56
CA ILE C 332 0.67 22.94 -32.19
C ILE C 332 -0.12 22.35 -33.35
N THR C 333 0.52 22.21 -34.50
CA THR C 333 -0.15 21.73 -35.71
C THR C 333 0.38 20.40 -36.21
N ASN C 334 1.70 20.19 -36.20
CA ASN C 334 2.26 18.98 -36.76
C ASN C 334 1.93 17.76 -35.90
N LEU C 335 2.12 16.58 -36.48
CA LEU C 335 1.99 15.33 -35.76
C LEU C 335 3.39 14.79 -35.45
N CYS C 336 3.51 14.06 -34.35
CA CYS C 336 4.82 13.61 -33.92
C CYS C 336 5.37 12.56 -34.88
N PRO C 337 6.68 12.44 -34.98
CA PRO C 337 7.27 11.49 -35.93
C PRO C 337 7.05 10.04 -35.52
N PHE C 338 5.80 9.59 -35.61
CA PHE C 338 5.48 8.21 -35.30
C PHE C 338 6.04 7.24 -36.33
N GLY C 339 6.28 7.71 -37.54
CA GLY C 339 6.72 6.83 -38.60
C GLY C 339 8.20 6.81 -38.84
N GLU C 340 8.96 7.66 -38.14
CA GLU C 340 10.40 7.57 -38.24
C GLU C 340 11.03 7.17 -36.92
N VAL C 341 10.21 6.79 -35.95
CA VAL C 341 10.67 6.21 -34.70
C VAL C 341 10.26 4.75 -34.59
N PHE C 342 8.99 4.44 -34.89
CA PHE C 342 8.49 3.08 -34.84
C PHE C 342 8.62 2.37 -36.17
N ASN C 343 8.77 3.13 -37.26
CA ASN C 343 8.87 2.54 -38.59
C ASN C 343 10.25 2.64 -39.25
N ALA C 344 11.25 3.00 -38.46
CA ALA C 344 12.62 3.12 -38.98
C ALA C 344 13.01 1.90 -39.80
N THR C 345 14.04 2.06 -40.63
CA THR C 345 14.52 0.96 -41.47
C THR C 345 15.56 0.13 -40.74
N ARG C 346 16.53 0.78 -40.13
CA ARG C 346 17.59 0.09 -39.40
C ARG C 346 17.79 0.71 -38.02
N PHE C 347 17.65 -0.12 -36.99
CA PHE C 347 17.81 0.34 -35.61
C PHE C 347 19.28 0.30 -35.19
N ALA C 348 19.54 0.52 -33.91
CA ALA C 348 20.88 0.50 -33.38
C ALA C 348 21.04 -0.70 -32.48
N SER C 349 22.28 -1.09 -32.27
CA SER C 349 22.57 -2.12 -31.31
C SER C 349 22.50 -1.54 -29.90
N VAL C 350 22.44 -2.41 -28.91
CA VAL C 350 22.07 -1.98 -27.57
C VAL C 350 23.23 -1.33 -26.83
N TYR C 351 24.48 -1.68 -27.13
CA TYR C 351 25.59 -1.07 -26.40
C TYR C 351 25.82 0.36 -26.81
N ALA C 352 25.44 0.74 -28.01
CA ALA C 352 25.50 2.13 -28.45
C ALA C 352 24.09 2.49 -28.85
N TRP C 353 23.27 2.80 -27.87
CA TRP C 353 21.86 2.98 -28.16
C TRP C 353 21.59 4.41 -28.60
N ASN C 354 20.64 4.56 -29.53
CA ASN C 354 20.27 5.90 -30.07
C ASN C 354 19.34 6.64 -29.10
N ARG C 355 19.33 7.97 -29.16
CA ARG C 355 18.46 8.84 -28.33
C ARG C 355 17.98 10.01 -29.19
N LYS C 356 16.70 10.01 -29.57
CA LYS C 356 16.12 11.07 -30.43
C LYS C 356 15.37 12.09 -29.57
N ARG C 357 15.43 13.36 -29.95
CA ARG C 357 14.75 14.44 -29.18
C ARG C 357 13.38 14.74 -29.81
N ILE C 358 12.32 14.63 -29.01
CA ILE C 358 10.93 14.91 -29.48
C ILE C 358 10.58 16.34 -29.05
N SER C 359 10.43 17.22 -30.05
CA SER C 359 10.08 18.66 -29.82
C SER C 359 8.62 18.92 -30.24
N ASN C 360 8.18 20.17 -30.08
CA ASN C 360 6.81 20.69 -30.36
C ASN C 360 6.08 19.94 -31.47
N CYS C 361 5.24 18.96 -31.09
CA CYS C 361 4.43 18.14 -32.04
C CYS C 361 3.17 17.65 -31.32
N VAL C 362 2.22 17.07 -32.07
CA VAL C 362 0.94 16.55 -31.47
C VAL C 362 1.06 15.03 -31.29
N ALA C 363 0.77 14.54 -30.08
CA ALA C 363 0.89 13.10 -29.76
C ALA C 363 -0.42 12.35 -30.02
N ASP C 364 -0.63 11.90 -31.26
CA ASP C 364 -1.83 11.10 -31.65
C ASP C 364 -1.36 9.67 -31.85
N TYR C 365 -1.45 8.82 -30.82
CA TYR C 365 -0.91 7.43 -30.94
C TYR C 365 -1.98 6.47 -31.47
N SER C 366 -3.07 7.01 -32.00
CA SER C 366 -4.13 6.19 -32.55
C SER C 366 -3.81 5.87 -34.01
N VAL C 367 -2.89 6.65 -34.59
CA VAL C 367 -2.50 6.44 -35.98
C VAL C 367 -1.66 5.17 -36.12
N LEU C 368 -1.27 4.61 -34.97
CA LEU C 368 -0.48 3.38 -34.96
C LEU C 368 -1.36 2.14 -34.86
N TYR C 369 -2.64 2.35 -34.55
CA TYR C 369 -3.60 1.26 -34.38
C TYR C 369 -3.74 0.30 -35.56
N ASN C 370 -3.41 0.73 -36.77
CA ASN C 370 -3.54 -0.14 -37.92
C ASN C 370 -2.21 -0.46 -38.57
N SER C 371 -1.12 0.07 -38.03
CA SER C 371 0.19 -0.14 -38.62
C SER C 371 1.09 -1.17 -37.92
N ALA C 372 1.03 -1.24 -36.59
CA ALA C 372 1.85 -2.19 -35.88
C ALA C 372 1.21 -2.58 -34.56
N SER C 373 1.30 -3.86 -34.24
CA SER C 373 1.01 -4.35 -32.91
C SER C 373 2.26 -4.22 -32.07
N PHE C 374 2.11 -4.32 -30.75
CA PHE C 374 3.25 -4.14 -29.88
C PHE C 374 3.67 -5.36 -29.10
N SER C 375 2.79 -5.90 -28.24
CA SER C 375 3.00 -7.00 -27.29
C SER C 375 3.90 -6.70 -26.10
N THR C 376 4.58 -5.57 -26.06
CA THR C 376 4.96 -5.10 -24.73
C THR C 376 4.82 -3.59 -24.75
N PHE C 377 4.08 -3.07 -23.77
CA PHE C 377 3.82 -1.60 -23.64
C PHE C 377 3.44 -1.30 -22.19
N LYS C 378 4.40 -0.79 -21.41
CA LYS C 378 4.15 -0.50 -19.98
C LYS C 378 4.55 0.94 -19.65
N CYS C 379 3.66 1.68 -18.99
CA CYS C 379 3.95 3.07 -18.56
C CYS C 379 4.26 3.04 -17.05
N TYR C 380 4.92 4.08 -16.53
CA TYR C 380 5.37 4.01 -15.14
C TYR C 380 4.91 5.18 -14.29
N GLY C 381 5.13 6.41 -14.71
CA GLY C 381 4.68 7.51 -13.90
C GLY C 381 3.27 7.97 -14.14
N VAL C 382 2.56 7.33 -15.07
CA VAL C 382 1.29 7.83 -15.59
C VAL C 382 0.46 6.64 -16.06
N SER C 383 -0.87 6.82 -15.98
CA SER C 383 -1.85 5.80 -16.42
C SER C 383 -2.02 5.94 -17.94
N PRO C 384 -2.28 4.84 -18.68
CA PRO C 384 -2.43 4.89 -20.14
C PRO C 384 -3.72 5.58 -20.65
N THR C 385 -4.70 5.76 -19.76
CA THR C 385 -6.01 6.37 -20.15
C THR C 385 -5.93 7.91 -20.11
N LYS C 386 -4.81 8.47 -19.67
CA LYS C 386 -4.67 9.96 -19.60
C LYS C 386 -3.50 10.43 -20.46
N LEU C 387 -3.12 9.66 -21.47
CA LEU C 387 -1.96 10.03 -22.34
C LEU C 387 -2.34 11.17 -23.30
N ASN C 388 -3.57 11.16 -23.84
CA ASN C 388 -3.98 12.21 -24.80
C ASN C 388 -4.76 13.32 -24.08
N ASP C 389 -4.29 13.73 -22.91
CA ASP C 389 -4.95 14.80 -22.10
C ASP C 389 -3.89 15.61 -21.38
N LEU C 390 -2.61 15.30 -21.62
CA LEU C 390 -1.50 15.94 -20.93
C LEU C 390 -0.54 16.53 -21.94
N CYS C 391 0.28 17.46 -21.46
CA CYS C 391 1.40 18.01 -22.22
C CYS C 391 2.68 17.53 -21.57
N PHE C 392 3.65 17.17 -22.40
CA PHE C 392 4.89 16.60 -21.90
C PHE C 392 6.05 17.54 -22.18
N THR C 393 6.92 17.68 -21.17
CA THR C 393 8.05 18.65 -21.20
C THR C 393 9.27 18.14 -21.99
N ASN C 394 10.12 17.34 -21.35
CA ASN C 394 11.36 16.85 -22.01
C ASN C 394 11.14 15.46 -22.61
N VAL C 395 10.78 15.41 -23.90
CA VAL C 395 10.50 14.09 -24.56
C VAL C 395 11.75 13.61 -25.31
N TYR C 396 12.18 12.38 -25.00
CA TYR C 396 13.34 11.73 -25.66
C TYR C 396 12.92 10.29 -26.00
N ALA C 397 13.46 9.75 -27.10
CA ALA C 397 13.09 8.37 -27.51
C ALA C 397 14.35 7.53 -27.76
N ASP C 398 14.65 6.59 -26.85
CA ASP C 398 15.76 5.68 -27.01
C ASP C 398 15.28 4.47 -27.76
N SER C 399 16.20 3.80 -28.46
CA SER C 399 15.76 2.66 -29.25
C SER C 399 16.93 1.72 -29.43
N PHE C 400 16.65 0.42 -29.37
CA PHE C 400 17.68 -0.58 -29.63
C PHE C 400 17.01 -1.89 -30.01
N VAL C 401 17.81 -2.94 -30.13
CA VAL C 401 17.32 -4.26 -30.48
C VAL C 401 17.99 -5.27 -29.55
N ILE C 402 17.18 -6.05 -28.85
CA ILE C 402 17.74 -7.06 -27.96
C ILE C 402 17.12 -8.41 -28.22
N ARG C 403 17.47 -9.39 -27.42
CA ARG C 403 16.89 -10.71 -27.51
C ARG C 403 15.50 -10.70 -26.90
N GLY C 404 14.71 -11.71 -27.26
CA GLY C 404 13.34 -11.78 -26.76
C GLY C 404 13.27 -12.10 -25.29
N ASP C 405 14.26 -12.79 -24.76
CA ASP C 405 14.23 -13.13 -23.35
C ASP C 405 14.65 -11.98 -22.47
N GLU C 406 15.39 -11.02 -23.00
CA GLU C 406 15.92 -9.93 -22.21
C GLU C 406 15.00 -8.74 -22.15
N VAL C 407 13.83 -8.82 -22.80
CA VAL C 407 12.85 -7.74 -22.78
C VAL C 407 12.35 -7.46 -21.38
N ARG C 408 12.29 -8.47 -20.52
CA ARG C 408 11.95 -8.28 -19.11
C ARG C 408 12.98 -7.46 -18.36
N GLN C 409 14.19 -7.31 -18.89
CA GLN C 409 15.23 -6.56 -18.21
C GLN C 409 15.06 -5.07 -18.34
N ILE C 410 14.22 -4.60 -19.26
CA ILE C 410 14.04 -3.17 -19.47
C ILE C 410 12.93 -2.75 -18.51
N ALA C 411 13.32 -2.51 -17.28
CA ALA C 411 12.45 -2.11 -16.18
C ALA C 411 13.35 -1.61 -15.06
N PRO C 412 12.88 -0.68 -14.23
CA PRO C 412 13.69 -0.24 -13.10
C PRO C 412 13.81 -1.32 -12.05
N GLY C 413 15.01 -1.46 -11.50
CA GLY C 413 15.29 -2.48 -10.52
C GLY C 413 15.37 -3.85 -11.12
N GLN C 414 16.28 -4.04 -12.08
CA GLN C 414 16.49 -5.33 -12.72
C GLN C 414 17.97 -5.64 -12.73
N THR C 415 18.29 -6.92 -12.85
CA THR C 415 19.66 -7.35 -13.06
C THR C 415 19.70 -8.28 -14.26
N GLY C 416 20.90 -8.63 -14.66
CA GLY C 416 21.12 -9.38 -15.87
C GLY C 416 21.96 -8.60 -16.83
N LYS C 417 22.27 -9.24 -17.96
CA LYS C 417 23.31 -8.78 -18.86
C LYS C 417 23.01 -7.42 -19.47
N ILE C 418 21.77 -7.15 -19.79
CA ILE C 418 21.41 -5.88 -20.40
C ILE C 418 21.34 -4.80 -19.33
N ALA C 419 20.68 -5.11 -18.23
CA ALA C 419 20.45 -4.10 -17.20
C ALA C 419 21.69 -3.80 -16.38
N ASP C 420 22.69 -4.68 -16.38
CA ASP C 420 23.89 -4.40 -15.61
C ASP C 420 24.79 -3.39 -16.33
N TYR C 421 25.22 -3.73 -17.54
CA TYR C 421 26.10 -2.83 -18.27
C TYR C 421 25.78 -2.72 -19.76
N ASN C 422 24.51 -2.57 -20.09
CA ASN C 422 24.19 -2.16 -21.45
C ASN C 422 23.21 -1.01 -21.48
N TYR C 423 22.24 -1.03 -20.58
CA TYR C 423 21.18 -0.03 -20.54
C TYR C 423 20.52 -0.10 -19.19
N LYS C 424 20.50 1.01 -18.46
CA LYS C 424 20.05 1.03 -17.08
C LYS C 424 18.99 2.10 -16.91
N LEU C 425 17.86 1.74 -16.32
CA LEU C 425 16.85 2.75 -16.08
C LEU C 425 16.93 3.26 -14.66
N PRO C 426 16.64 4.53 -14.41
CA PRO C 426 16.60 5.03 -13.03
C PRO C 426 15.41 4.48 -12.29
N ASP C 427 15.48 4.56 -10.96
CA ASP C 427 14.41 4.02 -10.12
C ASP C 427 13.20 4.93 -10.10
N ASP C 428 13.38 6.20 -10.46
CA ASP C 428 12.30 7.18 -10.56
C ASP C 428 11.92 7.45 -12.00
N PHE C 429 11.90 6.41 -12.83
CA PHE C 429 11.61 6.54 -14.24
C PHE C 429 10.17 6.96 -14.47
N THR C 430 9.93 7.68 -15.56
CA THR C 430 8.62 8.28 -15.82
C THR C 430 7.97 7.86 -17.13
N GLY C 431 8.74 7.57 -18.17
CA GLY C 431 8.17 7.32 -19.48
C GLY C 431 7.52 5.96 -19.65
N CYS C 432 7.55 5.46 -20.88
CA CYS C 432 6.91 4.20 -21.22
C CYS C 432 7.87 3.35 -22.02
N VAL C 433 7.77 2.04 -21.86
CA VAL C 433 8.62 1.07 -22.51
C VAL C 433 7.78 0.27 -23.49
N ILE C 434 8.29 0.12 -24.71
CA ILE C 434 7.55 -0.49 -25.81
C ILE C 434 8.49 -1.49 -26.45
N ALA C 435 8.01 -2.68 -26.76
CA ALA C 435 8.84 -3.64 -27.46
C ALA C 435 7.98 -4.55 -28.29
N TRP C 436 8.49 -4.85 -29.49
CA TRP C 436 7.79 -5.73 -30.42
C TRP C 436 8.76 -6.68 -31.09
N ASN C 437 8.25 -7.87 -31.43
CA ASN C 437 9.04 -8.91 -32.08
C ASN C 437 9.41 -8.47 -33.49
N SER C 438 10.63 -8.80 -33.92
CA SER C 438 11.10 -8.32 -35.21
C SER C 438 11.84 -9.38 -36.00
N ASN C 439 11.37 -10.63 -35.92
CA ASN C 439 12.10 -11.71 -36.56
C ASN C 439 11.98 -11.67 -38.08
N ASN C 440 10.90 -11.10 -38.59
CA ASN C 440 10.73 -11.00 -40.04
C ASN C 440 11.53 -9.87 -40.66
N LEU C 441 12.21 -9.07 -39.85
CA LEU C 441 12.97 -7.95 -40.38
C LEU C 441 14.45 -8.08 -40.11
N ASP C 442 14.83 -8.32 -38.86
CA ASP C 442 16.22 -8.20 -38.45
C ASP C 442 16.95 -9.53 -38.40
N SER C 443 16.43 -10.56 -39.05
CA SER C 443 17.14 -11.82 -39.12
C SER C 443 17.27 -12.24 -40.57
N LYS C 444 18.22 -13.15 -40.81
CA LYS C 444 18.42 -13.69 -42.14
C LYS C 444 19.06 -15.07 -42.02
N VAL C 445 19.00 -15.81 -43.14
CA VAL C 445 19.51 -17.17 -43.18
C VAL C 445 21.02 -17.17 -43.03
N GLY C 446 21.51 -17.95 -42.09
CA GLY C 446 22.91 -17.96 -41.75
C GLY C 446 23.28 -17.05 -40.60
N GLY C 447 22.38 -16.13 -40.22
CA GLY C 447 22.65 -15.27 -39.09
C GLY C 447 22.95 -13.84 -39.48
N ASN C 448 22.47 -12.90 -38.68
CA ASN C 448 22.73 -11.49 -38.88
C ASN C 448 23.57 -11.00 -37.71
N TYR C 449 24.82 -10.67 -37.97
CA TYR C 449 25.76 -10.27 -36.93
C TYR C 449 26.02 -8.77 -36.94
N ASN C 450 24.99 -7.96 -37.19
CA ASN C 450 25.12 -6.53 -37.11
C ASN C 450 24.76 -5.98 -35.75
N TYR C 451 24.37 -6.84 -34.82
CA TYR C 451 23.83 -6.41 -33.54
C TYR C 451 24.69 -6.97 -32.42
N LEU C 452 25.16 -6.10 -31.54
CA LEU C 452 26.16 -6.46 -30.54
C LEU C 452 25.68 -6.06 -29.16
N TYR C 453 26.35 -6.62 -28.15
CA TYR C 453 26.07 -6.30 -26.76
C TYR C 453 27.35 -6.45 -25.97
N ARG C 454 27.43 -5.70 -24.87
CA ARG C 454 28.57 -5.75 -23.97
C ARG C 454 28.39 -6.89 -22.99
N LEU C 455 29.48 -7.63 -22.75
CA LEU C 455 29.42 -8.78 -21.87
C LEU C 455 30.23 -8.60 -20.60
N PHE C 456 31.21 -7.71 -20.60
CA PHE C 456 32.13 -7.59 -19.47
C PHE C 456 32.33 -6.14 -19.11
N ARG C 457 32.27 -5.84 -17.82
CA ARG C 457 32.60 -4.51 -17.35
C ARG C 457 33.07 -4.60 -15.92
N LYS C 458 33.78 -3.56 -15.48
CA LYS C 458 34.28 -3.54 -14.11
C LYS C 458 33.15 -3.32 -13.12
N SER C 459 32.23 -2.43 -13.44
CA SER C 459 31.17 -2.08 -12.53
C SER C 459 29.89 -1.92 -13.33
N ASN C 460 28.78 -1.84 -12.60
CA ASN C 460 27.50 -1.63 -13.25
C ASN C 460 27.40 -0.21 -13.76
N LEU C 461 26.60 -0.02 -14.80
CA LEU C 461 26.38 1.32 -15.32
C LEU C 461 25.52 2.12 -14.35
N LYS C 462 25.68 3.43 -14.41
CA LYS C 462 24.71 4.31 -13.82
C LYS C 462 23.51 4.37 -14.76
N PRO C 463 22.36 4.85 -14.30
CA PRO C 463 21.21 4.97 -15.20
C PRO C 463 21.45 5.97 -16.31
N PHE C 464 21.04 5.57 -17.52
CA PHE C 464 21.01 6.39 -18.72
C PHE C 464 22.39 6.83 -19.19
N GLU C 465 23.40 6.01 -19.00
CA GLU C 465 24.69 6.27 -19.61
C GLU C 465 25.01 5.23 -20.66
N ARG C 466 26.06 5.50 -21.41
CA ARG C 466 26.41 4.73 -22.59
C ARG C 466 27.90 4.47 -22.58
N ASP C 467 28.29 3.22 -22.81
CA ASP C 467 29.69 2.82 -22.79
C ASP C 467 30.03 2.23 -24.15
N ILE C 468 30.63 3.04 -25.02
CA ILE C 468 31.02 2.59 -26.34
C ILE C 468 32.51 2.31 -26.43
N SER C 469 33.19 2.26 -25.31
CA SER C 469 34.60 1.93 -25.31
C SER C 469 34.82 0.45 -25.59
N THR C 470 35.89 0.16 -26.32
CA THR C 470 36.22 -1.22 -26.67
C THR C 470 37.57 -1.63 -26.10
N GLU C 471 37.89 -1.18 -24.90
CA GLU C 471 39.12 -1.62 -24.26
C GLU C 471 38.96 -3.05 -23.77
N ILE C 472 40.06 -3.78 -23.76
CA ILE C 472 40.03 -5.21 -23.50
C ILE C 472 39.89 -5.44 -22.00
N TYR C 473 38.87 -6.19 -21.62
CA TYR C 473 38.57 -6.43 -20.21
C TYR C 473 39.58 -7.40 -19.61
N GLN C 474 40.10 -7.05 -18.44
CA GLN C 474 41.14 -7.83 -17.79
C GLN C 474 40.50 -8.66 -16.67
N ALA C 475 40.41 -9.96 -16.86
CA ALA C 475 39.80 -10.80 -15.86
C ALA C 475 40.77 -11.28 -14.80
N GLY C 476 42.07 -11.14 -15.06
CA GLY C 476 43.09 -11.66 -14.18
C GLY C 476 43.90 -10.56 -13.52
N SER C 477 44.95 -10.98 -12.83
CA SER C 477 45.78 -10.05 -12.09
C SER C 477 46.89 -9.45 -12.94
N THR C 478 47.34 -10.16 -13.96
CA THR C 478 48.40 -9.63 -14.81
C THR C 478 47.81 -8.88 -15.99
N PRO C 479 48.35 -7.72 -16.35
CA PRO C 479 47.75 -6.95 -17.46
C PRO C 479 48.07 -7.58 -18.80
N CYS C 480 47.44 -7.06 -19.84
CA CYS C 480 47.61 -7.64 -21.16
C CYS C 480 47.76 -6.64 -22.29
N ASN C 481 47.81 -5.34 -22.02
CA ASN C 481 48.41 -4.34 -22.90
C ASN C 481 47.73 -4.25 -24.26
N GLY C 482 46.46 -4.59 -24.31
CA GLY C 482 45.71 -4.42 -25.54
C GLY C 482 45.78 -5.55 -26.53
N VAL C 483 46.02 -6.78 -26.08
CA VAL C 483 45.84 -7.95 -26.92
C VAL C 483 44.90 -8.91 -26.21
N GLU C 484 44.19 -9.71 -26.99
CA GLU C 484 43.26 -10.69 -26.46
C GLU C 484 44.05 -11.97 -26.17
N GLY C 485 43.68 -12.67 -25.12
CA GLY C 485 44.41 -13.87 -24.78
C GLY C 485 44.09 -14.45 -23.43
N PHE C 486 45.14 -14.71 -22.65
CA PHE C 486 45.00 -15.28 -21.31
C PHE C 486 44.31 -14.28 -20.40
N ASN C 487 43.07 -14.60 -20.01
CA ASN C 487 42.25 -13.81 -19.09
C ASN C 487 42.00 -12.39 -19.56
N CYS C 488 41.95 -12.20 -20.87
CA CYS C 488 41.63 -10.90 -21.45
C CYS C 488 40.73 -11.13 -22.66
N TYR C 489 39.55 -10.53 -22.63
CA TYR C 489 38.52 -10.78 -23.63
C TYR C 489 38.07 -9.48 -24.27
N PHE C 490 37.71 -9.57 -25.53
CA PHE C 490 37.03 -8.46 -26.18
C PHE C 490 35.64 -8.31 -25.57
N PRO C 491 35.26 -7.12 -25.13
CA PRO C 491 34.06 -6.98 -24.31
C PRO C 491 32.74 -6.96 -25.07
N LEU C 492 32.74 -7.09 -26.39
CA LEU C 492 31.50 -7.04 -27.18
C LEU C 492 31.30 -8.35 -27.91
N GLN C 493 30.09 -8.89 -27.83
CA GLN C 493 29.70 -10.09 -28.54
C GLN C 493 28.53 -9.78 -29.46
N SER C 494 28.26 -10.69 -30.39
CA SER C 494 27.20 -10.52 -31.36
C SER C 494 26.11 -11.54 -31.12
N TYR C 495 24.86 -11.11 -31.29
CA TYR C 495 23.76 -12.06 -31.32
C TYR C 495 23.81 -12.87 -32.61
N GLY C 496 23.34 -14.10 -32.54
CA GLY C 496 23.13 -14.88 -33.75
C GLY C 496 21.66 -15.02 -34.08
N PHE C 497 21.17 -14.26 -35.05
CA PHE C 497 19.74 -14.22 -35.33
C PHE C 497 19.43 -14.98 -36.60
N GLN C 498 19.34 -16.30 -36.53
CA GLN C 498 18.88 -17.04 -37.69
C GLN C 498 17.38 -17.17 -37.62
N PRO C 499 16.67 -17.23 -38.76
CA PRO C 499 15.22 -16.98 -38.74
C PRO C 499 14.41 -18.03 -38.01
N THR C 500 14.83 -19.29 -38.01
CA THR C 500 14.10 -20.29 -37.23
C THR C 500 14.88 -20.55 -35.95
N ASN C 501 14.68 -19.65 -34.99
CA ASN C 501 15.16 -19.84 -33.64
C ASN C 501 13.95 -20.00 -32.74
N GLY C 502 14.19 -20.48 -31.53
CA GLY C 502 13.16 -20.41 -30.52
C GLY C 502 12.82 -18.96 -30.22
N VAL C 503 11.52 -18.69 -30.11
CA VAL C 503 11.08 -17.34 -29.81
C VAL C 503 11.57 -16.96 -28.42
N GLY C 504 12.15 -15.78 -28.32
CA GLY C 504 12.95 -15.42 -27.19
C GLY C 504 14.43 -15.41 -27.49
N TYR C 505 14.85 -16.12 -28.53
CA TYR C 505 16.12 -15.85 -29.17
C TYR C 505 15.94 -15.02 -30.43
N GLN C 506 14.72 -14.71 -30.76
CA GLN C 506 14.42 -13.88 -31.91
C GLN C 506 14.55 -12.41 -31.53
N PRO C 507 14.94 -11.55 -32.48
CA PRO C 507 15.23 -10.17 -32.13
C PRO C 507 13.98 -9.35 -31.88
N TYR C 508 14.08 -8.44 -30.92
CA TYR C 508 13.00 -7.54 -30.55
C TYR C 508 13.48 -6.11 -30.63
N ARG C 509 12.62 -5.24 -31.14
CA ARG C 509 12.88 -3.81 -31.18
C ARG C 509 12.24 -3.16 -29.96
N VAL C 510 13.02 -2.36 -29.25
CA VAL C 510 12.61 -1.74 -28.00
C VAL C 510 12.76 -0.24 -28.11
N VAL C 511 11.70 0.49 -27.80
CA VAL C 511 11.71 1.95 -27.75
C VAL C 511 11.35 2.36 -26.35
N VAL C 512 12.14 3.27 -25.76
CA VAL C 512 11.85 3.77 -24.40
C VAL C 512 11.50 5.26 -24.51
N LEU C 513 10.26 5.61 -24.13
CA LEU C 513 9.80 7.02 -24.20
C LEU C 513 10.10 7.70 -22.86
N SER C 514 10.96 8.71 -22.82
CA SER C 514 11.23 9.43 -21.57
C SER C 514 10.60 10.84 -21.55
N PHE C 515 10.01 11.25 -20.42
CA PHE C 515 9.39 12.58 -20.32
C PHE C 515 9.08 13.05 -18.89
N GLU C 516 8.51 14.26 -18.78
CA GLU C 516 8.16 14.87 -17.50
C GLU C 516 6.75 15.47 -17.60
N LEU C 517 6.11 15.76 -16.46
CA LEU C 517 4.74 16.30 -16.48
C LEU C 517 4.37 17.35 -15.42
N LEU C 518 3.35 18.14 -15.72
CA LEU C 518 2.80 19.18 -14.86
C LEU C 518 3.83 20.09 -14.18
N HIS C 519 5.03 20.13 -14.74
CA HIS C 519 6.10 20.96 -14.21
C HIS C 519 6.88 21.45 -15.43
N ALA C 520 7.05 22.76 -15.53
CA ALA C 520 7.79 23.34 -16.66
C ALA C 520 6.95 23.42 -17.93
N PRO C 521 7.28 24.45 -18.81
CA PRO C 521 6.45 24.47 -20.04
C PRO C 521 6.56 23.18 -20.84
N ALA C 522 5.57 22.93 -21.70
CA ALA C 522 5.56 21.72 -22.50
C ALA C 522 5.22 22.05 -23.94
N THR C 523 5.60 21.17 -24.86
CA THR C 523 5.38 21.43 -26.28
C THR C 523 4.82 20.24 -27.04
N VAL C 524 4.50 19.14 -26.38
CA VAL C 524 4.01 17.98 -27.12
C VAL C 524 2.48 17.96 -27.12
N CYS C 525 1.87 17.84 -25.95
CA CYS C 525 0.42 17.81 -25.83
C CYS C 525 -0.17 16.60 -26.56
N GLY C 526 -1.48 16.46 -26.47
CA GLY C 526 -2.17 15.35 -27.12
C GLY C 526 -3.06 15.82 -28.26
N PRO C 527 -4.20 15.17 -28.43
CA PRO C 527 -5.13 15.52 -29.51
C PRO C 527 -6.26 16.44 -29.04
N LYS C 528 -6.31 16.71 -27.73
CA LYS C 528 -7.34 17.58 -27.16
C LYS C 528 -7.42 18.90 -27.91
N LYS C 529 -8.61 19.49 -27.95
CA LYS C 529 -8.84 20.75 -28.64
C LYS C 529 -9.14 21.86 -27.64
N SER C 530 -8.61 23.05 -27.94
CA SER C 530 -8.76 24.19 -27.05
C SER C 530 -10.07 24.96 -27.23
N THR C 531 -10.36 25.79 -26.25
CA THR C 531 -11.56 26.61 -26.21
C THR C 531 -11.14 28.06 -25.99
N ASN C 532 -12.10 28.93 -25.73
CA ASN C 532 -11.79 30.32 -25.42
C ASN C 532 -11.59 30.49 -23.92
N LEU C 533 -11.09 31.66 -23.54
CA LEU C 533 -10.76 31.98 -22.17
C LEU C 533 -11.92 32.75 -21.55
N VAL C 534 -12.57 32.15 -20.56
CA VAL C 534 -13.64 32.78 -19.80
C VAL C 534 -13.08 33.21 -18.46
N LYS C 535 -13.09 34.51 -18.21
CA LYS C 535 -12.57 35.09 -16.99
C LYS C 535 -13.72 35.58 -16.12
N ASN C 536 -13.44 35.72 -14.82
CA ASN C 536 -14.37 36.24 -13.83
C ASN C 536 -15.58 35.34 -13.62
N LYS C 537 -15.43 34.03 -13.82
CA LYS C 537 -16.51 33.08 -13.61
C LYS C 537 -15.94 31.80 -13.04
N CYS C 538 -16.81 30.98 -12.46
CA CYS C 538 -16.41 29.69 -11.95
C CYS C 538 -16.43 28.66 -13.06
N VAL C 539 -15.26 28.14 -13.42
CA VAL C 539 -15.14 27.19 -14.52
C VAL C 539 -14.24 26.04 -14.10
N ASN C 540 -14.46 24.88 -14.72
CA ASN C 540 -13.44 23.86 -14.76
C ASN C 540 -12.43 24.21 -15.84
N PHE C 541 -11.15 24.02 -15.54
CA PHE C 541 -10.13 24.39 -16.49
C PHE C 541 -9.15 23.24 -16.68
N ASN C 542 -8.53 23.21 -17.85
CA ASN C 542 -7.47 22.29 -18.19
C ASN C 542 -6.37 23.09 -18.87
N PHE C 543 -5.32 23.43 -18.13
CA PHE C 543 -4.20 24.21 -18.64
C PHE C 543 -3.01 23.27 -18.81
N ASN C 544 -2.66 22.96 -20.05
CA ASN C 544 -1.51 22.12 -20.37
C ASN C 544 -1.58 20.77 -19.67
N GLY C 545 -2.77 20.25 -19.46
CA GLY C 545 -2.94 18.98 -18.78
C GLY C 545 -3.29 19.09 -17.32
N LEU C 546 -3.04 20.22 -16.70
CA LEU C 546 -3.36 20.45 -15.29
C LEU C 546 -4.82 20.85 -15.16
N THR C 547 -5.61 20.03 -14.49
CA THR C 547 -7.04 20.25 -14.36
C THR C 547 -7.35 20.94 -13.04
N GLY C 548 -8.52 21.58 -12.98
CA GLY C 548 -8.93 22.20 -11.75
C GLY C 548 -10.25 22.91 -11.88
N THR C 549 -10.62 23.62 -10.82
CA THR C 549 -11.85 24.38 -10.77
C THR C 549 -11.56 25.72 -10.09
N GLY C 550 -12.16 26.79 -10.60
CA GLY C 550 -12.03 28.06 -9.93
C GLY C 550 -12.36 29.22 -10.83
N VAL C 551 -11.94 30.40 -10.39
CA VAL C 551 -12.17 31.66 -11.08
C VAL C 551 -10.82 32.18 -11.56
N LEU C 552 -10.77 32.57 -12.83
CA LEU C 552 -9.55 33.07 -13.44
C LEU C 552 -9.63 34.58 -13.59
N THR C 553 -8.59 35.27 -13.16
CA THR C 553 -8.56 36.73 -13.24
C THR C 553 -7.21 37.18 -13.75
N GLU C 554 -7.16 38.39 -14.28
CA GLU C 554 -5.90 38.93 -14.78
C GLU C 554 -4.95 39.20 -13.62
N SER C 555 -3.66 38.99 -13.86
CA SER C 555 -2.67 38.96 -12.79
C SER C 555 -1.64 40.05 -12.97
N ASN C 556 -0.92 40.34 -11.88
CA ASN C 556 0.21 41.25 -11.90
C ASN C 556 1.54 40.56 -11.68
N LYS C 557 1.54 39.28 -11.32
CA LYS C 557 2.77 38.52 -11.24
C LYS C 557 3.42 38.45 -12.61
N LYS C 558 4.73 38.29 -12.63
CA LYS C 558 5.47 38.32 -13.88
C LYS C 558 6.51 37.20 -13.85
N PHE C 559 6.28 36.18 -14.66
CA PHE C 559 7.07 34.96 -14.63
C PHE C 559 8.36 35.14 -15.40
N LEU C 560 9.38 34.41 -14.97
CA LEU C 560 10.59 34.28 -15.78
C LEU C 560 10.28 33.37 -16.97
N PRO C 561 11.05 33.45 -18.06
CA PRO C 561 10.70 32.69 -19.27
C PRO C 561 10.65 31.19 -19.08
N PHE C 562 11.32 30.63 -18.09
CA PHE C 562 11.33 29.19 -17.87
C PHE C 562 10.26 28.73 -16.90
N GLN C 563 9.26 29.56 -16.61
CA GLN C 563 8.23 29.23 -15.63
C GLN C 563 6.87 29.18 -16.30
N GLN C 564 6.03 28.27 -15.84
CA GLN C 564 4.69 28.10 -16.37
C GLN C 564 3.61 28.15 -15.31
N PHE C 565 3.87 27.60 -14.12
CA PHE C 565 2.90 27.56 -13.04
C PHE C 565 3.45 28.32 -11.84
N GLY C 566 2.53 28.79 -10.99
CA GLY C 566 2.90 29.44 -9.75
C GLY C 566 2.18 28.79 -8.59
N ARG C 567 2.88 28.64 -7.47
CA ARG C 567 2.35 27.92 -6.33
C ARG C 567 2.44 28.79 -5.08
N ASP C 568 1.46 28.59 -4.19
CA ASP C 568 1.43 29.31 -2.91
C ASP C 568 2.08 28.46 -1.82
N ILE C 569 1.89 28.88 -0.57
CA ILE C 569 2.56 28.20 0.54
C ILE C 569 1.98 26.80 0.78
N ALA C 570 0.68 26.62 0.56
CA ALA C 570 0.06 25.30 0.65
C ALA C 570 0.34 24.45 -0.58
N ASP C 571 1.17 24.93 -1.50
CA ASP C 571 1.62 24.19 -2.68
C ASP C 571 0.51 23.96 -3.70
N THR C 572 -0.58 24.72 -3.62
CA THR C 572 -1.61 24.66 -4.65
C THR C 572 -1.27 25.65 -5.75
N THR C 573 -1.66 25.31 -6.97
CA THR C 573 -1.40 26.18 -8.11
C THR C 573 -2.35 27.36 -8.05
N ASP C 574 -1.81 28.56 -7.92
CA ASP C 574 -2.61 29.76 -7.84
C ASP C 574 -2.37 30.74 -8.97
N ALA C 575 -1.40 30.48 -9.83
CA ALA C 575 -1.18 31.30 -11.01
C ALA C 575 -0.77 30.39 -12.16
N VAL C 576 -1.07 30.83 -13.38
CA VAL C 576 -0.74 30.04 -14.56
C VAL C 576 -0.51 30.97 -15.73
N ARG C 577 0.40 30.59 -16.62
CA ARG C 577 0.62 31.34 -17.85
C ARG C 577 -0.20 30.71 -18.97
N ASP C 578 -1.03 31.51 -19.61
CA ASP C 578 -1.86 30.99 -20.68
C ASP C 578 -0.98 30.60 -21.86
N PRO C 579 -1.09 29.37 -22.36
CA PRO C 579 -0.14 28.88 -23.37
C PRO C 579 -0.32 29.46 -24.76
N GLN C 580 -1.38 30.21 -25.02
CA GLN C 580 -1.60 30.80 -26.33
C GLN C 580 -1.42 32.31 -26.35
N THR C 581 -1.87 33.01 -25.31
CA THR C 581 -1.71 34.46 -25.25
C THR C 581 -0.54 34.89 -24.39
N LEU C 582 0.10 33.96 -23.67
CA LEU C 582 1.28 34.21 -22.85
C LEU C 582 1.02 35.26 -21.77
N GLU C 583 -0.20 35.29 -21.26
CA GLU C 583 -0.56 36.19 -20.19
C GLU C 583 -0.75 35.40 -18.89
N ILE C 584 -0.41 36.04 -17.79
CA ILE C 584 -0.48 35.39 -16.49
C ILE C 584 -1.88 35.58 -15.91
N LEU C 585 -2.40 34.53 -15.30
CA LEU C 585 -3.72 34.53 -14.71
C LEU C 585 -3.63 34.01 -13.29
N ASP C 586 -4.47 34.57 -12.41
CA ASP C 586 -4.62 34.08 -11.06
C ASP C 586 -5.85 33.19 -10.97
N ILE C 587 -5.71 32.11 -10.20
CA ILE C 587 -6.76 31.12 -9.99
C ILE C 587 -7.20 31.21 -8.55
N THR C 588 -8.46 31.59 -8.33
CA THR C 588 -9.00 31.75 -7.00
C THR C 588 -10.11 30.72 -6.78
N PRO C 589 -10.16 30.08 -5.62
CA PRO C 589 -11.20 29.08 -5.36
C PRO C 589 -12.60 29.68 -5.44
N CYS C 590 -13.59 28.81 -5.41
CA CYS C 590 -14.95 29.25 -5.71
C CYS C 590 -15.86 29.27 -4.48
N SER C 591 -15.60 28.42 -3.50
CA SER C 591 -16.42 28.34 -2.29
C SER C 591 -15.79 29.19 -1.20
N PHE C 592 -16.64 29.88 -0.44
CA PHE C 592 -16.17 30.85 0.54
C PHE C 592 -17.32 31.32 1.42
N GLY C 593 -17.09 31.40 2.73
CA GLY C 593 -18.08 31.96 3.63
C GLY C 593 -18.85 30.93 4.41
N GLY C 594 -18.98 31.17 5.72
CA GLY C 594 -19.70 30.25 6.58
C GLY C 594 -21.19 30.51 6.60
N VAL C 595 -21.95 29.50 6.99
CA VAL C 595 -23.41 29.54 7.00
C VAL C 595 -23.91 28.85 8.26
N SER C 596 -24.88 29.49 8.92
CA SER C 596 -25.53 28.88 10.08
C SER C 596 -27.03 28.95 9.89
N VAL C 597 -27.72 27.98 10.48
CA VAL C 597 -29.17 27.91 10.39
C VAL C 597 -29.76 28.00 11.79
N ILE C 598 -30.75 28.88 11.95
CA ILE C 598 -31.41 29.14 13.22
C ILE C 598 -32.80 28.54 13.15
N THR C 599 -33.07 27.57 14.02
CA THR C 599 -34.37 26.95 14.06
C THR C 599 -35.00 27.06 15.44
N PRO C 600 -36.31 27.28 15.52
CA PRO C 600 -37.02 27.19 16.78
C PRO C 600 -37.37 25.78 17.19
N GLY C 601 -36.79 24.78 16.54
CA GLY C 601 -37.13 23.39 16.77
C GLY C 601 -38.17 22.90 15.80
N THR C 602 -37.91 21.73 15.21
CA THR C 602 -38.83 21.21 14.21
C THR C 602 -40.02 20.51 14.86
N ASN C 603 -40.09 20.53 16.18
CA ASN C 603 -41.26 20.02 16.88
C ASN C 603 -42.25 21.14 17.15
N THR C 604 -41.97 22.33 16.64
CA THR C 604 -42.80 23.51 16.78
C THR C 604 -43.10 24.14 15.44
N SER C 605 -42.13 24.14 14.53
CA SER C 605 -42.31 24.69 13.19
C SER C 605 -41.11 24.33 12.34
N ASN C 606 -41.30 24.37 11.02
CA ASN C 606 -40.19 24.21 10.09
C ASN C 606 -39.79 25.53 9.46
N GLN C 607 -40.18 26.65 10.05
CA GLN C 607 -39.60 27.93 9.71
C GLN C 607 -38.17 28.00 10.21
N VAL C 608 -37.28 28.58 9.40
CA VAL C 608 -35.88 28.73 9.78
C VAL C 608 -35.41 30.10 9.33
N ALA C 609 -34.31 30.55 9.93
CA ALA C 609 -33.58 31.71 9.45
C ALA C 609 -32.17 31.28 9.12
N VAL C 610 -31.52 32.00 8.23
CA VAL C 610 -30.18 31.62 7.78
C VAL C 610 -29.25 32.81 7.96
N LEU C 611 -28.10 32.58 8.57
CA LEU C 611 -27.10 33.59 8.80
C LEU C 611 -25.90 33.32 7.90
N TYR C 612 -25.65 34.22 6.97
CA TYR C 612 -24.49 34.17 6.10
C TYR C 612 -23.43 35.04 6.73
N GLN C 613 -22.41 34.40 7.30
CA GLN C 613 -21.46 35.07 8.17
C GLN C 613 -20.42 35.87 7.41
N ASP C 614 -20.54 35.99 6.09
CA ASP C 614 -19.52 36.71 5.34
C ASP C 614 -20.12 37.58 4.24
N VAL C 615 -21.40 37.93 4.37
CA VAL C 615 -22.07 38.76 3.38
C VAL C 615 -22.49 40.10 3.97
N ASN C 616 -22.42 41.15 3.16
CA ASN C 616 -22.79 42.49 3.59
C ASN C 616 -23.73 43.12 2.56
N CYS C 617 -25.02 43.12 2.88
CA CYS C 617 -26.02 43.66 1.97
C CYS C 617 -26.54 45.04 2.37
N THR C 618 -26.32 46.01 1.50
CA THR C 618 -26.79 47.37 1.78
C THR C 618 -27.06 48.14 0.49
N TRP C 633 -26.14 38.73 -4.49
CA TRP C 633 -25.42 38.34 -3.30
C TRP C 633 -25.12 36.86 -3.31
N ARG C 634 -24.17 36.45 -2.48
CA ARG C 634 -23.81 35.04 -2.36
C ARG C 634 -24.69 34.39 -1.29
N VAL C 635 -25.98 34.28 -1.61
CA VAL C 635 -26.98 33.70 -0.72
C VAL C 635 -27.75 32.62 -1.46
N TYR C 636 -28.35 31.71 -0.72
CA TYR C 636 -29.19 30.68 -1.31
C TYR C 636 -30.54 31.21 -1.73
N SER C 637 -31.12 32.10 -0.94
CA SER C 637 -32.42 32.69 -1.21
C SER C 637 -32.42 34.12 -0.70
N THR C 638 -33.42 34.89 -1.09
CA THR C 638 -33.49 36.28 -0.66
C THR C 638 -34.75 36.62 0.13
N GLY C 639 -35.86 35.92 -0.11
CA GLY C 639 -37.10 36.10 0.64
C GLY C 639 -37.41 37.52 1.02
N SER C 640 -37.81 37.72 2.28
CA SER C 640 -37.96 39.05 2.84
C SER C 640 -37.31 39.04 4.21
N ASN C 641 -37.38 40.19 4.89
CA ASN C 641 -36.70 40.36 6.17
C ASN C 641 -35.21 40.08 6.04
N VAL C 642 -34.51 40.89 5.27
CA VAL C 642 -33.05 40.87 5.24
C VAL C 642 -32.54 41.86 6.27
N PHE C 643 -31.69 41.40 7.19
CA PHE C 643 -31.23 42.22 8.30
C PHE C 643 -29.73 42.04 8.44
N GLN C 644 -28.99 43.13 8.40
CA GLN C 644 -27.53 43.08 8.43
C GLN C 644 -27.06 43.19 9.88
N THR C 645 -26.04 42.40 10.22
CA THR C 645 -25.47 42.34 11.54
C THR C 645 -23.96 42.29 11.44
N ARG C 646 -23.29 42.66 12.53
CA ARG C 646 -21.85 42.50 12.60
C ARG C 646 -21.42 41.05 12.65
N ALA C 647 -22.38 40.12 12.66
CA ALA C 647 -22.10 38.70 12.54
C ALA C 647 -22.47 38.16 11.16
N GLY C 648 -23.04 38.97 10.29
CA GLY C 648 -23.37 38.54 8.95
C GLY C 648 -24.75 38.99 8.57
N CYS C 649 -25.20 38.53 7.42
CA CYS C 649 -26.52 38.85 6.89
C CYS C 649 -27.51 37.78 7.34
N LEU C 650 -28.55 38.19 8.06
CA LEU C 650 -29.57 37.27 8.55
C LEU C 650 -30.80 37.38 7.67
N ILE C 651 -31.27 36.24 7.18
CA ILE C 651 -32.37 36.19 6.22
C ILE C 651 -33.44 35.27 6.77
N GLY C 652 -34.64 35.80 6.94
CA GLY C 652 -35.77 35.05 7.44
C GLY C 652 -36.27 35.46 8.80
N ALA C 653 -35.68 36.49 9.40
CA ALA C 653 -36.08 36.94 10.73
C ALA C 653 -36.33 38.44 10.70
N GLU C 654 -37.37 38.88 11.40
CA GLU C 654 -37.78 40.27 11.41
C GLU C 654 -37.09 41.02 12.54
N HIS C 655 -36.55 42.19 12.23
CA HIS C 655 -35.85 43.00 13.22
C HIS C 655 -36.84 43.86 14.01
N VAL C 656 -36.73 43.81 15.32
CA VAL C 656 -37.59 44.58 16.22
C VAL C 656 -36.74 45.56 16.99
N ASN C 657 -37.40 46.52 17.64
CA ASN C 657 -36.71 47.55 18.41
C ASN C 657 -36.67 47.28 19.90
N ASN C 658 -37.36 46.25 20.36
CA ASN C 658 -37.36 45.95 21.79
C ASN C 658 -36.04 45.29 22.18
N SER C 659 -36.00 44.79 23.41
CA SER C 659 -34.83 44.09 23.92
C SER C 659 -35.28 43.15 25.02
N TYR C 660 -34.86 41.90 24.94
CA TYR C 660 -35.23 40.90 25.93
C TYR C 660 -33.98 40.15 26.35
N GLU C 661 -34.14 39.13 27.19
CA GLU C 661 -33.05 38.23 27.48
C GLU C 661 -32.77 37.36 26.27
N CYS C 662 -31.52 36.95 26.13
CA CYS C 662 -31.13 36.16 24.97
C CYS C 662 -31.86 34.83 24.95
N ASP C 663 -32.36 34.44 23.78
CA ASP C 663 -33.02 33.16 23.61
C ASP C 663 -32.17 32.22 22.76
N ILE C 664 -31.82 32.64 21.56
CA ILE C 664 -30.90 31.94 20.68
C ILE C 664 -29.80 32.92 20.32
N PRO C 665 -28.57 32.72 20.76
CA PRO C 665 -27.52 33.70 20.51
C PRO C 665 -27.03 33.66 19.07
N ILE C 666 -27.28 34.73 18.34
CA ILE C 666 -26.72 34.91 17.01
C ILE C 666 -25.28 35.39 17.08
N GLY C 667 -25.01 36.37 17.93
CA GLY C 667 -23.66 36.85 18.08
C GLY C 667 -23.55 38.36 17.92
N ALA C 668 -22.41 38.91 18.31
CA ALA C 668 -22.15 40.34 18.24
C ALA C 668 -23.25 41.17 18.91
N GLY C 669 -23.87 40.60 19.94
CA GLY C 669 -24.88 41.30 20.71
C GLY C 669 -26.30 41.04 20.25
N ILE C 670 -26.49 40.20 19.24
CA ILE C 670 -27.80 39.97 18.65
C ILE C 670 -28.28 38.58 18.99
N CYS C 671 -29.55 38.48 19.39
CA CYS C 671 -30.20 37.21 19.69
C CYS C 671 -31.47 37.10 18.85
N ALA C 672 -32.04 35.90 18.84
CA ALA C 672 -33.23 35.64 18.05
C ALA C 672 -34.20 34.77 18.83
N SER C 673 -35.48 34.87 18.50
CA SER C 673 -36.48 34.11 19.23
C SER C 673 -37.75 33.96 18.39
N TYR C 674 -38.51 32.92 18.70
CA TYR C 674 -39.75 32.61 18.02
C TYR C 674 -40.92 33.28 18.72
N GLN C 675 -41.17 34.54 18.40
CA GLN C 675 -42.23 35.31 19.01
C GLN C 675 -43.35 35.63 18.02
N THR C 676 -44.01 36.76 18.23
CA THR C 676 -45.09 37.19 17.35
C THR C 676 -44.84 38.63 16.86
N GLN C 690 -47.19 33.52 14.23
CA GLN C 690 -45.86 33.40 14.80
C GLN C 690 -44.81 33.57 13.73
N SER C 691 -43.63 34.03 14.16
CA SER C 691 -42.51 34.28 13.26
C SER C 691 -41.23 34.33 14.09
N ILE C 692 -40.11 34.53 13.41
CA ILE C 692 -38.80 34.61 14.04
C ILE C 692 -38.36 36.06 14.07
N ILE C 693 -37.98 36.54 15.24
CA ILE C 693 -37.57 37.92 15.43
C ILE C 693 -36.12 37.95 15.88
N ALA C 694 -35.45 39.05 15.56
CA ALA C 694 -34.05 39.25 15.94
C ALA C 694 -33.94 40.60 16.63
N TYR C 695 -33.22 40.64 17.74
CA TYR C 695 -33.15 41.85 18.54
C TYR C 695 -31.77 41.96 19.16
N THR C 696 -31.52 43.11 19.80
CA THR C 696 -30.33 43.32 20.60
C THR C 696 -30.62 42.94 22.04
N MET C 697 -29.79 42.07 22.60
CA MET C 697 -30.04 41.59 23.95
C MET C 697 -29.85 42.72 24.96
N SER C 698 -30.66 42.67 26.01
CA SER C 698 -30.59 43.63 27.09
C SER C 698 -29.72 43.10 28.22
N LEU C 699 -28.93 43.98 28.81
CA LEU C 699 -28.03 43.59 29.88
C LEU C 699 -28.75 43.51 31.22
N GLY C 700 -29.81 44.28 31.40
CA GLY C 700 -30.54 44.29 32.66
C GLY C 700 -31.23 45.61 32.85
N ALA C 701 -32.04 45.66 33.91
CA ALA C 701 -32.80 46.85 34.23
C ALA C 701 -31.87 47.95 34.71
N GLU C 702 -32.19 49.18 34.33
CA GLU C 702 -31.39 50.33 34.71
C GLU C 702 -31.76 50.78 36.12
N ASN C 703 -30.76 51.28 36.84
CA ASN C 703 -30.95 51.63 38.23
C ASN C 703 -30.02 52.78 38.57
N SER C 704 -30.41 53.54 39.58
CA SER C 704 -29.64 54.69 40.03
C SER C 704 -29.68 54.74 41.55
N VAL C 705 -28.54 55.04 42.16
CA VAL C 705 -28.41 55.11 43.60
C VAL C 705 -28.47 56.56 44.01
N ALA C 706 -29.26 56.85 45.05
CA ALA C 706 -29.45 58.22 45.52
C ALA C 706 -28.28 58.62 46.42
N TYR C 707 -27.12 58.79 45.79
CA TYR C 707 -25.91 59.09 46.54
C TYR C 707 -25.86 60.57 46.89
N SER C 708 -25.60 60.85 48.17
CA SER C 708 -25.27 62.17 48.64
C SER C 708 -24.17 62.03 49.68
N ASN C 709 -23.60 63.16 50.10
CA ASN C 709 -22.47 63.12 51.01
C ASN C 709 -22.88 62.98 52.48
N ASN C 710 -24.17 63.04 52.78
CA ASN C 710 -24.60 62.78 54.14
C ASN C 710 -25.89 61.97 54.21
N SER C 711 -26.03 60.96 53.37
CA SER C 711 -27.23 60.15 53.37
C SER C 711 -26.85 58.67 53.42
N ILE C 712 -27.57 57.92 54.24
CA ILE C 712 -27.31 56.50 54.39
C ILE C 712 -28.64 55.77 54.36
N ALA C 713 -28.60 54.51 53.96
CA ALA C 713 -29.79 53.66 53.92
C ALA C 713 -29.56 52.45 54.81
N ILE C 714 -30.46 52.23 55.76
CA ILE C 714 -30.31 51.17 56.74
C ILE C 714 -31.49 50.21 56.59
N PRO C 715 -31.26 48.91 56.58
CA PRO C 715 -32.38 47.96 56.50
C PRO C 715 -33.16 47.91 57.80
N THR C 716 -34.46 47.62 57.68
CA THR C 716 -35.30 47.50 58.85
C THR C 716 -35.91 46.10 59.01
N ASN C 717 -35.82 45.24 58.01
CA ASN C 717 -36.30 43.88 58.12
C ASN C 717 -35.30 42.99 57.39
N PHE C 718 -35.58 41.69 57.35
CA PHE C 718 -34.71 40.77 56.66
C PHE C 718 -35.54 39.64 56.06
N THR C 719 -34.88 38.83 55.24
CA THR C 719 -35.45 37.61 54.69
C THR C 719 -34.43 36.51 54.81
N ILE C 720 -34.91 35.31 55.10
CA ILE C 720 -34.08 34.11 55.14
C ILE C 720 -34.26 33.40 53.82
N SER C 721 -33.19 33.32 53.04
CA SER C 721 -33.26 32.76 51.71
C SER C 721 -32.55 31.42 51.68
N VAL C 722 -33.09 30.48 50.90
CA VAL C 722 -32.50 29.17 50.70
C VAL C 722 -32.33 28.93 49.21
N THR C 723 -31.11 28.64 48.79
CA THR C 723 -30.83 28.46 47.37
C THR C 723 -30.11 27.14 47.16
N THR C 724 -30.21 26.61 45.95
CA THR C 724 -29.56 25.36 45.61
C THR C 724 -28.34 25.58 44.74
N GLU C 725 -27.37 24.69 44.87
CA GLU C 725 -26.20 24.70 43.99
C GLU C 725 -25.83 23.26 43.67
N ILE C 726 -25.74 22.94 42.38
CA ILE C 726 -25.51 21.57 41.92
C ILE C 726 -24.09 21.44 41.42
N LEU C 727 -23.42 20.33 41.78
CA LEU C 727 -22.04 20.13 41.38
C LEU C 727 -21.80 18.67 41.01
N PRO C 728 -21.25 18.41 39.83
CA PRO C 728 -20.88 17.05 39.46
C PRO C 728 -19.65 16.57 40.22
N VAL C 729 -19.66 15.30 40.62
CA VAL C 729 -18.58 14.75 41.41
C VAL C 729 -17.91 13.55 40.75
N SER C 730 -18.63 12.75 39.96
CA SER C 730 -18.02 11.59 39.32
C SER C 730 -18.57 11.45 37.92
N MET C 731 -17.93 10.59 37.14
CA MET C 731 -18.48 10.15 35.87
C MET C 731 -18.38 8.64 35.80
N THR C 732 -18.85 8.06 34.70
CA THR C 732 -18.89 6.61 34.58
C THR C 732 -17.49 6.05 34.37
N LYS C 733 -17.22 4.95 35.07
CA LYS C 733 -15.96 4.23 34.91
C LYS C 733 -16.13 3.16 33.84
N THR C 734 -15.29 3.21 32.82
CA THR C 734 -15.40 2.29 31.70
C THR C 734 -14.09 1.55 31.52
N SER C 735 -14.17 0.44 30.80
CA SER C 735 -13.01 -0.34 30.43
C SER C 735 -13.24 -0.90 29.03
N VAL C 736 -12.14 -1.18 28.33
CA VAL C 736 -12.20 -1.59 26.94
C VAL C 736 -11.29 -2.79 26.75
N ASP C 737 -11.79 -3.80 26.05
CA ASP C 737 -10.99 -4.92 25.58
C ASP C 737 -10.58 -4.64 24.14
N CYS C 738 -9.30 -4.32 23.92
CA CYS C 738 -8.83 -4.06 22.57
C CYS C 738 -9.12 -5.20 21.62
N THR C 739 -8.72 -6.41 21.97
CA THR C 739 -8.83 -7.52 21.04
C THR C 739 -10.28 -7.70 20.59
N MET C 740 -11.22 -7.56 21.51
CA MET C 740 -12.61 -7.78 21.17
C MET C 740 -13.18 -6.65 20.33
N TYR C 741 -12.63 -5.45 20.48
CA TYR C 741 -13.15 -4.32 19.72
C TYR C 741 -12.56 -4.31 18.31
N ILE C 742 -11.26 -4.53 18.20
CA ILE C 742 -10.57 -4.43 16.93
C ILE C 742 -10.79 -5.67 16.08
N CYS C 743 -10.73 -6.85 16.68
CA CYS C 743 -10.76 -8.08 15.92
C CYS C 743 -12.04 -8.89 16.08
N GLY C 744 -12.62 -8.95 17.27
CA GLY C 744 -13.70 -9.88 17.48
C GLY C 744 -13.14 -11.27 17.75
N ASP C 745 -13.82 -12.28 17.22
CA ASP C 745 -13.36 -13.66 17.35
C ASP C 745 -12.48 -14.09 16.18
N SER C 746 -11.91 -13.14 15.44
CA SER C 746 -10.97 -13.45 14.38
C SER C 746 -9.61 -13.81 14.96
N THR C 747 -9.09 -14.98 14.57
CA THR C 747 -7.78 -15.40 15.07
C THR C 747 -6.67 -14.84 14.21
N GLU C 748 -6.91 -14.68 12.91
CA GLU C 748 -5.93 -14.04 12.04
C GLU C 748 -5.71 -12.60 12.44
N CYS C 749 -6.79 -11.86 12.67
CA CYS C 749 -6.65 -10.48 13.12
C CYS C 749 -5.93 -10.41 14.46
N SER C 750 -6.26 -11.33 15.37
CA SER C 750 -5.66 -11.26 16.70
C SER C 750 -4.18 -11.58 16.65
N ASN C 751 -3.75 -12.44 15.71
CA ASN C 751 -2.32 -12.68 15.54
C ASN C 751 -1.65 -11.50 14.87
N LEU C 752 -2.35 -10.82 13.96
CA LEU C 752 -1.76 -9.63 13.34
C LEU C 752 -1.65 -8.48 14.32
N LEU C 753 -2.48 -8.48 15.36
CA LEU C 753 -2.52 -7.37 16.30
C LEU C 753 -1.36 -7.40 17.28
N LEU C 754 -0.62 -8.50 17.35
CA LEU C 754 0.42 -8.63 18.37
C LEU C 754 1.58 -7.66 18.18
N GLN C 755 1.57 -6.87 17.10
CA GLN C 755 2.55 -5.80 16.92
C GLN C 755 2.08 -4.49 17.52
N TYR C 756 0.92 -4.50 18.17
CA TYR C 756 0.35 -3.29 18.75
C TYR C 756 -0.16 -3.55 20.16
N GLY C 757 0.56 -4.38 20.92
CA GLY C 757 0.10 -4.67 22.28
C GLY C 757 0.46 -3.60 23.27
N SER C 758 1.58 -2.90 23.05
CA SER C 758 1.95 -1.79 23.92
C SER C 758 0.89 -0.72 23.91
N PHE C 759 0.26 -0.48 22.76
CA PHE C 759 -0.73 0.57 22.65
C PHE C 759 -1.99 0.23 23.45
N CYS C 760 -2.35 -1.04 23.50
CA CYS C 760 -3.51 -1.42 24.29
C CYS C 760 -3.21 -1.44 25.78
N THR C 761 -2.04 -1.90 26.18
CA THR C 761 -1.69 -1.76 27.59
C THR C 761 -1.71 -0.30 28.00
N GLN C 762 -1.27 0.60 27.12
CA GLN C 762 -1.28 2.02 27.42
C GLN C 762 -2.70 2.55 27.56
N LEU C 763 -3.59 2.21 26.62
CA LEU C 763 -4.98 2.64 26.71
C LEU C 763 -5.60 2.19 28.02
N ASN C 764 -5.42 0.93 28.38
CA ASN C 764 -6.05 0.43 29.59
C ASN C 764 -5.44 1.03 30.84
N ARG C 765 -4.15 1.34 30.82
CA ARG C 765 -3.55 2.06 31.93
C ARG C 765 -4.24 3.40 32.14
N ALA C 766 -4.43 4.15 31.06
CA ALA C 766 -5.11 5.44 31.17
C ALA C 766 -6.52 5.28 31.72
N LEU C 767 -7.26 4.31 31.20
CA LEU C 767 -8.65 4.15 31.64
C LEU C 767 -8.73 3.74 33.11
N THR C 768 -7.81 2.90 33.58
CA THR C 768 -7.84 2.54 34.99
C THR C 768 -7.46 3.71 35.89
N GLY C 769 -6.54 4.56 35.45
CA GLY C 769 -6.26 5.77 36.19
C GLY C 769 -7.52 6.60 36.41
N ILE C 770 -8.27 6.83 35.32
CA ILE C 770 -9.54 7.55 35.45
C ILE C 770 -10.48 6.85 36.41
N ALA C 771 -10.55 5.52 36.31
CA ALA C 771 -11.52 4.77 37.11
C ALA C 771 -11.24 4.87 38.60
N VAL C 772 -9.97 4.83 39.00
CA VAL C 772 -9.72 4.95 40.44
C VAL C 772 -9.84 6.40 40.88
N GLU C 773 -9.55 7.34 39.98
CA GLU C 773 -9.72 8.74 40.34
C GLU C 773 -11.18 9.06 40.67
N GLN C 774 -12.13 8.41 40.00
CA GLN C 774 -13.53 8.70 40.29
C GLN C 774 -13.90 8.34 41.73
N ASP C 775 -13.48 7.16 42.19
CA ASP C 775 -13.74 6.79 43.58
C ASP C 775 -13.03 7.71 44.54
N LYS C 776 -11.80 8.12 44.21
CA LYS C 776 -11.12 9.07 45.08
C LYS C 776 -11.90 10.38 45.18
N ASN C 777 -12.45 10.85 44.07
CA ASN C 777 -13.28 12.05 44.07
C ASN C 777 -14.43 11.93 45.05
N THR C 778 -15.22 10.88 44.90
CA THR C 778 -16.38 10.71 45.78
C THR C 778 -15.95 10.66 47.24
N GLN C 779 -14.80 10.04 47.52
CA GLN C 779 -14.35 9.96 48.90
C GLN C 779 -13.95 11.32 49.45
N GLU C 780 -13.27 12.15 48.65
CA GLU C 780 -12.94 13.48 49.18
C GLU C 780 -14.18 14.29 49.45
N VAL C 781 -15.21 14.16 48.61
CA VAL C 781 -16.38 15.01 48.83
C VAL C 781 -17.18 14.53 50.04
N PHE C 782 -17.52 13.24 50.09
CA PHE C 782 -18.54 12.81 51.04
C PHE C 782 -17.99 12.22 52.33
N ALA C 783 -16.77 11.73 52.34
CA ALA C 783 -16.24 11.01 53.51
C ALA C 783 -15.39 11.92 54.39
N GLN C 784 -15.79 13.17 54.53
CA GLN C 784 -15.02 14.12 55.32
C GLN C 784 -14.91 13.68 56.77
N VAL C 785 -16.02 13.30 57.39
CA VAL C 785 -16.06 12.90 58.79
C VAL C 785 -16.22 11.38 58.86
N LYS C 786 -15.56 10.78 59.85
CA LYS C 786 -15.62 9.33 60.04
C LYS C 786 -16.31 8.95 61.34
N GLN C 787 -17.33 9.71 61.71
CA GLN C 787 -18.24 9.32 62.77
C GLN C 787 -19.65 9.48 62.24
N ILE C 788 -20.43 8.41 62.32
CA ILE C 788 -21.78 8.41 61.76
C ILE C 788 -22.72 8.89 62.84
N TYR C 789 -22.94 10.20 62.90
CA TYR C 789 -23.84 10.79 63.88
C TYR C 789 -25.28 10.52 63.49
N LYS C 790 -26.11 10.29 64.50
CA LYS C 790 -27.54 10.18 64.31
C LYS C 790 -28.22 11.36 65.01
N THR C 791 -29.37 11.75 64.48
CA THR C 791 -30.11 12.81 65.14
C THR C 791 -31.09 12.21 66.14
N PRO C 792 -31.19 12.78 67.32
CA PRO C 792 -32.01 12.17 68.37
C PRO C 792 -33.49 12.26 68.02
N PRO C 793 -34.34 11.50 68.70
CA PRO C 793 -35.78 11.69 68.53
C PRO C 793 -36.30 13.00 69.12
N ILE C 794 -35.42 13.80 69.72
CA ILE C 794 -35.76 15.11 70.23
C ILE C 794 -35.78 16.07 69.04
N LYS C 795 -36.94 16.22 68.41
CA LYS C 795 -37.06 17.13 67.28
C LYS C 795 -37.49 18.50 67.77
N ASP C 796 -36.77 19.02 68.75
CA ASP C 796 -37.03 20.34 69.30
C ASP C 796 -35.87 21.25 68.91
N PHE C 797 -35.99 21.84 67.72
CA PHE C 797 -34.94 22.67 67.17
C PHE C 797 -35.32 24.15 67.15
N GLY C 798 -36.08 24.60 68.13
CA GLY C 798 -36.46 25.99 68.23
C GLY C 798 -37.55 26.42 67.27
N GLY C 799 -38.24 25.49 66.63
CA GLY C 799 -39.27 25.81 65.66
C GLY C 799 -38.87 25.53 64.24
N PHE C 800 -37.60 25.24 63.98
CA PHE C 800 -37.15 24.93 62.63
C PHE C 800 -37.51 23.49 62.29
N ASN C 801 -37.98 23.27 61.07
CA ASN C 801 -38.45 21.98 60.62
C ASN C 801 -37.48 21.43 59.58
N PHE C 802 -36.78 20.35 59.93
CA PHE C 802 -35.81 19.73 59.05
C PHE C 802 -36.31 18.39 58.51
N SER C 803 -37.62 18.24 58.41
CA SER C 803 -38.18 16.94 58.08
C SER C 803 -38.02 16.56 56.61
N GLN C 804 -37.88 17.53 55.71
CA GLN C 804 -37.75 17.21 54.30
C GLN C 804 -36.32 16.92 53.89
N ILE C 805 -35.34 17.19 54.74
CA ILE C 805 -33.94 16.90 54.44
C ILE C 805 -33.36 15.85 55.36
N LEU C 806 -34.13 15.33 56.27
CA LEU C 806 -33.64 14.28 57.15
C LEU C 806 -34.11 12.92 56.65
N PRO C 807 -33.37 11.86 56.94
CA PRO C 807 -33.70 10.54 56.38
C PRO C 807 -35.11 10.07 56.63
N ASP C 808 -35.67 9.33 55.66
CA ASP C 808 -37.00 8.77 55.78
C ASP C 808 -36.91 7.28 56.07
N PRO C 809 -37.19 6.84 57.30
CA PRO C 809 -37.09 5.40 57.61
C PRO C 809 -38.17 4.56 56.95
N SER C 810 -39.09 5.18 56.21
CA SER C 810 -40.19 4.45 55.58
C SER C 810 -39.81 3.96 54.18
N LYS C 811 -38.60 4.22 53.74
CA LYS C 811 -38.15 3.82 52.41
C LYS C 811 -37.30 2.56 52.54
N PRO C 812 -37.06 1.83 51.44
CA PRO C 812 -36.04 0.78 51.49
C PRO C 812 -34.68 1.35 51.80
N SER C 813 -34.29 2.38 51.04
CA SER C 813 -33.14 3.22 51.39
C SER C 813 -33.55 4.16 52.51
N LYS C 814 -32.59 4.94 53.00
CA LYS C 814 -32.89 5.94 54.02
C LYS C 814 -32.64 7.32 53.43
N ARG C 815 -33.16 7.54 52.23
CA ARG C 815 -32.99 8.81 51.56
C ARG C 815 -34.06 9.79 52.02
N SER C 816 -33.73 11.07 51.96
CA SER C 816 -34.66 12.13 52.36
C SER C 816 -35.65 12.44 51.26
N PRO C 817 -36.80 13.11 51.65
CA PRO C 817 -37.74 13.41 50.55
C PRO C 817 -37.06 14.15 49.40
N ILE C 818 -36.28 15.16 49.74
CA ILE C 818 -35.57 15.95 48.73
C ILE C 818 -34.68 15.07 47.86
N GLU C 819 -33.89 14.21 48.52
CA GLU C 819 -32.99 13.31 47.81
C GLU C 819 -33.75 12.40 46.87
N ASP C 820 -34.96 11.99 47.26
CA ASP C 820 -35.79 11.20 46.35
C ASP C 820 -36.24 12.03 45.16
N LEU C 821 -36.65 13.27 45.40
CA LEU C 821 -37.04 14.11 44.26
C LEU C 821 -35.87 14.31 43.31
N LEU C 822 -34.66 14.43 43.84
CA LEU C 822 -33.49 14.59 42.99
C LEU C 822 -33.17 13.32 42.23
N PHE C 823 -33.37 12.17 42.87
CA PHE C 823 -33.00 10.90 42.28
C PHE C 823 -33.83 10.58 41.05
N ASN C 824 -35.03 11.11 40.94
CA ASN C 824 -35.92 10.79 39.83
C ASN C 824 -35.84 11.80 38.70
N LYS C 825 -34.97 12.80 38.79
CA LYS C 825 -34.80 13.78 37.74
C LYS C 825 -33.55 13.53 36.91
N VAL C 826 -32.81 12.48 37.20
CA VAL C 826 -31.62 12.11 36.43
C VAL C 826 -31.81 10.67 35.99
N THR C 827 -31.97 10.45 34.68
CA THR C 827 -32.18 9.13 34.12
C THR C 827 -30.84 8.55 33.69
N LEU C 828 -30.40 7.50 34.37
CA LEU C 828 -29.16 6.83 33.99
C LEU C 828 -29.37 5.95 32.78
N ALA C 829 -28.32 5.20 32.41
CA ALA C 829 -28.42 4.26 31.31
C ALA C 829 -28.26 2.82 31.77
N ASP C 830 -27.76 2.62 33.00
CA ASP C 830 -27.54 1.29 33.55
C ASP C 830 -28.32 1.15 34.85
N ALA C 831 -29.48 0.53 34.80
CA ALA C 831 -30.23 0.19 36.00
C ALA C 831 -29.68 -1.12 36.56
N GLY C 832 -28.59 -1.01 37.31
CA GLY C 832 -27.82 -2.16 37.71
C GLY C 832 -26.63 -2.39 36.79
N PHE C 833 -25.83 -3.39 37.15
CA PHE C 833 -24.63 -3.69 36.37
C PHE C 833 -24.47 -5.17 36.08
N ILE C 834 -25.55 -5.94 36.11
CA ILE C 834 -25.51 -7.36 35.76
C ILE C 834 -26.48 -7.58 34.61
N LYS C 835 -25.96 -7.59 33.39
CA LYS C 835 -26.74 -7.91 32.20
C LYS C 835 -26.20 -9.22 31.65
N GLN C 836 -26.96 -10.30 31.83
CA GLN C 836 -26.46 -11.63 31.54
C GLN C 836 -26.45 -11.90 30.06
N TYR C 837 -25.63 -12.89 29.66
CA TYR C 837 -25.55 -13.26 28.26
C TYR C 837 -26.88 -13.76 27.74
N GLY C 838 -27.52 -14.67 28.46
CA GLY C 838 -28.81 -15.19 28.03
C GLY C 838 -29.91 -14.15 27.95
N ASP C 839 -29.69 -12.98 28.54
CA ASP C 839 -30.76 -11.99 28.61
C ASP C 839 -30.90 -11.22 27.29
N CYS C 840 -29.79 -10.95 26.61
CA CYS C 840 -29.85 -10.47 25.23
C CYS C 840 -29.17 -11.49 24.33
N LEU C 841 -29.93 -12.50 23.91
CA LEU C 841 -29.46 -13.53 23.00
C LEU C 841 -30.45 -13.64 21.87
N GLY C 842 -30.05 -13.18 20.69
CA GLY C 842 -30.93 -13.11 19.54
C GLY C 842 -30.84 -11.75 18.88
N ASP C 843 -32.00 -11.19 18.55
CA ASP C 843 -32.05 -9.85 17.99
C ASP C 843 -32.21 -8.79 19.05
N ILE C 844 -32.29 -9.18 20.33
CA ILE C 844 -32.25 -8.20 21.41
C ILE C 844 -30.94 -7.44 21.39
N ALA C 845 -29.86 -8.10 20.95
CA ALA C 845 -28.61 -7.40 20.69
C ALA C 845 -28.77 -6.48 19.48
N ALA C 846 -28.00 -5.40 19.46
CA ALA C 846 -28.05 -4.40 18.39
C ALA C 846 -29.42 -3.75 18.28
N ARG C 847 -30.21 -3.88 19.36
CA ARG C 847 -31.44 -3.12 19.52
C ARG C 847 -31.45 -2.56 20.93
N ASP C 848 -30.71 -3.22 21.81
CA ASP C 848 -30.38 -2.67 23.12
C ASP C 848 -28.94 -2.16 23.03
N LEU C 849 -28.76 -0.87 23.29
CA LEU C 849 -27.45 -0.27 23.08
C LEU C 849 -26.40 -0.84 24.01
N ILE C 850 -26.81 -1.30 25.19
CA ILE C 850 -25.84 -1.78 26.17
C ILE C 850 -25.27 -3.13 25.74
N CYS C 851 -26.11 -4.01 25.17
CA CYS C 851 -25.59 -5.27 24.65
C CYS C 851 -24.75 -5.04 23.40
N ALA C 852 -25.11 -4.05 22.59
CA ALA C 852 -24.27 -3.68 21.46
C ALA C 852 -22.90 -3.23 21.94
N GLN C 853 -22.84 -2.48 23.03
CA GLN C 853 -21.55 -2.07 23.57
C GLN C 853 -20.80 -3.25 24.16
N LYS C 854 -21.50 -4.13 24.83
CA LYS C 854 -20.84 -5.25 25.51
C LYS C 854 -20.30 -6.28 24.54
N PHE C 855 -21.00 -6.54 23.44
CA PHE C 855 -20.49 -7.48 22.45
C PHE C 855 -19.26 -6.98 21.72
N ASN C 856 -18.91 -5.71 21.89
CA ASN C 856 -17.73 -5.13 21.25
C ASN C 856 -16.64 -4.80 22.26
N GLY C 857 -16.76 -5.27 23.49
CA GLY C 857 -15.69 -5.15 24.46
C GLY C 857 -15.71 -3.92 25.32
N LEU C 858 -16.84 -3.21 25.40
CA LEU C 858 -16.93 -1.96 26.15
C LEU C 858 -17.73 -2.20 27.43
N THR C 859 -17.07 -2.14 28.58
CA THR C 859 -17.65 -2.48 29.86
C THR C 859 -17.77 -1.24 30.73
N VAL C 860 -18.80 -1.21 31.57
CA VAL C 860 -18.99 -0.16 32.56
C VAL C 860 -18.91 -0.78 33.95
N LEU C 861 -18.02 -0.26 34.78
CA LEU C 861 -17.81 -0.85 36.10
C LEU C 861 -18.60 -0.09 37.16
N PRO C 862 -19.04 -0.76 38.22
CA PRO C 862 -19.87 -0.10 39.22
C PRO C 862 -19.04 0.71 40.19
N PRO C 863 -19.60 1.78 40.75
CA PRO C 863 -18.84 2.59 41.71
C PRO C 863 -18.63 1.84 43.02
N LEU C 864 -17.59 2.25 43.75
CA LEU C 864 -17.24 1.57 44.99
C LEU C 864 -18.28 1.83 46.09
N LEU C 865 -18.73 3.06 46.24
CA LEU C 865 -19.73 3.41 47.23
C LEU C 865 -21.11 3.35 46.59
N THR C 866 -21.99 2.53 47.17
CA THR C 866 -23.36 2.49 46.70
C THR C 866 -24.07 3.80 47.06
N ASP C 867 -25.27 3.97 46.52
CA ASP C 867 -26.02 5.19 46.80
C ASP C 867 -26.49 5.25 48.24
N GLU C 868 -26.72 4.10 48.87
CA GLU C 868 -27.11 4.09 50.26
C GLU C 868 -25.98 4.53 51.16
N MET C 869 -24.74 4.18 50.83
CA MET C 869 -23.61 4.65 51.63
C MET C 869 -23.45 6.15 51.53
N ILE C 870 -23.64 6.72 50.34
CA ILE C 870 -23.54 8.16 50.19
C ILE C 870 -24.68 8.85 50.94
N ALA C 871 -25.86 8.25 50.92
CA ALA C 871 -26.96 8.82 51.70
C ALA C 871 -26.66 8.77 53.19
N GLN C 872 -26.00 7.70 53.65
CA GLN C 872 -25.60 7.63 55.05
C GLN C 872 -24.61 8.72 55.40
N TYR C 873 -23.66 8.98 54.51
CA TYR C 873 -22.68 10.03 54.76
C TYR C 873 -23.35 11.40 54.87
N THR C 874 -24.24 11.72 53.93
CA THR C 874 -24.90 13.02 54.01
C THR C 874 -25.79 13.12 55.24
N SER C 875 -26.41 12.01 55.64
CA SER C 875 -27.20 12.01 56.85
C SER C 875 -26.35 12.30 58.07
N ALA C 876 -25.16 11.71 58.16
CA ALA C 876 -24.28 11.99 59.27
C ALA C 876 -23.85 13.45 59.28
N LEU C 877 -23.56 14.00 58.10
CA LEU C 877 -23.19 15.42 58.04
C LEU C 877 -24.32 16.31 58.54
N LEU C 878 -25.54 16.04 58.10
CA LEU C 878 -26.68 16.84 58.54
C LEU C 878 -26.90 16.74 60.04
N ALA C 879 -26.87 15.52 60.58
CA ALA C 879 -27.09 15.35 62.01
C ALA C 879 -26.03 16.08 62.80
N GLY C 880 -24.77 15.96 62.40
CA GLY C 880 -23.72 16.68 63.10
C GLY C 880 -23.91 18.18 63.03
N THR C 881 -24.31 18.69 61.87
CA THR C 881 -24.35 20.14 61.72
C THR C 881 -25.56 20.74 62.42
N ILE C 882 -26.64 19.98 62.62
CA ILE C 882 -27.78 20.56 63.32
C ILE C 882 -27.77 20.28 64.81
N THR C 883 -26.96 19.35 65.28
CA THR C 883 -26.87 19.16 66.72
C THR C 883 -25.56 19.65 67.33
N SER C 884 -24.59 20.08 66.52
CA SER C 884 -23.30 20.47 67.06
C SER C 884 -22.76 21.76 66.46
N GLY C 885 -23.45 22.35 65.51
CA GLY C 885 -22.93 23.56 64.89
C GLY C 885 -21.72 23.27 64.05
N TRP C 886 -20.64 24.00 64.29
CA TRP C 886 -19.41 23.82 63.52
C TRP C 886 -18.31 23.16 64.33
N THR C 887 -18.64 22.51 65.43
CA THR C 887 -17.60 21.96 66.30
C THR C 887 -17.20 20.57 65.89
N PHE C 888 -18.10 19.83 65.23
CA PHE C 888 -17.76 18.47 64.83
C PHE C 888 -16.79 18.43 63.67
N GLY C 889 -16.57 19.55 63.00
CA GLY C 889 -15.56 19.61 61.96
C GLY C 889 -14.18 19.97 62.44
N ALA C 890 -14.02 20.31 63.71
CA ALA C 890 -12.71 20.67 64.24
C ALA C 890 -12.26 19.86 65.45
N GLY C 891 -12.86 18.70 65.66
CA GLY C 891 -12.50 17.85 66.78
C GLY C 891 -13.70 17.19 67.40
N PRO C 892 -13.74 17.09 68.72
CA PRO C 892 -14.89 16.47 69.40
C PRO C 892 -16.17 17.26 69.14
N ALA C 893 -17.31 16.56 69.03
CA ALA C 893 -18.57 17.22 68.77
C ALA C 893 -19.20 17.68 70.08
N LEU C 894 -19.50 18.98 70.18
CA LEU C 894 -20.11 19.53 71.38
C LEU C 894 -21.51 20.00 71.07
N GLN C 895 -22.50 19.46 71.77
CA GLN C 895 -23.89 19.82 71.55
C GLN C 895 -24.15 21.27 71.94
N ILE C 896 -25.20 21.83 71.37
CA ILE C 896 -25.61 23.21 71.65
C ILE C 896 -27.03 23.38 71.14
N PRO C 897 -27.93 24.04 71.86
CA PRO C 897 -29.28 24.24 71.36
C PRO C 897 -29.27 24.98 70.02
N PHE C 898 -30.16 24.58 69.13
CA PHE C 898 -30.19 25.16 67.80
C PHE C 898 -30.36 26.67 67.78
N PRO C 899 -31.26 27.18 68.61
CA PRO C 899 -31.50 28.61 68.70
C PRO C 899 -30.22 29.39 69.04
N MET C 900 -29.41 28.86 69.96
CA MET C 900 -28.18 29.52 70.36
C MET C 900 -27.12 29.40 69.28
N GLN C 901 -27.11 28.29 68.54
CA GLN C 901 -26.22 28.19 67.39
C GLN C 901 -26.60 29.20 66.31
N MET C 902 -27.89 29.38 66.08
CA MET C 902 -28.32 30.38 65.11
C MET C 902 -27.96 31.78 65.57
N ALA C 903 -27.98 32.03 66.87
CA ALA C 903 -27.54 33.32 67.38
C ALA C 903 -26.05 33.54 67.15
N TYR C 904 -25.24 32.49 67.37
CA TYR C 904 -23.83 32.58 67.03
C TYR C 904 -23.64 32.93 65.56
N ARG C 905 -24.43 32.30 64.69
CA ARG C 905 -24.26 32.56 63.26
C ARG C 905 -24.75 33.95 62.89
N PHE C 906 -25.73 34.50 63.61
CA PHE C 906 -26.12 35.88 63.39
C PHE C 906 -25.01 36.83 63.82
N ASN C 907 -24.34 36.52 64.92
CA ASN C 907 -23.17 37.30 65.32
C ASN C 907 -22.12 37.31 64.23
N GLY C 908 -21.93 36.18 63.55
CA GLY C 908 -20.90 36.08 62.54
C GLY C 908 -21.08 36.96 61.33
N ILE C 909 -22.26 37.51 61.09
CA ILE C 909 -22.50 38.37 59.95
C ILE C 909 -22.71 39.82 60.36
N GLY C 910 -22.53 40.14 61.63
CA GLY C 910 -22.62 41.52 62.08
C GLY C 910 -23.97 41.94 62.59
N VAL C 911 -24.75 41.03 63.13
CA VAL C 911 -26.05 41.32 63.71
C VAL C 911 -26.06 40.79 65.13
N THR C 912 -26.57 41.57 66.06
CA THR C 912 -26.55 41.17 67.46
C THR C 912 -27.51 40.01 67.69
N GLN C 913 -27.32 39.30 68.81
CA GLN C 913 -28.09 38.09 69.05
C GLN C 913 -29.53 38.38 69.39
N ASN C 914 -29.79 39.51 70.05
CA ASN C 914 -31.17 39.83 70.40
C ASN C 914 -32.04 39.98 69.18
N VAL C 915 -31.45 40.27 68.02
CA VAL C 915 -32.21 40.34 66.79
C VAL C 915 -32.76 38.96 66.44
N LEU C 916 -31.99 37.91 66.72
CA LEU C 916 -32.52 36.56 66.53
C LEU C 916 -33.51 36.20 67.61
N TYR C 917 -33.14 36.39 68.87
CA TYR C 917 -33.98 35.90 69.96
C TYR C 917 -35.33 36.62 70.00
N GLU C 918 -35.40 37.85 69.51
CA GLU C 918 -36.65 38.57 69.54
C GLU C 918 -37.50 38.32 68.30
N ASN C 919 -36.92 37.73 67.26
CA ASN C 919 -37.64 37.41 66.03
C ASN C 919 -37.59 35.93 65.72
N GLN C 920 -37.60 35.06 66.73
CA GLN C 920 -37.32 33.65 66.49
C GLN C 920 -38.41 32.98 65.69
N LYS C 921 -39.68 33.28 66.01
CA LYS C 921 -40.77 32.63 65.29
C LYS C 921 -40.83 33.07 63.84
N LEU C 922 -40.61 34.36 63.58
CA LEU C 922 -40.60 34.83 62.20
C LEU C 922 -39.49 34.18 61.40
N ILE C 923 -38.32 34.02 62.00
CA ILE C 923 -37.19 33.42 61.30
C ILE C 923 -37.45 31.95 61.03
N ALA C 924 -37.99 31.22 62.02
CA ALA C 924 -38.32 29.82 61.79
C ALA C 924 -39.35 29.66 60.69
N ASN C 925 -40.36 30.54 60.67
CA ASN C 925 -41.38 30.44 59.63
C ASN C 925 -40.80 30.73 58.26
N GLN C 926 -39.93 31.73 58.16
CA GLN C 926 -39.32 32.04 56.87
C GLN C 926 -38.46 30.87 56.39
N PHE C 927 -37.71 30.25 57.29
CA PHE C 927 -36.91 29.09 56.90
C PHE C 927 -37.78 27.95 56.41
N ASN C 928 -38.85 27.63 57.15
CA ASN C 928 -39.72 26.54 56.75
C ASN C 928 -40.37 26.82 55.40
N SER C 929 -40.80 28.06 55.18
CA SER C 929 -41.40 28.41 53.89
C SER C 929 -40.40 28.28 52.76
N ALA C 930 -39.14 28.68 52.99
CA ALA C 930 -38.15 28.59 51.93
C ALA C 930 -37.83 27.15 51.57
N ILE C 931 -37.77 26.27 52.59
CA ILE C 931 -37.54 24.86 52.30
C ILE C 931 -38.71 24.27 51.54
N GLY C 932 -39.94 24.63 51.92
CA GLY C 932 -41.09 24.19 51.16
C GLY C 932 -41.04 24.64 49.72
N LYS C 933 -40.57 25.86 49.48
CA LYS C 933 -40.47 26.38 48.13
C LYS C 933 -39.51 25.54 47.28
N ILE C 934 -38.43 25.06 47.89
CA ILE C 934 -37.45 24.24 47.18
C ILE C 934 -38.10 22.96 46.69
N GLN C 935 -38.61 22.16 47.63
CA GLN C 935 -39.26 20.91 47.27
C GLN C 935 -40.26 21.17 46.16
N ASP C 936 -41.11 22.16 46.39
CA ASP C 936 -42.12 22.54 45.41
C ASP C 936 -41.47 22.65 44.05
N SER C 937 -40.69 23.71 43.86
CA SER C 937 -39.99 23.97 42.59
C SER C 937 -39.44 22.69 41.96
N LEU C 938 -38.73 21.90 42.75
CA LEU C 938 -38.15 20.66 42.24
C LEU C 938 -39.24 19.75 41.69
N SER C 939 -40.00 19.14 42.59
CA SER C 939 -41.08 18.23 42.21
C SER C 939 -41.90 18.77 41.04
N SER C 940 -41.81 20.09 40.83
CA SER C 940 -42.54 20.73 39.75
C SER C 940 -41.75 20.57 38.45
N THR C 941 -40.76 21.44 38.26
CA THR C 941 -39.92 21.41 37.06
C THR C 941 -39.17 22.73 36.91
N ALA C 944 -34.16 22.20 36.75
CA ALA C 944 -33.79 20.80 36.59
C ALA C 944 -32.31 20.60 36.88
N LEU C 945 -31.87 19.35 36.84
CA LEU C 945 -30.46 19.02 37.08
C LEU C 945 -29.74 18.81 35.77
N GLY C 946 -29.64 19.88 34.96
CA GLY C 946 -29.02 19.73 33.65
C GLY C 946 -27.55 19.41 33.74
N LYS C 947 -26.85 20.00 34.71
CA LYS C 947 -25.41 19.80 34.81
C LYS C 947 -25.06 18.37 35.18
N LEU C 948 -25.96 17.67 35.86
CA LEU C 948 -25.74 16.28 36.19
C LEU C 948 -26.18 15.33 35.10
N GLN C 949 -27.13 15.74 34.27
CA GLN C 949 -27.58 14.90 33.17
C GLN C 949 -26.62 15.00 31.99
N ASP C 950 -25.95 16.14 31.81
CA ASP C 950 -25.00 16.27 30.72
C ASP C 950 -23.84 15.28 30.84
N VAL C 951 -23.42 14.95 32.06
CA VAL C 951 -22.34 13.99 32.23
C VAL C 951 -22.75 12.62 31.71
N VAL C 952 -23.92 12.15 32.14
CA VAL C 952 -24.44 10.87 31.68
C VAL C 952 -24.60 10.87 30.16
N ASN C 953 -25.17 11.95 29.63
CA ASN C 953 -25.37 12.02 28.19
C ASN C 953 -24.06 11.96 27.43
N GLN C 954 -23.05 12.67 27.90
CA GLN C 954 -21.77 12.70 27.21
C GLN C 954 -21.11 11.34 27.22
N ASN C 955 -21.11 10.65 28.36
CA ASN C 955 -20.48 9.33 28.40
C ASN C 955 -21.21 8.34 27.49
N ALA C 956 -22.54 8.35 27.53
CA ALA C 956 -23.29 7.44 26.66
C ALA C 956 -23.04 7.73 25.20
N GLN C 957 -23.00 9.02 24.82
CA GLN C 957 -22.77 9.36 23.43
C GLN C 957 -21.38 8.95 22.99
N ALA C 958 -20.39 9.07 23.86
CA ALA C 958 -19.04 8.66 23.49
C ALA C 958 -18.98 7.15 23.22
N LEU C 959 -19.60 6.36 24.10
CA LEU C 959 -19.57 4.91 23.86
C LEU C 959 -20.32 4.54 22.58
N ASN C 960 -21.47 5.17 22.33
CA ASN C 960 -22.21 4.83 21.13
C ASN C 960 -21.49 5.26 19.88
N THR C 961 -20.76 6.38 19.92
CA THR C 961 -19.96 6.78 18.78
C THR C 961 -18.87 5.77 18.51
N LEU C 962 -18.23 5.26 19.57
CA LEU C 962 -17.27 4.18 19.38
C LEU C 962 -17.90 3.02 18.65
N VAL C 963 -19.13 2.64 19.03
CA VAL C 963 -19.74 1.47 18.41
C VAL C 963 -20.04 1.73 16.93
N LYS C 964 -20.60 2.89 16.59
CA LYS C 964 -20.88 3.14 15.18
C LYS C 964 -19.61 3.34 14.36
N GLN C 965 -18.51 3.70 14.98
CA GLN C 965 -17.33 3.85 14.13
C GLN C 965 -16.75 2.54 13.69
N LEU C 966 -17.42 1.41 13.91
CA LEU C 966 -16.97 0.12 13.41
C LEU C 966 -17.48 -0.14 12.00
N SER C 967 -18.08 0.86 11.36
CA SER C 967 -18.62 0.74 10.02
C SER C 967 -17.78 1.48 9.00
N SER C 968 -16.57 1.86 9.38
CA SER C 968 -15.70 2.61 8.50
C SER C 968 -14.73 1.66 7.83
N ASN C 969 -14.49 1.90 6.54
CA ASN C 969 -13.54 1.09 5.79
C ASN C 969 -12.10 1.49 6.07
N PHE C 970 -11.86 2.76 6.37
CA PHE C 970 -10.53 3.31 6.56
C PHE C 970 -9.65 3.11 5.33
N GLY C 971 -10.27 2.99 4.16
CA GLY C 971 -9.52 2.78 2.94
C GLY C 971 -9.35 1.34 2.53
N ALA C 972 -10.06 0.41 3.19
CA ALA C 972 -10.02 -0.99 2.84
C ALA C 972 -11.18 -1.30 1.89
N ILE C 973 -11.32 -2.55 1.50
CA ILE C 973 -12.39 -2.94 0.57
C ILE C 973 -13.72 -3.15 1.27
N SER C 974 -13.71 -3.39 2.58
CA SER C 974 -14.93 -3.58 3.34
C SER C 974 -14.60 -3.31 4.81
N SER C 975 -15.63 -3.22 5.63
CA SER C 975 -15.45 -2.98 7.05
C SER C 975 -15.72 -4.22 7.89
N VAL C 976 -15.91 -5.38 7.25
CA VAL C 976 -16.16 -6.64 7.94
C VAL C 976 -14.95 -7.52 7.75
N LEU C 977 -14.46 -8.09 8.85
CA LEU C 977 -13.30 -8.97 8.73
C LEU C 977 -13.65 -10.27 8.04
N ASN C 978 -14.92 -10.67 8.08
CA ASN C 978 -15.29 -11.95 7.51
C ASN C 978 -15.52 -11.86 6.01
N ASP C 979 -15.78 -10.67 5.47
CA ASP C 979 -15.80 -10.50 4.03
C ASP C 979 -14.40 -10.41 3.46
N ILE C 980 -13.44 -9.95 4.26
CA ILE C 980 -12.06 -9.92 3.78
C ILE C 980 -11.44 -11.31 3.89
N LEU C 981 -11.62 -11.97 5.03
CA LEU C 981 -10.94 -13.24 5.25
C LEU C 981 -11.51 -14.33 4.36
N SER C 982 -12.73 -14.16 3.90
CA SER C 982 -13.32 -15.02 2.89
C SER C 982 -13.49 -14.24 1.60
N ARG C 983 -12.97 -14.78 0.49
CA ARG C 983 -12.64 -14.11 -0.78
C ARG C 983 -11.24 -13.53 -0.87
N LEU C 984 -10.42 -13.64 0.18
CA LEU C 984 -9.04 -13.22 0.06
C LEU C 984 -8.16 -14.16 0.88
N ASP C 985 -6.95 -14.41 0.38
CA ASP C 985 -6.03 -15.33 1.02
C ASP C 985 -5.01 -14.56 1.86
N PRO C 986 -4.34 -15.22 2.81
CA PRO C 986 -3.66 -14.52 3.91
C PRO C 986 -2.81 -13.35 3.45
N PRO C 987 -1.81 -13.54 2.59
CA PRO C 987 -0.83 -12.47 2.38
C PRO C 987 -1.42 -11.20 1.79
N GLU C 988 -2.50 -11.32 1.03
CA GLU C 988 -3.11 -10.16 0.42
C GLU C 988 -4.39 -9.72 1.11
N ALA C 989 -4.85 -10.49 2.10
CA ALA C 989 -5.84 -10.00 3.04
C ALA C 989 -5.20 -9.23 4.19
N GLU C 990 -3.91 -9.46 4.43
CA GLU C 990 -3.22 -8.78 5.51
C GLU C 990 -3.15 -7.28 5.30
N VAL C 991 -3.10 -6.82 4.06
CA VAL C 991 -3.06 -5.39 3.82
C VAL C 991 -4.37 -4.74 4.26
N GLN C 992 -5.49 -5.34 3.91
CA GLN C 992 -6.79 -4.82 4.32
C GLN C 992 -6.95 -4.89 5.82
N ILE C 993 -6.57 -6.01 6.43
CA ILE C 993 -6.70 -6.13 7.87
C ILE C 993 -5.81 -5.12 8.57
N ASP C 994 -4.66 -4.79 7.98
CA ASP C 994 -3.80 -3.77 8.56
C ASP C 994 -4.47 -2.41 8.52
N ARG C 995 -5.11 -2.08 7.40
CA ARG C 995 -5.84 -0.81 7.35
C ARG C 995 -6.90 -0.74 8.43
N LEU C 996 -7.69 -1.81 8.57
CA LEU C 996 -8.75 -1.81 9.58
C LEU C 996 -8.16 -1.68 10.98
N ILE C 997 -7.07 -2.39 11.26
CA ILE C 997 -6.46 -2.35 12.58
C ILE C 997 -6.00 -0.94 12.91
N THR C 998 -5.33 -0.28 11.96
CA THR C 998 -4.87 1.08 12.20
C THR C 998 -6.03 2.02 12.49
N GLY C 999 -7.08 1.95 11.66
CA GLY C 999 -8.23 2.81 11.89
C GLY C 999 -8.85 2.61 13.26
N ARG C 1000 -9.11 1.37 13.63
CA ARG C 1000 -9.79 1.12 14.89
C ARG C 1000 -8.92 1.46 16.09
N LEU C 1001 -7.60 1.26 15.98
CA LEU C 1001 -6.70 1.69 17.03
C LEU C 1001 -6.79 3.20 17.24
N GLN C 1002 -6.79 3.97 16.16
CA GLN C 1002 -6.85 5.41 16.34
C GLN C 1002 -8.20 5.85 16.88
N SER C 1003 -9.26 5.12 16.56
CA SER C 1003 -10.56 5.39 17.17
C SER C 1003 -10.51 5.24 18.69
N LEU C 1004 -9.94 4.12 19.15
CA LEU C 1004 -9.79 3.91 20.59
C LEU C 1004 -8.94 5.00 21.22
N GLN C 1005 -7.88 5.42 20.52
CA GLN C 1005 -7.00 6.44 21.07
C GLN C 1005 -7.74 7.76 21.24
N THR C 1006 -8.54 8.14 20.24
CA THR C 1006 -9.31 9.38 20.36
C THR C 1006 -10.25 9.31 21.55
N TYR C 1007 -10.94 8.19 21.71
CA TYR C 1007 -11.84 8.04 22.84
C TYR C 1007 -11.11 8.24 24.16
N VAL C 1008 -9.97 7.58 24.33
CA VAL C 1008 -9.26 7.64 25.60
C VAL C 1008 -8.77 9.06 25.87
N THR C 1009 -8.29 9.76 24.84
CA THR C 1009 -7.82 11.12 25.05
C THR C 1009 -8.94 12.04 25.51
N GLN C 1010 -10.10 11.97 24.85
CA GLN C 1010 -11.19 12.84 25.25
C GLN C 1010 -11.70 12.47 26.64
N GLN C 1011 -11.64 11.19 27.01
CA GLN C 1011 -12.02 10.80 28.35
C GLN C 1011 -11.08 11.39 29.38
N LEU C 1012 -9.78 11.42 29.08
CA LEU C 1012 -8.83 12.03 30.02
C LEU C 1012 -9.12 13.51 30.21
N ILE C 1013 -9.41 14.21 29.11
CA ILE C 1013 -9.71 15.64 29.24
C ILE C 1013 -10.97 15.86 30.07
N ARG C 1014 -12.02 15.08 29.82
CA ARG C 1014 -13.24 15.23 30.61
C ARG C 1014 -13.01 14.90 32.07
N ALA C 1015 -12.16 13.91 32.35
CA ALA C 1015 -11.90 13.54 33.73
C ALA C 1015 -11.17 14.65 34.47
N ALA C 1016 -10.30 15.38 33.77
CA ALA C 1016 -9.66 16.53 34.41
C ALA C 1016 -10.69 17.56 34.84
N GLU C 1017 -11.68 17.82 33.97
CA GLU C 1017 -12.72 18.80 34.31
C GLU C 1017 -13.56 18.33 35.50
N ILE C 1018 -13.94 17.05 35.50
CA ILE C 1018 -14.71 16.53 36.62
C ILE C 1018 -13.89 16.56 37.90
N ARG C 1019 -12.58 16.36 37.80
CA ARG C 1019 -11.71 16.46 38.97
C ARG C 1019 -11.73 17.85 39.55
N ALA C 1020 -11.66 18.87 38.70
CA ALA C 1020 -11.75 20.24 39.19
C ALA C 1020 -13.08 20.49 39.88
N SER C 1021 -14.18 20.01 39.28
CA SER C 1021 -15.49 20.19 39.89
C SER C 1021 -15.59 19.51 41.25
N ALA C 1022 -15.03 18.30 41.37
CA ALA C 1022 -15.08 17.59 42.64
C ALA C 1022 -14.22 18.27 43.70
N ASN C 1023 -13.09 18.86 43.30
CA ASN C 1023 -12.29 19.61 44.26
C ASN C 1023 -13.06 20.82 44.77
N LEU C 1024 -13.75 21.53 43.87
CA LEU C 1024 -14.57 22.64 44.31
C LEU C 1024 -15.66 22.18 45.26
N ALA C 1025 -16.28 21.03 44.98
CA ALA C 1025 -17.33 20.54 45.85
C ALA C 1025 -16.80 20.16 47.23
N ALA C 1026 -15.59 19.60 47.28
CA ALA C 1026 -15.00 19.27 48.58
C ALA C 1026 -14.69 20.52 49.38
N THR C 1027 -14.18 21.56 48.71
CA THR C 1027 -13.93 22.82 49.39
C THR C 1027 -15.23 23.43 49.92
N LYS C 1028 -16.29 23.38 49.12
CA LYS C 1028 -17.57 23.91 49.58
C LYS C 1028 -18.12 23.09 50.74
N MET C 1029 -17.89 21.79 50.74
CA MET C 1029 -18.34 20.98 51.86
C MET C 1029 -17.61 21.34 53.14
N SER C 1030 -16.31 21.60 53.05
CA SER C 1030 -15.59 21.90 54.29
C SER C 1030 -15.85 23.32 54.76
N GLU C 1031 -16.09 24.25 53.85
CA GLU C 1031 -16.15 25.66 54.23
C GLU C 1031 -17.56 26.21 54.38
N CYS C 1032 -18.55 25.64 53.71
CA CYS C 1032 -19.91 26.11 53.87
C CYS C 1032 -20.74 25.23 54.78
N VAL C 1033 -20.50 23.93 54.80
CA VAL C 1033 -21.26 23.01 55.62
C VAL C 1033 -20.64 22.80 56.99
N LEU C 1034 -19.32 22.65 57.06
CA LEU C 1034 -18.63 22.43 58.31
C LEU C 1034 -18.22 23.73 58.99
N GLY C 1035 -18.64 24.88 58.46
CA GLY C 1035 -18.31 26.14 59.06
C GLY C 1035 -19.21 27.23 58.53
N GLN C 1036 -18.83 28.47 58.76
CA GLN C 1036 -19.52 29.63 58.23
C GLN C 1036 -18.52 30.48 57.45
N SER C 1037 -18.86 30.83 56.23
CA SER C 1037 -17.91 31.46 55.32
C SER C 1037 -18.11 32.96 55.26
N LYS C 1038 -17.00 33.69 55.21
CA LYS C 1038 -17.01 35.12 55.00
C LYS C 1038 -16.74 35.50 53.56
N ARG C 1039 -16.44 34.51 52.71
CA ARG C 1039 -16.17 34.77 51.31
C ARG C 1039 -17.46 35.10 50.58
N VAL C 1040 -17.44 36.20 49.85
CA VAL C 1040 -18.65 36.72 49.21
C VAL C 1040 -19.05 35.80 48.06
N ASP C 1041 -20.33 35.46 48.02
CA ASP C 1041 -20.93 34.65 46.95
C ASP C 1041 -20.30 33.27 46.83
N PHE C 1042 -19.62 32.79 47.86
CA PHE C 1042 -19.08 31.45 47.79
C PHE C 1042 -20.12 30.42 48.21
N CYS C 1043 -20.98 30.75 49.16
CA CYS C 1043 -22.01 29.84 49.64
C CYS C 1043 -23.37 30.51 49.49
N GLY C 1044 -23.64 31.04 48.30
CA GLY C 1044 -24.93 31.62 48.00
C GLY C 1044 -24.88 33.13 47.94
N LYS C 1045 -26.00 33.72 47.58
CA LYS C 1045 -26.14 35.17 47.49
C LYS C 1045 -26.74 35.70 48.79
N GLY C 1046 -26.04 36.63 49.41
CA GLY C 1046 -26.41 37.15 50.71
C GLY C 1046 -25.30 36.90 51.71
N TYR C 1047 -25.64 37.04 52.98
CA TYR C 1047 -24.70 36.72 54.05
C TYR C 1047 -24.93 35.28 54.48
N HIS C 1048 -23.90 34.46 54.34
CA HIS C 1048 -24.05 33.04 54.56
C HIS C 1048 -24.33 32.74 56.03
N LEU C 1049 -25.39 31.99 56.28
CA LEU C 1049 -25.69 31.50 57.62
C LEU C 1049 -25.32 30.04 57.77
N MET C 1050 -25.83 29.15 56.91
CA MET C 1050 -25.45 27.74 57.01
C MET C 1050 -25.72 27.06 55.68
N SER C 1051 -25.43 25.76 55.63
CA SER C 1051 -25.62 24.98 54.41
C SER C 1051 -25.89 23.53 54.76
N PHE C 1052 -26.65 22.87 53.89
CA PHE C 1052 -27.00 21.47 54.08
C PHE C 1052 -26.69 20.70 52.78
N PRO C 1053 -26.03 19.56 52.87
CA PRO C 1053 -25.78 18.77 51.66
C PRO C 1053 -26.85 17.71 51.41
N GLN C 1054 -27.07 17.45 50.13
CA GLN C 1054 -27.93 16.37 49.67
C GLN C 1054 -27.22 15.66 48.54
N SER C 1055 -27.36 14.34 48.48
CA SER C 1055 -26.69 13.57 47.44
C SER C 1055 -27.58 13.47 46.21
N ALA C 1056 -26.98 13.46 45.05
CA ALA C 1056 -27.68 13.35 43.78
C ALA C 1056 -26.90 12.39 42.90
N PRO C 1057 -27.54 11.84 41.86
CA PRO C 1057 -26.81 10.91 40.98
C PRO C 1057 -25.58 11.54 40.38
N HIS C 1058 -24.41 11.02 40.75
CA HIS C 1058 -23.11 11.50 40.29
C HIS C 1058 -22.81 12.91 40.76
N GLY C 1059 -23.40 13.38 41.84
CA GLY C 1059 -23.11 14.74 42.24
C GLY C 1059 -23.68 15.08 43.60
N VAL C 1060 -23.56 16.36 43.94
CA VAL C 1060 -24.02 16.86 45.22
C VAL C 1060 -24.82 18.13 45.00
N VAL C 1061 -25.77 18.36 45.89
CA VAL C 1061 -26.59 19.57 45.91
C VAL C 1061 -26.40 20.22 47.26
N PHE C 1062 -26.16 21.53 47.26
CA PHE C 1062 -26.04 22.29 48.49
C PHE C 1062 -27.24 23.20 48.62
N LEU C 1063 -27.86 23.19 49.79
CA LEU C 1063 -28.89 24.16 50.15
C LEU C 1063 -28.24 25.19 51.06
N HIS C 1064 -28.06 26.40 50.53
CA HIS C 1064 -27.41 27.48 51.23
C HIS C 1064 -28.47 28.37 51.86
N VAL C 1065 -28.41 28.53 53.18
CA VAL C 1065 -29.28 29.41 53.92
C VAL C 1065 -28.52 30.70 54.18
N THR C 1066 -29.02 31.81 53.66
CA THR C 1066 -28.39 33.11 53.75
C THR C 1066 -29.37 34.15 54.26
N TYR C 1067 -28.82 35.28 54.69
CA TYR C 1067 -29.56 36.38 55.29
C TYR C 1067 -29.53 37.56 54.32
N VAL C 1068 -30.71 38.05 53.93
CA VAL C 1068 -30.83 39.11 52.93
C VAL C 1068 -31.55 40.29 53.57
N PRO C 1069 -30.93 41.46 53.66
CA PRO C 1069 -31.62 42.61 54.24
C PRO C 1069 -32.78 43.07 53.38
N ALA C 1070 -33.73 43.78 54.01
CA ALA C 1070 -34.94 44.17 53.31
C ALA C 1070 -35.55 45.38 53.98
N GLN C 1071 -36.37 46.10 53.20
CA GLN C 1071 -37.12 47.26 53.68
C GLN C 1071 -36.21 48.33 54.25
N GLU C 1072 -35.31 48.87 53.41
CA GLU C 1072 -34.38 49.88 53.86
C GLU C 1072 -35.06 51.22 54.01
N LYS C 1073 -34.39 52.13 54.70
CA LYS C 1073 -34.93 53.44 54.98
C LYS C 1073 -33.81 54.47 54.96
N ASN C 1074 -34.15 55.68 54.55
CA ASN C 1074 -33.18 56.76 54.41
C ASN C 1074 -32.97 57.49 55.73
N PHE C 1075 -31.72 57.87 55.99
CA PHE C 1075 -31.37 58.63 57.17
C PHE C 1075 -30.27 59.61 56.81
N THR C 1076 -30.18 60.67 57.60
CA THR C 1076 -29.03 61.55 57.58
C THR C 1076 -27.97 60.98 58.50
N THR C 1077 -26.71 61.16 58.13
CA THR C 1077 -25.62 60.54 58.86
C THR C 1077 -24.49 61.54 59.05
N ALA C 1078 -23.53 61.17 59.89
CA ALA C 1078 -22.39 62.03 60.19
C ALA C 1078 -21.23 61.15 60.60
N PRO C 1079 -19.99 61.56 60.31
CA PRO C 1079 -18.84 60.75 60.71
C PRO C 1079 -18.54 60.80 62.19
N ALA C 1080 -18.75 61.95 62.84
CA ALA C 1080 -18.41 62.09 64.25
C ALA C 1080 -19.36 63.09 64.89
N ILE C 1081 -19.36 63.10 66.22
CA ILE C 1081 -20.20 63.98 67.02
C ILE C 1081 -19.29 64.82 67.89
N CYS C 1082 -19.54 66.12 67.96
CA CYS C 1082 -18.74 67.05 68.74
C CYS C 1082 -19.54 67.47 69.96
N HIS C 1083 -19.02 67.21 71.15
CA HIS C 1083 -19.74 67.52 72.38
C HIS C 1083 -19.08 68.59 73.23
N ASP C 1084 -17.83 68.39 73.64
CA ASP C 1084 -17.13 69.37 74.48
C ASP C 1084 -15.80 69.75 73.87
N GLY C 1085 -15.79 70.08 72.59
CA GLY C 1085 -14.54 70.31 71.90
C GLY C 1085 -13.80 69.01 71.70
N LYS C 1086 -14.53 67.90 71.76
CA LYS C 1086 -13.98 66.58 71.53
C LYS C 1086 -14.82 65.86 70.49
N ALA C 1087 -14.18 65.01 69.71
CA ALA C 1087 -14.83 64.26 68.66
C ALA C 1087 -15.11 62.84 69.14
N HIS C 1088 -16.34 62.39 68.95
CA HIS C 1088 -16.75 61.07 69.39
C HIS C 1088 -17.11 60.20 68.20
N PHE C 1089 -16.53 59.02 68.13
CA PHE C 1089 -16.79 58.09 67.05
C PHE C 1089 -17.52 56.87 67.59
N PRO C 1090 -18.40 56.26 66.81
CA PRO C 1090 -19.14 55.10 67.32
C PRO C 1090 -18.23 53.91 67.46
N ARG C 1091 -18.55 53.04 68.41
CA ARG C 1091 -17.71 51.87 68.64
C ARG C 1091 -17.97 50.79 67.60
N GLU C 1092 -19.22 50.36 67.45
CA GLU C 1092 -19.54 49.34 66.47
C GLU C 1092 -20.81 49.68 65.72
N GLY C 1093 -20.96 50.91 65.30
CA GLY C 1093 -22.20 51.32 64.67
C GLY C 1093 -22.00 52.48 63.75
N VAL C 1094 -23.07 53.24 63.57
CA VAL C 1094 -23.09 54.40 62.70
C VAL C 1094 -24.08 55.40 63.29
N PHE C 1095 -23.77 56.69 63.15
CA PHE C 1095 -24.62 57.76 63.63
C PHE C 1095 -25.69 58.07 62.60
N VAL C 1096 -26.95 58.02 63.02
CA VAL C 1096 -28.06 58.35 62.14
C VAL C 1096 -28.92 59.41 62.82
N SER C 1097 -29.84 59.98 62.05
CA SER C 1097 -30.74 61.01 62.56
C SER C 1097 -32.10 60.87 61.91
N ASN C 1098 -33.15 60.78 62.72
CA ASN C 1098 -34.50 60.65 62.20
C ASN C 1098 -35.04 61.97 61.69
N GLY C 1099 -34.20 63.00 61.62
CA GLY C 1099 -34.61 64.32 61.17
C GLY C 1099 -34.34 65.39 62.21
N THR C 1100 -34.55 65.07 63.48
CA THR C 1100 -34.34 66.00 64.57
C THR C 1100 -33.39 65.48 65.64
N HIS C 1101 -33.43 64.21 65.98
CA HIS C 1101 -32.60 63.64 67.02
C HIS C 1101 -31.56 62.71 66.40
N TRP C 1102 -30.47 62.50 67.13
CA TRP C 1102 -29.37 61.67 66.67
C TRP C 1102 -29.30 60.41 67.51
N PHE C 1103 -29.10 59.27 66.84
CA PHE C 1103 -28.94 57.98 67.48
C PHE C 1103 -27.72 57.28 66.90
N VAL C 1104 -27.33 56.19 67.53
CA VAL C 1104 -26.29 55.31 67.01
C VAL C 1104 -26.91 53.93 66.83
N THR C 1105 -26.72 53.33 65.66
CA THR C 1105 -27.31 52.05 65.36
C THR C 1105 -26.23 51.10 64.86
N GLN C 1106 -26.61 49.85 64.65
CA GLN C 1106 -25.75 48.89 64.00
C GLN C 1106 -25.98 48.93 62.49
N ARG C 1107 -24.98 48.53 61.73
CA ARG C 1107 -24.98 48.85 60.31
C ARG C 1107 -25.97 48.01 59.52
N ASN C 1108 -26.29 46.81 59.96
CA ASN C 1108 -27.06 45.87 59.16
C ASN C 1108 -28.51 45.73 59.59
N PHE C 1109 -28.94 46.47 60.61
CA PHE C 1109 -30.29 46.36 61.11
C PHE C 1109 -30.59 47.61 61.91
N TYR C 1110 -31.69 48.27 61.59
CA TYR C 1110 -32.02 49.54 62.22
C TYR C 1110 -32.51 49.30 63.64
N GLU C 1111 -31.69 49.70 64.62
CA GLU C 1111 -32.04 49.56 66.02
C GLU C 1111 -31.46 50.74 66.77
N PRO C 1112 -32.14 51.88 66.76
CA PRO C 1112 -31.52 53.11 67.23
C PRO C 1112 -31.39 53.15 68.74
N GLN C 1113 -30.32 53.79 69.20
CA GLN C 1113 -30.04 53.90 70.63
C GLN C 1113 -29.49 55.28 70.92
N ILE C 1114 -29.58 55.67 72.18
CA ILE C 1114 -29.13 56.98 72.61
C ILE C 1114 -27.61 57.00 72.66
N ILE C 1115 -27.02 58.08 72.18
CA ILE C 1115 -25.57 58.21 72.16
C ILE C 1115 -25.08 58.47 73.58
N THR C 1116 -24.29 57.55 74.11
CA THR C 1116 -23.71 57.72 75.44
C THR C 1116 -22.19 57.61 75.34
N THR C 1117 -21.52 57.57 76.49
CA THR C 1117 -20.08 57.36 76.53
C THR C 1117 -19.71 55.89 76.51
N ASP C 1118 -20.69 55.00 76.48
CA ASP C 1118 -20.46 53.57 76.34
C ASP C 1118 -20.65 53.10 74.90
N ASN C 1119 -21.28 53.92 74.07
CA ASN C 1119 -21.45 53.64 72.66
C ASN C 1119 -20.32 54.17 71.81
N THR C 1120 -19.60 55.18 72.30
CA THR C 1120 -18.65 55.93 71.50
C THR C 1120 -17.29 55.88 72.15
N PHE C 1121 -16.31 56.44 71.46
CA PHE C 1121 -15.00 56.68 72.04
C PHE C 1121 -14.49 58.01 71.52
N VAL C 1122 -13.60 58.62 72.29
CA VAL C 1122 -13.14 59.97 72.01
C VAL C 1122 -11.76 59.91 71.38
N SER C 1123 -11.51 60.83 70.45
CA SER C 1123 -10.18 60.95 69.87
C SER C 1123 -10.07 62.34 69.24
N GLY C 1124 -9.22 63.17 69.82
CA GLY C 1124 -8.93 64.46 69.23
C GLY C 1124 -9.99 65.50 69.55
N ASN C 1125 -9.88 66.62 68.84
CA ASN C 1125 -10.81 67.73 68.99
C ASN C 1125 -11.62 67.88 67.70
N CYS C 1126 -12.44 68.93 67.67
CA CYS C 1126 -13.47 69.06 66.63
C CYS C 1126 -13.02 69.88 65.43
N ASP C 1127 -11.73 69.87 65.10
CA ASP C 1127 -11.22 70.74 64.04
C ASP C 1127 -10.74 69.99 62.81
N VAL C 1128 -10.66 68.67 62.84
CA VAL C 1128 -10.06 67.92 61.74
C VAL C 1128 -11.08 67.13 60.94
N VAL C 1129 -12.06 66.52 61.59
CA VAL C 1129 -13.06 65.72 60.89
C VAL C 1129 -13.90 66.65 60.03
N ILE C 1130 -14.27 66.16 58.84
CA ILE C 1130 -14.87 67.03 57.83
C ILE C 1130 -16.33 67.30 58.10
N GLY C 1131 -17.15 66.26 58.25
CA GLY C 1131 -18.57 66.47 58.39
C GLY C 1131 -19.07 66.33 59.82
N ILE C 1132 -18.26 66.72 60.78
CA ILE C 1132 -18.62 66.59 62.19
C ILE C 1132 -19.82 67.47 62.50
N VAL C 1133 -20.69 66.99 63.40
CA VAL C 1133 -21.88 67.72 63.80
C VAL C 1133 -21.91 67.87 65.31
N ASN C 1134 -22.69 68.84 65.77
CA ASN C 1134 -22.82 69.16 67.19
C ASN C 1134 -24.00 68.41 67.78
N ASN C 1135 -23.77 67.70 68.86
CA ASN C 1135 -24.84 67.04 69.59
C ASN C 1135 -24.35 66.68 70.98
N THR C 1136 -25.26 66.20 71.81
CA THR C 1136 -24.99 65.89 73.20
C THR C 1136 -24.69 64.40 73.35
N VAL C 1137 -23.71 64.08 74.20
CA VAL C 1137 -23.33 62.71 74.49
C VAL C 1137 -23.62 62.46 75.96
N TYR C 1138 -24.64 61.67 76.23
CA TYR C 1138 -25.16 61.48 77.57
C TYR C 1138 -24.23 60.61 78.40
N ASP C 1139 -23.77 61.15 79.53
CA ASP C 1139 -22.92 60.41 80.46
C ASP C 1139 -23.78 59.72 81.51
N PRO C 1140 -23.76 58.40 81.59
CA PRO C 1140 -24.65 57.72 82.54
C PRO C 1140 -24.08 57.57 83.94
N LEU C 1141 -23.45 58.59 84.49
CA LEU C 1141 -22.91 58.49 85.83
C LEU C 1141 -23.39 59.63 86.73
N GLN C 1142 -23.44 60.84 86.18
CA GLN C 1142 -23.87 62.00 86.93
C GLN C 1142 -25.24 61.75 87.55
N PRO C 1143 -26.16 61.24 86.74
CA PRO C 1143 -27.51 60.93 87.24
C PRO C 1143 -27.41 60.06 88.50
N GLU C 1144 -26.36 59.25 88.55
CA GLU C 1144 -26.12 58.37 89.69
C GLU C 1144 -25.51 59.17 90.83
N LEU C 1145 -25.26 60.45 90.58
CA LEU C 1145 -24.69 61.34 91.57
C LEU C 1145 -25.56 62.57 91.76
N ASP C 1146 -26.80 62.49 91.27
CA ASP C 1146 -27.75 63.59 91.38
C ASP C 1146 -29.13 63.10 91.80
N GLN D 11 -23.30 -65.64 -42.25
CA GLN D 11 -23.15 -66.93 -41.63
C GLN D 11 -21.69 -67.27 -41.45
N ILE D 12 -21.37 -68.07 -40.45
CA ILE D 12 -20.01 -68.56 -40.23
C ILE D 12 -20.07 -69.82 -39.39
N GLN D 13 -19.33 -70.84 -39.81
CA GLN D 13 -19.25 -72.10 -39.08
C GLN D 13 -18.45 -71.86 -37.79
N PRO D 14 -18.73 -72.62 -36.72
CA PRO D 14 -18.03 -72.40 -35.45
C PRO D 14 -16.54 -72.69 -35.55
N GLY D 15 -15.81 -72.08 -34.63
CA GLY D 15 -14.38 -72.10 -34.74
C GLY D 15 -13.82 -71.05 -35.68
N GLY D 16 -14.63 -70.09 -36.09
CA GLY D 16 -14.19 -69.04 -36.98
C GLY D 16 -13.72 -67.81 -36.24
N SER D 17 -13.87 -66.67 -36.90
CA SER D 17 -13.43 -65.39 -36.37
C SER D 17 -14.17 -64.28 -37.09
N LEU D 18 -14.24 -63.13 -36.44
CA LEU D 18 -14.95 -61.99 -37.02
C LEU D 18 -14.43 -60.71 -36.39
N ARG D 19 -14.56 -59.63 -37.15
CA ARG D 19 -14.06 -58.30 -36.80
C ARG D 19 -15.25 -57.37 -36.68
N LEU D 20 -15.43 -56.76 -35.52
CA LEU D 20 -16.51 -55.80 -35.32
C LEU D 20 -15.89 -54.46 -34.95
N SER D 21 -16.23 -53.43 -35.71
CA SER D 21 -15.56 -52.15 -35.62
C SER D 21 -16.58 -51.04 -35.37
N CYS D 22 -16.18 -50.08 -34.55
CA CYS D 22 -16.99 -48.88 -34.36
C CYS D 22 -16.07 -47.67 -34.26
N ALA D 23 -16.68 -46.51 -34.01
CA ALA D 23 -16.01 -45.23 -34.13
C ALA D 23 -15.87 -44.60 -32.75
N ALA D 24 -14.63 -44.29 -32.36
CA ALA D 24 -14.37 -43.65 -31.07
C ALA D 24 -14.12 -42.16 -31.26
N SER D 25 -15.15 -41.46 -31.70
CA SER D 25 -15.03 -40.03 -31.91
C SER D 25 -14.99 -39.30 -30.58
N GLY D 26 -13.90 -38.57 -30.34
CA GLY D 26 -13.74 -37.86 -29.09
C GLY D 26 -13.53 -38.79 -27.92
N PHE D 27 -12.42 -39.51 -27.94
CA PHE D 27 -12.23 -40.61 -27.03
C PHE D 27 -11.06 -40.44 -26.08
N SER D 28 -10.03 -39.67 -26.46
CA SER D 28 -8.78 -39.73 -25.73
C SER D 28 -8.81 -39.03 -24.38
N PHE D 29 -9.85 -38.25 -24.11
CA PHE D 29 -10.08 -37.77 -22.76
C PHE D 29 -10.37 -38.96 -21.86
N ILE D 30 -9.89 -38.90 -20.62
CA ILE D 30 -10.09 -40.02 -19.71
C ILE D 30 -11.56 -40.04 -19.31
N SER D 31 -11.99 -41.16 -18.71
CA SER D 31 -13.39 -41.47 -18.43
C SER D 31 -14.22 -41.41 -19.72
N ASN D 32 -13.95 -42.37 -20.58
CA ASN D 32 -14.67 -42.48 -21.85
C ASN D 32 -14.95 -43.92 -22.24
N TYR D 33 -15.58 -44.68 -21.36
CA TYR D 33 -15.83 -46.10 -21.61
C TYR D 33 -16.77 -46.33 -22.79
N MET D 34 -16.54 -47.44 -23.49
CA MET D 34 -17.20 -47.78 -24.75
C MET D 34 -17.53 -49.29 -24.77
N SER D 35 -18.37 -49.74 -23.85
CA SER D 35 -18.68 -51.15 -23.72
C SER D 35 -19.39 -51.73 -24.96
N TRP D 36 -19.35 -53.06 -25.08
CA TRP D 36 -20.04 -53.82 -26.12
C TRP D 36 -21.05 -54.74 -25.48
N VAL D 37 -22.26 -54.79 -26.05
CA VAL D 37 -23.41 -55.50 -25.49
C VAL D 37 -24.09 -56.30 -26.59
N ARG D 38 -24.41 -57.57 -26.30
CA ARG D 38 -25.11 -58.44 -27.22
C ARG D 38 -26.58 -58.55 -26.88
N GLN D 39 -27.37 -59.06 -27.82
CA GLN D 39 -28.78 -59.35 -27.58
C GLN D 39 -29.22 -60.51 -28.45
N ALA D 40 -29.67 -61.58 -27.80
CA ALA D 40 -30.15 -62.75 -28.52
C ALA D 40 -31.49 -62.42 -29.18
N PRO D 41 -31.82 -63.09 -30.30
CA PRO D 41 -33.08 -62.76 -30.97
C PRO D 41 -34.31 -63.26 -30.25
N GLY D 42 -34.65 -62.63 -29.13
CA GLY D 42 -35.85 -62.98 -28.43
C GLY D 42 -35.73 -62.93 -26.92
N LYS D 43 -34.52 -63.07 -26.38
CA LYS D 43 -34.41 -63.14 -24.94
C LYS D 43 -34.33 -61.75 -24.31
N GLY D 44 -33.23 -61.04 -24.53
CA GLY D 44 -33.01 -59.79 -23.85
C GLY D 44 -31.53 -59.46 -23.86
N LEU D 45 -31.21 -58.37 -23.19
CA LEU D 45 -29.86 -57.83 -23.28
C LEU D 45 -28.92 -58.59 -22.36
N GLU D 46 -27.64 -58.54 -22.71
CA GLU D 46 -26.59 -59.16 -21.91
C GLU D 46 -25.27 -58.48 -22.24
N TRP D 47 -24.51 -58.18 -21.21
CA TRP D 47 -23.26 -57.47 -21.38
C TRP D 47 -22.19 -58.41 -21.91
N VAL D 48 -21.25 -57.86 -22.67
CA VAL D 48 -20.15 -58.63 -23.25
C VAL D 48 -18.80 -58.12 -22.79
N SER D 49 -18.49 -56.86 -23.04
CA SER D 49 -17.12 -56.44 -22.80
C SER D 49 -17.07 -54.95 -22.57
N VAL D 50 -15.90 -54.47 -22.14
CA VAL D 50 -15.74 -53.04 -21.95
C VAL D 50 -14.29 -52.63 -22.16
N ILE D 51 -14.08 -51.45 -22.75
CA ILE D 51 -12.78 -50.84 -22.92
C ILE D 51 -12.79 -49.47 -22.25
N TYR D 52 -11.81 -49.23 -21.39
CA TYR D 52 -11.64 -47.95 -20.74
C TYR D 52 -10.52 -47.21 -21.43
N SER D 53 -10.72 -45.89 -21.58
CA SER D 53 -9.85 -45.04 -22.39
C SER D 53 -8.45 -44.92 -21.84
N GLY D 54 -8.22 -45.33 -20.60
CA GLY D 54 -6.88 -45.50 -20.10
C GLY D 54 -6.30 -46.87 -20.44
N GLY D 55 -6.77 -47.46 -21.53
CA GLY D 55 -6.20 -48.68 -22.04
C GLY D 55 -6.55 -49.93 -21.29
N SER D 56 -7.67 -49.98 -20.58
CA SER D 56 -7.99 -51.16 -19.81
C SER D 56 -9.11 -51.93 -20.49
N THR D 57 -8.98 -53.25 -20.54
CA THR D 57 -10.00 -54.09 -21.15
C THR D 57 -10.54 -55.03 -20.10
N PHE D 58 -11.83 -55.32 -20.14
CA PHE D 58 -12.43 -56.30 -19.27
C PHE D 58 -13.51 -57.05 -20.04
N TYR D 59 -13.68 -58.32 -19.74
CA TYR D 59 -14.60 -59.18 -20.47
C TYR D 59 -15.56 -59.86 -19.51
N ALA D 60 -16.71 -60.25 -20.05
CA ALA D 60 -17.68 -60.97 -19.25
C ALA D 60 -17.23 -62.42 -19.13
N ASP D 61 -17.87 -63.15 -18.23
CA ASP D 61 -17.60 -64.58 -18.16
C ASP D 61 -18.23 -65.28 -19.34
N SER D 62 -17.82 -66.53 -19.54
CA SER D 62 -18.17 -67.42 -20.65
C SER D 62 -17.69 -66.91 -22.00
N VAL D 63 -16.91 -65.84 -22.05
CA VAL D 63 -16.45 -65.25 -23.29
C VAL D 63 -14.95 -65.08 -23.13
N LYS D 64 -14.49 -65.03 -21.88
CA LYS D 64 -13.16 -64.57 -21.54
C LYS D 64 -12.08 -65.48 -22.10
N GLY D 65 -11.13 -64.91 -22.82
CA GLY D 65 -10.13 -65.65 -23.53
C GLY D 65 -10.43 -65.85 -24.99
N ARG D 66 -11.69 -65.79 -25.38
CA ARG D 66 -12.03 -66.00 -26.78
C ARG D 66 -12.22 -64.70 -27.54
N PHE D 67 -12.46 -63.59 -26.84
CA PHE D 67 -12.74 -62.30 -27.47
C PHE D 67 -11.67 -61.31 -27.05
N THR D 68 -11.38 -60.35 -27.92
CA THR D 68 -10.30 -59.44 -27.61
C THR D 68 -10.56 -58.06 -28.22
N ILE D 69 -10.44 -57.02 -27.39
CA ILE D 69 -10.53 -55.65 -27.87
C ILE D 69 -9.13 -55.12 -28.09
N SER D 70 -8.91 -54.50 -29.24
CA SER D 70 -7.62 -53.92 -29.57
C SER D 70 -7.89 -52.61 -30.32
N ARG D 71 -7.84 -51.50 -29.59
CA ARG D 71 -8.18 -50.21 -30.15
C ARG D 71 -7.10 -49.76 -31.12
N ASP D 72 -7.52 -49.03 -32.16
CA ASP D 72 -6.59 -48.38 -33.08
C ASP D 72 -6.48 -46.92 -32.66
N LYS D 73 -5.41 -46.63 -31.91
CA LYS D 73 -5.13 -45.26 -31.53
C LYS D 73 -4.64 -44.44 -32.71
N SER D 74 -4.31 -45.08 -33.83
CA SER D 74 -3.96 -44.36 -35.03
C SER D 74 -5.14 -43.55 -35.56
N LYS D 75 -6.19 -44.22 -36.06
CA LYS D 75 -7.24 -43.39 -36.62
C LYS D 75 -8.29 -42.99 -35.60
N ASN D 76 -9.33 -43.80 -35.45
CA ASN D 76 -10.29 -43.68 -34.36
C ASN D 76 -11.05 -44.98 -34.13
N THR D 77 -10.62 -46.06 -34.78
CA THR D 77 -11.46 -47.23 -34.94
C THR D 77 -11.28 -48.18 -33.76
N LEU D 78 -12.37 -48.73 -33.27
CA LEU D 78 -12.33 -49.69 -32.17
C LEU D 78 -12.72 -51.07 -32.66
N TYR D 79 -11.89 -52.04 -32.29
CA TYR D 79 -11.92 -53.39 -32.82
C TYR D 79 -12.29 -54.38 -31.72
N LEU D 80 -13.30 -55.19 -31.97
CA LEU D 80 -13.55 -56.38 -31.17
C LEU D 80 -13.36 -57.58 -32.08
N GLN D 81 -12.37 -58.40 -31.77
CA GLN D 81 -12.09 -59.61 -32.52
C GLN D 81 -12.69 -60.78 -31.78
N MET D 82 -13.64 -61.42 -32.43
CA MET D 82 -14.20 -62.66 -31.95
C MET D 82 -13.44 -63.80 -32.60
N ASN D 83 -13.00 -64.75 -31.80
CA ASN D 83 -12.25 -65.90 -32.30
C ASN D 83 -12.82 -67.17 -31.71
N SER D 84 -12.97 -68.19 -32.56
CA SER D 84 -13.50 -69.51 -32.22
C SER D 84 -14.89 -69.40 -31.58
N LEU D 85 -15.85 -68.98 -32.41
CA LEU D 85 -17.22 -68.83 -31.94
C LEU D 85 -17.83 -70.18 -31.64
N ARG D 86 -18.62 -70.23 -30.56
CA ARG D 86 -19.16 -71.48 -30.04
C ARG D 86 -20.58 -71.76 -30.47
N ALA D 87 -21.17 -70.91 -31.31
CA ALA D 87 -22.55 -71.02 -31.82
C ALA D 87 -23.59 -70.97 -30.71
N GLU D 88 -23.27 -70.35 -29.59
CA GLU D 88 -24.28 -69.83 -28.69
C GLU D 88 -24.07 -68.33 -28.52
N ASP D 89 -23.55 -67.69 -29.56
CA ASP D 89 -23.29 -66.27 -29.54
C ASP D 89 -24.07 -65.52 -30.60
N THR D 90 -25.03 -66.18 -31.26
CA THR D 90 -25.79 -65.56 -32.32
C THR D 90 -26.66 -64.44 -31.77
N ALA D 91 -26.35 -63.21 -32.16
CA ALA D 91 -26.92 -62.06 -31.47
C ALA D 91 -26.72 -60.80 -32.30
N PHE D 92 -27.55 -59.81 -32.04
CA PHE D 92 -27.16 -58.46 -32.39
C PHE D 92 -26.03 -58.03 -31.49
N TYR D 93 -25.09 -57.28 -32.05
CA TYR D 93 -23.99 -56.72 -31.28
C TYR D 93 -23.98 -55.22 -31.41
N TYR D 94 -24.04 -54.51 -30.28
CA TYR D 94 -24.15 -53.07 -30.26
C TYR D 94 -22.87 -52.45 -29.73
N CYS D 95 -22.61 -51.22 -30.17
CA CYS D 95 -21.52 -50.42 -29.65
C CYS D 95 -22.14 -49.39 -28.73
N ALA D 96 -21.99 -49.60 -27.43
CA ALA D 96 -22.57 -48.71 -26.45
C ALA D 96 -21.50 -47.75 -25.98
N ARG D 97 -21.69 -46.46 -26.21
CA ARG D 97 -20.79 -45.44 -25.72
C ARG D 97 -21.32 -44.91 -24.41
N GLY D 98 -20.45 -44.63 -23.48
CA GLY D 98 -20.86 -44.28 -22.15
C GLY D 98 -21.37 -42.88 -22.04
N LEU D 99 -21.89 -42.59 -20.85
CA LEU D 99 -22.36 -41.26 -20.50
C LEU D 99 -21.52 -40.77 -19.34
N ILE D 100 -21.02 -39.55 -19.44
CA ILE D 100 -20.04 -39.03 -18.49
C ILE D 100 -20.58 -37.76 -17.85
N ARG D 101 -20.46 -37.69 -16.54
CA ARG D 101 -20.76 -36.47 -15.80
C ARG D 101 -19.45 -35.85 -15.31
N GLY D 102 -18.77 -35.19 -16.20
CA GLY D 102 -17.48 -34.58 -15.84
C GLY D 102 -16.35 -35.61 -15.93
N ILE D 103 -15.76 -35.96 -14.79
CA ILE D 103 -14.76 -37.00 -14.75
C ILE D 103 -15.34 -38.30 -14.22
N ILE D 104 -16.59 -38.28 -13.78
CA ILE D 104 -17.22 -39.45 -13.18
C ILE D 104 -17.97 -40.19 -14.27
N MET D 105 -17.67 -41.46 -14.44
CA MET D 105 -18.45 -42.29 -15.33
C MET D 105 -19.81 -42.58 -14.69
N THR D 106 -20.88 -42.21 -15.39
CA THR D 106 -22.21 -42.33 -14.81
C THR D 106 -22.67 -43.77 -14.72
N GLY D 107 -22.19 -44.61 -15.61
CA GLY D 107 -22.59 -45.99 -15.55
C GLY D 107 -23.83 -46.28 -16.35
N ALA D 108 -23.96 -45.61 -17.49
CA ALA D 108 -25.08 -45.87 -18.39
C ALA D 108 -24.63 -45.54 -19.79
N PHE D 109 -25.32 -46.12 -20.76
CA PHE D 109 -24.91 -46.05 -22.15
C PHE D 109 -25.97 -45.32 -22.94
N ASP D 110 -25.64 -44.12 -23.41
CA ASP D 110 -26.61 -43.23 -24.03
C ASP D 110 -26.60 -43.27 -25.54
N ILE D 111 -25.46 -43.49 -26.18
CA ILE D 111 -25.36 -43.56 -27.62
C ILE D 111 -25.16 -45.00 -28.01
N TRP D 112 -26.03 -45.51 -28.86
CA TRP D 112 -25.94 -46.86 -29.37
C TRP D 112 -25.67 -46.75 -30.87
N ASP D 113 -25.71 -47.87 -31.59
CA ASP D 113 -25.27 -47.81 -32.98
C ASP D 113 -26.04 -48.72 -33.93
N GLU D 114 -27.14 -49.33 -33.50
CA GLU D 114 -28.03 -50.25 -34.22
C GLU D 114 -27.41 -51.62 -34.47
N GLY D 115 -26.11 -51.77 -34.24
CA GLY D 115 -25.47 -53.08 -34.14
C GLY D 115 -25.40 -53.87 -35.43
N THR D 116 -24.72 -55.00 -35.33
CA THR D 116 -24.57 -55.92 -36.45
C THR D 116 -25.13 -57.27 -36.05
N MET D 117 -25.90 -57.89 -36.95
CA MET D 117 -26.40 -59.23 -36.73
C MET D 117 -25.27 -60.24 -36.92
N VAL D 118 -25.00 -61.05 -35.91
CA VAL D 118 -23.93 -62.03 -35.98
C VAL D 118 -24.54 -63.40 -35.80
N THR D 119 -24.52 -64.19 -36.86
CA THR D 119 -25.14 -65.51 -36.89
C THR D 119 -24.07 -66.58 -36.95
N VAL D 120 -24.30 -67.68 -36.23
CA VAL D 120 -23.35 -68.79 -36.15
C VAL D 120 -24.11 -70.10 -36.15
N SER D 121 -23.96 -70.86 -37.24
CA SER D 121 -24.77 -72.05 -37.43
C SER D 121 -23.95 -73.16 -38.06
N SER D 122 -24.66 -74.16 -38.61
CA SER D 122 -23.99 -75.29 -39.26
C SER D 122 -24.96 -76.04 -40.18
N ALA D 123 -24.42 -76.97 -40.94
CA ALA D 123 -25.23 -77.77 -41.86
C ALA D 123 -25.58 -76.96 -43.11
N SER D 124 -25.52 -75.64 -42.99
CA SER D 124 -25.84 -74.75 -44.11
C SER D 124 -27.34 -74.66 -44.33
N THR D 125 -27.88 -75.59 -45.12
CA THR D 125 -29.30 -75.61 -45.42
C THR D 125 -29.85 -77.03 -45.35
N LYS D 126 -31.17 -77.15 -45.42
CA LYS D 126 -31.82 -78.45 -45.37
C LYS D 126 -33.31 -78.31 -45.66
N GLY D 127 -33.89 -79.38 -46.19
CA GLY D 127 -35.28 -79.39 -46.57
C GLY D 127 -36.18 -79.79 -45.43
N PRO D 128 -37.46 -79.43 -45.52
CA PRO D 128 -38.37 -79.69 -44.41
C PRO D 128 -38.88 -81.10 -44.41
N SER D 129 -39.18 -81.62 -43.22
CA SER D 129 -39.88 -82.88 -43.05
C SER D 129 -41.30 -82.60 -42.61
N VAL D 130 -42.27 -83.20 -43.29
CA VAL D 130 -43.68 -82.85 -43.13
C VAL D 130 -44.42 -84.05 -42.55
N PHE D 131 -45.30 -83.77 -41.59
CA PHE D 131 -46.29 -84.70 -41.06
C PHE D 131 -47.67 -84.06 -41.05
N PRO D 132 -48.73 -84.82 -41.26
CA PRO D 132 -50.08 -84.26 -41.09
C PRO D 132 -50.59 -84.52 -39.68
N LEU D 133 -51.04 -83.45 -39.00
CA LEU D 133 -51.68 -83.57 -37.70
C LEU D 133 -53.17 -83.69 -37.93
N ALA D 134 -53.67 -84.89 -37.75
CA ALA D 134 -55.01 -85.33 -38.07
C ALA D 134 -56.04 -84.61 -37.21
N PRO D 135 -57.24 -84.38 -37.75
CA PRO D 135 -58.34 -83.91 -36.90
C PRO D 135 -58.79 -85.03 -35.98
N SER D 136 -59.01 -84.69 -34.71
CA SER D 136 -59.37 -85.70 -33.72
C SER D 136 -60.43 -85.15 -32.80
N SER D 137 -61.09 -86.06 -32.08
CA SER D 137 -62.09 -85.66 -31.10
C SER D 137 -61.47 -84.85 -29.96
N LYS D 138 -60.19 -85.09 -29.65
CA LYS D 138 -59.49 -84.25 -28.69
C LYS D 138 -59.27 -82.84 -29.22
N SER D 139 -59.27 -82.68 -30.54
CA SER D 139 -59.30 -81.36 -31.15
C SER D 139 -60.72 -80.92 -31.50
N THR D 140 -61.65 -81.88 -31.60
CA THR D 140 -63.03 -81.54 -31.95
C THR D 140 -63.77 -80.99 -30.73
N SER D 141 -64.62 -79.98 -30.96
CA SER D 141 -65.47 -79.40 -29.93
C SER D 141 -66.73 -78.84 -30.60
N GLY D 142 -67.82 -79.58 -30.47
CA GLY D 142 -69.10 -79.09 -30.97
C GLY D 142 -69.13 -79.04 -32.48
N GLY D 143 -69.21 -77.82 -33.01
CA GLY D 143 -69.44 -77.64 -34.43
C GLY D 143 -68.20 -77.70 -35.30
N THR D 144 -67.01 -77.57 -34.72
CA THR D 144 -65.79 -77.47 -35.48
C THR D 144 -64.72 -78.41 -34.95
N ALA D 145 -63.75 -78.72 -35.81
CA ALA D 145 -62.59 -79.54 -35.46
C ALA D 145 -61.40 -79.05 -36.27
N ALA D 146 -60.21 -79.14 -35.69
CA ALA D 146 -59.01 -78.56 -36.25
C ALA D 146 -58.07 -79.64 -36.78
N LEU D 147 -57.42 -79.36 -37.90
CA LEU D 147 -56.40 -80.22 -38.50
C LEU D 147 -55.30 -79.37 -39.09
N GLY D 148 -54.12 -79.94 -39.25
CA GLY D 148 -53.02 -79.14 -39.73
C GLY D 148 -51.86 -79.94 -40.26
N CYS D 149 -50.74 -79.23 -40.49
CA CYS D 149 -49.54 -79.83 -41.03
C CYS D 149 -48.33 -79.30 -40.26
N LEU D 150 -47.46 -80.22 -39.86
CA LEU D 150 -46.24 -79.90 -39.12
C LEU D 150 -45.07 -80.02 -40.07
N VAL D 151 -44.39 -78.91 -40.32
CA VAL D 151 -43.24 -78.86 -41.21
C VAL D 151 -42.04 -78.46 -40.37
N LYS D 152 -41.08 -79.36 -40.22
CA LYS D 152 -40.01 -79.20 -39.24
C LYS D 152 -38.64 -79.41 -39.85
N ASP D 153 -37.62 -79.10 -39.04
CA ASP D 153 -36.22 -79.33 -39.36
C ASP D 153 -35.79 -78.79 -40.72
N TYR D 154 -35.76 -77.47 -40.85
CA TYR D 154 -35.19 -76.84 -42.03
C TYR D 154 -34.39 -75.62 -41.61
N PHE D 155 -33.26 -75.37 -42.26
CA PHE D 155 -32.51 -74.15 -42.01
C PHE D 155 -33.01 -72.94 -42.80
N PRO D 156 -33.24 -73.04 -44.11
CA PRO D 156 -33.43 -71.82 -44.90
C PRO D 156 -34.76 -71.14 -44.63
N GLU D 157 -34.73 -70.23 -43.66
CA GLU D 157 -35.84 -69.59 -42.95
C GLU D 157 -37.11 -69.41 -43.78
N PRO D 158 -37.07 -68.77 -44.96
CA PRO D 158 -38.33 -68.56 -45.68
C PRO D 158 -38.91 -69.86 -46.22
N VAL D 159 -40.01 -70.31 -45.62
CA VAL D 159 -40.72 -71.52 -46.04
C VAL D 159 -42.20 -71.22 -45.98
N THR D 160 -43.00 -71.85 -46.83
CA THR D 160 -44.42 -71.53 -46.83
C THR D 160 -45.22 -72.81 -46.90
N VAL D 161 -46.37 -72.80 -46.23
CA VAL D 161 -47.35 -73.87 -46.29
C VAL D 161 -48.70 -73.24 -46.55
N SER D 162 -49.35 -73.67 -47.63
CA SER D 162 -50.68 -73.21 -47.95
C SER D 162 -51.66 -74.35 -47.75
N TRP D 163 -52.95 -74.02 -47.74
CA TRP D 163 -54.00 -75.03 -47.63
C TRP D 163 -54.79 -75.10 -48.93
N ASN D 164 -54.74 -76.28 -49.56
CA ASN D 164 -55.49 -76.54 -50.79
C ASN D 164 -55.15 -75.52 -51.87
N SER D 165 -53.84 -75.42 -52.14
CA SER D 165 -53.32 -74.55 -53.20
C SER D 165 -53.76 -73.09 -53.02
N GLY D 166 -54.00 -72.69 -51.78
CA GLY D 166 -54.45 -71.34 -51.50
C GLY D 166 -55.94 -71.15 -51.41
N ALA D 167 -56.71 -72.24 -51.34
CA ALA D 167 -58.17 -72.12 -51.32
C ALA D 167 -58.73 -71.67 -49.98
N LEU D 168 -58.42 -72.36 -48.89
CA LEU D 168 -59.01 -72.08 -47.58
C LEU D 168 -58.27 -70.92 -46.94
N THR D 169 -59.01 -69.86 -46.60
CA THR D 169 -58.45 -68.72 -45.90
C THR D 169 -59.12 -68.56 -44.54
N SER D 170 -60.13 -69.38 -44.29
CA SER D 170 -60.85 -69.37 -43.01
C SER D 170 -60.21 -70.35 -42.04
N GLY D 171 -59.80 -69.84 -40.89
CA GLY D 171 -59.21 -70.66 -39.86
C GLY D 171 -57.76 -71.06 -40.09
N VAL D 172 -57.25 -70.86 -41.30
CA VAL D 172 -55.86 -71.19 -41.62
C VAL D 172 -54.96 -70.21 -40.88
N HIS D 173 -54.13 -70.74 -39.98
CA HIS D 173 -53.20 -69.93 -39.21
C HIS D 173 -51.83 -70.61 -39.06
N THR D 174 -50.81 -70.04 -39.70
CA THR D 174 -49.47 -70.60 -39.63
C THR D 174 -48.76 -69.93 -38.46
N PHE D 175 -48.21 -70.73 -37.58
CA PHE D 175 -47.60 -70.17 -36.39
C PHE D 175 -46.14 -69.85 -36.65
N PRO D 176 -45.58 -68.88 -35.92
CA PRO D 176 -44.18 -68.52 -36.14
C PRO D 176 -43.27 -69.73 -35.99
N ALA D 177 -42.30 -69.83 -36.90
CA ALA D 177 -41.37 -70.92 -36.83
C ALA D 177 -40.55 -70.85 -35.54
N VAL D 178 -40.15 -72.01 -35.05
CA VAL D 178 -39.37 -72.07 -33.83
C VAL D 178 -37.99 -72.59 -34.18
N LEU D 179 -36.98 -72.02 -33.51
CA LEU D 179 -35.59 -72.37 -33.72
C LEU D 179 -35.14 -73.29 -32.60
N GLN D 180 -34.83 -74.54 -32.95
CA GLN D 180 -34.47 -75.54 -31.97
C GLN D 180 -33.01 -75.41 -31.56
N SER D 181 -32.61 -76.22 -30.58
CA SER D 181 -31.20 -76.28 -30.21
C SER D 181 -30.36 -76.90 -31.31
N SER D 182 -30.95 -77.79 -32.11
CA SER D 182 -30.24 -78.38 -33.23
C SER D 182 -29.80 -77.34 -34.25
N GLY D 183 -30.38 -76.15 -34.20
CA GLY D 183 -30.07 -75.11 -35.15
C GLY D 183 -31.03 -75.02 -36.32
N LEU D 184 -32.01 -75.91 -36.40
CA LEU D 184 -32.95 -75.92 -37.51
C LEU D 184 -34.30 -75.41 -37.06
N TYR D 185 -35.04 -74.83 -38.00
CA TYR D 185 -36.35 -74.28 -37.69
C TYR D 185 -37.42 -75.35 -37.75
N SER D 186 -38.59 -75.01 -37.24
CA SER D 186 -39.76 -75.88 -37.30
C SER D 186 -41.00 -75.03 -37.06
N LEU D 187 -42.10 -75.45 -37.68
CA LEU D 187 -43.38 -74.76 -37.49
C LEU D 187 -44.51 -75.72 -37.78
N SER D 188 -45.72 -75.27 -37.47
CA SER D 188 -46.94 -76.04 -37.70
C SER D 188 -48.09 -75.08 -38.02
N SER D 189 -48.82 -75.37 -39.10
CA SER D 189 -49.93 -74.53 -39.53
C SER D 189 -51.22 -75.32 -39.38
N VAL D 190 -52.21 -74.72 -38.74
CA VAL D 190 -53.45 -75.43 -38.41
C VAL D 190 -54.65 -74.62 -38.88
N VAL D 191 -55.72 -75.33 -39.23
CA VAL D 191 -56.97 -74.73 -39.67
C VAL D 191 -58.13 -75.53 -39.09
N THR D 192 -59.16 -74.82 -38.66
CA THR D 192 -60.38 -75.43 -38.15
C THR D 192 -61.41 -75.49 -39.27
N VAL D 193 -62.27 -76.49 -39.21
CA VAL D 193 -63.24 -76.79 -40.27
C VAL D 193 -64.40 -77.52 -39.59
N PRO D 194 -65.65 -77.30 -40.02
CA PRO D 194 -66.78 -77.92 -39.31
C PRO D 194 -66.60 -79.42 -39.08
N SER D 195 -66.98 -79.84 -37.87
CA SER D 195 -66.77 -81.24 -37.49
C SER D 195 -67.62 -82.19 -38.33
N SER D 196 -68.67 -81.68 -38.97
CA SER D 196 -69.40 -82.50 -39.93
C SER D 196 -68.54 -82.79 -41.16
N SER D 197 -67.48 -82.01 -41.35
CA SER D 197 -66.62 -82.10 -42.53
C SER D 197 -65.22 -82.61 -42.22
N LEU D 198 -65.10 -83.64 -41.37
CA LEU D 198 -63.79 -84.18 -41.01
C LEU D 198 -63.01 -84.62 -42.24
N GLY D 199 -63.51 -85.66 -42.94
CA GLY D 199 -62.81 -86.15 -44.12
C GLY D 199 -63.47 -85.73 -45.41
N THR D 200 -64.64 -85.07 -45.33
CA THR D 200 -65.51 -84.90 -46.47
C THR D 200 -64.83 -84.20 -47.65
N GLN D 201 -64.24 -83.03 -47.42
CA GLN D 201 -63.69 -82.26 -48.51
C GLN D 201 -62.17 -82.41 -48.54
N THR D 202 -61.52 -81.65 -49.43
CA THR D 202 -60.08 -81.73 -49.60
C THR D 202 -59.38 -80.77 -48.65
N TYR D 203 -58.40 -81.28 -47.92
CA TYR D 203 -57.54 -80.47 -47.07
C TYR D 203 -56.12 -80.94 -47.27
N ILE D 204 -55.44 -80.38 -48.27
CA ILE D 204 -54.07 -80.76 -48.61
C ILE D 204 -53.18 -79.55 -48.41
N CYS D 205 -52.19 -79.70 -47.54
CA CYS D 205 -51.22 -78.65 -47.30
C CYS D 205 -50.12 -78.72 -48.34
N ASN D 206 -49.87 -77.59 -48.97
CA ASN D 206 -48.89 -77.43 -50.04
C ASN D 206 -47.67 -76.78 -49.40
N VAL D 207 -46.60 -77.56 -49.28
CA VAL D 207 -45.35 -77.12 -48.65
C VAL D 207 -44.39 -76.74 -49.75
N ASN D 208 -43.92 -75.48 -49.72
CA ASN D 208 -42.93 -75.00 -50.67
C ASN D 208 -41.77 -74.36 -49.92
N HIS D 209 -40.56 -74.78 -50.29
CA HIS D 209 -39.30 -74.32 -49.71
C HIS D 209 -38.54 -73.62 -50.83
N LYS D 210 -38.48 -72.29 -50.78
CA LYS D 210 -37.97 -71.48 -51.87
C LYS D 210 -36.44 -71.44 -51.99
N PRO D 211 -35.68 -71.38 -50.91
CA PRO D 211 -34.22 -71.50 -51.08
C PRO D 211 -33.81 -72.83 -51.68
N SER D 212 -34.40 -73.92 -51.23
CA SER D 212 -34.33 -75.18 -51.95
C SER D 212 -35.43 -75.18 -53.00
N ASN D 213 -35.75 -76.34 -53.56
CA ASN D 213 -36.85 -76.46 -54.51
C ASN D 213 -37.81 -77.57 -54.10
N THR D 214 -38.21 -77.57 -52.82
CA THR D 214 -39.10 -78.58 -52.30
C THR D 214 -40.56 -78.15 -52.44
N LYS D 215 -41.37 -79.06 -52.98
CA LYS D 215 -42.80 -78.84 -53.16
C LYS D 215 -43.51 -80.16 -52.94
N VAL D 216 -44.26 -80.27 -51.84
CA VAL D 216 -44.94 -81.51 -51.48
C VAL D 216 -46.34 -81.18 -50.96
N ASP D 217 -47.33 -81.97 -51.40
CA ASP D 217 -48.71 -81.83 -50.94
C ASP D 217 -49.05 -83.00 -50.02
N LYS D 218 -49.51 -82.70 -48.82
CA LYS D 218 -49.85 -83.71 -47.82
C LYS D 218 -51.30 -83.58 -47.42
N LYS D 219 -52.04 -84.69 -47.48
CA LYS D 219 -53.45 -84.71 -47.10
C LYS D 219 -53.57 -85.04 -45.61
N VAL D 220 -54.48 -84.36 -44.93
CA VAL D 220 -54.75 -84.59 -43.51
C VAL D 220 -56.14 -85.19 -43.38
N GLU D 221 -56.22 -86.35 -42.73
CA GLU D 221 -57.45 -87.09 -42.56
C GLU D 221 -57.60 -87.47 -41.10
N PRO D 222 -58.83 -87.68 -40.63
CA PRO D 222 -59.02 -88.10 -39.23
C PRO D 222 -58.23 -89.35 -38.89
N LYS D 223 -57.95 -89.50 -37.60
CA LYS D 223 -57.14 -90.62 -37.14
C LYS D 223 -57.84 -91.93 -37.40
N SER D 224 -57.03 -92.95 -37.70
CA SER D 224 -57.53 -94.27 -38.07
C SER D 224 -58.42 -94.88 -36.99
N ALA E 3 -27.97 -62.33 -13.23
CA ALA E 3 -29.06 -61.53 -13.77
C ALA E 3 -29.82 -60.84 -12.66
N LEU E 4 -30.82 -60.06 -13.05
CA LEU E 4 -31.75 -59.41 -12.14
C LEU E 4 -33.15 -59.88 -12.46
N THR E 5 -34.10 -59.47 -11.65
CA THR E 5 -35.46 -59.97 -11.81
C THR E 5 -36.44 -58.84 -12.05
N GLN E 6 -37.26 -58.99 -13.06
CA GLN E 6 -38.38 -58.09 -13.21
C GLN E 6 -39.53 -58.85 -13.83
N PRO E 7 -40.74 -58.62 -13.37
CA PRO E 7 -41.88 -59.43 -13.81
C PRO E 7 -42.24 -59.15 -15.25
N PRO E 8 -42.39 -60.19 -16.07
CA PRO E 8 -42.36 -60.01 -17.52
C PRO E 8 -43.59 -59.37 -18.11
N SER E 9 -44.58 -59.00 -17.32
CA SER E 9 -45.79 -58.44 -17.88
C SER E 9 -46.41 -57.49 -16.90
N ALA E 10 -46.71 -56.28 -17.36
CA ALA E 10 -47.37 -55.28 -16.53
C ALA E 10 -48.06 -54.31 -17.47
N SER E 11 -49.35 -54.07 -17.22
CA SER E 11 -50.11 -53.20 -18.09
C SER E 11 -51.24 -52.59 -17.30
N GLY E 12 -51.80 -51.51 -17.85
CA GLY E 12 -52.87 -50.81 -17.16
C GLY E 12 -53.61 -49.93 -18.13
N SER E 13 -54.49 -49.14 -17.57
CA SER E 13 -55.34 -48.25 -18.34
C SER E 13 -54.54 -47.01 -18.78
N PRO E 14 -54.89 -46.42 -19.92
CA PRO E 14 -54.18 -45.20 -20.35
C PRO E 14 -54.51 -44.02 -19.46
N GLY E 15 -53.47 -43.29 -19.08
CA GLY E 15 -53.62 -42.19 -18.15
C GLY E 15 -53.62 -42.65 -16.71
N GLN E 16 -52.65 -43.47 -16.33
CA GLN E 16 -52.56 -43.97 -14.97
C GLN E 16 -51.09 -44.23 -14.67
N SER E 17 -50.81 -44.82 -13.52
CA SER E 17 -49.45 -45.04 -13.07
C SER E 17 -49.20 -46.53 -12.94
N VAL E 18 -48.21 -47.02 -13.68
CA VAL E 18 -47.78 -48.41 -13.59
C VAL E 18 -46.38 -48.42 -13.03
N THR E 19 -46.11 -49.42 -12.19
CA THR E 19 -44.81 -49.58 -11.56
C THR E 19 -44.14 -50.84 -12.09
N ILE E 20 -42.81 -50.84 -12.07
CA ILE E 20 -41.99 -51.93 -12.57
C ILE E 20 -40.83 -52.10 -11.61
N SER E 21 -40.68 -53.27 -11.02
CA SER E 21 -39.68 -53.49 -9.99
C SER E 21 -38.48 -54.24 -10.55
N CYS E 22 -37.28 -53.87 -10.08
CA CYS E 22 -36.05 -54.45 -10.62
C CYS E 22 -35.39 -55.43 -9.66
N THR E 23 -35.67 -55.30 -8.35
CA THR E 23 -35.43 -56.24 -7.22
C THR E 23 -34.17 -57.11 -7.36
N GLY E 24 -33.06 -56.45 -7.57
CA GLY E 24 -31.78 -57.11 -7.65
C GLY E 24 -31.28 -57.55 -6.28
N THR E 25 -30.07 -58.11 -6.27
CA THR E 25 -29.46 -58.52 -5.02
C THR E 25 -28.62 -57.38 -4.45
N SER E 26 -27.85 -57.69 -3.43
CA SER E 26 -26.85 -56.74 -2.97
C SER E 26 -25.63 -56.83 -3.85
N SER E 27 -24.73 -55.87 -3.67
CA SER E 27 -23.45 -55.73 -4.38
C SER E 27 -23.62 -55.50 -5.88
N ASP E 28 -24.84 -55.25 -6.37
CA ASP E 28 -24.97 -54.63 -7.67
C ASP E 28 -26.00 -53.51 -7.65
N VAL E 29 -27.10 -53.71 -6.94
CA VAL E 29 -28.19 -52.74 -6.94
C VAL E 29 -28.33 -52.16 -5.54
N GLY E 30 -28.27 -53.02 -4.54
CA GLY E 30 -28.34 -52.55 -3.18
C GLY E 30 -27.03 -51.91 -2.77
N GLY E 31 -25.92 -52.45 -3.24
CA GLY E 31 -24.63 -51.96 -2.81
C GLY E 31 -24.02 -50.91 -3.72
N SER E 32 -24.84 -50.26 -4.53
CA SER E 32 -24.33 -49.28 -5.47
C SER E 32 -25.34 -48.16 -5.60
N ASN E 33 -25.16 -47.33 -6.60
CA ASN E 33 -26.17 -46.34 -6.94
C ASN E 33 -26.33 -46.11 -8.42
N TYR E 34 -25.63 -46.85 -9.28
CA TYR E 34 -25.64 -46.58 -10.71
C TYR E 34 -26.63 -47.51 -11.38
N VAL E 35 -27.91 -47.19 -11.24
CA VAL E 35 -28.99 -48.00 -11.77
C VAL E 35 -29.69 -47.23 -12.87
N SER E 36 -29.87 -47.85 -14.02
CA SER E 36 -30.42 -47.18 -15.17
C SER E 36 -31.59 -47.97 -15.75
N TRP E 37 -32.35 -47.32 -16.62
CA TRP E 37 -33.51 -47.93 -17.27
C TRP E 37 -33.50 -47.56 -18.74
N TYR E 38 -33.74 -48.53 -19.60
CA TYR E 38 -33.69 -48.31 -21.03
C TYR E 38 -35.06 -48.56 -21.63
N GLN E 39 -35.13 -48.56 -22.95
CA GLN E 39 -36.39 -48.74 -23.67
C GLN E 39 -36.07 -49.23 -25.07
N GLN E 40 -36.76 -50.27 -25.52
CA GLN E 40 -36.52 -50.84 -26.84
C GLN E 40 -37.85 -51.07 -27.53
N HIS E 41 -38.19 -50.19 -28.45
CA HIS E 41 -39.27 -50.46 -29.38
C HIS E 41 -38.90 -51.65 -30.27
N PRO E 42 -39.89 -52.42 -30.75
CA PRO E 42 -39.55 -53.67 -31.43
C PRO E 42 -38.94 -53.49 -32.80
N GLY E 43 -37.63 -53.24 -32.82
CA GLY E 43 -36.91 -53.13 -34.06
C GLY E 43 -35.80 -52.12 -34.00
N LYS E 44 -35.84 -51.25 -33.00
CA LYS E 44 -34.87 -50.17 -32.90
C LYS E 44 -33.79 -50.52 -31.88
N ALA E 45 -32.80 -49.65 -31.80
CA ALA E 45 -31.79 -49.73 -30.79
C ALA E 45 -32.35 -49.29 -29.45
N PRO E 46 -31.74 -49.69 -28.34
CA PRO E 46 -32.16 -49.18 -27.05
C PRO E 46 -31.89 -47.70 -26.93
N LYS E 47 -32.69 -47.06 -26.10
CA LYS E 47 -32.61 -45.63 -25.85
C LYS E 47 -32.57 -45.43 -24.36
N LEU E 48 -31.60 -44.66 -23.89
CA LEU E 48 -31.47 -44.43 -22.47
C LEU E 48 -32.63 -43.59 -21.98
N MET E 49 -33.45 -44.16 -21.11
CA MET E 49 -34.67 -43.52 -20.67
C MET E 49 -34.54 -42.89 -19.29
N ILE E 50 -33.88 -43.57 -18.36
CA ILE E 50 -33.62 -42.99 -17.05
C ILE E 50 -32.18 -43.31 -16.67
N SER E 51 -31.44 -42.29 -16.28
CA SER E 51 -30.06 -42.41 -15.81
C SER E 51 -30.02 -42.92 -14.38
N GLU E 52 -28.96 -42.56 -13.66
CA GLU E 52 -28.78 -42.98 -12.28
C GLU E 52 -30.01 -42.71 -11.40
N VAL E 53 -30.41 -43.74 -10.65
CA VAL E 53 -31.55 -43.66 -9.75
C VAL E 53 -32.76 -42.91 -10.31
N SER E 54 -32.74 -41.59 -10.21
CA SER E 54 -33.86 -40.77 -10.68
C SER E 54 -33.30 -39.52 -11.36
N LYS E 55 -32.96 -39.65 -12.63
CA LYS E 55 -32.50 -38.52 -13.42
C LYS E 55 -32.99 -38.73 -14.84
N ARG E 56 -32.89 -37.70 -15.62
CA ARG E 56 -33.36 -37.84 -16.99
C ARG E 56 -32.41 -37.15 -17.94
N PRO E 57 -32.31 -37.60 -19.16
CA PRO E 57 -31.66 -36.83 -20.22
C PRO E 57 -32.62 -35.77 -20.75
N SER E 58 -32.20 -35.11 -21.81
CA SER E 58 -33.14 -34.23 -22.49
C SER E 58 -34.15 -35.06 -23.28
N GLY E 59 -35.21 -34.40 -23.72
CA GLY E 59 -36.37 -35.13 -24.18
C GLY E 59 -37.06 -35.74 -22.97
N VAL E 60 -37.44 -37.01 -23.11
CA VAL E 60 -38.04 -37.91 -22.12
C VAL E 60 -39.12 -37.22 -21.29
N PRO E 61 -40.34 -37.13 -21.81
CA PRO E 61 -41.40 -36.35 -21.16
C PRO E 61 -41.72 -36.87 -19.77
N ASP E 62 -41.94 -35.94 -18.84
CA ASP E 62 -41.89 -36.21 -17.41
C ASP E 62 -43.13 -36.96 -16.98
N ARG E 63 -43.15 -38.24 -17.29
CA ARG E 63 -44.15 -39.15 -16.78
C ARG E 63 -43.39 -40.29 -16.15
N PHE E 64 -42.19 -40.53 -16.67
CA PHE E 64 -41.31 -41.57 -16.16
C PHE E 64 -40.61 -41.10 -14.90
N SER E 65 -40.61 -41.94 -13.88
CA SER E 65 -39.89 -41.61 -12.67
C SER E 65 -39.25 -42.87 -12.14
N GLY E 66 -38.16 -42.71 -11.38
CA GLY E 66 -37.45 -43.83 -10.81
C GLY E 66 -37.21 -43.64 -9.32
N SER E 67 -37.01 -44.76 -8.63
CA SER E 67 -36.68 -44.71 -7.22
C SER E 67 -35.95 -45.98 -6.84
N LYS E 68 -35.35 -45.96 -5.65
CA LYS E 68 -34.64 -47.12 -5.12
C LYS E 68 -34.91 -47.21 -3.64
N SER E 69 -35.26 -48.40 -3.18
CA SER E 69 -35.60 -48.61 -1.78
C SER E 69 -34.87 -49.82 -1.24
N GLY E 70 -33.56 -49.87 -1.47
CA GLY E 70 -32.77 -50.97 -0.95
C GLY E 70 -32.22 -51.82 -2.05
N ASN E 71 -32.64 -53.08 -2.12
CA ASN E 71 -32.25 -53.96 -3.19
C ASN E 71 -33.26 -53.96 -4.33
N THR E 72 -34.26 -53.10 -4.28
CA THR E 72 -35.27 -53.02 -5.31
C THR E 72 -35.40 -51.61 -5.79
N ALA E 73 -34.99 -51.37 -7.03
CA ALA E 73 -35.31 -50.12 -7.69
C ALA E 73 -36.56 -50.32 -8.52
N SER E 74 -37.25 -49.23 -8.78
CA SER E 74 -38.51 -49.34 -9.49
C SER E 74 -38.72 -48.12 -10.37
N LEU E 75 -39.38 -48.37 -11.49
CA LEU E 75 -39.81 -47.37 -12.44
C LEU E 75 -41.31 -47.17 -12.32
N THR E 76 -41.78 -45.99 -12.67
CA THR E 76 -43.21 -45.74 -12.67
C THR E 76 -43.54 -44.78 -13.78
N VAL E 77 -44.45 -45.20 -14.65
CA VAL E 77 -44.95 -44.39 -15.73
C VAL E 77 -46.30 -43.83 -15.28
N SER E 78 -46.42 -42.51 -15.29
CA SER E 78 -47.62 -41.83 -14.84
C SER E 78 -48.33 -41.28 -16.06
N GLY E 79 -49.20 -42.09 -16.65
CA GLY E 79 -49.95 -41.66 -17.81
C GLY E 79 -49.48 -42.29 -19.09
N LEU E 80 -50.12 -43.40 -19.47
CA LEU E 80 -49.84 -44.05 -20.75
C LEU E 80 -50.56 -43.24 -21.81
N GLN E 81 -49.80 -42.60 -22.68
CA GLN E 81 -50.43 -41.83 -23.74
C GLN E 81 -51.16 -42.73 -24.72
N ALA E 82 -50.43 -43.39 -25.61
CA ALA E 82 -50.91 -44.58 -26.30
C ALA E 82 -49.73 -45.48 -26.64
N GLU E 83 -48.53 -44.91 -26.54
CA GLU E 83 -47.43 -45.36 -27.38
C GLU E 83 -46.18 -45.69 -26.60
N ASP E 84 -46.29 -45.85 -25.28
CA ASP E 84 -45.13 -46.21 -24.48
C ASP E 84 -45.01 -47.71 -24.29
N GLU E 85 -45.44 -48.47 -25.29
CA GLU E 85 -45.17 -49.90 -25.30
C GLU E 85 -43.70 -50.14 -25.62
N ALA E 86 -43.02 -50.83 -24.72
CA ALA E 86 -41.59 -51.02 -24.83
C ALA E 86 -41.22 -52.24 -24.00
N ASP E 87 -39.94 -52.37 -23.67
CA ASP E 87 -39.48 -53.50 -22.90
C ASP E 87 -38.89 -53.14 -21.54
N TYR E 88 -38.25 -51.97 -21.43
CA TYR E 88 -37.85 -51.37 -20.15
C TYR E 88 -36.91 -52.27 -19.36
N TYR E 89 -35.71 -52.43 -19.90
CA TYR E 89 -34.67 -53.16 -19.20
C TYR E 89 -34.08 -52.29 -18.11
N CYS E 90 -34.02 -52.81 -16.89
CA CYS E 90 -33.25 -52.12 -15.87
C CYS E 90 -31.83 -52.66 -15.89
N SER E 91 -30.91 -51.89 -15.33
CA SER E 91 -29.51 -52.21 -15.45
C SER E 91 -28.74 -51.67 -14.27
N SER E 92 -27.62 -52.31 -13.98
CA SER E 92 -26.80 -51.88 -12.87
C SER E 92 -25.35 -52.19 -13.14
N TYR E 93 -24.48 -51.45 -12.46
CA TYR E 93 -23.07 -51.77 -12.43
C TYR E 93 -22.82 -52.69 -11.27
N ALA E 94 -22.36 -53.91 -11.55
CA ALA E 94 -22.05 -54.86 -10.50
C ALA E 94 -20.65 -54.58 -9.97
N GLY E 95 -20.06 -55.54 -9.27
CA GLY E 95 -18.81 -55.28 -8.58
C GLY E 95 -17.58 -55.03 -9.43
N SER E 96 -17.08 -56.05 -10.10
CA SER E 96 -15.78 -55.97 -10.76
C SER E 96 -15.95 -55.68 -12.25
N ASN E 97 -16.39 -54.47 -12.55
CA ASN E 97 -16.60 -54.06 -13.93
C ASN E 97 -17.62 -54.97 -14.60
N ASN E 98 -18.22 -55.84 -13.81
CA ASN E 98 -19.21 -56.79 -14.31
C ASN E 98 -20.19 -56.19 -15.31
N TRP E 99 -21.11 -55.38 -14.82
CA TRP E 99 -22.13 -54.73 -15.65
C TRP E 99 -23.24 -55.73 -15.98
N VAL E 100 -24.16 -55.90 -15.04
CA VAL E 100 -25.28 -56.83 -15.22
C VAL E 100 -26.48 -56.15 -15.87
N PHE E 101 -27.48 -56.94 -16.23
CA PHE E 101 -28.68 -56.40 -16.85
C PHE E 101 -29.96 -56.99 -16.25
N GLY E 102 -31.09 -56.67 -16.85
CA GLY E 102 -32.36 -57.16 -16.37
C GLY E 102 -32.99 -58.18 -17.27
N GLY E 103 -34.32 -58.29 -17.24
CA GLY E 103 -35.00 -59.32 -18.01
C GLY E 103 -36.03 -58.79 -18.97
N GLY E 104 -36.62 -57.64 -18.69
CA GLY E 104 -37.48 -57.02 -19.69
C GLY E 104 -38.94 -57.28 -19.42
N THR E 105 -39.74 -56.21 -19.42
CA THR E 105 -41.15 -56.29 -19.09
C THR E 105 -41.93 -55.64 -20.22
N LYS E 106 -42.75 -56.40 -20.93
CA LYS E 106 -43.64 -55.80 -21.91
C LYS E 106 -44.69 -54.94 -21.22
N LEU E 107 -45.04 -53.83 -21.84
CA LEU E 107 -45.95 -52.85 -21.23
C LEU E 107 -46.99 -52.43 -22.26
N THR E 108 -48.16 -53.05 -22.21
CA THR E 108 -49.20 -52.74 -23.16
C THR E 108 -50.24 -51.82 -22.54
N VAL E 109 -51.32 -51.59 -23.27
CA VAL E 109 -52.40 -50.71 -22.79
C VAL E 109 -53.74 -51.08 -23.42
N LEU E 110 -54.24 -52.27 -23.07
CA LEU E 110 -55.50 -52.75 -23.59
C LEU E 110 -56.65 -51.81 -23.23
N GLY E 111 -56.97 -50.88 -24.12
CA GLY E 111 -58.03 -49.93 -23.89
C GLY E 111 -59.37 -50.60 -23.61
N GLN E 112 -59.52 -51.81 -24.13
CA GLN E 112 -60.75 -52.58 -23.94
C GLN E 112 -60.63 -53.56 -22.79
N PRO E 113 -61.20 -54.74 -22.95
CA PRO E 113 -61.16 -55.78 -21.92
C PRO E 113 -60.24 -56.93 -22.31
N LYS E 114 -59.43 -57.40 -21.37
CA LYS E 114 -58.51 -58.51 -21.63
C LYS E 114 -59.20 -59.62 -22.40
N ALA E 115 -58.39 -60.47 -23.04
CA ALA E 115 -58.91 -61.58 -23.81
C ALA E 115 -58.49 -62.88 -23.15
N ALA E 116 -59.05 -63.97 -23.66
CA ALA E 116 -58.79 -65.28 -23.10
C ALA E 116 -57.86 -66.05 -24.02
N PRO E 117 -56.76 -66.56 -23.55
CA PRO E 117 -55.86 -67.30 -24.44
C PRO E 117 -56.47 -68.61 -24.89
N SER E 118 -56.95 -68.65 -26.12
CA SER E 118 -57.45 -69.89 -26.68
C SER E 118 -56.30 -70.85 -26.89
N VAL E 119 -56.41 -72.04 -26.31
CA VAL E 119 -55.36 -73.05 -26.34
C VAL E 119 -55.84 -74.21 -27.20
N THR E 120 -54.91 -74.85 -27.90
CA THR E 120 -55.23 -76.02 -28.72
C THR E 120 -54.02 -76.95 -28.73
N LEU E 121 -54.24 -78.22 -28.46
CA LEU E 121 -53.15 -79.17 -28.28
C LEU E 121 -53.33 -80.31 -29.27
N PHE E 122 -52.22 -80.78 -29.83
CA PHE E 122 -52.19 -81.87 -30.79
C PHE E 122 -51.13 -82.89 -30.44
N PRO E 123 -51.45 -84.18 -30.51
CA PRO E 123 -50.45 -85.22 -30.27
C PRO E 123 -49.70 -85.56 -31.54
N PRO E 124 -48.60 -86.29 -31.45
CA PRO E 124 -47.86 -86.66 -32.66
C PRO E 124 -48.70 -87.48 -33.61
N SER E 125 -48.69 -87.08 -34.88
CA SER E 125 -49.45 -87.77 -35.91
C SER E 125 -49.00 -89.22 -36.03
N SER E 126 -49.69 -89.97 -36.89
CA SER E 126 -49.34 -91.38 -37.10
C SER E 126 -48.06 -91.54 -37.91
N GLU E 127 -47.91 -90.79 -39.00
CA GLU E 127 -46.69 -90.89 -39.80
C GLU E 127 -45.46 -90.56 -38.97
N GLU E 128 -45.59 -89.61 -38.04
CA GLU E 128 -44.46 -89.31 -37.16
C GLU E 128 -44.17 -90.46 -36.21
N LEU E 129 -45.22 -91.14 -35.74
CA LEU E 129 -45.01 -92.35 -34.95
C LEU E 129 -44.23 -93.39 -35.74
N GLN E 130 -44.61 -93.59 -37.00
CA GLN E 130 -43.84 -94.48 -37.86
C GLN E 130 -42.46 -93.94 -38.15
N ALA E 131 -42.26 -92.64 -38.00
CA ALA E 131 -40.98 -92.00 -38.25
C ALA E 131 -40.03 -92.05 -37.07
N ASN E 132 -40.35 -92.86 -36.06
CA ASN E 132 -39.46 -93.10 -34.92
C ASN E 132 -39.26 -91.83 -34.09
N LYS E 133 -40.23 -90.94 -34.11
CA LYS E 133 -40.17 -89.72 -33.32
C LYS E 133 -41.58 -89.28 -32.95
N ALA E 134 -41.66 -88.22 -32.15
CA ALA E 134 -42.93 -87.77 -31.60
C ALA E 134 -42.79 -86.31 -31.18
N THR E 135 -43.82 -85.51 -31.46
CA THR E 135 -43.81 -84.11 -31.08
C THR E 135 -45.21 -83.69 -30.68
N LEU E 136 -45.33 -83.12 -29.49
CA LEU E 136 -46.57 -82.52 -29.03
C LEU E 136 -46.60 -81.06 -29.45
N VAL E 137 -47.78 -80.57 -29.82
CA VAL E 137 -47.93 -79.24 -30.41
C VAL E 137 -48.95 -78.46 -29.59
N CYS E 138 -48.53 -77.39 -28.94
CA CYS E 138 -49.40 -76.55 -28.13
C CYS E 138 -49.46 -75.16 -28.75
N LEU E 139 -50.64 -74.77 -29.22
CA LEU E 139 -50.84 -73.48 -29.86
C LEU E 139 -51.66 -72.58 -28.96
N ILE E 140 -51.26 -71.32 -28.84
CA ILE E 140 -51.96 -70.33 -28.04
C ILE E 140 -52.32 -69.18 -28.96
N SER E 141 -53.50 -68.62 -28.80
CA SER E 141 -53.91 -67.55 -29.69
C SER E 141 -54.88 -66.61 -29.00
N ASP E 142 -54.93 -65.38 -29.52
CA ASP E 142 -55.91 -64.38 -29.10
C ASP E 142 -55.89 -64.10 -27.61
N PHE E 143 -54.79 -63.56 -27.10
CA PHE E 143 -54.67 -63.34 -25.66
C PHE E 143 -54.12 -61.96 -25.36
N TYR E 144 -54.76 -60.98 -25.99
CA TYR E 144 -54.45 -59.57 -25.91
C TYR E 144 -53.13 -59.29 -25.24
N PRO E 145 -53.19 -59.17 -23.92
CA PRO E 145 -52.01 -58.87 -23.11
C PRO E 145 -51.04 -60.06 -23.15
N GLY E 146 -49.82 -59.79 -23.60
CA GLY E 146 -48.95 -60.85 -24.08
C GLY E 146 -48.08 -61.62 -23.11
N ALA E 147 -48.32 -61.51 -21.80
CA ALA E 147 -47.43 -62.13 -20.84
C ALA E 147 -47.74 -63.59 -20.57
N VAL E 148 -47.86 -64.41 -21.61
CA VAL E 148 -48.20 -65.81 -21.44
C VAL E 148 -46.96 -66.58 -21.01
N THR E 149 -47.15 -67.66 -20.24
CA THR E 149 -46.12 -68.65 -20.04
C THR E 149 -46.73 -70.04 -20.05
N VAL E 150 -45.90 -71.06 -20.23
CA VAL E 150 -46.36 -72.42 -20.52
C VAL E 150 -45.64 -73.40 -19.61
N ALA E 151 -46.32 -74.48 -19.25
CA ALA E 151 -45.72 -75.61 -18.54
C ALA E 151 -46.29 -76.91 -19.10
N TRP E 152 -45.42 -77.91 -19.19
CA TRP E 152 -45.76 -79.19 -19.80
C TRP E 152 -45.83 -80.29 -18.77
N LYS E 153 -46.76 -81.22 -18.97
CA LYS E 153 -47.10 -82.22 -17.97
C LYS E 153 -47.11 -83.62 -18.60
N GLY E 154 -46.33 -84.53 -18.00
CA GLY E 154 -46.53 -85.96 -18.16
C GLY E 154 -47.51 -86.39 -17.07
N ASP E 155 -47.96 -87.65 -17.13
CA ASP E 155 -49.22 -88.08 -16.50
C ASP E 155 -49.56 -87.33 -15.22
N SER E 156 -48.57 -87.13 -14.35
CA SER E 156 -48.78 -86.35 -13.14
C SER E 156 -47.66 -85.35 -12.88
N SER E 157 -46.54 -85.47 -13.54
CA SER E 157 -45.43 -84.61 -13.14
C SER E 157 -45.18 -83.54 -14.20
N PRO E 158 -44.52 -82.45 -13.83
CA PRO E 158 -44.06 -81.48 -14.83
C PRO E 158 -42.79 -81.97 -15.52
N VAL E 159 -42.59 -81.50 -16.74
CA VAL E 159 -41.40 -81.85 -17.52
C VAL E 159 -40.73 -80.56 -17.98
N LYS E 160 -39.40 -80.59 -18.10
CA LYS E 160 -38.64 -79.41 -18.52
C LYS E 160 -37.58 -79.72 -19.57
N ALA E 161 -37.73 -80.78 -20.34
CA ALA E 161 -36.76 -81.15 -21.36
C ALA E 161 -37.47 -81.49 -22.67
N GLY E 162 -36.93 -80.97 -23.78
CA GLY E 162 -37.50 -81.22 -25.08
C GLY E 162 -38.59 -80.26 -25.50
N VAL E 163 -38.71 -79.11 -24.86
CA VAL E 163 -39.78 -78.17 -25.16
C VAL E 163 -39.18 -76.88 -25.71
N GLU E 164 -39.81 -76.33 -26.74
CA GLU E 164 -39.42 -75.07 -27.35
C GLU E 164 -40.63 -74.16 -27.38
N THR E 165 -40.42 -72.88 -27.08
CA THR E 165 -41.51 -71.94 -26.91
C THR E 165 -41.26 -70.69 -27.73
N THR E 166 -42.17 -70.38 -28.65
CA THR E 166 -42.09 -69.15 -29.41
C THR E 166 -42.35 -67.95 -28.52
N THR E 167 -41.71 -66.84 -28.83
CA THR E 167 -42.09 -65.59 -28.22
C THR E 167 -43.41 -65.14 -28.81
N PRO E 168 -44.24 -64.40 -28.08
CA PRO E 168 -45.53 -63.99 -28.61
C PRO E 168 -45.38 -63.09 -29.82
N SER E 169 -46.25 -63.30 -30.80
CA SER E 169 -46.22 -62.55 -32.05
C SER E 169 -47.57 -61.91 -32.29
N LYS E 170 -47.55 -60.66 -32.77
CA LYS E 170 -48.78 -59.93 -32.97
C LYS E 170 -49.45 -60.31 -34.28
N GLN E 171 -50.76 -60.51 -34.23
CA GLN E 171 -51.55 -60.86 -35.39
C GLN E 171 -52.09 -59.59 -36.06
N SER E 172 -53.03 -59.78 -37.00
CA SER E 172 -53.68 -58.64 -37.62
C SER E 172 -54.60 -57.92 -36.63
N ASN E 173 -55.41 -58.65 -35.88
CA ASN E 173 -56.32 -58.08 -34.89
C ASN E 173 -55.58 -57.48 -33.71
N ASN E 174 -54.25 -57.40 -33.79
CA ASN E 174 -53.43 -56.73 -32.79
C ASN E 174 -53.52 -57.41 -31.43
N LYS E 175 -53.90 -58.69 -31.44
CA LYS E 175 -53.58 -59.52 -30.30
C LYS E 175 -52.47 -60.50 -30.68
N TYR E 176 -52.15 -61.40 -29.76
CA TYR E 176 -50.93 -62.19 -29.88
C TYR E 176 -51.23 -63.66 -30.13
N ALA E 177 -50.16 -64.39 -30.42
CA ALA E 177 -50.20 -65.81 -30.68
C ALA E 177 -48.84 -66.40 -30.33
N ALA E 178 -48.82 -67.67 -29.97
CA ALA E 178 -47.58 -68.33 -29.58
C ALA E 178 -47.73 -69.82 -29.82
N SER E 179 -46.61 -70.53 -29.69
CA SER E 179 -46.60 -71.96 -29.95
C SER E 179 -45.46 -72.60 -29.17
N SER E 180 -45.63 -73.87 -28.83
CA SER E 180 -44.62 -74.63 -28.13
C SER E 180 -44.65 -76.07 -28.61
N TYR E 181 -43.46 -76.68 -28.63
CA TYR E 181 -43.27 -78.01 -29.16
C TYR E 181 -42.61 -78.87 -28.10
N LEU E 182 -43.01 -80.14 -28.04
CA LEU E 182 -42.47 -81.09 -27.08
C LEU E 182 -41.89 -82.26 -27.87
N SER E 183 -40.61 -82.55 -27.63
CA SER E 183 -39.93 -83.64 -28.30
C SER E 183 -40.03 -84.91 -27.47
N LEU E 184 -40.37 -86.02 -28.10
CA LEU E 184 -40.58 -87.30 -27.43
C LEU E 184 -40.21 -88.44 -28.34
N THR E 185 -39.60 -89.46 -27.76
CA THR E 185 -39.54 -90.72 -28.50
C THR E 185 -40.86 -91.47 -28.35
N PRO E 186 -41.34 -92.12 -29.42
CA PRO E 186 -42.66 -92.75 -29.35
C PRO E 186 -42.81 -93.74 -28.21
N GLU E 187 -41.72 -94.37 -27.77
CA GLU E 187 -41.82 -95.26 -26.61
C GLU E 187 -42.11 -94.47 -25.35
N GLN E 188 -41.59 -93.25 -25.23
CA GLN E 188 -42.00 -92.38 -24.14
C GLN E 188 -43.41 -91.84 -24.36
N TRP E 189 -43.80 -91.69 -25.63
CA TRP E 189 -45.15 -91.25 -25.93
C TRP E 189 -46.19 -92.24 -25.41
N LYS E 190 -45.94 -93.53 -25.60
CA LYS E 190 -46.84 -94.54 -25.06
C LYS E 190 -46.50 -94.92 -23.63
N SER E 191 -45.32 -94.53 -23.13
CA SER E 191 -44.96 -94.79 -21.74
C SER E 191 -45.95 -94.14 -20.79
N HIS E 192 -46.08 -92.82 -20.87
CA HIS E 192 -47.02 -92.12 -20.01
C HIS E 192 -48.41 -92.10 -20.63
N ARG E 193 -49.43 -92.25 -19.79
CA ARG E 193 -50.78 -92.46 -20.29
C ARG E 193 -51.38 -91.19 -20.87
N SER E 194 -50.88 -90.02 -20.48
CA SER E 194 -51.39 -88.79 -21.06
C SER E 194 -50.47 -87.64 -20.73
N TYR E 195 -50.45 -86.65 -21.61
CA TYR E 195 -49.70 -85.42 -21.39
C TYR E 195 -50.65 -84.23 -21.48
N SER E 196 -50.13 -83.07 -21.09
CA SER E 196 -50.94 -81.86 -21.17
C SER E 196 -50.05 -80.63 -21.29
N CYS E 197 -50.62 -79.59 -21.87
CA CYS E 197 -50.01 -78.27 -21.96
C CYS E 197 -50.87 -77.30 -21.17
N GLN E 198 -50.27 -76.61 -20.20
CA GLN E 198 -50.96 -75.60 -19.44
C GLN E 198 -50.34 -74.25 -19.75
N VAL E 199 -51.15 -73.20 -19.74
CA VAL E 199 -50.69 -71.84 -20.02
C VAL E 199 -51.23 -70.97 -18.90
N THR E 200 -50.38 -70.11 -18.35
CA THR E 200 -50.76 -69.15 -17.34
C THR E 200 -50.64 -67.75 -17.90
N HIS E 201 -51.57 -66.90 -17.51
CA HIS E 201 -51.77 -65.59 -18.14
C HIS E 201 -52.54 -64.74 -17.16
N GLU E 202 -51.87 -63.71 -16.61
CA GLU E 202 -52.46 -62.81 -15.62
C GLU E 202 -53.00 -63.56 -14.42
N GLY E 203 -52.24 -64.48 -13.85
CA GLY E 203 -52.72 -65.27 -12.74
C GLY E 203 -53.60 -66.41 -13.20
N SER E 204 -54.53 -66.12 -14.09
CA SER E 204 -55.42 -67.14 -14.64
C SER E 204 -54.61 -68.23 -15.33
N THR E 205 -55.23 -69.38 -15.49
CA THR E 205 -54.59 -70.54 -16.11
C THR E 205 -55.64 -71.32 -16.88
N VAL E 206 -55.26 -71.80 -18.06
CA VAL E 206 -56.07 -72.77 -18.78
C VAL E 206 -55.14 -73.87 -19.28
N GLU E 207 -55.59 -75.11 -19.20
CA GLU E 207 -54.79 -76.26 -19.59
C GLU E 207 -55.61 -77.14 -20.50
N LYS E 208 -54.95 -77.78 -21.46
CA LYS E 208 -55.54 -78.83 -22.27
C LYS E 208 -54.70 -80.09 -22.14
N THR E 209 -55.31 -81.23 -22.43
CA THR E 209 -54.71 -82.53 -22.16
C THR E 209 -55.07 -83.50 -23.27
N VAL E 210 -54.12 -84.38 -23.63
CA VAL E 210 -54.35 -85.44 -24.60
C VAL E 210 -53.71 -86.71 -24.09
N ALA E 211 -54.38 -87.84 -24.35
CA ALA E 211 -53.88 -89.15 -23.98
C ALA E 211 -53.60 -89.93 -25.26
N PRO E 212 -52.52 -90.70 -25.29
CA PRO E 212 -52.27 -91.56 -26.45
C PRO E 212 -53.41 -92.51 -26.71
N THR E 213 -54.09 -92.29 -27.83
CA THR E 213 -55.22 -93.11 -28.30
C THR E 213 -56.21 -93.44 -27.19
N GLN F 11 0.83 5.18 -81.25
CA GLN F 11 -0.41 5.48 -81.94
C GLN F 11 -1.37 4.34 -81.77
N ILE F 12 -2.67 4.63 -81.81
CA ILE F 12 -3.71 3.61 -81.77
C ILE F 12 -4.99 4.21 -82.34
N GLN F 13 -5.63 3.45 -83.23
CA GLN F 13 -6.90 3.86 -83.82
C GLN F 13 -7.99 3.79 -82.75
N PRO F 14 -9.02 4.63 -82.85
CA PRO F 14 -10.08 4.63 -81.83
C PRO F 14 -10.85 3.34 -81.77
N GLY F 15 -11.45 3.10 -80.61
CA GLY F 15 -12.02 1.80 -80.36
C GLY F 15 -11.03 0.76 -79.91
N GLY F 16 -9.84 1.17 -79.54
CA GLY F 16 -8.82 0.26 -79.07
C GLY F 16 -8.82 0.10 -77.57
N SER F 17 -7.64 -0.20 -77.03
CA SER F 17 -7.45 -0.44 -75.61
C SER F 17 -5.99 -0.26 -75.28
N LEU F 18 -5.71 0.02 -74.01
CA LEU F 18 -4.35 0.23 -73.56
C LEU F 18 -4.26 -0.01 -72.07
N ARG F 19 -3.06 -0.38 -71.63
CA ARG F 19 -2.74 -0.75 -70.26
C ARG F 19 -1.75 0.25 -69.71
N LEU F 20 -2.11 0.92 -68.63
CA LEU F 20 -1.19 1.87 -67.99
C LEU F 20 -0.94 1.40 -66.57
N SER F 21 0.32 1.22 -66.23
CA SER F 21 0.70 0.56 -64.99
C SER F 21 1.64 1.46 -64.20
N CYS F 22 1.47 1.44 -62.87
CA CYS F 22 2.41 2.12 -61.99
C CYS F 22 2.62 1.27 -60.75
N ALA F 23 3.40 1.81 -59.82
CA ALA F 23 3.93 1.05 -58.69
C ALA F 23 3.30 1.56 -57.40
N ALA F 24 2.66 0.66 -56.66
CA ALA F 24 2.05 1.01 -55.39
C ALA F 24 2.93 0.57 -54.22
N SER F 25 4.10 1.18 -54.13
CA SER F 25 5.01 0.84 -53.07
C SER F 25 4.52 1.40 -51.74
N GLY F 26 4.30 0.51 -50.77
CA GLY F 26 3.79 0.92 -49.48
C GLY F 26 2.36 1.40 -49.55
N PHE F 27 1.46 0.52 -49.89
CA PHE F 27 0.11 0.90 -50.25
C PHE F 27 -0.96 0.35 -49.33
N SER F 28 -0.72 -0.80 -48.68
CA SER F 28 -1.82 -1.52 -48.04
C SER F 28 -2.30 -0.88 -46.75
N PHE F 29 -1.56 0.08 -46.21
CA PHE F 29 -2.10 0.91 -45.14
C PHE F 29 -3.27 1.71 -45.69
N ILE F 30 -4.29 1.91 -44.85
CA ILE F 30 -5.46 2.64 -45.30
C ILE F 30 -5.09 4.11 -45.43
N SER F 31 -5.94 4.87 -46.11
CA SER F 31 -5.68 6.25 -46.52
C SER F 31 -4.41 6.32 -47.37
N ASN F 32 -4.49 5.75 -48.56
CA ASN F 32 -3.38 5.74 -49.49
C ASN F 32 -3.83 5.94 -50.94
N TYR F 33 -4.59 6.98 -51.21
CA TYR F 33 -5.12 7.21 -52.54
C TYR F 33 -4.04 7.45 -53.60
N MET F 34 -4.31 7.00 -54.82
CA MET F 34 -3.35 6.99 -55.93
C MET F 34 -4.07 7.39 -57.22
N SER F 35 -4.59 8.61 -57.28
CA SER F 35 -5.35 9.07 -58.43
C SER F 35 -4.53 9.13 -59.72
N TRP F 36 -5.24 9.14 -60.85
CA TRP F 36 -4.66 9.30 -62.19
C TRP F 36 -5.18 10.59 -62.81
N VAL F 37 -4.28 11.34 -63.45
CA VAL F 37 -4.55 12.67 -63.97
C VAL F 37 -3.97 12.79 -65.37
N ARG F 38 -4.76 13.33 -66.31
CA ARG F 38 -4.32 13.55 -67.68
C ARG F 38 -3.95 15.01 -67.92
N GLN F 39 -3.26 15.26 -69.02
CA GLN F 39 -2.95 16.62 -69.44
C GLN F 39 -2.85 16.68 -70.95
N ALA F 40 -3.70 17.48 -71.57
CA ALA F 40 -3.67 17.65 -73.01
C ALA F 40 -2.44 18.45 -73.42
N PRO F 41 -1.93 18.25 -74.63
CA PRO F 41 -0.70 18.96 -75.02
C PRO F 41 -0.93 20.43 -75.31
N GLY F 42 -1.17 21.22 -74.27
CA GLY F 42 -1.31 22.64 -74.45
C GLY F 42 -2.35 23.28 -73.55
N LYS F 43 -3.34 22.51 -73.11
CA LYS F 43 -4.40 23.14 -72.34
C LYS F 43 -4.05 23.26 -70.86
N GLY F 44 -3.99 22.14 -70.17
CA GLY F 44 -3.82 22.17 -68.73
C GLY F 44 -4.29 20.87 -68.13
N LEU F 45 -4.25 20.81 -66.81
CA LEU F 45 -4.49 19.55 -66.12
C LEU F 45 -5.98 19.27 -66.03
N GLU F 46 -6.30 17.99 -65.89
CA GLU F 46 -7.66 17.53 -65.71
C GLU F 46 -7.65 16.18 -65.04
N TRP F 47 -8.51 15.99 -64.06
CA TRP F 47 -8.54 14.77 -63.30
C TRP F 47 -9.22 13.66 -64.10
N VAL F 48 -8.81 12.43 -63.87
CA VAL F 48 -9.35 11.27 -64.55
C VAL F 48 -9.99 10.28 -63.58
N SER F 49 -9.22 9.77 -62.63
CA SER F 49 -9.76 8.67 -61.85
C SER F 49 -9.07 8.60 -60.50
N VAL F 50 -9.60 7.76 -59.61
CA VAL F 50 -8.98 7.59 -58.31
C VAL F 50 -9.25 6.20 -57.78
N ILE F 51 -8.26 5.63 -57.09
CA ILE F 51 -8.38 4.36 -56.40
C ILE F 51 -8.02 4.57 -54.93
N TYR F 52 -8.90 4.13 -54.05
CA TYR F 52 -8.67 4.19 -52.62
C TYR F 52 -8.29 2.81 -52.14
N SER F 53 -7.33 2.78 -51.21
CA SER F 53 -6.68 1.56 -50.76
C SER F 53 -7.62 0.61 -50.04
N GLY F 54 -8.80 1.07 -49.65
CA GLY F 54 -9.85 0.17 -49.21
C GLY F 54 -10.66 -0.37 -50.36
N GLY F 55 -10.06 -0.45 -51.55
CA GLY F 55 -10.68 -1.09 -52.68
C GLY F 55 -11.76 -0.30 -53.36
N SER F 56 -11.76 1.03 -53.27
CA SER F 56 -12.83 1.79 -53.89
C SER F 56 -12.32 2.49 -55.12
N THR F 57 -13.11 2.48 -56.19
CA THR F 57 -12.71 3.13 -57.44
C THR F 57 -13.73 4.20 -57.74
N PHE F 58 -13.29 5.32 -58.29
CA PHE F 58 -14.18 6.36 -58.75
C PHE F 58 -13.60 6.99 -60.01
N TYR F 59 -14.48 7.40 -60.92
CA TYR F 59 -14.07 7.90 -62.21
C TYR F 59 -14.67 9.27 -62.47
N ALA F 60 -14.02 10.03 -63.33
CA ALA F 60 -14.54 11.33 -63.70
C ALA F 60 -15.67 11.14 -64.71
N ASP F 61 -16.42 12.20 -64.96
CA ASP F 61 -17.41 12.13 -66.00
C ASP F 61 -16.73 12.16 -67.36
N SER F 62 -17.52 11.82 -68.39
CA SER F 62 -17.12 11.65 -69.79
C SER F 62 -16.13 10.52 -70.00
N VAL F 63 -15.82 9.73 -68.98
CA VAL F 63 -14.86 8.65 -69.07
C VAL F 63 -15.54 7.42 -68.52
N LYS F 64 -16.56 7.65 -67.69
CA LYS F 64 -17.13 6.61 -66.83
C LYS F 64 -17.78 5.50 -67.63
N GLY F 65 -17.37 4.27 -67.34
CA GLY F 65 -17.78 3.12 -68.09
C GLY F 65 -16.78 2.67 -69.12
N ARG F 66 -15.90 3.56 -69.57
CA ARG F 66 -14.92 3.18 -70.57
C ARG F 66 -13.57 2.84 -69.98
N PHE F 67 -13.28 3.30 -68.76
CA PHE F 67 -11.98 3.11 -68.12
C PHE F 67 -12.17 2.30 -66.86
N THR F 68 -11.16 1.53 -66.48
CA THR F 68 -11.32 0.67 -65.33
C THR F 68 -10.00 0.47 -64.61
N ILE F 69 -10.00 0.68 -63.29
CA ILE F 69 -8.84 0.39 -62.46
C ILE F 69 -9.02 -0.98 -61.83
N SER F 70 -7.97 -1.79 -61.91
CA SER F 70 -7.99 -3.13 -61.33
C SER F 70 -6.61 -3.38 -60.74
N ARG F 71 -6.48 -3.16 -59.44
CA ARG F 71 -5.19 -3.27 -58.78
C ARG F 71 -4.75 -4.72 -58.69
N ASP F 72 -3.44 -4.94 -58.77
CA ASP F 72 -2.86 -6.27 -58.53
C ASP F 72 -2.35 -6.29 -57.10
N LYS F 73 -3.18 -6.86 -56.22
CA LYS F 73 -2.76 -7.04 -54.83
C LYS F 73 -1.70 -8.13 -54.70
N SER F 74 -1.47 -8.90 -55.75
CA SER F 74 -0.38 -9.88 -55.75
C SER F 74 0.97 -9.18 -55.64
N LYS F 75 1.39 -8.48 -56.69
CA LYS F 75 2.73 -7.93 -56.57
C LYS F 75 2.74 -6.54 -55.93
N ASN F 76 2.64 -5.49 -56.74
CA ASN F 76 2.40 -4.13 -56.27
C ASN F 76 1.84 -3.25 -57.36
N THR F 77 1.45 -3.83 -58.49
CA THR F 77 1.26 -3.08 -59.71
C THR F 77 -0.17 -2.58 -59.81
N LEU F 78 -0.33 -1.32 -60.23
CA LEU F 78 -1.64 -0.74 -60.40
C LEU F 78 -1.95 -0.51 -61.86
N TYR F 79 -3.14 -0.96 -62.27
CA TYR F 79 -3.55 -1.08 -63.66
C TYR F 79 -4.70 -0.12 -63.92
N LEU F 80 -4.56 0.70 -64.95
CA LEU F 80 -5.67 1.43 -65.54
C LEU F 80 -5.84 0.92 -66.96
N GLN F 81 -6.98 0.29 -67.22
CA GLN F 81 -7.29 -0.21 -68.53
C GLN F 81 -8.20 0.78 -69.23
N MET F 82 -7.72 1.33 -70.32
CA MET F 82 -8.51 2.17 -71.18
C MET F 82 -9.08 1.30 -72.29
N ASN F 83 -10.37 1.40 -72.52
CA ASN F 83 -11.04 0.61 -73.54
C ASN F 83 -11.92 1.52 -74.38
N SER F 84 -11.86 1.32 -75.70
CA SER F 84 -12.62 2.06 -76.71
C SER F 84 -12.36 3.57 -76.58
N LEU F 85 -11.13 3.95 -76.91
CA LEU F 85 -10.73 5.35 -76.84
C LEU F 85 -11.45 6.16 -77.91
N ARG F 86 -11.85 7.38 -77.56
CA ARG F 86 -12.70 8.21 -78.39
C ARG F 86 -11.92 9.26 -79.18
N ALA F 87 -10.59 9.26 -79.08
CA ALA F 87 -9.69 10.21 -79.77
C ALA F 87 -9.94 11.65 -79.36
N GLU F 88 -10.48 11.88 -78.18
CA GLU F 88 -10.32 13.15 -77.49
C GLU F 88 -9.68 12.91 -76.14
N ASP F 89 -8.82 11.90 -76.08
CA ASP F 89 -8.13 11.54 -74.85
C ASP F 89 -6.63 11.64 -75.00
N THR F 90 -6.15 12.19 -76.10
CA THR F 90 -4.71 12.27 -76.36
C THR F 90 -4.04 13.18 -75.34
N ALA F 91 -3.20 12.61 -74.49
CA ALA F 91 -2.73 13.34 -73.32
C ALA F 91 -1.53 12.64 -72.72
N PHE F 92 -0.77 13.39 -71.96
CA PHE F 92 0.10 12.76 -70.97
C PHE F 92 -0.78 12.18 -69.87
N TYR F 93 -0.39 11.03 -69.36
CA TYR F 93 -1.10 10.42 -68.24
C TYR F 93 -0.12 10.20 -67.09
N TYR F 94 -0.45 10.74 -65.93
CA TYR F 94 0.43 10.72 -64.77
C TYR F 94 -0.15 9.82 -63.70
N CYS F 95 0.74 9.27 -62.89
CA CYS F 95 0.36 8.50 -61.70
C CYS F 95 0.62 9.41 -60.51
N ALA F 96 -0.44 9.94 -59.94
CA ALA F 96 -0.32 10.86 -58.82
C ALA F 96 -0.58 10.07 -57.54
N ARG F 97 0.42 10.01 -56.68
CA ARG F 97 0.27 9.37 -55.38
C ARG F 97 -0.06 10.44 -54.35
N GLY F 98 -0.92 10.11 -53.43
CA GLY F 98 -1.43 11.11 -52.52
C GLY F 98 -0.46 11.48 -51.44
N LEU F 99 -0.86 12.49 -50.68
CA LEU F 99 -0.11 12.94 -49.52
C LEU F 99 -0.99 12.75 -48.30
N ILE F 100 -0.43 12.16 -47.25
CA ILE F 100 -1.21 11.74 -46.10
C ILE F 100 -0.67 12.40 -44.85
N ARG F 101 -1.57 12.95 -44.05
CA ARG F 101 -1.23 13.45 -42.73
C ARG F 101 -1.79 12.51 -41.66
N GLY F 102 -1.11 11.42 -41.46
CA GLY F 102 -1.58 10.44 -40.48
C GLY F 102 -2.62 9.50 -41.10
N ILE F 103 -3.86 9.61 -40.63
CA ILE F 103 -4.96 8.86 -41.22
C ILE F 103 -5.80 9.73 -42.12
N ILE F 104 -5.54 11.03 -42.15
CA ILE F 104 -6.33 11.98 -42.91
C ILE F 104 -5.68 12.16 -44.26
N MET F 105 -6.45 11.94 -45.32
CA MET F 105 -5.98 12.24 -46.66
C MET F 105 -5.96 13.75 -46.85
N THR F 106 -4.79 14.29 -47.17
CA THR F 106 -4.65 15.74 -47.25
C THR F 106 -5.34 16.30 -48.48
N GLY F 107 -5.45 15.53 -49.54
CA GLY F 107 -6.11 16.04 -50.70
C GLY F 107 -5.18 16.73 -51.65
N ALA F 108 -3.95 16.22 -51.77
CA ALA F 108 -2.99 16.76 -52.71
C ALA F 108 -2.06 15.64 -53.11
N PHE F 109 -1.44 15.81 -54.26
CA PHE F 109 -0.63 14.76 -54.87
C PHE F 109 0.81 15.22 -54.94
N ASP F 110 1.67 14.59 -54.16
CA ASP F 110 3.05 15.04 -54.00
C ASP F 110 4.05 14.28 -54.85
N ILE F 111 3.82 13.01 -55.11
CA ILE F 111 4.72 12.20 -55.92
C ILE F 111 4.05 11.97 -57.26
N TRP F 112 4.72 12.35 -58.33
CA TRP F 112 4.25 12.14 -59.68
C TRP F 112 5.20 11.14 -60.35
N ASP F 113 5.06 10.93 -61.65
CA ASP F 113 5.82 9.86 -62.26
C ASP F 113 6.30 10.13 -63.69
N GLU F 114 6.14 11.36 -64.20
CA GLU F 114 6.49 11.85 -65.53
C GLU F 114 5.58 11.31 -66.63
N GLY F 115 4.75 10.31 -66.33
CA GLY F 115 3.64 9.93 -67.19
C GLY F 115 4.03 9.31 -68.51
N THR F 116 3.00 8.87 -69.23
CA THR F 116 3.15 8.27 -70.53
C THR F 116 2.34 9.08 -71.54
N MET F 117 2.93 9.35 -72.69
CA MET F 117 2.22 10.01 -73.78
C MET F 117 1.26 9.03 -74.44
N VAL F 118 -0.02 9.37 -74.48
CA VAL F 118 -1.02 8.51 -75.07
C VAL F 118 -1.67 9.26 -76.23
N THR F 119 -1.42 8.79 -77.44
CA THR F 119 -1.89 9.43 -78.66
C THR F 119 -2.96 8.56 -79.31
N VAL F 120 -3.97 9.22 -79.86
CA VAL F 120 -5.10 8.55 -80.49
C VAL F 120 -5.52 9.32 -81.73
N SER F 121 -5.29 8.72 -82.90
CA SER F 121 -5.50 9.43 -84.15
C SER F 121 -6.07 8.53 -85.21
N SER F 122 -5.97 8.94 -86.46
CA SER F 122 -6.49 8.15 -87.58
C SER F 122 -5.86 8.60 -88.90
N ALA F 123 -6.14 7.84 -89.97
CA ALA F 123 -5.62 8.15 -91.29
C ALA F 123 -4.14 7.76 -91.39
N SER F 124 -3.48 7.65 -90.25
CA SER F 124 -2.07 7.28 -90.21
C SER F 124 -1.18 8.46 -90.60
N THR F 125 -0.95 8.62 -91.90
CA THR F 125 -0.12 9.70 -92.40
C THR F 125 -0.75 10.34 -93.64
N LYS F 126 -0.16 11.46 -94.07
CA LYS F 126 -0.66 12.16 -95.24
C LYS F 126 0.29 13.29 -95.62
N GLY F 127 0.29 13.62 -96.90
CA GLY F 127 1.16 14.63 -97.44
C GLY F 127 0.57 16.02 -97.34
N PRO F 128 1.41 17.03 -97.39
CA PRO F 128 0.93 18.40 -97.19
C PRO F 128 0.33 18.98 -98.47
N SER F 129 -0.64 19.86 -98.30
CA SER F 129 -1.18 20.67 -99.38
C SER F 129 -0.66 22.10 -99.24
N VAL F 130 -0.11 22.65 -100.32
CA VAL F 130 0.61 23.91 -100.27
C VAL F 130 -0.15 24.95 -101.09
N PHE F 131 -0.23 26.16 -100.55
CA PHE F 131 -0.68 27.36 -101.24
C PHE F 131 0.31 28.49 -101.02
N PRO F 132 0.48 29.37 -101.99
CA PRO F 132 1.29 30.57 -101.75
C PRO F 132 0.42 31.74 -101.31
N LEU F 133 0.79 32.36 -100.19
CA LEU F 133 0.12 33.57 -99.72
C LEU F 133 0.89 34.75 -100.28
N ALA F 134 0.29 35.39 -101.27
CA ALA F 134 0.86 36.43 -102.11
C ALA F 134 1.17 37.68 -101.29
N PRO F 135 2.21 38.42 -101.66
CA PRO F 135 2.39 39.76 -101.08
C PRO F 135 1.32 40.71 -101.58
N SER F 136 0.76 41.50 -100.67
CA SER F 136 -0.34 42.38 -101.02
C SER F 136 -0.15 43.71 -100.31
N SER F 137 -0.88 44.72 -100.81
CA SER F 137 -0.85 46.03 -100.17
C SER F 137 -1.43 45.99 -98.77
N LYS F 138 -2.35 45.06 -98.51
CA LYS F 138 -2.84 44.86 -97.14
C LYS F 138 -1.76 44.28 -96.24
N SER F 139 -0.77 43.60 -96.82
CA SER F 139 0.43 43.21 -96.10
C SER F 139 1.56 44.22 -96.26
N THR F 140 1.49 45.06 -97.29
CA THR F 140 2.54 46.05 -97.52
C THR F 140 2.37 47.24 -96.59
N SER F 141 3.51 47.77 -96.10
CA SER F 141 3.52 48.95 -95.25
C SER F 141 4.86 49.66 -95.46
N GLY F 142 4.84 50.74 -96.23
CA GLY F 142 6.04 51.55 -96.40
C GLY F 142 7.11 50.82 -97.19
N GLY F 143 8.21 50.50 -96.51
CA GLY F 143 9.39 49.99 -97.18
C GLY F 143 9.38 48.49 -97.42
N THR F 144 8.52 47.75 -96.73
CA THR F 144 8.55 46.29 -96.78
C THR F 144 7.15 45.72 -97.01
N ALA F 145 7.12 44.48 -97.51
CA ALA F 145 5.88 43.74 -97.72
C ALA F 145 6.18 42.27 -97.50
N ALA F 146 5.19 41.53 -96.98
CA ALA F 146 5.38 40.16 -96.55
C ALA F 146 4.68 39.19 -97.49
N LEU F 147 5.30 38.04 -97.73
CA LEU F 147 4.75 36.95 -98.52
C LEU F 147 5.15 35.62 -97.89
N GLY F 148 4.39 34.57 -98.18
CA GLY F 148 4.69 33.32 -97.55
C GLY F 148 4.05 32.12 -98.22
N CYS F 149 4.12 30.99 -97.52
CA CYS F 149 3.59 29.72 -98.02
C CYS F 149 2.84 29.03 -96.90
N LEU F 150 1.63 28.56 -97.22
CA LEU F 150 0.77 27.85 -96.29
C LEU F 150 0.81 26.37 -96.63
N VAL F 151 1.32 25.56 -95.71
CA VAL F 151 1.44 24.12 -95.90
C VAL F 151 0.56 23.47 -94.84
N LYS F 152 -0.50 22.78 -95.28
CA LYS F 152 -1.55 22.35 -94.37
C LYS F 152 -1.87 20.87 -94.55
N ASP F 153 -2.71 20.37 -93.64
CA ASP F 153 -3.26 19.01 -93.68
C ASP F 153 -2.22 17.92 -93.89
N TYR F 154 -1.37 17.72 -92.89
CA TYR F 154 -0.47 16.58 -92.89
C TYR F 154 -0.39 15.99 -91.49
N PHE F 155 -0.33 14.66 -91.39
CA PHE F 155 -0.12 14.03 -90.09
C PHE F 155 1.34 13.96 -89.66
N PRO F 156 2.27 13.52 -90.50
CA PRO F 156 3.60 13.18 -89.99
C PRO F 156 4.42 14.39 -89.60
N GLU F 157 4.28 14.76 -88.33
CA GLU F 157 4.67 16.02 -87.68
C GLU F 157 5.92 16.69 -88.27
N PRO F 158 7.06 16.01 -88.39
CA PRO F 158 8.24 16.73 -88.90
C PRO F 158 8.11 17.07 -90.38
N VAL F 159 7.94 18.36 -90.66
CA VAL F 159 7.84 18.87 -92.02
C VAL F 159 8.65 20.16 -92.08
N THR F 160 9.21 20.48 -93.24
CA THR F 160 10.04 21.68 -93.30
C THR F 160 9.71 22.45 -94.56
N VAL F 161 9.76 23.77 -94.45
CA VAL F 161 9.62 24.68 -95.57
C VAL F 161 10.78 25.67 -95.51
N SER F 162 11.56 25.73 -96.59
CA SER F 162 12.65 26.68 -96.70
C SER F 162 12.28 27.73 -97.73
N TRP F 163 13.05 28.81 -97.75
CA TRP F 163 12.87 29.86 -98.74
C TRP F 163 14.06 29.91 -99.69
N ASN F 164 13.78 29.66 -100.97
CA ASN F 164 14.78 29.72 -102.02
C ASN F 164 15.96 28.80 -101.71
N SER F 165 15.62 27.52 -101.47
CA SER F 165 16.60 26.46 -101.23
C SER F 165 17.53 26.80 -100.06
N GLY F 166 17.03 27.59 -99.11
CA GLY F 166 17.83 27.99 -97.97
C GLY F 166 18.56 29.31 -98.10
N ALA F 167 18.22 30.11 -99.11
CA ALA F 167 18.93 31.36 -99.35
C ALA F 167 18.55 32.47 -98.39
N LEU F 168 17.26 32.80 -98.28
CA LEU F 168 16.81 33.94 -97.48
C LEU F 168 16.72 33.51 -96.02
N THR F 169 17.44 34.23 -95.15
CA THR F 169 17.38 33.98 -93.71
C THR F 169 16.86 35.22 -93.00
N SER F 170 16.65 36.30 -93.75
CA SER F 170 16.13 37.55 -93.22
C SER F 170 14.61 37.57 -93.34
N GLY F 171 13.94 37.74 -92.20
CA GLY F 171 12.49 37.81 -92.16
C GLY F 171 11.77 36.49 -92.29
N VAL F 172 12.48 35.43 -92.68
CA VAL F 172 11.88 34.10 -92.79
C VAL F 172 11.54 33.60 -91.40
N HIS F 173 10.25 33.39 -91.14
CA HIS F 173 9.78 32.88 -89.86
C HIS F 173 8.66 31.85 -90.02
N THR F 174 8.96 30.60 -89.68
CA THR F 174 7.98 29.51 -89.79
C THR F 174 7.26 29.43 -88.44
N PHE F 175 5.96 29.46 -88.49
CA PHE F 175 5.21 29.48 -87.25
C PHE F 175 4.90 28.06 -86.80
N PRO F 176 4.72 27.85 -85.50
CA PRO F 176 4.45 26.50 -85.01
C PRO F 176 3.23 25.90 -85.70
N ALA F 177 3.35 24.63 -86.05
CA ALA F 177 2.24 23.94 -86.69
C ALA F 177 1.05 23.87 -85.74
N VAL F 178 -0.14 23.89 -86.31
CA VAL F 178 -1.35 23.83 -85.53
C VAL F 178 -2.04 22.51 -85.81
N LEU F 179 -2.62 21.93 -84.76
CA LEU F 179 -3.30 20.64 -84.85
C LEU F 179 -4.80 20.90 -84.89
N GLN F 180 -5.43 20.58 -86.00
CA GLN F 180 -6.84 20.84 -86.20
C GLN F 180 -7.70 19.77 -85.54
N SER F 181 -9.01 19.99 -85.58
CA SER F 181 -9.94 18.96 -85.09
C SER F 181 -9.94 17.74 -86.01
N SER F 182 -9.64 17.95 -87.30
CA SER F 182 -9.56 16.82 -88.22
C SER F 182 -8.46 15.85 -87.84
N GLY F 183 -7.53 16.25 -86.98
CA GLY F 183 -6.42 15.42 -86.59
C GLY F 183 -5.15 15.66 -87.37
N LEU F 184 -5.16 16.54 -88.36
CA LEU F 184 -4.00 16.81 -89.18
C LEU F 184 -3.39 18.16 -88.83
N TYR F 185 -2.09 18.26 -89.04
CA TYR F 185 -1.39 19.50 -88.72
C TYR F 185 -1.49 20.50 -89.86
N SER F 186 -1.11 21.73 -89.58
CA SER F 186 -1.05 22.78 -90.57
C SER F 186 -0.16 23.89 -90.05
N LEU F 187 0.52 24.58 -90.96
CA LEU F 187 1.37 25.70 -90.60
C LEU F 187 1.52 26.63 -91.79
N SER F 188 2.12 27.78 -91.53
CA SER F 188 2.38 28.80 -92.55
C SER F 188 3.67 29.54 -92.22
N SER F 189 4.56 29.66 -93.20
CA SER F 189 5.83 30.34 -93.01
C SER F 189 5.86 31.59 -93.86
N VAL F 190 6.22 32.72 -93.25
CA VAL F 190 6.15 34.00 -93.93
C VAL F 190 7.48 34.73 -93.80
N VAL F 191 7.79 35.55 -94.81
CA VAL F 191 9.00 36.35 -94.84
C VAL F 191 8.66 37.70 -95.45
N THR F 192 9.25 38.75 -94.87
CA THR F 192 9.11 40.12 -95.36
C THR F 192 10.28 40.45 -96.26
N VAL F 193 10.05 41.32 -97.24
CA VAL F 193 11.02 41.65 -98.27
C VAL F 193 10.67 43.05 -98.75
N PRO F 194 11.64 43.90 -99.09
CA PRO F 194 11.33 45.29 -99.46
C PRO F 194 10.21 45.39 -100.50
N SER F 195 9.32 46.35 -100.28
CA SER F 195 8.15 46.49 -101.15
C SER F 195 8.55 46.90 -102.56
N SER F 196 9.76 47.44 -102.74
CA SER F 196 10.25 47.66 -104.09
C SER F 196 10.53 46.34 -104.80
N SER F 197 10.64 45.25 -104.04
CA SER F 197 10.99 43.94 -104.56
C SER F 197 9.85 42.93 -104.47
N LEU F 198 8.63 43.35 -104.82
CA LEU F 198 7.49 42.44 -104.76
C LEU F 198 7.70 41.20 -105.61
N GLY F 199 7.80 41.38 -106.93
CA GLY F 199 8.00 40.24 -107.81
C GLY F 199 9.41 40.13 -108.33
N THR F 200 10.26 41.11 -108.02
CA THR F 200 11.53 41.28 -108.70
C THR F 200 12.42 40.05 -108.62
N GLN F 201 12.69 39.55 -107.42
CA GLN F 201 13.63 38.44 -107.26
C GLN F 201 12.87 37.14 -107.06
N THR F 202 13.62 36.07 -106.79
CA THR F 202 13.04 34.75 -106.61
C THR F 202 12.64 34.53 -105.16
N TYR F 203 11.41 34.09 -104.95
CA TYR F 203 10.92 33.70 -103.64
C TYR F 203 10.14 32.41 -103.81
N ILE F 204 10.83 31.28 -103.74
CA ILE F 204 10.22 29.97 -103.93
C ILE F 204 10.39 29.19 -102.63
N CYS F 205 9.27 28.77 -102.05
CA CYS F 205 9.28 27.96 -100.85
C CYS F 205 9.45 26.51 -101.23
N ASN F 206 10.43 25.86 -100.60
CA ASN F 206 10.79 24.47 -100.82
C ASN F 206 10.19 23.67 -99.69
N VAL F 207 9.17 22.89 -100.00
CA VAL F 207 8.45 22.09 -99.02
C VAL F 207 8.97 20.67 -99.10
N ASN F 208 9.47 20.16 -97.97
CA ASN F 208 9.94 18.79 -97.85
C ASN F 208 9.28 18.11 -96.67
N HIS F 209 8.74 16.92 -96.93
CA HIS F 209 8.05 16.08 -95.94
C HIS F 209 8.87 14.80 -95.83
N LYS F 210 9.58 14.66 -94.71
CA LYS F 210 10.57 13.60 -94.54
C LYS F 210 9.99 12.21 -94.23
N PRO F 211 8.94 12.09 -93.41
CA PRO F 211 8.33 10.75 -93.27
C PRO F 211 7.78 10.22 -94.58
N SER F 212 7.10 11.06 -95.35
CA SER F 212 6.83 10.75 -96.74
C SER F 212 8.02 11.19 -97.56
N ASN F 213 7.88 11.29 -98.88
CA ASN F 213 8.95 11.78 -99.74
C ASN F 213 8.47 12.92 -100.63
N THR F 214 7.78 13.89 -100.03
CA THR F 214 7.22 15.02 -100.77
C THR F 214 8.23 16.16 -100.83
N LYS F 215 8.44 16.67 -102.04
CA LYS F 215 9.33 17.80 -102.28
C LYS F 215 8.73 18.64 -103.39
N VAL F 216 8.27 19.85 -103.05
CA VAL F 216 7.61 20.73 -104.02
C VAL F 216 8.08 22.17 -103.79
N ASP F 217 8.37 22.87 -104.88
CA ASP F 217 8.76 24.28 -104.83
C ASP F 217 7.62 25.13 -105.36
N LYS F 218 7.18 26.10 -104.57
CA LYS F 218 6.07 26.98 -104.93
C LYS F 218 6.52 28.43 -104.92
N LYS F 219 6.25 29.13 -106.01
CA LYS F 219 6.62 30.54 -106.15
C LYS F 219 5.48 31.41 -105.64
N VAL F 220 5.83 32.48 -104.92
CA VAL F 220 4.85 33.44 -104.40
C VAL F 220 5.04 34.76 -105.13
N GLU F 221 3.96 35.25 -105.73
CA GLU F 221 3.98 36.46 -106.51
C GLU F 221 2.83 37.36 -106.06
N PRO F 222 2.94 38.67 -106.26
CA PRO F 222 1.85 39.57 -105.87
C PRO F 222 0.53 39.17 -106.52
N LYS F 223 -0.56 39.58 -105.88
CA LYS F 223 -1.89 39.21 -106.34
C LYS F 223 -2.17 39.81 -107.71
N SER F 224 -2.90 39.06 -108.52
CA SER F 224 -3.20 39.42 -109.90
C SER F 224 -3.89 40.78 -110.00
N ALA G 3 -14.76 23.33 -63.86
CA ALA G 3 -13.44 23.93 -63.77
C ALA G 3 -13.44 25.08 -62.78
N LEU G 4 -12.28 25.67 -62.58
CA LEU G 4 -12.10 26.86 -61.77
C LEU G 4 -11.52 27.95 -62.65
N THR G 5 -11.39 29.15 -62.09
CA THR G 5 -10.97 30.28 -62.89
C THR G 5 -9.71 30.91 -62.33
N GLN G 6 -8.74 31.12 -63.19
CA GLN G 6 -7.61 31.93 -62.79
C GLN G 6 -7.11 32.69 -64.01
N PRO G 7 -6.75 33.95 -63.85
CA PRO G 7 -6.41 34.78 -65.00
C PRO G 7 -5.10 34.34 -65.63
N PRO G 8 -5.09 34.16 -66.96
CA PRO G 8 -4.01 33.40 -67.59
C PRO G 8 -2.69 34.11 -67.68
N SER G 9 -2.57 35.33 -67.17
CA SER G 9 -1.31 36.04 -67.30
C SER G 9 -1.14 36.98 -66.13
N ALA G 10 0.01 36.90 -65.47
CA ALA G 10 0.33 37.77 -64.37
C ALA G 10 1.84 37.83 -64.26
N SER G 11 2.39 39.03 -64.21
CA SER G 11 3.84 39.18 -64.16
C SER G 11 4.16 40.50 -63.50
N GLY G 12 5.41 40.61 -63.05
CA GLY G 12 5.83 41.80 -62.35
C GLY G 12 7.35 41.88 -62.33
N SER G 13 7.83 42.86 -61.59
CA SER G 13 9.24 43.11 -61.49
C SER G 13 9.90 42.10 -60.54
N PRO G 14 11.17 41.79 -60.76
CA PRO G 14 11.85 40.85 -59.85
C PRO G 14 12.09 41.46 -58.48
N GLY G 15 11.79 40.68 -57.45
CA GLY G 15 11.87 41.17 -56.10
C GLY G 15 10.63 41.94 -55.68
N GLN G 16 9.45 41.36 -55.92
CA GLN G 16 8.20 42.00 -55.56
C GLN G 16 7.18 40.90 -55.27
N SER G 17 5.93 41.29 -55.07
CA SER G 17 4.88 40.36 -54.69
C SER G 17 3.81 40.34 -55.76
N VAL G 18 3.59 39.17 -56.34
CA VAL G 18 2.54 38.98 -57.32
C VAL G 18 1.51 38.03 -56.71
N THR G 19 0.24 38.31 -56.99
CA THR G 19 -0.87 37.53 -56.48
C THR G 19 -1.54 36.80 -57.63
N ILE G 20 -2.16 35.66 -57.32
CA ILE G 20 -2.82 34.80 -58.29
C ILE G 20 -4.10 34.28 -57.64
N SER G 21 -5.24 34.56 -58.24
CA SER G 21 -6.53 34.24 -57.63
C SER G 21 -7.12 32.98 -58.25
N CYS G 22 -7.77 32.16 -57.44
CA CYS G 22 -8.29 30.88 -57.92
C CYS G 22 -9.82 30.87 -58.03
N THR G 23 -10.50 31.76 -57.29
CA THR G 23 -11.91 32.19 -57.37
C THR G 23 -12.90 31.12 -57.87
N GLY G 24 -12.87 29.99 -57.18
CA GLY G 24 -13.78 28.91 -57.48
C GLY G 24 -15.19 29.19 -56.98
N THR G 25 -16.07 28.22 -57.15
CA THR G 25 -17.42 28.35 -56.66
C THR G 25 -17.53 27.80 -55.24
N SER G 26 -18.76 27.67 -54.76
CA SER G 26 -18.96 26.96 -53.53
C SER G 26 -18.96 25.47 -53.79
N SER G 27 -18.93 24.69 -52.72
CA SER G 27 -18.95 23.22 -52.71
C SER G 27 -17.72 22.61 -53.36
N ASP G 28 -16.70 23.38 -53.70
CA ASP G 28 -15.39 22.79 -53.94
C ASP G 28 -14.29 23.60 -53.26
N VAL G 29 -14.39 24.92 -53.29
CA VAL G 29 -13.34 25.77 -52.75
C VAL G 29 -13.88 26.54 -51.56
N GLY G 30 -15.09 27.05 -51.69
CA GLY G 30 -15.70 27.74 -50.59
C GLY G 30 -16.19 26.76 -49.54
N GLY G 31 -16.69 25.62 -49.99
CA GLY G 31 -17.28 24.67 -49.06
C GLY G 31 -16.34 23.60 -48.57
N SER G 32 -15.03 23.84 -48.68
CA SER G 32 -14.05 22.85 -48.28
C SER G 32 -12.86 23.56 -47.67
N ASN G 33 -11.78 22.82 -47.51
CA ASN G 33 -10.53 23.44 -47.11
C ASN G 33 -9.32 22.82 -47.78
N TYR G 34 -9.48 21.85 -48.67
CA TYR G 34 -8.35 21.12 -49.23
C TYR G 34 -8.00 21.73 -50.59
N VAL G 35 -7.32 22.87 -50.54
CA VAL G 35 -6.95 23.62 -51.73
C VAL G 35 -5.44 23.61 -51.86
N SER G 36 -4.94 23.25 -53.03
CA SER G 36 -3.52 23.09 -53.24
C SER G 36 -3.07 23.89 -54.45
N TRP G 37 -1.76 24.04 -54.59
CA TRP G 37 -1.15 24.78 -55.68
C TRP G 37 0.06 24.02 -56.18
N TYR G 38 0.19 23.88 -57.48
CA TYR G 38 1.26 23.10 -58.08
C TYR G 38 2.13 24.01 -58.92
N GLN G 39 3.06 23.42 -59.66
CA GLN G 39 4.01 24.16 -60.47
C GLN G 39 4.54 23.24 -61.56
N GLN G 40 4.54 23.71 -62.80
CA GLN G 40 5.00 22.90 -63.91
C GLN G 40 5.93 23.71 -64.79
N HIS G 41 7.22 23.48 -64.66
CA HIS G 41 8.16 23.97 -65.63
C HIS G 41 7.92 23.32 -66.98
N PRO G 42 8.22 24.00 -68.09
CA PRO G 42 7.81 23.49 -69.40
C PRO G 42 8.56 22.26 -69.85
N GLY G 43 8.14 21.10 -69.37
CA GLY G 43 8.73 19.85 -69.79
C GLY G 43 8.76 18.83 -68.68
N LYS G 44 8.61 19.28 -67.45
CA LYS G 44 8.74 18.40 -66.30
C LYS G 44 7.36 18.00 -65.78
N ALA G 45 7.36 17.11 -64.82
CA ALA G 45 6.16 16.74 -64.10
C ALA G 45 5.77 17.86 -63.14
N PRO G 46 4.51 17.92 -62.73
CA PRO G 46 4.13 18.88 -61.70
C PRO G 46 4.78 18.56 -60.38
N LYS G 47 4.97 19.60 -59.60
CA LYS G 47 5.60 19.53 -58.29
C LYS G 47 4.68 20.21 -57.31
N LEU G 48 4.37 19.55 -56.21
CA LEU G 48 3.48 20.11 -55.22
C LEU G 48 4.17 21.28 -54.54
N MET G 49 3.61 22.47 -54.71
CA MET G 49 4.23 23.69 -54.24
C MET G 49 3.62 24.20 -52.95
N ILE G 50 2.30 24.17 -52.84
CA ILE G 50 1.62 24.53 -51.60
C ILE G 50 0.54 23.50 -51.33
N SER G 51 0.52 22.97 -50.11
CA SER G 51 -0.48 22.02 -49.65
C SER G 51 -1.76 22.75 -49.27
N GLU G 52 -2.52 22.16 -48.36
CA GLU G 52 -3.78 22.73 -47.91
C GLU G 52 -3.66 24.20 -47.49
N VAL G 53 -4.58 25.00 -48.00
CA VAL G 53 -4.63 26.43 -47.70
C VAL G 53 -3.27 27.12 -47.68
N SER G 54 -2.57 27.05 -46.55
CA SER G 54 -1.28 27.70 -46.40
C SER G 54 -0.35 26.77 -45.63
N LYS G 55 0.28 25.85 -46.34
CA LYS G 55 1.27 24.96 -45.76
C LYS G 55 2.32 24.70 -46.81
N ARG G 56 3.41 24.13 -46.38
CA ARG G 56 4.46 23.87 -47.35
C ARG G 56 5.09 22.51 -47.09
N PRO G 57 5.60 21.86 -48.10
CA PRO G 57 6.47 20.71 -47.90
C PRO G 57 7.88 21.17 -47.56
N SER G 58 8.80 20.22 -47.50
CA SER G 58 10.19 20.62 -47.37
C SER G 58 10.70 21.18 -48.69
N GLY G 59 11.86 21.80 -48.65
CA GLY G 59 12.26 22.64 -49.75
C GLY G 59 11.42 23.90 -49.74
N VAL G 60 10.94 24.27 -50.93
CA VAL G 60 10.00 25.37 -51.26
C VAL G 60 10.33 26.65 -50.49
N PRO G 61 11.29 27.44 -50.98
CA PRO G 61 11.78 28.61 -50.24
C PRO G 61 10.68 29.62 -49.98
N ASP G 62 10.69 30.17 -48.77
CA ASP G 62 9.55 30.86 -48.19
C ASP G 62 9.38 32.23 -48.84
N ARG G 63 8.85 32.20 -50.06
CA ARG G 63 8.43 33.40 -50.74
C ARG G 63 6.99 33.16 -51.15
N PHE G 64 6.67 31.89 -51.36
CA PHE G 64 5.32 31.47 -51.72
C PHE G 64 4.43 31.46 -50.49
N SER G 65 3.24 32.04 -50.62
CA SER G 65 2.30 31.99 -49.53
C SER G 65 0.91 31.82 -50.12
N GLY G 66 0.01 31.24 -49.32
CA GLY G 66 -1.35 31.02 -49.76
C GLY G 66 -2.36 31.53 -48.74
N SER G 67 -3.57 31.81 -49.23
CA SER G 67 -4.64 32.22 -48.33
C SER G 67 -5.96 31.89 -49.00
N LYS G 68 -7.02 31.96 -48.21
CA LYS G 68 -8.38 31.71 -48.68
C LYS G 68 -9.32 32.69 -48.01
N SER G 69 -10.17 33.34 -48.80
CA SER G 69 -11.07 34.35 -48.29
C SER G 69 -12.48 34.09 -48.81
N GLY G 70 -12.94 32.86 -48.67
CA GLY G 70 -14.28 32.53 -49.10
C GLY G 70 -14.29 31.59 -50.27
N ASN G 71 -14.79 32.04 -51.41
CA ASN G 71 -14.74 31.24 -52.62
C ASN G 71 -13.52 31.55 -53.46
N THR G 72 -12.60 32.36 -52.96
CA THR G 72 -11.41 32.71 -53.71
C THR G 72 -10.20 32.45 -52.85
N ALA G 73 -9.40 31.47 -53.23
CA ALA G 73 -8.09 31.30 -52.65
C ALA G 73 -7.08 31.98 -53.56
N SER G 74 -5.96 32.36 -52.97
CA SER G 74 -4.97 33.10 -53.72
C SER G 74 -3.57 32.72 -53.28
N LEU G 75 -2.66 32.76 -54.24
CA LEU G 75 -1.24 32.57 -54.04
C LEU G 75 -0.54 33.90 -54.16
N THR G 76 0.60 34.02 -53.50
CA THR G 76 1.39 35.24 -53.61
C THR G 76 2.86 34.89 -53.53
N VAL G 77 3.60 35.28 -54.54
CA VAL G 77 5.04 35.10 -54.59
C VAL G 77 5.65 36.43 -54.20
N SER G 78 6.49 36.41 -53.16
CA SER G 78 7.13 37.62 -52.64
C SER G 78 8.59 37.56 -53.03
N GLY G 79 8.91 38.09 -54.20
CA GLY G 79 10.28 38.13 -54.65
C GLY G 79 10.57 37.15 -55.75
N LEU G 80 10.48 37.61 -56.99
CA LEU G 80 10.84 36.80 -58.14
C LEU G 80 12.35 36.81 -58.24
N GLN G 81 12.96 35.65 -58.02
CA GLN G 81 14.41 35.60 -58.11
C GLN G 81 14.88 35.84 -59.55
N ALA G 82 14.77 34.82 -60.39
CA ALA G 82 14.76 35.00 -61.84
C ALA G 82 13.94 33.91 -62.48
N GLU G 83 13.66 32.86 -61.71
CA GLU G 83 13.47 31.54 -62.27
C GLU G 83 12.18 30.88 -61.82
N ASP G 84 11.25 31.64 -61.26
CA ASP G 84 9.98 31.08 -60.85
C ASP G 84 8.92 31.20 -61.93
N GLU G 85 9.33 31.14 -63.19
CA GLU G 85 8.40 31.03 -64.29
C GLU G 85 7.81 29.63 -64.33
N ALA G 86 6.49 29.55 -64.23
CA ALA G 86 5.81 28.28 -64.13
C ALA G 86 4.37 28.48 -64.57
N ASP G 87 3.50 27.56 -64.21
CA ASP G 87 2.11 27.65 -64.60
C ASP G 87 1.14 27.77 -63.44
N TYR G 88 1.44 27.18 -62.29
CA TYR G 88 0.76 27.41 -61.01
C TYR G 88 -0.74 27.08 -61.10
N TYR G 89 -1.00 25.79 -61.25
CA TYR G 89 -2.36 25.30 -61.22
C TYR G 89 -2.85 25.26 -59.79
N CYS G 90 -4.00 25.86 -59.54
CA CYS G 90 -4.66 25.64 -58.26
C CYS G 90 -5.58 24.45 -58.38
N SER G 91 -5.94 23.87 -57.24
CA SER G 91 -6.67 22.62 -57.25
C SER G 91 -7.50 22.50 -55.99
N SER G 92 -8.58 21.73 -56.10
CA SER G 92 -9.45 21.54 -54.96
C SER G 92 -10.10 20.17 -55.02
N TYR G 93 -10.52 19.70 -53.87
CA TYR G 93 -11.36 18.52 -53.79
C TYR G 93 -12.81 18.98 -53.85
N ALA G 94 -13.53 18.55 -54.88
CA ALA G 94 -14.94 18.90 -55.00
C ALA G 94 -15.77 17.93 -54.17
N GLY G 95 -17.06 17.85 -54.43
CA GLY G 95 -17.94 17.09 -53.56
C GLY G 95 -17.77 15.59 -53.54
N SER G 96 -18.13 14.91 -54.62
CA SER G 96 -18.24 13.46 -54.62
C SER G 96 -16.98 12.83 -55.23
N ASN G 97 -15.88 12.95 -54.51
CA ASN G 97 -14.60 12.41 -54.98
C ASN G 97 -14.21 13.04 -56.31
N ASN G 98 -14.99 14.03 -56.73
CA ASN G 98 -14.76 14.73 -57.99
C ASN G 98 -13.29 15.01 -58.27
N TRP G 99 -12.72 15.99 -57.55
CA TRP G 99 -11.34 16.39 -57.72
C TRP G 99 -11.20 17.28 -58.95
N VAL G 100 -11.52 18.56 -58.80
CA VAL G 100 -11.42 19.51 -59.90
C VAL G 100 -10.05 20.17 -59.97
N PHE G 101 -9.82 20.93 -61.03
CA PHE G 101 -8.54 21.60 -61.21
C PHE G 101 -8.72 23.05 -61.65
N GLY G 102 -7.61 23.70 -61.98
CA GLY G 102 -7.65 25.09 -62.39
C GLY G 102 -7.34 25.27 -63.85
N GLY G 103 -6.83 26.44 -64.23
CA GLY G 103 -6.60 26.74 -65.62
C GLY G 103 -5.18 27.11 -65.96
N GLY G 104 -4.44 27.64 -65.02
CA GLY G 104 -3.01 27.84 -65.24
C GLY G 104 -2.68 29.26 -65.64
N THR G 105 -1.70 29.85 -64.96
CA THR G 105 -1.34 31.24 -65.16
C THR G 105 0.16 31.29 -65.43
N LYS G 106 0.57 31.72 -66.62
CA LYS G 106 1.98 31.94 -66.87
C LYS G 106 2.48 33.10 -66.04
N LEU G 107 3.72 33.01 -65.56
CA LEU G 107 4.28 34.00 -64.65
C LEU G 107 5.69 34.34 -65.10
N THR G 108 5.82 35.44 -65.84
CA THR G 108 7.12 35.85 -66.35
C THR G 108 7.71 36.95 -65.50
N VAL G 109 8.83 37.52 -65.95
CA VAL G 109 9.49 38.59 -65.22
C VAL G 109 10.30 39.47 -66.17
N LEU G 110 9.60 40.18 -67.05
CA LEU G 110 10.26 41.06 -68.02
C LEU G 110 11.06 42.14 -67.31
N GLY G 111 12.36 41.89 -67.12
CA GLY G 111 13.23 42.84 -66.47
C GLY G 111 13.25 44.18 -67.17
N GLN G 112 12.98 44.18 -68.46
CA GLN G 112 12.95 45.40 -69.25
C GLN G 112 11.54 45.96 -69.38
N PRO G 113 11.23 46.49 -70.56
CA PRO G 113 9.91 47.05 -70.83
C PRO G 113 9.08 46.18 -71.77
N LYS G 114 7.81 45.98 -71.45
CA LYS G 114 6.93 45.16 -72.28
C LYS G 114 7.12 45.47 -73.76
N ALA G 115 6.68 44.54 -74.61
CA ALA G 115 6.80 44.71 -76.04
C ALA G 115 5.40 44.79 -76.64
N ALA G 116 5.37 45.11 -77.93
CA ALA G 116 4.11 45.29 -78.62
C ALA G 116 3.87 44.10 -79.54
N PRO G 117 2.75 43.43 -79.44
CA PRO G 117 2.51 42.28 -80.31
C PRO G 117 2.33 42.71 -81.75
N SER G 118 3.35 42.51 -82.56
CA SER G 118 3.24 42.79 -83.98
C SER G 118 2.30 41.77 -84.62
N VAL G 119 1.26 42.27 -85.28
CA VAL G 119 0.23 41.44 -85.88
C VAL G 119 0.35 41.53 -87.39
N THR G 120 0.03 40.44 -88.08
CA THR G 120 0.05 40.41 -89.53
C THR G 120 -1.03 39.45 -90.01
N LEU G 121 -1.85 39.90 -90.96
CA LEU G 121 -3.01 39.12 -91.38
C LEU G 121 -2.93 38.89 -92.88
N PHE G 122 -3.33 37.70 -93.31
CA PHE G 122 -3.32 37.29 -94.71
C PHE G 122 -4.63 36.65 -95.09
N PRO G 123 -5.18 37.00 -96.25
CA PRO G 123 -6.41 36.36 -96.73
C PRO G 123 -6.08 35.11 -97.53
N PRO G 124 -7.07 34.28 -97.82
CA PRO G 124 -6.81 33.06 -98.60
C PRO G 124 -6.26 33.39 -99.97
N SER G 125 -5.17 32.72 -100.34
CA SER G 125 -4.53 32.94 -101.63
C SER G 125 -5.49 32.62 -102.77
N SER G 126 -5.05 32.84 -104.00
CA SER G 126 -5.88 32.57 -105.17
C SER G 126 -6.00 31.09 -105.45
N GLU G 127 -4.90 30.35 -105.40
CA GLU G 127 -4.96 28.91 -105.64
C GLU G 127 -5.89 28.22 -104.65
N GLU G 128 -5.91 28.71 -103.41
CA GLU G 128 -6.83 28.15 -102.42
C GLU G 128 -8.28 28.47 -102.77
N LEU G 129 -8.52 29.67 -103.31
CA LEU G 129 -9.85 29.99 -103.80
C LEU G 129 -10.28 29.02 -104.89
N GLN G 130 -9.38 28.74 -105.84
CA GLN G 130 -9.65 27.73 -106.85
C GLN G 130 -9.77 26.35 -106.25
N ALA G 131 -9.21 26.13 -105.06
CA ALA G 131 -9.23 24.83 -104.39
C ALA G 131 -10.49 24.62 -103.58
N ASN G 132 -11.51 25.47 -103.76
CA ASN G 132 -12.82 25.29 -103.13
C ASN G 132 -12.73 25.41 -101.61
N LYS G 133 -11.75 26.16 -101.12
CA LYS G 133 -11.60 26.39 -99.69
C LYS G 133 -10.97 27.74 -99.46
N ALA G 134 -10.85 28.11 -98.19
CA ALA G 134 -10.38 29.44 -97.81
C ALA G 134 -9.89 29.40 -96.38
N THR G 135 -8.77 30.06 -96.11
CA THR G 135 -8.21 30.13 -94.77
C THR G 135 -7.60 31.50 -94.53
N LEU G 136 -8.02 32.14 -93.46
CA LEU G 136 -7.43 33.38 -93.00
C LEU G 136 -6.28 33.06 -92.04
N VAL G 137 -5.21 33.85 -92.12
CA VAL G 137 -3.97 33.56 -91.41
C VAL G 137 -3.61 34.78 -90.56
N CYS G 138 -3.61 34.63 -89.25
CA CYS G 138 -3.29 35.71 -88.33
C CYS G 138 -2.04 35.33 -87.56
N LEU G 139 -0.95 36.08 -87.75
CA LEU G 139 0.32 35.82 -87.12
C LEU G 139 0.60 36.90 -86.09
N ILE G 140 1.07 36.50 -84.91
CA ILE G 140 1.42 37.41 -83.83
C ILE G 140 2.88 37.15 -83.48
N SER G 141 3.64 38.21 -83.22
CA SER G 141 5.04 38.01 -82.93
C SER G 141 5.56 39.11 -82.02
N ASP G 142 6.64 38.79 -81.31
CA ASP G 142 7.39 39.74 -80.50
C ASP G 142 6.53 40.44 -79.46
N PHE G 143 6.00 39.70 -78.49
CA PHE G 143 5.11 40.28 -77.51
C PHE G 143 5.46 39.84 -76.10
N TYR G 144 6.75 39.98 -75.80
CA TYR G 144 7.38 39.63 -74.54
C TYR G 144 6.49 38.79 -73.65
N PRO G 145 5.69 39.49 -72.86
CA PRO G 145 4.77 38.85 -71.90
C PRO G 145 3.69 38.10 -72.66
N GLY G 146 3.59 36.80 -72.42
CA GLY G 146 2.90 35.91 -73.34
C GLY G 146 1.41 35.70 -73.23
N ALA G 147 0.71 36.55 -72.48
CA ALA G 147 -0.72 36.32 -72.26
C ALA G 147 -1.61 36.86 -73.37
N VAL G 148 -1.32 36.51 -74.62
CA VAL G 148 -2.10 37.02 -75.75
C VAL G 148 -3.40 36.24 -75.85
N THR G 149 -4.46 36.89 -76.33
CA THR G 149 -5.65 36.19 -76.80
C THR G 149 -6.16 36.84 -78.08
N VAL G 150 -7.02 36.13 -78.80
CA VAL G 150 -7.40 36.51 -80.16
C VAL G 150 -8.91 36.41 -80.30
N ALA G 151 -9.48 37.30 -81.12
CA ALA G 151 -10.88 37.23 -81.51
C ALA G 151 -11.01 37.54 -83.00
N TRP G 152 -11.93 36.86 -83.66
CA TRP G 152 -12.10 36.96 -85.11
C TRP G 152 -13.42 37.63 -85.45
N LYS G 153 -13.39 38.42 -86.52
CA LYS G 153 -14.50 39.30 -86.87
C LYS G 153 -14.88 39.13 -88.33
N GLY G 154 -16.16 38.85 -88.57
CA GLY G 154 -16.81 39.07 -89.85
C GLY G 154 -17.35 40.48 -89.84
N ASP G 155 -17.84 40.97 -90.99
CA ASP G 155 -17.95 42.40 -91.28
C ASP G 155 -18.22 43.27 -90.06
N SER G 156 -19.14 42.83 -89.20
CA SER G 156 -19.42 43.53 -87.95
C SER G 156 -19.51 42.61 -86.75
N SER G 157 -19.63 41.32 -86.95
CA SER G 157 -19.90 40.48 -85.79
C SER G 157 -18.68 39.63 -85.44
N PRO G 158 -18.60 39.15 -84.20
CA PRO G 158 -17.57 38.17 -83.87
C PRO G 158 -17.97 36.78 -84.35
N VAL G 159 -16.96 35.95 -84.59
CA VAL G 159 -17.16 34.58 -85.02
C VAL G 159 -16.41 33.66 -84.07
N LYS G 160 -16.93 32.45 -83.86
CA LYS G 160 -16.30 31.48 -82.97
C LYS G 160 -16.26 30.07 -83.54
N ALA G 161 -16.29 29.91 -84.87
CA ALA G 161 -16.26 28.60 -85.50
C ALA G 161 -15.24 28.59 -86.63
N GLY G 162 -14.44 27.53 -86.70
CA GLY G 162 -13.44 27.41 -87.73
C GLY G 162 -12.11 28.05 -87.45
N VAL G 163 -11.82 28.36 -86.18
CA VAL G 163 -10.58 29.05 -85.83
C VAL G 163 -9.74 28.14 -84.95
N GLU G 164 -8.43 28.12 -85.21
CA GLU G 164 -7.46 27.36 -84.45
C GLU G 164 -6.35 28.30 -83.99
N THR G 165 -5.91 28.15 -82.75
CA THR G 165 -4.98 29.10 -82.15
C THR G 165 -3.82 28.36 -81.51
N THR G 166 -2.61 28.67 -81.98
CA THR G 166 -1.41 28.09 -81.39
C THR G 166 -1.19 28.66 -79.99
N THR G 167 -0.63 27.85 -79.12
CA THR G 167 -0.14 28.37 -77.85
C THR G 167 1.12 29.18 -78.12
N PRO G 168 1.42 30.18 -77.30
CA PRO G 168 2.61 31.00 -77.56
C PRO G 168 3.88 30.18 -77.45
N SER G 169 4.81 30.46 -78.35
CA SER G 169 6.07 29.75 -78.43
C SER G 169 7.23 30.74 -78.34
N LYS G 170 8.26 30.37 -77.59
CA LYS G 170 9.38 31.26 -77.38
C LYS G 170 10.35 31.22 -78.56
N GLN G 171 10.79 32.39 -78.99
CA GLN G 171 11.73 32.52 -80.08
C GLN G 171 13.15 32.55 -79.55
N SER G 172 14.10 32.91 -80.42
CA SER G 172 15.49 33.07 -79.98
C SER G 172 15.66 34.28 -79.07
N ASN G 173 15.09 35.42 -79.44
CA ASN G 173 15.17 36.63 -78.65
C ASN G 173 14.37 36.52 -77.35
N ASN G 174 13.87 35.34 -77.03
CA ASN G 174 13.22 35.08 -75.76
C ASN G 174 11.95 35.88 -75.60
N LYS G 175 11.38 36.33 -76.70
CA LYS G 175 9.97 36.70 -76.70
C LYS G 175 9.17 35.63 -77.43
N TYR G 176 7.87 35.90 -77.60
CA TYR G 176 6.95 34.87 -78.02
C TYR G 176 6.40 35.13 -79.42
N ALA G 177 5.68 34.12 -79.92
CA ALA G 177 5.05 34.16 -81.22
C ALA G 177 3.86 33.21 -81.19
N ALA G 178 2.86 33.49 -82.02
CA ALA G 178 1.67 32.67 -82.06
C ALA G 178 1.01 32.83 -83.42
N SER G 179 0.01 31.98 -83.68
CA SER G 179 -0.65 31.98 -84.97
C SER G 179 -2.06 31.44 -84.81
N SER G 180 -2.95 31.88 -85.68
CA SER G 180 -4.34 31.42 -85.69
C SER G 180 -4.83 31.34 -87.12
N TYR G 181 -5.71 30.37 -87.35
CA TYR G 181 -6.21 30.06 -88.68
C TYR G 181 -7.73 30.10 -88.64
N LEU G 182 -8.32 30.59 -89.72
CA LEU G 182 -9.76 30.68 -89.85
C LEU G 182 -10.18 29.89 -91.08
N SER G 183 -11.09 28.94 -90.91
CA SER G 183 -11.58 28.11 -92.00
C SER G 183 -12.84 28.73 -92.59
N LEU G 184 -12.89 28.81 -93.92
CA LEU G 184 -14.00 29.45 -94.62
C LEU G 184 -14.21 28.77 -95.96
N THR G 185 -15.48 28.62 -96.34
CA THR G 185 -15.74 28.33 -97.73
C THR G 185 -15.68 29.61 -98.55
N PRO G 186 -15.12 29.55 -99.77
CA PRO G 186 -14.93 30.78 -100.55
C PRO G 186 -16.21 31.57 -100.75
N GLU G 187 -17.37 30.91 -100.78
CA GLU G 187 -18.62 31.64 -100.89
C GLU G 187 -18.89 32.46 -99.64
N GLN G 188 -18.49 31.96 -98.47
CA GLN G 188 -18.54 32.77 -97.26
C GLN G 188 -17.44 33.82 -97.27
N TRP G 189 -16.32 33.51 -97.93
CA TRP G 189 -15.25 34.49 -98.04
C TRP G 189 -15.71 35.73 -98.79
N LYS G 190 -16.44 35.55 -99.88
CA LYS G 190 -16.99 36.68 -100.60
C LYS G 190 -18.34 37.14 -100.06
N SER G 191 -18.97 36.33 -99.21
CA SER G 191 -20.22 36.74 -98.59
C SER G 191 -20.04 38.01 -97.76
N HIS G 192 -19.16 37.97 -96.77
CA HIS G 192 -18.91 39.13 -95.95
C HIS G 192 -17.86 40.02 -96.59
N ARG G 193 -18.06 41.34 -96.48
CA ARG G 193 -17.23 42.27 -97.23
C ARG G 193 -15.82 42.38 -96.65
N SER G 194 -15.63 42.04 -95.38
CA SER G 194 -14.29 42.07 -94.83
C SER G 194 -14.26 41.34 -93.51
N TYR G 195 -13.10 40.79 -93.17
CA TYR G 195 -12.86 40.14 -91.90
C TYR G 195 -11.70 40.81 -91.19
N SER G 196 -11.51 40.46 -89.93
CA SER G 196 -10.39 41.00 -89.18
C SER G 196 -10.00 40.05 -88.06
N CYS G 197 -8.74 40.17 -87.66
CA CYS G 197 -8.18 39.47 -86.50
C CYS G 197 -7.77 40.52 -85.49
N GLN G 198 -8.30 40.42 -84.27
CA GLN G 198 -7.90 41.31 -83.18
C GLN G 198 -7.19 40.49 -82.12
N VAL G 199 -6.21 41.10 -81.46
CA VAL G 199 -5.45 40.44 -80.41
C VAL G 199 -5.46 41.38 -79.21
N THR G 200 -5.72 40.83 -78.03
CA THR G 200 -5.67 41.58 -76.79
C THR G 200 -4.53 41.06 -75.93
N HIS G 201 -3.87 41.99 -75.24
CA HIS G 201 -2.60 41.73 -74.59
C HIS G 201 -2.42 42.80 -73.52
N GLU G 202 -2.49 42.40 -72.25
CA GLU G 202 -2.37 43.32 -71.12
C GLU G 202 -3.37 44.46 -71.19
N GLY G 203 -4.64 44.15 -71.45
CA GLY G 203 -5.63 45.20 -71.60
C GLY G 203 -5.59 45.84 -72.96
N SER G 204 -4.40 46.18 -73.44
CA SER G 204 -4.22 46.76 -74.75
C SER G 204 -4.75 45.81 -75.82
N THR G 205 -5.04 46.37 -76.99
CA THR G 205 -5.58 45.62 -78.11
C THR G 205 -5.04 46.21 -79.40
N VAL G 206 -4.69 45.35 -80.34
CA VAL G 206 -4.40 45.78 -81.71
C VAL G 206 -5.12 44.82 -82.65
N GLU G 207 -5.70 45.38 -83.71
CA GLU G 207 -6.47 44.59 -84.67
C GLU G 207 -5.99 44.93 -86.07
N LYS G 208 -6.01 43.93 -86.96
CA LYS G 208 -5.81 44.15 -88.37
C LYS G 208 -7.01 43.59 -89.13
N THR G 209 -7.20 44.08 -90.35
CA THR G 209 -8.41 43.82 -91.13
C THR G 209 -8.06 43.66 -92.60
N VAL G 210 -8.75 42.74 -93.27
CA VAL G 210 -8.61 42.56 -94.71
C VAL G 210 -9.99 42.37 -95.32
N ALA G 211 -10.17 42.94 -96.52
CA ALA G 211 -11.40 42.80 -97.26
C ALA G 211 -11.12 42.00 -98.53
N PRO G 212 -12.04 41.12 -98.92
CA PRO G 212 -11.86 40.41 -100.19
C PRO G 212 -11.72 41.36 -101.37
N THR G 213 -10.53 41.36 -101.95
CA THR G 213 -10.19 42.17 -103.11
C THR G 213 -10.68 43.61 -103.01
N GLN H 11 57.61 -41.50 -39.78
CA GLN H 11 58.82 -40.80 -40.20
C GLN H 11 58.48 -39.78 -41.25
N ILE H 12 59.25 -38.71 -41.32
CA ILE H 12 59.10 -37.70 -42.36
C ILE H 12 60.41 -36.92 -42.49
N GLN H 13 60.86 -36.74 -43.72
CA GLN H 13 62.07 -35.98 -44.01
C GLN H 13 61.80 -34.50 -43.73
N PRO H 14 62.82 -33.73 -43.34
CA PRO H 14 62.59 -32.32 -43.02
C PRO H 14 62.16 -31.51 -44.22
N GLY H 15 61.50 -30.39 -43.92
CA GLY H 15 60.84 -29.64 -44.96
C GLY H 15 59.48 -30.18 -45.32
N GLY H 16 58.92 -31.07 -44.52
CA GLY H 16 57.62 -31.64 -44.78
C GLY H 16 56.52 -30.88 -44.08
N SER H 17 55.44 -31.62 -43.77
CA SER H 17 54.26 -31.04 -43.15
C SER H 17 53.47 -32.16 -42.49
N LEU H 18 52.65 -31.78 -41.51
CA LEU H 18 51.87 -32.77 -40.79
C LEU H 18 50.67 -32.08 -40.16
N ARG H 19 49.62 -32.87 -39.94
CA ARG H 19 48.33 -32.42 -39.43
C ARG H 19 48.09 -33.10 -38.10
N LEU H 20 47.91 -32.33 -37.04
CA LEU H 20 47.62 -32.88 -35.72
C LEU H 20 46.27 -32.35 -35.29
N SER H 21 45.36 -33.25 -34.95
CA SER H 21 43.97 -32.91 -34.71
C SER H 21 43.52 -33.41 -33.36
N CYS H 22 42.70 -32.60 -32.69
CA CYS H 22 42.07 -33.03 -31.45
C CYS H 22 40.64 -32.53 -31.41
N ALA H 23 39.97 -32.80 -30.30
CA ALA H 23 38.53 -32.61 -30.17
C ALA H 23 38.24 -31.48 -29.20
N ALA H 24 37.50 -30.49 -29.68
CA ALA H 24 37.13 -29.35 -28.84
C ALA H 24 35.68 -29.48 -28.37
N SER H 25 35.45 -30.51 -27.56
CA SER H 25 34.10 -30.75 -27.05
C SER H 25 33.76 -29.71 -25.98
N GLY H 26 32.69 -28.96 -26.23
CA GLY H 26 32.28 -27.92 -25.31
C GLY H 26 33.25 -26.76 -25.28
N PHE H 27 33.37 -26.07 -26.39
CA PHE H 27 34.44 -25.11 -26.58
C PHE H 27 33.98 -23.69 -26.78
N SER H 28 32.76 -23.47 -27.28
CA SER H 28 32.41 -22.15 -27.77
C SER H 28 32.12 -21.14 -26.67
N PHE H 29 31.98 -21.59 -25.43
CA PHE H 29 31.98 -20.68 -24.31
C PHE H 29 33.34 -20.01 -24.22
N ILE H 30 33.35 -18.73 -23.84
CA ILE H 30 34.61 -18.01 -23.75
C ILE H 30 35.38 -18.53 -22.56
N SER H 31 36.67 -18.20 -22.50
CA SER H 31 37.63 -18.75 -21.54
C SER H 31 37.67 -20.28 -21.65
N ASN H 32 38.20 -20.74 -22.79
CA ASN H 32 38.31 -22.17 -23.04
C ASN H 32 39.60 -22.51 -23.77
N TYR H 33 40.74 -22.10 -23.25
CA TYR H 33 42.02 -22.31 -23.92
C TYR H 33 42.38 -23.79 -24.04
N MET H 34 43.08 -24.11 -25.14
CA MET H 34 43.39 -25.49 -25.54
C MET H 34 44.83 -25.55 -26.08
N SER H 35 45.81 -25.25 -25.23
CA SER H 35 47.21 -25.20 -25.65
C SER H 35 47.73 -26.56 -26.13
N TRP H 36 48.83 -26.50 -26.89
CA TRP H 36 49.57 -27.67 -27.35
C TRP H 36 50.97 -27.65 -26.78
N VAL H 37 51.43 -28.82 -26.30
CA VAL H 37 52.69 -28.97 -25.57
C VAL H 37 53.44 -30.18 -26.10
N ARG H 38 54.75 -30.00 -26.36
CA ARG H 38 55.61 -31.08 -26.82
C ARG H 38 56.45 -31.65 -25.69
N GLN H 39 57.04 -32.81 -25.93
CA GLN H 39 57.97 -33.42 -24.99
C GLN H 39 58.98 -34.26 -25.74
N ALA H 40 60.25 -33.90 -25.61
CA ALA H 40 61.32 -34.65 -26.25
C ALA H 40 61.50 -35.99 -25.55
N PRO H 41 61.97 -37.02 -26.25
CA PRO H 41 62.10 -38.34 -25.61
C PRO H 41 63.25 -38.41 -24.64
N GLY H 42 63.11 -37.76 -23.49
CA GLY H 42 64.12 -37.86 -22.46
C GLY H 42 64.36 -36.58 -21.70
N LYS H 43 64.06 -35.43 -22.30
CA LYS H 43 64.38 -34.18 -21.61
C LYS H 43 63.29 -33.77 -20.64
N GLY H 44 62.13 -33.38 -21.16
CA GLY H 44 61.11 -32.81 -20.31
C GLY H 44 60.16 -31.99 -21.15
N LEU H 45 59.21 -31.37 -20.47
CA LEU H 45 58.12 -30.70 -21.16
C LEU H 45 58.55 -29.35 -21.67
N GLU H 46 57.86 -28.89 -22.71
CA GLU H 46 58.10 -27.57 -23.29
C GLU H 46 56.85 -27.14 -24.02
N TRP H 47 56.46 -25.89 -23.83
CA TRP H 47 55.25 -25.38 -24.42
C TRP H 47 55.46 -25.08 -25.90
N VAL H 48 54.39 -25.21 -26.67
CA VAL H 48 54.42 -24.97 -28.11
C VAL H 48 53.48 -23.86 -28.53
N SER H 49 52.19 -24.01 -28.24
CA SER H 49 51.26 -23.04 -28.84
C SER H 49 50.00 -22.97 -28.00
N VAL H 50 49.15 -22.00 -28.32
CA VAL H 50 47.89 -21.88 -27.61
C VAL H 50 46.83 -21.25 -28.51
N ILE H 51 45.60 -21.71 -28.38
CA ILE H 51 44.44 -21.15 -29.06
C ILE H 51 43.41 -20.74 -28.00
N TYR H 52 42.95 -19.51 -28.08
CA TYR H 52 41.91 -19.00 -27.20
C TYR H 52 40.61 -18.97 -27.97
N SER H 53 39.53 -19.34 -27.27
CA SER H 53 38.23 -19.57 -27.87
C SER H 53 37.60 -18.31 -28.46
N GLY H 54 38.13 -17.15 -28.15
CA GLY H 54 37.80 -15.94 -28.87
C GLY H 54 38.63 -15.76 -30.12
N GLY H 55 39.11 -16.85 -30.68
CA GLY H 55 39.79 -16.82 -31.96
C GLY H 55 41.20 -16.30 -31.94
N SER H 56 41.91 -16.38 -30.82
CA SER H 56 43.25 -15.82 -30.77
C SER H 56 44.27 -16.95 -30.76
N THR H 57 45.34 -16.79 -31.52
CA THR H 57 46.38 -17.81 -31.59
C THR H 57 47.66 -17.17 -31.12
N PHE H 58 48.49 -17.94 -30.41
CA PHE H 58 49.81 -17.48 -30.02
C PHE H 58 50.77 -18.66 -30.07
N TYR H 59 52.02 -18.39 -30.43
CA TYR H 59 53.00 -19.44 -30.63
C TYR H 59 54.25 -19.17 -29.80
N ALA H 60 54.98 -20.23 -29.52
CA ALA H 60 56.22 -20.08 -28.77
C ALA H 60 57.29 -19.59 -29.73
N ASP H 61 58.42 -19.17 -29.18
CA ASP H 61 59.54 -18.81 -30.02
C ASP H 61 60.17 -20.07 -30.60
N SER H 62 61.02 -19.87 -31.60
CA SER H 62 61.69 -20.89 -32.41
C SER H 62 60.73 -21.75 -33.22
N VAL H 63 59.44 -21.44 -33.23
CA VAL H 63 58.45 -22.23 -33.93
C VAL H 63 57.65 -21.25 -34.78
N LYS H 64 57.69 -19.98 -34.37
CA LYS H 64 56.76 -18.97 -34.87
C LYS H 64 56.94 -18.70 -36.35
N GLY H 65 55.85 -18.80 -37.09
CA GLY H 65 55.87 -18.71 -38.54
C GLY H 65 55.86 -20.05 -39.22
N ARG H 66 56.29 -21.11 -38.56
CA ARG H 66 56.30 -22.42 -39.18
C ARG H 66 55.10 -23.26 -38.82
N PHE H 67 54.42 -22.94 -37.72
CA PHE H 67 53.29 -23.73 -37.24
C PHE H 67 52.03 -22.87 -37.25
N THR H 68 50.88 -23.49 -37.44
CA THR H 68 49.67 -22.70 -37.55
C THR H 68 48.48 -23.47 -37.02
N ILE H 69 47.71 -22.84 -36.14
CA ILE H 69 46.45 -23.40 -35.66
C ILE H 69 45.31 -22.81 -36.46
N SER H 70 44.42 -23.68 -36.92
CA SER H 70 43.25 -23.25 -37.69
C SER H 70 42.08 -24.14 -37.26
N ARG H 71 41.27 -23.62 -36.35
CA ARG H 71 40.18 -24.39 -35.79
C ARG H 71 39.08 -24.59 -36.82
N ASP H 72 38.42 -25.74 -36.74
CA ASP H 72 37.23 -26.01 -37.55
C ASP H 72 36.02 -25.73 -36.67
N LYS H 73 35.46 -24.54 -36.84
CA LYS H 73 34.23 -24.20 -36.14
C LYS H 73 33.03 -24.95 -36.70
N SER H 74 33.18 -25.60 -37.85
CA SER H 74 32.12 -26.44 -38.39
C SER H 74 31.85 -27.62 -37.47
N LYS H 75 32.79 -28.57 -37.37
CA LYS H 75 32.41 -29.72 -36.55
C LYS H 75 32.78 -29.53 -35.08
N ASN H 76 33.99 -29.95 -34.70
CA ASN H 76 34.56 -29.63 -33.39
C ASN H 76 36.08 -29.76 -33.40
N THR H 77 36.67 -29.94 -34.58
CA THR H 77 38.03 -30.44 -34.68
C THR H 77 39.03 -29.30 -34.65
N LEU H 78 40.10 -29.48 -33.90
CA LEU H 78 41.15 -28.48 -33.81
C LEU H 78 42.42 -28.97 -34.49
N TYR H 79 42.97 -28.11 -35.35
CA TYR H 79 44.03 -28.42 -36.28
C TYR H 79 45.28 -27.66 -35.92
N LEU H 80 46.39 -28.36 -35.78
CA LEU H 80 47.71 -27.75 -35.77
C LEU H 80 48.45 -28.27 -36.98
N GLN H 81 48.78 -27.36 -37.89
CA GLN H 81 49.53 -27.69 -39.08
C GLN H 81 50.98 -27.34 -38.86
N MET H 82 51.82 -28.36 -38.91
CA MET H 82 53.25 -28.16 -38.87
C MET H 82 53.74 -28.15 -40.30
N ASN H 83 54.55 -27.15 -40.64
CA ASN H 83 55.08 -27.02 -41.98
C ASN H 83 56.57 -26.74 -41.91
N SER H 84 57.32 -27.43 -42.77
CA SER H 84 58.78 -27.35 -42.88
C SER H 84 59.45 -27.64 -41.54
N LEU H 85 59.35 -28.91 -41.14
CA LEU H 85 59.94 -29.34 -39.89
C LEU H 85 61.45 -29.32 -39.97
N ARG H 86 62.09 -28.91 -38.88
CA ARG H 86 63.53 -28.68 -38.86
C ARG H 86 64.33 -29.83 -38.26
N ALA H 87 63.67 -30.94 -37.91
CA ALA H 87 64.27 -32.13 -37.31
C ALA H 87 64.95 -31.84 -35.97
N GLU H 88 64.52 -30.81 -35.27
CA GLU H 88 64.72 -30.72 -33.82
C GLU H 88 63.38 -30.60 -33.15
N ASP H 89 62.36 -31.20 -33.74
CA ASP H 89 61.02 -31.16 -33.20
C ASP H 89 60.49 -32.54 -32.87
N THR H 90 61.34 -33.57 -32.91
CA THR H 90 60.91 -34.93 -32.66
C THR H 90 60.46 -35.10 -31.21
N ALA H 91 59.17 -35.34 -31.03
CA ALA H 91 58.60 -35.23 -29.70
C ALA H 91 57.24 -35.91 -29.65
N PHE H 92 56.81 -36.26 -28.46
CA PHE H 92 55.39 -36.46 -28.25
C PHE H 92 54.71 -35.10 -28.31
N TYR H 93 53.51 -35.07 -28.89
CA TYR H 93 52.72 -33.86 -28.94
C TYR H 93 51.37 -34.11 -28.25
N TYR H 94 51.05 -33.30 -27.26
CA TYR H 94 49.85 -33.48 -26.46
C TYR H 94 48.87 -32.36 -26.72
N CYS H 95 47.59 -32.68 -26.53
CA CYS H 95 46.51 -31.70 -26.59
C CYS H 95 46.11 -31.41 -25.16
N ALA H 96 46.52 -30.27 -24.66
CA ALA H 96 46.24 -29.89 -23.28
C ALA H 96 45.03 -28.97 -23.28
N ARG H 97 43.95 -29.40 -22.63
CA ARG H 97 42.78 -28.57 -22.48
C ARG H 97 42.85 -27.87 -21.13
N GLY H 98 42.42 -26.64 -21.10
CA GLY H 98 42.61 -25.84 -19.91
C GLY H 98 41.66 -26.17 -18.80
N LEU H 99 41.90 -25.54 -17.66
CA LEU H 99 41.05 -25.65 -16.50
C LEU H 99 40.51 -24.27 -16.19
N ILE H 100 39.21 -24.18 -15.98
CA ILE H 100 38.52 -22.89 -15.87
C ILE H 100 37.82 -22.80 -14.53
N ARG H 101 38.00 -21.68 -13.86
CA ARG H 101 37.25 -21.37 -12.65
C ARG H 101 36.23 -20.27 -12.96
N GLY H 102 35.15 -20.67 -13.58
CA GLY H 102 34.13 -19.68 -13.95
C GLY H 102 34.48 -19.00 -15.28
N ILE H 103 34.77 -17.71 -15.22
CA ILE H 103 35.23 -16.99 -16.40
C ILE H 103 36.73 -16.78 -16.37
N ILE H 104 37.39 -17.15 -15.28
CA ILE H 104 38.80 -16.92 -15.10
C ILE H 104 39.54 -18.17 -15.54
N MET H 105 40.47 -18.01 -16.47
CA MET H 105 41.34 -19.10 -16.85
C MET H 105 42.34 -19.35 -15.73
N THR H 106 42.35 -20.57 -15.20
CA THR H 106 43.19 -20.87 -14.04
C THR H 106 44.65 -20.93 -14.40
N GLY H 107 44.97 -21.29 -15.63
CA GLY H 107 46.35 -21.34 -16.00
C GLY H 107 46.97 -22.68 -15.74
N ALA H 108 46.21 -23.75 -15.94
CA ALA H 108 46.73 -25.09 -15.80
C ALA H 108 45.94 -26.00 -16.71
N PHE H 109 46.53 -27.12 -17.05
CA PHE H 109 45.97 -28.03 -18.04
C PHE H 109 45.63 -29.34 -17.39
N ASP H 110 44.35 -29.64 -17.28
CA ASP H 110 43.89 -30.80 -16.52
C ASP H 110 43.57 -32.00 -17.36
N ILE H 111 43.10 -31.83 -18.58
CA ILE H 111 42.79 -32.94 -19.48
C ILE H 111 43.87 -33.00 -20.54
N TRP H 112 44.50 -34.15 -20.66
CA TRP H 112 45.51 -34.39 -21.68
C TRP H 112 44.95 -35.45 -22.62
N ASP H 113 45.78 -35.95 -23.54
CA ASP H 113 45.22 -36.82 -24.56
C ASP H 113 46.13 -37.96 -25.01
N GLU H 114 47.27 -38.19 -24.33
CA GLU H 114 48.29 -39.20 -24.57
C GLU H 114 49.14 -38.91 -25.82
N GLY H 115 48.72 -37.96 -26.64
CA GLY H 115 49.59 -37.38 -27.67
C GLY H 115 49.95 -38.32 -28.81
N THR H 116 50.64 -37.74 -29.78
CA THR H 116 51.11 -38.47 -30.95
C THR H 116 52.62 -38.34 -31.02
N MET H 117 53.30 -39.45 -31.30
CA MET H 117 54.74 -39.44 -31.51
C MET H 117 55.05 -38.84 -32.87
N VAL H 118 55.85 -37.79 -32.92
CA VAL H 118 56.21 -37.14 -34.17
C VAL H 118 57.71 -37.22 -34.33
N THR H 119 58.15 -37.99 -35.31
CA THR H 119 59.55 -38.25 -35.56
C THR H 119 59.97 -37.58 -36.86
N VAL H 120 61.18 -37.02 -36.85
CA VAL H 120 61.73 -36.30 -38.00
C VAL H 120 63.21 -36.63 -38.15
N SER H 121 63.55 -37.35 -39.21
CA SER H 121 64.90 -37.86 -39.36
C SER H 121 65.36 -37.80 -40.80
N SER H 122 66.40 -38.55 -41.12
CA SER H 122 66.93 -38.58 -42.48
C SER H 122 67.81 -39.82 -42.70
N ALA H 123 68.21 -40.04 -43.95
CA ALA H 123 69.05 -41.18 -44.29
C ALA H 123 68.23 -42.47 -44.34
N SER H 124 67.09 -42.46 -43.65
CA SER H 124 66.22 -43.63 -43.60
C SER H 124 66.77 -44.69 -42.66
N THR H 125 67.64 -45.55 -43.20
CA THR H 125 68.23 -46.62 -42.40
C THR H 125 69.73 -46.75 -42.69
N LYS H 126 70.40 -47.56 -41.89
CA LYS H 126 71.83 -47.78 -42.07
C LYS H 126 72.31 -48.90 -41.15
N GLY H 127 73.38 -49.55 -41.58
CA GLY H 127 73.94 -50.67 -40.86
C GLY H 127 74.94 -50.23 -39.82
N PRO H 128 75.19 -51.08 -38.84
CA PRO H 128 76.07 -50.69 -37.73
C PRO H 128 77.54 -50.86 -38.09
N SER H 129 78.38 -50.01 -37.50
CA SER H 129 79.82 -50.16 -37.56
C SER H 129 80.32 -50.66 -36.21
N VAL H 130 81.12 -51.72 -36.23
CA VAL H 130 81.50 -52.44 -35.02
C VAL H 130 83.00 -52.27 -34.79
N PHE H 131 83.38 -52.04 -33.54
CA PHE H 131 84.75 -52.10 -33.05
C PHE H 131 84.81 -52.96 -31.80
N PRO H 132 85.91 -53.67 -31.57
CA PRO H 132 86.08 -54.37 -30.28
C PRO H 132 86.85 -53.49 -29.29
N LEU H 133 86.28 -53.31 -28.10
CA LEU H 133 86.96 -52.61 -27.02
C LEU H 133 87.69 -53.67 -26.19
N ALA H 134 89.00 -53.70 -26.35
CA ALA H 134 89.91 -54.69 -25.83
C ALA H 134 89.95 -54.67 -24.31
N PRO H 135 90.16 -55.81 -23.67
CA PRO H 135 90.46 -55.81 -22.24
C PRO H 135 91.83 -55.22 -21.99
N SER H 136 91.93 -54.36 -20.98
CA SER H 136 93.18 -53.66 -20.71
C SER H 136 93.39 -53.58 -19.21
N SER H 137 94.64 -53.30 -18.82
CA SER H 137 94.96 -53.13 -17.41
C SER H 137 94.24 -51.93 -16.82
N LYS H 138 93.93 -50.91 -17.64
CA LYS H 138 93.11 -49.80 -17.17
C LYS H 138 91.68 -50.24 -16.90
N SER H 139 91.24 -51.32 -17.54
CA SER H 139 89.98 -51.96 -17.19
C SER H 139 90.17 -53.10 -16.21
N THR H 140 91.39 -53.63 -16.09
CA THR H 140 91.65 -54.74 -15.20
C THR H 140 91.78 -54.24 -13.75
N SER H 141 91.24 -55.02 -12.81
CA SER H 141 91.35 -54.73 -11.39
C SER H 141 91.30 -56.05 -10.62
N GLY H 142 92.47 -56.52 -10.18
CA GLY H 142 92.50 -57.70 -9.34
C GLY H 142 92.13 -58.95 -10.11
N GLY H 143 90.99 -59.55 -9.75
CA GLY H 143 90.62 -60.84 -10.27
C GLY H 143 89.91 -60.82 -11.61
N THR H 144 89.40 -59.67 -12.03
CA THR H 144 88.58 -59.59 -13.22
C THR H 144 89.03 -58.44 -14.13
N ALA H 145 88.67 -58.55 -15.40
CA ALA H 145 88.92 -57.52 -16.40
C ALA H 145 87.78 -57.53 -17.40
N ALA H 146 87.46 -56.36 -17.94
CA ALA H 146 86.28 -56.17 -18.78
C ALA H 146 86.68 -55.95 -20.23
N LEU H 147 85.88 -56.51 -21.15
CA LEU H 147 86.04 -56.32 -22.59
C LEU H 147 84.66 -56.24 -23.23
N GLY H 148 84.59 -55.62 -24.40
CA GLY H 148 83.29 -55.46 -25.00
C GLY H 148 83.33 -55.13 -26.47
N CYS H 149 82.17 -54.74 -27.01
CA CYS H 149 82.02 -54.43 -28.42
C CYS H 149 81.19 -53.15 -28.55
N LEU H 150 81.67 -52.23 -29.38
CA LEU H 150 81.02 -50.95 -29.63
C LEU H 150 80.37 -51.03 -31.02
N VAL H 151 79.05 -50.95 -31.05
CA VAL H 151 78.29 -51.00 -32.28
C VAL H 151 77.59 -49.66 -32.44
N LYS H 152 77.96 -48.91 -33.47
CA LYS H 152 77.56 -47.51 -33.57
C LYS H 152 76.98 -47.18 -34.93
N ASP H 153 76.44 -45.96 -35.04
CA ASP H 153 75.93 -45.39 -36.28
C ASP H 153 74.97 -46.29 -37.04
N TYR H 154 73.78 -46.50 -36.47
CA TYR H 154 72.72 -47.18 -37.18
C TYR H 154 71.40 -46.50 -36.89
N PHE H 155 70.53 -46.39 -37.88
CA PHE H 155 69.19 -45.86 -37.65
C PHE H 155 68.19 -46.90 -37.13
N PRO H 156 68.08 -48.09 -37.75
CA PRO H 156 66.94 -48.96 -37.44
C PRO H 156 67.02 -49.57 -36.06
N GLU H 157 66.44 -48.86 -35.10
CA GLU H 157 66.56 -48.98 -33.65
C GLU H 157 66.78 -50.41 -33.14
N PRO H 158 65.95 -51.40 -33.49
CA PRO H 158 66.18 -52.74 -32.93
C PRO H 158 67.44 -53.38 -33.48
N VAL H 159 68.45 -53.50 -32.63
CA VAL H 159 69.73 -54.14 -32.98
C VAL H 159 70.15 -54.98 -31.78
N THR H 160 70.86 -56.07 -32.03
CA THR H 160 71.23 -56.92 -30.91
C THR H 160 72.68 -57.33 -31.04
N VAL H 161 73.35 -57.44 -29.89
CA VAL H 161 74.71 -57.96 -29.79
C VAL H 161 74.72 -59.02 -28.71
N SER H 162 75.13 -60.22 -29.06
CA SER H 162 75.27 -61.31 -28.11
C SER H 162 76.74 -61.61 -27.90
N TRP H 163 77.05 -62.38 -26.87
CA TRP H 163 78.41 -62.80 -26.60
C TRP H 163 78.54 -64.30 -26.80
N ASN H 164 79.39 -64.67 -27.75
CA ASN H 164 79.68 -66.07 -28.05
C ASN H 164 78.40 -66.84 -28.37
N SER H 165 77.65 -66.33 -29.34
CA SER H 165 76.43 -66.96 -29.84
C SER H 165 75.41 -67.20 -28.73
N GLY H 166 75.46 -66.38 -27.68
CA GLY H 166 74.56 -66.53 -26.56
C GLY H 166 75.09 -67.34 -25.41
N ALA H 167 76.40 -67.63 -25.38
CA ALA H 167 76.97 -68.48 -24.34
C ALA H 167 77.13 -67.77 -23.00
N LEU H 168 77.82 -66.64 -22.96
CA LEU H 168 78.14 -65.95 -21.71
C LEU H 168 76.95 -65.10 -21.29
N THR H 169 76.45 -65.36 -20.08
CA THR H 169 75.37 -64.58 -19.51
C THR H 169 75.84 -63.88 -18.24
N SER H 170 77.07 -64.18 -17.82
CA SER H 170 77.66 -63.57 -16.64
C SER H 170 78.45 -62.33 -17.02
N GLY H 171 78.08 -61.20 -16.43
CA GLY H 171 78.74 -59.93 -16.68
C GLY H 171 78.38 -59.26 -17.97
N VAL H 172 77.71 -59.95 -18.88
CA VAL H 172 77.29 -59.38 -20.16
C VAL H 172 76.20 -58.35 -19.89
N HIS H 173 76.49 -57.09 -20.22
CA HIS H 173 75.53 -56.01 -20.03
C HIS H 173 75.55 -55.03 -21.21
N THR H 174 74.46 -55.00 -21.96
CA THR H 174 74.33 -54.11 -23.11
C THR H 174 73.70 -52.81 -22.63
N PHE H 175 74.34 -51.72 -22.93
CA PHE H 175 73.84 -50.45 -22.40
C PHE H 175 72.85 -49.84 -23.38
N PRO H 176 71.92 -49.02 -22.88
CA PRO H 176 70.94 -48.42 -23.77
C PRO H 176 71.60 -47.66 -24.90
N ALA H 177 71.05 -47.81 -26.09
CA ALA H 177 71.58 -47.11 -27.24
C ALA H 177 71.43 -45.61 -27.05
N VAL H 178 72.36 -44.87 -27.63
CA VAL H 178 72.34 -43.43 -27.53
C VAL H 178 72.08 -42.85 -28.90
N LEU H 179 71.29 -41.77 -28.93
CA LEU H 179 70.91 -41.11 -30.17
C LEU H 179 71.76 -39.86 -30.33
N GLN H 180 72.61 -39.84 -31.34
CA GLN H 180 73.53 -38.74 -31.56
C GLN H 180 72.84 -37.58 -32.25
N SER H 181 73.59 -36.49 -32.40
CA SER H 181 73.08 -35.36 -33.18
C SER H 181 72.99 -35.70 -34.66
N SER H 182 73.85 -36.61 -35.13
CA SER H 182 73.79 -37.04 -36.52
C SER H 182 72.47 -37.71 -36.85
N GLY H 183 71.71 -38.12 -35.84
CA GLY H 183 70.46 -38.82 -36.05
C GLY H 183 70.55 -40.32 -35.99
N LEU H 184 71.74 -40.87 -35.82
CA LEU H 184 71.93 -42.31 -35.78
C LEU H 184 72.20 -42.78 -34.37
N TYR H 185 71.82 -44.02 -34.09
CA TYR H 185 72.01 -44.58 -32.77
C TYR H 185 73.41 -45.16 -32.61
N SER H 186 73.76 -45.46 -31.37
CA SER H 186 75.02 -46.09 -31.04
C SER H 186 74.91 -46.71 -29.65
N LEU H 187 75.62 -47.80 -29.45
CA LEU H 187 75.65 -48.46 -28.14
C LEU H 187 76.93 -49.26 -28.01
N SER H 188 77.15 -49.76 -26.80
CA SER H 188 78.32 -50.58 -26.47
C SER H 188 77.93 -51.60 -25.40
N SER H 189 78.28 -52.87 -25.63
CA SER H 189 77.96 -53.93 -24.69
C SER H 189 79.26 -54.49 -24.14
N VAL H 190 79.34 -54.60 -22.82
CA VAL H 190 80.58 -54.98 -22.16
C VAL H 190 80.32 -56.14 -21.20
N VAL H 191 81.34 -56.98 -21.02
CA VAL H 191 81.28 -58.11 -20.11
C VAL H 191 82.62 -58.24 -19.41
N THR H 192 82.58 -58.56 -18.12
CA THR H 192 83.77 -58.80 -17.32
C THR H 192 84.04 -60.30 -17.27
N VAL H 193 85.31 -60.66 -17.15
CA VAL H 193 85.77 -62.04 -17.22
C VAL H 193 87.08 -62.11 -16.43
N PRO H 194 87.35 -63.19 -15.71
CA PRO H 194 88.56 -63.22 -14.86
C PRO H 194 89.82 -62.78 -15.60
N SER H 195 90.63 -61.99 -14.90
CA SER H 195 91.83 -61.43 -15.53
C SER H 195 92.85 -62.51 -15.88
N SER H 196 92.74 -63.69 -15.26
CA SER H 196 93.55 -64.81 -15.70
C SER H 196 93.15 -65.28 -17.09
N SER H 197 91.95 -64.90 -17.53
CA SER H 197 91.38 -65.34 -18.79
C SER H 197 91.26 -64.23 -19.82
N LEU H 198 92.28 -63.37 -19.95
CA LEU H 198 92.22 -62.28 -20.91
C LEU H 198 91.99 -62.77 -22.33
N GLY H 199 92.94 -63.52 -22.88
CA GLY H 199 92.78 -64.03 -24.23
C GLY H 199 92.43 -65.50 -24.28
N THR H 200 92.41 -66.17 -23.13
CA THR H 200 92.40 -67.62 -23.07
C THR H 200 91.23 -68.25 -23.82
N GLN H 201 90.01 -67.83 -23.52
CA GLN H 201 88.84 -68.47 -24.11
C GLN H 201 88.28 -67.59 -25.22
N THR H 202 87.14 -68.00 -25.76
CA THR H 202 86.51 -67.29 -26.88
C THR H 202 85.57 -66.22 -26.35
N TYR H 203 85.74 -65.01 -26.88
CA TYR H 203 84.83 -63.90 -26.59
C TYR H 203 84.55 -63.19 -27.90
N ILE H 204 83.54 -63.65 -28.62
CA ILE H 204 83.17 -63.09 -29.92
C ILE H 204 81.77 -62.53 -29.82
N CYS H 205 81.64 -61.23 -30.09
CA CYS H 205 80.35 -60.58 -30.09
C CYS H 205 79.68 -60.77 -31.44
N ASN H 206 78.45 -61.25 -31.39
CA ASN H 206 77.63 -61.56 -32.55
C ASN H 206 76.65 -60.39 -32.72
N VAL H 207 76.87 -59.60 -33.76
CA VAL H 207 76.08 -58.41 -34.03
C VAL H 207 75.05 -58.78 -35.11
N ASN H 208 73.78 -58.60 -34.78
CA ASN H 208 72.69 -58.83 -35.72
C ASN H 208 71.78 -57.61 -35.79
N HIS H 209 71.51 -57.17 -37.01
CA HIS H 209 70.67 -56.01 -37.31
C HIS H 209 69.47 -56.55 -38.10
N LYS H 210 68.32 -56.59 -37.45
CA LYS H 210 67.13 -57.26 -37.99
C LYS H 210 66.38 -56.48 -39.07
N PRO H 211 66.23 -55.16 -38.96
CA PRO H 211 65.63 -54.44 -40.11
C PRO H 211 66.46 -54.57 -41.36
N SER H 212 67.79 -54.43 -41.27
CA SER H 212 68.66 -54.86 -42.33
C SER H 212 68.93 -56.35 -42.15
N ASN H 213 69.95 -56.88 -42.81
CA ASN H 213 70.34 -58.27 -42.65
C ASN H 213 71.82 -58.40 -42.32
N THR H 214 72.29 -57.60 -41.37
CA THR H 214 73.69 -57.60 -40.98
C THR H 214 73.95 -58.59 -39.86
N LYS H 215 74.97 -59.42 -40.05
CA LYS H 215 75.39 -60.41 -39.07
C LYS H 215 76.90 -60.52 -39.12
N VAL H 216 77.58 -60.06 -38.07
CA VAL H 216 79.04 -60.05 -38.03
C VAL H 216 79.51 -60.48 -36.65
N ASP H 217 80.53 -61.33 -36.59
CA ASP H 217 81.13 -61.77 -35.34
C ASP H 217 82.51 -61.12 -35.20
N LYS H 218 82.73 -60.44 -34.09
CA LYS H 218 83.99 -59.74 -33.82
C LYS H 218 84.62 -60.25 -32.55
N LYS H 219 85.89 -60.63 -32.63
CA LYS H 219 86.64 -61.14 -31.48
C LYS H 219 87.31 -59.98 -30.76
N VAL H 220 87.28 -60.02 -29.43
CA VAL H 220 87.92 -59.01 -28.59
C VAL H 220 89.10 -59.65 -27.88
N GLU H 221 90.28 -59.07 -28.06
CA GLU H 221 91.51 -59.58 -27.49
C GLU H 221 92.24 -58.44 -26.79
N PRO H 222 93.10 -58.75 -25.81
CA PRO H 222 93.85 -57.70 -25.12
C PRO H 222 94.64 -56.84 -26.09
N LYS H 223 94.94 -55.62 -25.65
CA LYS H 223 95.63 -54.67 -26.51
C LYS H 223 97.04 -55.16 -26.83
N SER H 224 97.48 -54.85 -28.04
CA SER H 224 98.76 -55.32 -28.57
C SER H 224 99.94 -54.90 -27.69
N ALA I 3 63.41 -21.06 -19.22
CA ALA I 3 63.09 -22.20 -18.38
C ALA I 3 63.09 -21.80 -16.91
N LEU I 4 62.77 -22.77 -16.06
CA LEU I 4 62.84 -22.64 -14.62
C LEU I 4 63.81 -23.67 -14.07
N THR I 5 64.08 -23.61 -12.78
CA THR I 5 65.08 -24.47 -12.20
C THR I 5 64.49 -25.34 -11.10
N GLN I 6 64.77 -26.62 -11.19
CA GLN I 6 64.46 -27.48 -10.05
C GLN I 6 65.50 -28.58 -9.99
N PRO I 7 65.96 -28.94 -8.80
CA PRO I 7 67.08 -29.87 -8.68
C PRO I 7 66.66 -31.27 -9.07
N PRO I 8 67.45 -31.92 -9.94
CA PRO I 8 66.95 -33.09 -10.65
C PRO I 8 66.83 -34.35 -9.82
N SER I 9 67.14 -34.31 -8.53
CA SER I 9 67.07 -35.53 -7.75
C SER I 9 66.75 -35.17 -6.31
N ALA I 10 65.74 -35.84 -5.77
CA ALA I 10 65.36 -35.65 -4.38
C ALA I 10 64.63 -36.89 -3.93
N SER I 11 65.05 -37.46 -2.81
CA SER I 11 64.45 -38.69 -2.34
C SER I 11 64.62 -38.77 -0.84
N GLY I 12 63.82 -39.63 -0.22
CA GLY I 12 63.85 -39.77 1.22
C GLY I 12 63.21 -41.06 1.64
N SER I 13 63.05 -41.20 2.93
CA SER I 13 62.50 -42.40 3.53
C SER I 13 60.98 -42.40 3.37
N PRO I 14 60.36 -43.58 3.29
CA PRO I 14 58.90 -43.63 3.18
C PRO I 14 58.22 -43.21 4.46
N GLY I 15 57.20 -42.38 4.32
CA GLY I 15 56.53 -41.82 5.48
C GLY I 15 57.26 -40.61 6.03
N GLN I 16 57.61 -39.66 5.18
CA GLN I 16 58.30 -38.46 5.60
C GLN I 16 57.92 -37.33 4.64
N SER I 17 58.57 -36.19 4.79
CA SER I 17 58.24 -35.01 4.00
C SER I 17 59.45 -34.62 3.16
N VAL I 18 59.26 -34.60 1.85
CA VAL I 18 60.28 -34.17 0.92
C VAL I 18 59.78 -32.88 0.27
N THR I 19 60.71 -31.96 0.03
CA THR I 19 60.41 -30.67 -0.58
C THR I 19 61.06 -30.59 -1.94
N ILE I 20 60.47 -29.81 -2.83
CA ILE I 20 60.93 -29.64 -4.21
C ILE I 20 60.76 -28.17 -4.55
N SER I 21 61.84 -27.50 -4.91
CA SER I 21 61.81 -26.06 -5.14
C SER I 21 61.78 -25.75 -6.63
N CYS I 22 61.03 -24.71 -7.01
CA CYS I 22 60.87 -24.38 -8.41
C CYS I 22 61.61 -23.11 -8.82
N THR I 23 61.93 -22.24 -7.86
CA THR I 23 62.88 -21.09 -7.87
C THR I 23 63.03 -20.39 -9.22
N GLY I 24 61.90 -19.98 -9.78
CA GLY I 24 61.89 -19.24 -11.01
C GLY I 24 62.34 -17.80 -10.83
N THR I 25 62.29 -17.04 -11.92
CA THR I 25 62.64 -15.63 -11.85
C THR I 25 61.41 -14.80 -11.55
N SER I 26 61.56 -13.49 -11.67
CA SER I 26 60.40 -12.63 -11.62
C SER I 26 59.71 -12.63 -12.97
N SER I 27 58.52 -12.04 -13.01
CA SER I 27 57.67 -11.90 -14.19
C SER I 27 57.20 -13.23 -14.77
N ASP I 28 57.42 -14.34 -14.08
CA ASP I 28 56.65 -15.54 -14.39
C ASP I 28 56.16 -16.23 -13.14
N VAL I 29 56.99 -16.27 -12.10
CA VAL I 29 56.65 -16.99 -10.89
C VAL I 29 56.53 -16.01 -9.74
N GLY I 30 57.46 -15.07 -9.67
CA GLY I 30 57.40 -14.05 -8.65
C GLY I 30 56.34 -13.02 -8.98
N GLY I 31 56.20 -12.71 -10.26
CA GLY I 31 55.30 -11.66 -10.66
C GLY I 31 53.91 -12.14 -11.05
N SER I 32 53.53 -13.33 -10.61
CA SER I 32 52.24 -13.89 -10.99
C SER I 32 51.71 -14.69 -9.81
N ASN I 33 50.68 -15.47 -10.07
CA ASN I 33 50.21 -16.41 -9.07
C ASN I 33 49.75 -17.74 -9.65
N TYR I 34 49.87 -17.95 -10.97
CA TYR I 34 49.32 -19.14 -11.60
C TYR I 34 50.42 -20.17 -11.76
N VAL I 35 50.76 -20.83 -10.66
CA VAL I 35 51.84 -21.82 -10.62
C VAL I 35 51.23 -23.18 -10.35
N SER I 36 51.60 -24.15 -11.16
CA SER I 36 51.01 -25.48 -11.08
C SER I 36 52.08 -26.54 -11.00
N TRP I 37 51.68 -27.75 -10.65
CA TRP I 37 52.58 -28.89 -10.51
C TRP I 37 51.92 -30.10 -11.13
N TYR I 38 52.67 -30.85 -11.91
CA TYR I 38 52.14 -32.01 -12.62
C TYR I 38 52.85 -33.26 -12.14
N GLN I 39 52.58 -34.37 -12.82
CA GLN I 39 53.14 -35.66 -12.45
C GLN I 39 53.12 -36.57 -13.65
N GLN I 40 54.22 -37.23 -13.94
CA GLN I 40 54.30 -38.10 -15.11
C GLN I 40 54.95 -39.42 -14.70
N HIS I 41 54.14 -40.44 -14.54
CA HIS I 41 54.65 -41.80 -14.45
C HIS I 41 55.31 -42.18 -15.77
N PRO I 42 56.31 -43.07 -15.75
CA PRO I 42 57.09 -43.31 -16.97
C PRO I 42 56.34 -44.07 -18.04
N GLY I 43 55.53 -43.36 -18.81
CA GLY I 43 54.83 -43.96 -19.91
C GLY I 43 53.46 -43.35 -20.13
N LYS I 44 52.96 -42.65 -19.12
CA LYS I 44 51.61 -42.11 -19.19
C LYS I 44 51.65 -40.63 -19.54
N ALA I 45 50.48 -40.06 -19.74
CA ALA I 45 50.32 -38.64 -19.91
C ALA I 45 50.50 -37.94 -18.58
N PRO I 46 50.82 -36.65 -18.60
CA PRO I 46 50.85 -35.90 -17.35
C PRO I 46 49.46 -35.78 -16.74
N LYS I 47 49.47 -35.65 -15.42
CA LYS I 47 48.26 -35.53 -14.64
C LYS I 47 48.41 -34.31 -13.76
N LEU I 48 47.40 -33.44 -13.77
CA LEU I 48 47.47 -32.24 -12.98
C LEU I 48 47.37 -32.60 -11.51
N MET I 49 48.43 -32.31 -10.77
CA MET I 49 48.54 -32.72 -9.39
C MET I 49 48.24 -31.59 -8.42
N ILE I 50 48.74 -30.39 -8.68
CA ILE I 50 48.42 -29.22 -7.86
C ILE I 50 48.13 -28.07 -8.79
N SER I 51 46.99 -27.41 -8.57
CA SER I 51 46.59 -26.23 -9.31
C SER I 51 47.33 -25.00 -8.81
N GLU I 52 46.70 -23.84 -8.96
CA GLU I 52 47.30 -22.57 -8.54
C GLU I 52 47.82 -22.60 -7.10
N VAL I 53 49.05 -22.13 -6.93
CA VAL I 53 49.69 -22.06 -5.63
C VAL I 53 49.47 -23.30 -4.74
N SER I 54 48.35 -23.33 -4.03
CA SER I 54 48.05 -24.44 -3.13
C SER I 54 46.56 -24.76 -3.26
N LYS I 55 46.23 -25.59 -4.25
CA LYS I 55 44.87 -26.07 -4.43
C LYS I 55 44.95 -27.47 -4.98
N ARG I 56 43.84 -28.16 -4.94
CA ARG I 56 43.87 -29.52 -5.44
C ARG I 56 42.63 -29.80 -6.26
N PRO I 57 42.70 -30.69 -7.22
CA PRO I 57 41.51 -31.23 -7.85
C PRO I 57 40.91 -32.32 -6.96
N SER I 58 39.90 -33.01 -7.49
CA SER I 58 39.42 -34.17 -6.79
C SER I 58 40.41 -35.32 -6.94
N GLY I 59 40.22 -36.36 -6.14
CA GLY I 59 41.28 -37.33 -5.96
C GLY I 59 42.38 -36.70 -5.15
N VAL I 60 43.62 -36.92 -5.60
CA VAL I 60 44.90 -36.38 -5.10
C VAL I 60 44.97 -36.39 -3.57
N PRO I 61 45.33 -37.54 -2.99
CA PRO I 61 45.30 -37.69 -1.53
C PRO I 61 46.20 -36.71 -0.81
N ASP I 62 45.69 -36.17 0.29
CA ASP I 62 46.22 -34.95 0.90
C ASP I 62 47.53 -35.27 1.62
N ARG I 63 48.58 -35.41 0.82
CA ARG I 63 49.93 -35.49 1.32
C ARG I 63 50.72 -34.42 0.58
N PHE I 64 50.27 -34.14 -0.64
CA PHE I 64 50.87 -33.11 -1.48
C PHE I 64 50.43 -31.73 -1.02
N SER I 65 51.39 -30.83 -0.89
CA SER I 65 51.05 -29.47 -0.55
C SER I 65 51.98 -28.54 -1.32
N GLY I 66 51.51 -27.31 -1.58
CA GLY I 66 52.28 -26.33 -2.29
C GLY I 66 52.34 -25.01 -1.56
N SER I 67 53.37 -24.23 -1.87
CA SER I 67 53.49 -22.90 -1.30
C SER I 67 54.34 -22.05 -2.22
N LYS I 68 54.33 -20.74 -1.98
CA LYS I 68 55.12 -19.80 -2.75
C LYS I 68 55.65 -18.75 -1.80
N SER I 69 56.95 -18.46 -1.90
CA SER I 69 57.60 -17.51 -1.02
C SER I 69 58.43 -16.53 -1.82
N GLY I 70 57.83 -15.95 -2.85
CA GLY I 70 58.53 -14.98 -3.65
C GLY I 70 58.78 -15.48 -5.05
N ASN I 71 60.04 -15.64 -5.42
CA ASN I 71 60.37 -16.21 -6.71
C ASN I 71 60.58 -17.72 -6.64
N THR I 72 60.29 -18.33 -5.51
CA THR I 72 60.47 -19.76 -5.35
C THR I 72 59.19 -20.36 -4.81
N ALA I 73 58.51 -21.14 -5.64
CA ALA I 73 57.44 -21.98 -5.16
C ALA I 73 57.99 -23.36 -4.88
N SER I 74 57.31 -24.07 -4.01
CA SER I 74 57.81 -25.37 -3.59
C SER I 74 56.65 -26.31 -3.34
N LEU I 75 56.92 -27.58 -3.61
CA LEU I 75 56.03 -28.69 -3.34
C LEU I 75 56.58 -29.48 -2.17
N THR I 76 55.68 -30.15 -1.45
CA THR I 76 56.11 -30.99 -0.35
C THR I 76 55.19 -32.19 -0.25
N VAL I 77 55.77 -33.36 -0.32
CA VAL I 77 55.05 -34.62 -0.17
C VAL I 77 55.29 -35.08 1.26
N SER I 78 54.19 -35.28 2.00
CA SER I 78 54.25 -35.69 3.40
C SER I 78 53.84 -37.14 3.48
N GLY I 79 54.79 -38.05 3.34
CA GLY I 79 54.49 -39.45 3.45
C GLY I 79 54.54 -40.16 2.12
N LEU I 80 55.70 -40.74 1.79
CA LEU I 80 55.84 -41.54 0.59
C LEU I 80 55.23 -42.90 0.90
N GLN I 81 54.13 -43.22 0.22
CA GLN I 81 53.52 -44.52 0.46
C GLN I 81 54.41 -45.65 -0.03
N ALA I 82 54.44 -45.88 -1.33
CA ALA I 82 55.54 -46.60 -1.97
C ALA I 82 55.70 -46.11 -3.40
N GLU I 83 54.70 -45.39 -3.88
CA GLU I 83 54.38 -45.39 -5.30
C GLU I 83 54.29 -43.99 -5.89
N ASP I 84 54.78 -42.98 -5.18
CA ASP I 84 54.73 -41.63 -5.70
C ASP I 84 56.02 -41.26 -6.43
N GLU I 85 56.65 -42.25 -7.06
CA GLU I 85 57.75 -41.97 -7.96
C GLU I 85 57.22 -41.36 -9.25
N ALA I 86 57.71 -40.16 -9.55
CA ALA I 86 57.21 -39.40 -10.69
C ALA I 86 58.27 -38.39 -11.09
N ASP I 87 57.88 -37.38 -11.84
CA ASP I 87 58.82 -36.38 -12.29
C ASP I 87 58.55 -34.98 -11.78
N TYR I 88 57.28 -34.62 -11.56
CA TYR I 88 56.86 -33.42 -10.84
C TYR I 88 57.40 -32.14 -11.50
N TYR I 89 56.87 -31.87 -12.68
CA TYR I 89 57.18 -30.63 -13.37
C TYR I 89 56.41 -29.49 -12.74
N CYS I 90 57.10 -28.42 -12.37
CA CYS I 90 56.41 -27.21 -12.01
C CYS I 90 56.21 -26.36 -13.24
N SER I 91 55.26 -25.44 -13.18
CA SER I 91 54.87 -24.69 -14.35
C SER I 91 54.32 -23.34 -13.97
N SER I 92 54.43 -22.40 -14.89
CA SER I 92 53.94 -21.06 -14.62
C SER I 92 53.49 -20.40 -15.90
N TYR I 93 52.62 -19.43 -15.76
CA TYR I 93 52.26 -18.56 -16.85
C TYR I 93 53.21 -17.38 -16.86
N ALA I 94 53.98 -17.23 -17.92
CA ALA I 94 54.90 -16.10 -18.03
C ALA I 94 54.14 -14.89 -18.55
N GLY I 95 54.86 -13.90 -19.05
CA GLY I 95 54.22 -12.64 -19.39
C GLY I 95 53.26 -12.63 -20.56
N SER I 96 53.77 -12.79 -21.76
CA SER I 96 52.96 -12.57 -22.96
C SER I 96 52.45 -13.91 -23.51
N ASN I 97 51.53 -14.52 -22.77
CA ASN I 97 50.96 -15.80 -23.18
C ASN I 97 52.06 -16.85 -23.31
N ASN I 98 53.27 -16.48 -22.91
CA ASN I 98 54.42 -17.37 -22.98
C ASN I 98 54.12 -18.80 -22.56
N TRP I 99 53.94 -19.01 -21.26
CA TRP I 99 53.67 -20.34 -20.71
C TRP I 99 54.96 -21.15 -20.63
N VAL I 100 55.73 -20.92 -19.58
CA VAL I 100 57.00 -21.62 -19.39
C VAL I 100 56.81 -22.90 -18.59
N PHE I 101 57.87 -23.70 -18.49
CA PHE I 101 57.80 -24.96 -17.76
C PHE I 101 59.02 -25.14 -16.86
N GLY I 102 59.12 -26.33 -16.27
CA GLY I 102 60.23 -26.62 -15.38
C GLY I 102 61.19 -27.63 -15.95
N GLY I 103 61.88 -28.36 -15.09
CA GLY I 103 62.91 -29.27 -15.55
C GLY I 103 62.71 -30.71 -15.12
N GLY I 104 62.04 -30.93 -14.01
CA GLY I 104 61.68 -32.29 -13.65
C GLY I 104 62.62 -32.91 -12.64
N THR I 105 62.06 -33.46 -11.57
CA THR I 105 62.84 -34.01 -10.48
C THR I 105 62.37 -35.43 -10.24
N LYS I 106 63.24 -36.42 -10.44
CA LYS I 106 62.91 -37.79 -10.08
C LYS I 106 62.80 -37.91 -8.57
N LEU I 107 61.87 -38.73 -8.11
CA LEU I 107 61.57 -38.86 -6.69
C LEU I 107 61.45 -40.33 -6.33
N THR I 108 62.53 -40.91 -5.83
CA THR I 108 62.52 -42.32 -5.48
C THR I 108 62.32 -42.50 -3.98
N VAL I 109 62.44 -43.74 -3.52
CA VAL I 109 62.29 -44.05 -2.11
C VAL I 109 63.07 -45.31 -1.73
N LEU I 110 64.40 -45.20 -1.78
CA LEU I 110 65.27 -46.33 -1.44
C LEU I 110 65.06 -46.77 -0.01
N GLY I 111 64.20 -47.76 0.18
CA GLY I 111 63.91 -48.29 1.51
C GLY I 111 65.16 -48.78 2.21
N GLN I 112 66.17 -49.17 1.44
CA GLN I 112 67.42 -49.66 2.00
C GLN I 112 68.47 -48.56 2.06
N PRO I 113 69.72 -48.93 1.78
CA PRO I 113 70.82 -47.96 1.79
C PRO I 113 71.32 -47.64 0.38
N LYS I 114 71.56 -46.36 0.11
CA LYS I 114 72.04 -45.94 -1.20
C LYS I 114 73.15 -46.85 -1.72
N ALA I 115 73.37 -46.82 -3.03
CA ALA I 115 74.39 -47.65 -3.65
C ALA I 115 75.47 -46.74 -4.23
N ALA I 116 76.54 -47.37 -4.66
CA ALA I 116 77.69 -46.66 -5.19
C ALA I 116 77.72 -46.79 -6.69
N PRO I 117 77.76 -45.71 -7.44
CA PRO I 117 77.80 -45.84 -8.89
C PRO I 117 79.10 -46.44 -9.38
N SER I 118 79.07 -47.71 -9.74
CA SER I 118 80.25 -48.33 -10.32
C SER I 118 80.52 -47.76 -11.70
N VAL I 119 81.73 -47.23 -11.90
CA VAL I 119 82.11 -46.56 -13.12
C VAL I 119 83.13 -47.42 -13.84
N THR I 120 83.11 -47.39 -15.17
CA THR I 120 84.07 -48.12 -15.98
C THR I 120 84.32 -47.34 -17.26
N LEU I 121 85.59 -47.14 -17.60
CA LEU I 121 85.95 -46.27 -18.71
C LEU I 121 86.80 -47.06 -19.70
N PHE I 122 86.57 -46.82 -20.99
CA PHE I 122 87.28 -47.50 -22.07
C PHE I 122 87.75 -46.49 -23.09
N PRO I 123 88.99 -46.62 -23.56
CA PRO I 123 89.50 -45.75 -24.62
C PRO I 123 89.17 -46.31 -25.99
N PRO I 124 89.32 -45.52 -27.05
CA PRO I 124 89.03 -46.03 -28.40
C PRO I 124 89.91 -47.22 -28.75
N SER I 125 89.27 -48.28 -29.25
CA SER I 125 89.99 -49.49 -29.62
C SER I 125 91.00 -49.19 -30.72
N SER I 126 91.77 -50.21 -31.10
CA SER I 126 92.78 -50.05 -32.14
C SER I 126 92.16 -49.94 -33.53
N GLU I 127 91.19 -50.80 -33.85
CA GLU I 127 90.55 -50.74 -35.16
C GLU I 127 89.90 -49.38 -35.38
N GLU I 128 89.35 -48.78 -34.32
CA GLU I 128 88.77 -47.46 -34.45
C GLU I 128 89.84 -46.42 -34.70
N LEU I 129 91.02 -46.57 -34.08
CA LEU I 129 92.13 -45.70 -34.39
C LEU I 129 92.51 -45.79 -35.87
N GLN I 130 92.58 -47.01 -36.40
CA GLN I 130 92.80 -47.18 -37.82
C GLN I 130 91.64 -46.65 -38.65
N ALA I 131 90.45 -46.54 -38.06
CA ALA I 131 89.26 -46.07 -38.75
C ALA I 131 89.15 -44.55 -38.76
N ASN I 132 90.22 -43.84 -38.40
CA ASN I 132 90.29 -42.39 -38.50
C ASN I 132 89.28 -41.71 -37.56
N LYS I 133 88.95 -42.38 -36.47
CA LYS I 133 88.05 -41.82 -35.47
C LYS I 133 88.39 -42.38 -34.10
N ALA I 134 87.69 -41.88 -33.09
CA ALA I 134 87.99 -42.22 -31.71
C ALA I 134 86.78 -41.94 -30.85
N THR I 135 86.48 -42.83 -29.91
CA THR I 135 85.36 -42.65 -29.01
C THR I 135 85.72 -43.18 -27.63
N LEU I 136 85.55 -42.34 -26.63
CA LEU I 136 85.69 -42.74 -25.23
C LEU I 136 84.35 -43.23 -24.72
N VAL I 137 84.38 -44.27 -23.88
CA VAL I 137 83.17 -44.95 -23.44
C VAL I 137 83.15 -44.96 -21.91
N CYS I 138 82.17 -44.29 -21.32
CA CYS I 138 82.03 -44.21 -19.87
C CYS I 138 80.72 -44.88 -19.48
N LEU I 139 80.80 -45.98 -18.74
CA LEU I 139 79.64 -46.73 -18.31
C LEU I 139 79.44 -46.57 -16.81
N ILE I 140 78.20 -46.36 -16.40
CA ILE I 140 77.84 -46.20 -14.99
C ILE I 140 76.79 -47.26 -14.69
N SER I 141 76.90 -47.88 -13.51
CA SER I 141 75.95 -48.94 -13.19
C SER I 141 75.73 -49.03 -11.70
N ASP I 142 74.58 -49.59 -11.32
CA ASP I 142 74.26 -49.92 -9.94
C ASP I 142 74.35 -48.73 -9.01
N PHE I 143 73.49 -47.72 -9.21
CA PHE I 143 73.57 -46.51 -8.40
C PHE I 143 72.20 -46.08 -7.91
N TYR I 144 71.50 -47.06 -7.34
CA TYR I 144 70.15 -46.95 -6.82
C TYR I 144 69.46 -45.65 -7.20
N PRO I 145 69.69 -44.63 -6.38
CA PRO I 145 69.09 -43.32 -6.59
C PRO I 145 69.66 -42.69 -7.85
N GLY I 146 68.77 -42.37 -8.80
CA GLY I 146 69.19 -42.15 -10.18
C GLY I 146 69.67 -40.78 -10.62
N ALA I 147 69.97 -39.88 -9.69
CA ALA I 147 70.33 -38.52 -10.08
C ALA I 147 71.80 -38.35 -10.44
N VAL I 148 72.31 -39.19 -11.34
CA VAL I 148 73.72 -39.11 -11.71
C VAL I 148 73.92 -37.97 -12.71
N THR I 149 75.11 -37.36 -12.68
CA THR I 149 75.54 -36.50 -13.77
C THR I 149 77.02 -36.74 -14.05
N VAL I 150 77.49 -36.31 -15.21
CA VAL I 150 78.80 -36.69 -15.73
C VAL I 150 79.52 -35.44 -16.23
N ALA I 151 80.85 -35.44 -16.10
CA ALA I 151 81.70 -34.42 -16.67
C ALA I 151 82.95 -35.07 -17.25
N TRP I 152 83.42 -34.54 -18.39
CA TRP I 152 84.53 -35.12 -19.12
C TRP I 152 85.75 -34.21 -19.06
N LYS I 153 86.92 -34.84 -18.99
CA LYS I 153 88.16 -34.14 -18.73
C LYS I 153 89.23 -34.51 -19.75
N GLY I 154 89.80 -33.49 -20.40
CA GLY I 154 91.09 -33.60 -21.06
C GLY I 154 92.15 -33.25 -20.02
N ASP I 155 93.43 -33.44 -20.38
CA ASP I 155 94.51 -33.63 -19.40
C ASP I 155 94.31 -32.86 -18.10
N SER I 156 93.89 -31.60 -18.19
CA SER I 156 93.58 -30.81 -17.01
C SER I 156 92.26 -30.04 -17.13
N SER I 157 91.70 -29.92 -18.30
CA SER I 157 90.55 -29.04 -18.41
C SER I 157 89.27 -29.84 -18.63
N PRO I 158 88.12 -29.26 -18.33
CA PRO I 158 86.86 -29.90 -18.72
C PRO I 158 86.56 -29.66 -20.18
N VAL I 159 85.78 -30.58 -20.75
CA VAL I 159 85.36 -30.49 -22.15
C VAL I 159 83.85 -30.59 -22.21
N LYS I 160 83.24 -29.92 -23.19
CA LYS I 160 81.78 -29.93 -23.35
C LYS I 160 81.33 -30.13 -24.79
N ALA I 161 82.15 -30.74 -25.63
CA ALA I 161 81.80 -30.97 -27.03
C ALA I 161 82.12 -32.41 -27.43
N GLY I 162 81.18 -33.03 -28.13
CA GLY I 162 81.36 -34.41 -28.58
C GLY I 162 80.93 -35.46 -27.59
N VAL I 163 80.13 -35.12 -26.60
CA VAL I 163 79.74 -36.07 -25.56
C VAL I 163 78.23 -36.29 -25.63
N GLU I 164 77.81 -37.54 -25.50
CA GLU I 164 76.41 -37.93 -25.47
C GLU I 164 76.17 -38.74 -24.20
N THR I 165 75.03 -38.49 -23.56
CA THR I 165 74.75 -39.08 -22.25
C THR I 165 73.37 -39.71 -22.24
N THR I 166 73.31 -41.02 -21.98
CA THR I 166 72.04 -41.71 -21.84
C THR I 166 71.33 -41.25 -20.58
N THR I 167 70.02 -41.23 -20.63
CA THR I 167 69.23 -41.08 -19.41
C THR I 167 69.32 -42.37 -18.62
N PRO I 168 69.21 -42.32 -17.30
CA PRO I 168 69.32 -43.53 -16.51
C PRO I 168 68.21 -44.51 -16.82
N SER I 169 68.56 -45.78 -16.87
CA SER I 169 67.63 -46.85 -17.20
C SER I 169 67.63 -47.89 -16.09
N LYS I 170 66.44 -48.38 -15.75
CA LYS I 170 66.31 -49.33 -14.66
C LYS I 170 66.65 -50.74 -15.11
N GLN I 171 67.42 -51.44 -14.29
CA GLN I 171 67.83 -52.81 -14.57
C GLN I 171 66.84 -53.78 -13.94
N SER I 172 67.21 -55.06 -13.90
CA SER I 172 66.38 -56.05 -13.22
C SER I 172 66.38 -55.85 -11.71
N ASN I 173 67.56 -55.65 -11.12
CA ASN I 173 67.69 -55.44 -9.69
C ASN I 173 67.11 -54.10 -9.25
N ASN I 174 66.42 -53.40 -10.15
CA ASN I 174 65.70 -52.18 -9.82
C ASN I 174 66.64 -51.07 -9.37
N LYS I 175 67.91 -51.18 -9.75
CA LYS I 175 68.75 -50.00 -9.76
C LYS I 175 68.99 -49.55 -11.21
N TYR I 176 69.83 -48.55 -11.37
CA TYR I 176 69.94 -47.87 -12.64
C TYR I 176 71.28 -48.11 -13.32
N ALA I 177 71.37 -47.64 -14.56
CA ALA I 177 72.56 -47.75 -15.38
C ALA I 177 72.52 -46.62 -16.40
N ALA I 178 73.69 -46.20 -16.85
CA ALA I 178 73.78 -45.10 -17.81
C ALA I 178 75.08 -45.24 -18.57
N SER I 179 75.22 -44.42 -19.61
CA SER I 179 76.38 -44.49 -20.47
C SER I 179 76.60 -43.14 -21.14
N SER I 180 77.85 -42.85 -21.47
CA SER I 180 78.21 -41.62 -22.15
C SER I 180 79.35 -41.89 -23.11
N TYR I 181 79.35 -41.16 -24.22
CA TYR I 181 80.28 -41.35 -25.31
C TYR I 181 80.96 -40.03 -25.60
N LEU I 182 82.25 -40.09 -25.93
CA LEU I 182 83.04 -38.92 -26.25
C LEU I 182 83.61 -39.10 -27.65
N SER I 183 83.35 -38.14 -28.53
CA SER I 183 83.83 -38.19 -29.89
C SER I 183 85.16 -37.45 -30.00
N LEU I 184 86.12 -38.07 -30.68
CA LEU I 184 87.47 -37.51 -30.79
C LEU I 184 88.07 -37.94 -32.11
N THR I 185 88.81 -37.02 -32.72
CA THR I 185 89.70 -37.45 -33.78
C THR I 185 90.98 -38.03 -33.18
N PRO I 186 91.52 -39.12 -33.76
CA PRO I 186 92.68 -39.77 -33.14
C PRO I 186 93.85 -38.84 -32.90
N GLU I 187 94.00 -37.79 -33.72
CA GLU I 187 95.07 -36.84 -33.47
C GLU I 187 94.81 -36.05 -32.19
N GLN I 188 93.54 -35.77 -31.87
CA GLN I 188 93.23 -35.21 -30.57
C GLN I 188 93.34 -36.26 -29.47
N TRP I 189 93.11 -37.52 -29.82
CA TRP I 189 93.28 -38.60 -28.85
C TRP I 189 94.71 -38.67 -28.36
N LYS I 190 95.68 -38.57 -29.26
CA LYS I 190 97.08 -38.56 -28.86
C LYS I 190 97.58 -37.17 -28.50
N SER I 191 96.82 -36.12 -28.84
CA SER I 191 97.19 -34.76 -28.46
C SER I 191 97.29 -34.63 -26.95
N HIS I 192 96.20 -34.90 -26.25
CA HIS I 192 96.21 -34.80 -24.79
C HIS I 192 96.69 -36.11 -24.19
N ARG I 193 97.47 -36.01 -23.11
CA ARG I 193 98.15 -37.18 -22.57
C ARG I 193 97.18 -38.12 -21.85
N SER I 194 96.05 -37.62 -21.39
CA SER I 194 95.08 -38.51 -20.75
C SER I 194 93.74 -37.82 -20.63
N TYR I 195 92.67 -38.60 -20.63
CA TYR I 195 91.33 -38.12 -20.41
C TYR I 195 90.72 -38.84 -19.23
N SER I 196 89.57 -38.33 -18.78
CA SER I 196 88.86 -38.98 -17.68
C SER I 196 87.38 -38.67 -17.74
N CYS I 197 86.60 -39.58 -17.15
CA CYS I 197 85.17 -39.41 -16.96
C CYS I 197 84.91 -39.37 -15.46
N GLN I 198 84.26 -38.30 -15.00
CA GLN I 198 83.87 -38.18 -13.61
C GLN I 198 82.35 -38.19 -13.53
N VAL I 199 81.82 -38.77 -12.45
CA VAL I 199 80.37 -38.84 -12.24
C VAL I 199 80.12 -38.33 -10.83
N THR I 200 79.11 -37.48 -10.70
CA THR I 200 78.69 -36.98 -9.40
C THR I 200 77.29 -37.48 -9.10
N HIS I 201 77.06 -37.79 -7.84
CA HIS I 201 75.89 -38.54 -7.39
C HIS I 201 75.72 -38.26 -5.91
N GLU I 202 74.65 -37.53 -5.56
CA GLU I 202 74.36 -37.16 -4.17
C GLU I 202 75.54 -36.43 -3.52
N GLY I 203 76.10 -35.45 -4.20
CA GLY I 203 77.25 -34.74 -3.66
C GLY I 203 78.53 -35.52 -3.88
N SER I 204 78.51 -36.81 -3.58
CA SER I 204 79.67 -37.68 -3.79
C SER I 204 80.08 -37.66 -5.25
N THR I 205 81.33 -38.04 -5.50
CA THR I 205 81.89 -38.07 -6.84
C THR I 205 82.87 -39.22 -6.94
N VAL I 206 82.85 -39.92 -8.07
CA VAL I 206 83.89 -40.88 -8.39
C VAL I 206 84.30 -40.64 -9.85
N GLU I 207 85.59 -40.71 -10.11
CA GLU I 207 86.13 -40.46 -11.43
C GLU I 207 87.07 -41.60 -11.82
N LYS I 208 87.10 -41.92 -13.10
CA LYS I 208 88.10 -42.83 -13.66
C LYS I 208 88.82 -42.12 -14.78
N THR I 209 90.03 -42.60 -15.09
CA THR I 209 90.93 -41.91 -16.00
C THR I 209 91.68 -42.93 -16.85
N VAL I 210 91.92 -42.59 -18.12
CA VAL I 210 92.73 -43.40 -19.01
C VAL I 210 93.65 -42.49 -19.81
N ALA I 211 94.87 -42.98 -20.05
CA ALA I 211 95.86 -42.28 -20.84
C ALA I 211 96.11 -43.08 -22.11
N PRO I 212 96.28 -42.40 -23.24
CA PRO I 212 96.65 -43.11 -24.47
C PRO I 212 97.94 -43.91 -24.31
N THR I 213 97.80 -45.23 -24.34
CA THR I 213 98.91 -46.18 -24.24
C THR I 213 99.90 -45.82 -23.13
C1 NAG J . 40.49 -17.03 7.27
C2 NAG J . 40.81 -18.13 8.25
C3 NAG J . 41.82 -17.60 9.27
C4 NAG J . 43.01 -16.95 8.56
C5 NAG J . 42.57 -16.03 7.41
C6 NAG J . 43.70 -15.64 6.50
C7 NAG J . 39.60 -19.83 9.55
C8 NAG J . 38.29 -20.20 10.19
N2 NAG J . 39.62 -18.64 8.92
O3 NAG J . 42.27 -18.64 10.14
O4 NAG J . 43.77 -16.16 9.48
O5 NAG J . 41.62 -16.70 6.58
O6 NAG J . 43.21 -15.12 5.27
O7 NAG J . 40.58 -20.55 9.60
C1 NAG J . 44.89 -16.95 10.09
C2 NAG J . 46.01 -16.03 10.01
C3 NAG J . 47.26 -16.63 10.66
C4 NAG J . 46.93 -17.12 12.08
C5 NAG J . 45.69 -18.01 12.02
C6 NAG J . 45.17 -18.40 13.39
C7 NAG J . 46.32 -14.26 8.32
C8 NAG J . 46.69 -13.96 6.89
N2 NAG J . 46.31 -15.55 8.67
O3 NAG J . 48.33 -15.69 10.72
O4 NAG J . 48.03 -17.85 12.61
O5 NAG J . 44.62 -17.32 11.33
O6 NAG J . 45.19 -19.81 13.58
O7 NAG J . 46.03 -13.37 9.11
C1 NAG K . 3.48 60.35 56.36
C2 NAG K . 4.01 61.63 57.00
C3 NAG K . 3.65 62.84 56.15
C4 NAG K . 4.13 62.65 54.72
C5 NAG K . 3.61 61.34 54.17
C6 NAG K . 4.17 61.00 52.81
C7 NAG K . 4.27 61.63 59.44
C8 NAG K . 3.59 61.82 60.76
N2 NAG K . 3.50 61.78 58.36
O3 NAG K . 4.25 64.00 56.72
O4 NAG K . 3.62 63.72 53.92
O5 NAG K . 3.99 60.25 55.03
O6 NAG K . 3.48 59.91 52.22
O7 NAG K . 5.45 61.34 59.36
C1 NAG K . 4.64 64.32 53.07
C2 NAG K . 3.96 64.98 51.86
C3 NAG K . 4.99 65.72 51.01
C4 NAG K . 5.88 66.61 51.86
C5 NAG K . 6.44 65.86 53.06
C6 NAG K . 7.18 66.75 54.02
C7 NAG K . 1.96 64.13 50.72
C8 NAG K . 1.39 63.04 49.87
N2 NAG K . 3.24 64.00 51.05
O3 NAG K . 4.29 66.50 50.05
O4 NAG K . 6.96 67.09 51.06
O5 NAG K . 5.36 65.29 53.80
O6 NAG K . 6.27 67.47 54.84
O7 NAG K . 1.28 65.08 51.11
C1 NAG L . 15.71 48.50 66.08
C2 NAG L . 16.12 49.37 64.92
C3 NAG L . 17.27 48.71 64.15
C4 NAG L . 18.38 48.20 65.08
C5 NAG L . 17.83 47.54 66.35
C6 NAG L . 18.88 47.31 67.41
C7 NAG L . 14.43 50.77 63.82
C8 NAG L . 13.26 50.78 62.88
N2 NAG L . 14.99 49.58 64.03
O3 NAG L . 17.81 49.65 63.23
O4 NAG L . 19.10 47.19 64.38
O5 NAG L . 16.80 48.34 66.95
O6 NAG L . 19.94 48.25 67.32
O7 NAG L . 14.82 51.79 64.36
C1 NAG L . 20.58 46.83 64.12
C2 NAG L . 20.93 45.42 63.62
C3 NAG L . 22.43 45.30 63.32
C4 NAG L . 22.85 46.41 62.37
C5 NAG L . 22.44 47.76 62.92
C6 NAG L . 22.72 48.89 61.96
C7 NAG L . 20.80 44.03 65.74
C8 NAG L . 21.80 44.91 66.44
N2 NAG L . 20.45 44.32 64.48
O3 NAG L . 22.69 44.04 62.71
O4 NAG L . 24.26 46.36 62.18
O5 NAG L . 21.03 47.79 63.19
O6 NAG L . 21.73 48.94 60.95
O7 NAG L . 20.31 43.06 66.32
C1 NAG M . 7.76 59.26 77.21
C2 NAG M . 8.91 60.24 77.26
C3 NAG M . 8.70 61.22 78.41
C4 NAG M . 7.32 61.88 78.32
C5 NAG M . 6.22 60.85 78.07
C6 NAG M . 4.90 61.46 77.68
C7 NAG M . 11.08 59.44 76.44
C8 NAG M . 12.32 58.69 76.77
N2 NAG M . 10.18 59.56 77.42
O3 NAG M . 9.71 62.23 78.36
O4 NAG M . 7.07 62.51 79.56
O5 NAG M . 6.57 59.95 77.01
O6 NAG M . 3.88 61.14 78.61
O7 NAG M . 10.88 59.92 75.32
C1 NAG M . 6.52 63.84 79.46
C2 NAG M . 6.51 64.45 80.85
C3 NAG M . 5.96 65.87 80.81
C4 NAG M . 6.73 66.70 79.80
C5 NAG M . 6.79 65.99 78.45
C6 NAG M . 7.70 66.68 77.46
C7 NAG M . 4.46 63.36 81.72
C8 NAG M . 3.89 62.51 82.81
N2 NAG M . 5.76 63.63 81.80
O3 NAG M . 6.07 66.44 82.11
O4 NAG M . 6.10 67.96 79.63
O5 NAG M . 7.29 64.66 78.60
O6 NAG M . 9.04 66.24 77.61
O7 NAG M . 3.75 63.80 80.81
C1 NAG N . -33.05 -29.73 -0.57
C2 NAG N . -34.51 -29.42 -0.85
C3 NAG N . -35.34 -29.84 0.37
C4 NAG N . -35.01 -31.28 0.78
C5 NAG N . -33.50 -31.56 0.79
C6 NAG N . -33.17 -33.03 0.88
C7 NAG N . -35.82 -27.57 -1.78
C8 NAG N . -35.87 -26.10 -2.04
N2 NAG N . -34.72 -28.02 -1.17
O3 NAG N . -36.73 -29.69 0.09
O4 NAG N . -35.52 -31.55 2.08
O5 NAG N . -32.91 -31.09 -0.41
O6 NAG N . -31.82 -33.26 0.51
O7 NAG N . -36.73 -28.33 -2.12
C1 NAG N . -36.95 -31.95 2.09
C2 NAG N . -36.87 -33.05 3.04
C3 NAG N . -38.22 -33.74 3.20
C4 NAG N . -39.31 -32.71 3.49
C5 NAG N . -39.23 -31.58 2.46
C6 NAG N . -40.15 -30.41 2.77
C7 NAG N . -34.83 -34.32 3.62
C8 NAG N . -33.86 -35.37 3.17
N2 NAG N . -35.82 -34.02 2.76
O3 NAG N . -38.19 -34.73 4.22
O4 NAG N . -40.59 -33.31 3.44
O5 NAG N . -37.88 -31.08 2.40
O6 NAG N . -41.10 -30.21 1.74
O7 NAG N . -34.72 -33.76 4.70
C1 NAG O . -4.36 19.41 80.22
C2 NAG O . -4.30 19.16 81.73
C3 NAG O . -2.86 18.94 82.17
C4 NAG O . -2.21 17.83 81.34
C5 NAG O . -2.37 18.12 79.86
C6 NAG O . -1.90 17.00 78.98
C7 NAG O . -6.06 20.16 83.12
C8 NAG O . -6.52 21.38 83.83
N2 NAG O . -4.90 20.26 82.48
O3 NAG O . -2.83 18.60 83.55
O4 NAG O . -0.83 17.77 81.65
O5 NAG O . -3.75 18.33 79.55
O6 NAG O . -1.83 17.40 77.62
O7 NAG O . -6.71 19.12 83.11
C1 NAG O . -0.36 16.42 81.91
C2 NAG O . 1.15 16.34 81.63
C3 NAG O . 1.69 14.96 81.99
C4 NAG O . 1.23 14.53 83.38
C5 NAG O . -0.27 14.71 83.55
C6 NAG O . -0.73 14.47 84.97
C7 NAG O . 2.33 17.57 79.87
C8 NAG O . 2.52 17.75 78.39
N2 NAG O . 1.45 16.63 80.24
O3 NAG O . 3.11 15.00 81.95
O4 NAG O . 1.56 13.15 83.58
O5 NAG O . -0.62 16.07 83.25
O6 NAG O . -0.46 15.60 85.79
O7 NAG O . 2.93 18.26 80.69
C1 NAG P . -21.02 26.21 91.67
C2 NAG P . -21.01 25.15 92.75
C3 NAG P . -21.11 25.82 94.12
C4 NAG P . -20.04 26.89 94.29
C5 NAG P . -19.98 27.82 93.07
C6 NAG P . -18.76 28.72 93.06
C7 NAG P . -21.89 22.95 92.15
C8 NAG P . -23.12 22.10 92.00
N2 NAG P . -22.09 24.20 92.57
O3 NAG P . -20.95 24.83 95.13
O4 NAG P . -20.40 27.68 95.42
O5 NAG P . -19.95 27.08 91.85
O6 NAG P . -19.11 30.08 93.06
O7 NAG P . -20.77 22.52 91.89
C1 NAG P . -19.30 27.98 96.31
C2 NAG P . -19.89 28.62 97.56
C3 NAG P . -18.78 28.94 98.55
C4 NAG P . -17.97 27.69 98.85
C5 NAG P . -17.49 27.04 97.56
C6 NAG P . -16.84 25.69 97.79
C7 NAG P . -20.17 30.93 96.69
C8 NAG P . -21.15 32.03 96.47
N2 NAG P . -20.67 29.82 97.25
O3 NAG P . -19.37 29.43 99.76
O4 NAG P . -16.84 28.04 99.64
O5 NAG P . -18.59 26.81 96.68
O6 NAG P . -17.80 24.65 97.82
O7 NAG P . -18.99 31.04 96.38
C1 NAG Q . -2.00 31.04 -31.83
C2 NAG Q . -0.97 32.12 -32.07
C3 NAG Q . -1.65 33.48 -31.92
C4 NAG Q . -2.91 33.55 -32.79
C5 NAG Q . -3.77 32.28 -32.66
C6 NAG Q . -4.82 32.17 -33.73
C7 NAG Q . 1.33 32.61 -31.38
C8 NAG Q . 2.39 32.41 -30.33
N2 NAG Q . 0.16 32.01 -31.15
O3 NAG Q . -0.75 34.54 -32.27
O4 NAG Q . -3.72 34.66 -32.42
O5 NAG Q . -2.96 31.12 -32.80
O6 NAG Q . -5.34 30.84 -33.82
O7 NAG Q . 1.54 33.30 -32.37
C1 NAG Q . -3.40 35.87 -33.21
C2 NAG Q . -4.72 36.37 -33.54
C3 NAG Q . -4.61 37.69 -34.32
C4 NAG Q . -3.72 38.66 -33.58
C5 NAG Q . -2.40 37.98 -33.21
C6 NAG Q . -1.52 38.81 -32.31
C7 NAG Q . -6.77 35.02 -33.80
C8 NAG Q . -7.53 34.06 -34.68
N2 NAG Q . -5.57 35.42 -34.24
O3 NAG Q . -5.89 38.26 -34.57
O4 NAG Q . -3.45 39.80 -34.39
O5 NAG Q . -2.68 36.74 -32.53
O6 NAG Q . -0.27 39.11 -32.92
O7 NAG Q . -7.23 35.41 -32.73
C1 NAG R . -40.94 41.91 58.34
C2 NAG R . -42.14 42.63 58.96
C3 NAG R . -43.21 41.62 59.35
C4 NAG R . -43.59 40.76 58.16
C5 NAG R . -42.35 40.13 57.55
C6 NAG R . -42.62 39.39 56.27
C7 NAG R . -41.69 44.74 60.14
C8 NAG R . -41.25 45.38 61.41
N2 NAG R . -41.73 43.41 60.13
O3 NAG R . -44.36 42.32 59.83
O4 NAG R . -44.47 39.72 58.59
O5 NAG R . -41.39 41.14 57.23
O6 NAG R . -41.50 38.62 55.88
O7 NAG R . -42.00 45.39 59.15
C1 NAG R . -45.64 39.58 57.75
C2 NAG R . -46.18 38.14 57.87
C3 NAG R . -47.47 37.99 57.07
C4 NAG R . -48.45 39.11 57.38
C5 NAG R . -47.78 40.46 57.28
C6 NAG R . -48.67 41.60 57.75
C7 NAG R . -44.81 36.13 58.17
C8 NAG R . -43.80 35.21 57.55
N2 NAG R . -45.21 37.17 57.43
O3 NAG R . -48.05 36.74 57.41
O4 NAG R . -49.53 39.06 56.45
O5 NAG R . -46.64 40.49 58.13
O6 NAG R . -48.69 41.66 59.16
O7 NAG R . -45.24 35.96 59.32
C1 NAG S . -37.16 61.33 66.30
C2 NAG S . -38.52 61.95 66.04
C3 NAG S . -39.01 62.65 67.29
C4 NAG S . -38.98 61.72 68.50
C5 NAG S . -37.64 60.98 68.60
C6 NAG S . -37.68 59.83 69.58
C7 NAG S . -38.99 62.62 63.72
C8 NAG S . -38.83 63.69 62.68
N2 NAG S . -38.46 62.88 64.92
O3 NAG S . -40.33 63.13 67.08
O4 NAG S . -39.13 62.53 69.66
O5 NAG S . -37.27 60.40 67.33
O6 NAG S . -36.72 60.01 70.61
O7 NAG S . -39.58 61.57 63.48
C1 NAG S . -40.04 61.99 70.63
C2 NAG S . -40.24 63.06 71.70
C3 NAG S . -41.24 62.57 72.75
C4 NAG S . -42.53 62.13 72.09
C5 NAG S . -42.27 61.14 70.96
C6 NAG S . -43.49 60.82 70.16
C7 NAG S . -38.20 62.65 73.03
C8 NAG S . -36.95 63.28 73.57
N2 NAG S . -38.99 63.46 72.31
O3 NAG S . -41.49 63.63 73.67
O4 NAG S . -43.39 61.52 73.06
O5 NAG S . -41.30 61.67 70.05
O6 NAG S . -43.68 61.76 69.11
O7 NAG S . -38.46 61.47 73.22
C1 NAG T . 54.28 16.89 -23.89
C2 NAG T . 54.77 16.00 -25.04
C3 NAG T . 54.35 14.56 -24.76
C4 NAG T . 54.93 14.12 -23.41
C5 NAG T . 54.44 15.08 -22.32
C6 NAG T . 55.07 14.69 -20.98
C7 NAG T . 54.72 17.45 -27.01
C8 NAG T . 54.09 17.90 -28.29
N2 NAG T . 54.15 16.45 -26.30
O3 NAG T . 54.86 13.71 -25.79
O4 NAG T . 54.49 12.80 -23.11
O5 NAG T . 54.83 16.41 -22.66
O6 NAG T . 54.52 15.52 -19.95
O7 NAG T . 55.74 17.98 -26.60
C1 NAG T . 54.75 11.14 -23.40
C2 NAG T . 54.27 10.06 -22.44
C3 NAG T . 54.63 8.68 -23.02
C4 NAG T . 53.99 8.56 -24.41
C5 NAG T . 54.49 9.70 -25.29
C6 NAG T . 53.82 9.62 -26.67
C7 NAG T . 54.41 11.06 -20.23
C8 NAG T . 55.09 11.23 -18.89
N2 NAG T . 54.93 10.22 -21.15
O3 NAG T . 54.12 7.65 -22.17
O4 NAG T . 54.38 7.31 -25.00
O5 NAG T . 54.15 10.95 -24.68
O6 NAG T . 54.35 10.62 -27.53
O7 NAG T . 53.41 11.68 -20.48
C1 NAG U . 33.19 16.79 35.81
C2 NAG U . 31.88 16.62 36.55
C3 NAG U . 32.07 16.73 38.06
C4 NAG U . 33.23 15.85 38.53
C5 NAG U . 34.47 16.08 37.67
C6 NAG U . 35.60 15.15 38.08
C7 NAG U . 29.72 17.72 36.67
C8 NAG U . 29.19 19.12 36.80
N2 NAG U . 30.91 17.61 36.10
O3 NAG U . 30.87 16.33 38.73
O4 NAG U . 33.53 16.16 39.89
O5 NAG U . 34.14 15.85 36.30
O6 NAG U . 35.92 14.27 37.00
O7 NAG U . 29.08 16.75 37.07
C1 NAG U . 34.69 15.50 41.19
C2 NAG U . 35.81 16.45 41.64
C3 NAG U . 36.30 16.04 43.03
C4 NAG U . 35.12 16.03 43.99
C5 NAG U . 34.03 15.10 43.46
C6 NAG U . 32.82 15.14 44.39
C7 NAG U . 36.91 17.14 39.56
C8 NAG U . 38.05 17.07 38.58
N2 NAG U . 36.92 16.38 40.68
O3 NAG U . 37.30 16.96 43.48
O4 NAG U . 35.55 15.58 45.28
O5 NAG U . 33.64 15.53 42.15
O6 NAG U . 31.85 14.19 43.95
O7 NAG U . 35.97 17.88 39.35
C1 NAG V . -9.27 64.54 38.65
C2 NAG V . -9.65 66.01 38.72
C3 NAG V . -9.69 66.59 37.31
C4 NAG V . -8.39 66.35 36.58
C5 NAG V . -7.98 64.88 36.65
C6 NAG V . -6.59 64.62 36.16
C7 NAG V . -11.12 67.09 40.35
C8 NAG V . -12.50 67.16 40.93
N2 NAG V . -10.93 66.19 39.38
O3 NAG V . -9.94 67.99 37.39
O4 NAG V . -8.63 66.67 35.21
O5 NAG V . -8.02 64.41 38.02
O6 NAG V . -6.50 63.39 35.45
O7 NAG V . -10.21 67.82 40.74
C1 NAG V . -7.70 67.63 34.29
C2 NAG V . -7.60 67.54 32.76
C3 NAG V . -6.88 68.75 32.18
C4 NAG V . -7.56 70.03 32.66
C5 NAG V . -7.71 70.03 34.18
C6 NAG V . -8.52 71.20 34.68
C7 NAG V . -5.81 65.75 32.47
C8 NAG V . -4.84 66.54 33.31
N2 NAG V . -7.04 66.28 32.27
O3 NAG V . -6.88 68.69 30.76
O4 NAG V . -6.80 71.16 32.26
O5 NAG V . -8.37 68.85 34.64
O6 NAG V . -9.72 71.34 33.93
O7 NAG V . -5.50 64.67 31.99
C1 NAG W . 6.99 44.32 91.28
C2 NAG W . 8.41 43.94 91.65
C3 NAG W . 8.40 42.89 92.75
C4 NAG W . 7.63 43.41 93.95
C5 NAG W . 6.22 43.77 93.52
C6 NAG W . 5.39 44.38 94.63
C7 NAG W . 10.29 44.05 90.10
C8 NAG W . 10.95 43.44 88.90
N2 NAG W . 9.16 43.46 90.50
O3 NAG W . 9.74 42.58 93.11
O4 NAG W . 7.58 42.40 94.96
O5 NAG W . 6.28 44.74 92.46
O6 NAG W . 5.62 45.77 94.75
O7 NAG W . 10.75 45.02 90.66
C1 NAG W . 8.65 41.68 96.04
C2 NAG W . 8.13 41.67 97.47
C3 NAG W . 9.14 41.02 98.40
C4 NAG W . 9.52 39.64 97.89
C5 NAG W . 9.96 39.69 96.43
C6 NAG W . 10.20 38.33 95.83
C7 NAG W . 6.58 43.53 97.83
C8 NAG W . 6.41 44.93 98.31
N2 NAG W . 7.81 43.02 97.92
O3 NAG W . 8.59 40.94 99.71
O4 NAG W . 10.57 39.10 98.68
O5 NAG W . 8.95 40.33 95.64
O6 NAG W . 8.98 37.61 95.65
O7 NAG W . 5.65 42.88 97.37
C1 NAG X . 1.50 -60.30 13.00
C2 NAG X . 1.54 -61.20 11.76
C3 NAG X . 0.69 -60.57 10.66
C4 NAG X . -0.74 -60.36 11.17
C5 NAG X . -0.69 -59.49 12.43
C6 NAG X . -2.10 -59.32 12.99
C7 NAG X . 3.73 -62.28 11.85
C8 NAG X . 5.15 -62.42 11.37
N2 NAG X . 2.92 -61.34 11.30
O3 NAG X . 0.66 -61.44 9.52
O4 NAG X . -1.51 -59.70 10.17
O5 NAG X . 0.15 -60.12 13.41
O6 NAG X . -2.07 -58.42 14.09
O7 NAG X . 3.29 -63.01 12.72
C1 NAG X . -2.39 -59.93 8.73
C2 NAG X . -3.46 -58.94 8.26
C3 NAG X . -4.03 -59.41 6.92
C4 NAG X . -2.87 -59.54 5.92
C5 NAG X . -1.83 -60.51 6.47
C6 NAG X . -0.65 -60.60 5.50
C7 NAG X . -4.43 -58.05 10.32
C8 NAG X . -5.54 -57.99 11.34
N2 NAG X . -4.54 -58.87 9.25
O3 NAG X . -4.97 -58.44 6.44
O4 NAG X . -3.38 -60.05 4.68
O5 NAG X . -1.37 -60.03 7.74
O6 NAG X . 0.27 -61.59 5.98
O7 NAG X . -3.45 -57.36 10.46
C1 NAG Y . -29.32 -12.39 40.62
C2 NAG Y . -29.32 -10.86 40.58
C3 NAG Y . -30.36 -10.29 41.54
C4 NAG Y . -31.71 -10.98 41.36
C5 NAG Y . -31.56 -12.49 41.35
C6 NAG Y . -32.90 -13.17 41.08
C7 NAG Y . -27.79 -9.04 41.05
C8 NAG Y . -26.83 -8.66 42.13
N2 NAG Y . -28.01 -10.35 40.91
O3 NAG Y . -30.50 -8.88 41.32
O4 NAG Y . -32.60 -10.58 42.42
O5 NAG Y . -30.63 -12.87 40.35
O6 NAG Y . -32.83 -13.90 39.85
O7 NAG Y . -28.33 -8.22 40.34
C1 NAG Y . -34.37 -10.88 42.85
C2 NAG Y . -34.64 -11.71 44.11
C3 NAG Y . -36.04 -11.40 44.64
C4 NAG Y . -36.15 -9.89 44.90
C5 NAG Y . -35.84 -9.14 43.61
C6 NAG Y . -35.90 -7.63 43.88
C7 NAG Y . -33.33 -13.75 43.79
C8 NAG Y . -33.24 -15.21 43.46
N2 NAG Y . -34.53 -13.14 43.79
O3 NAG Y . -36.25 -12.12 45.86
O4 NAG Y . -37.49 -9.59 45.32
O5 NAG Y . -34.53 -9.50 43.15
O6 NAG Y . -35.72 -6.92 42.65
O7 NAG Y . -32.33 -13.12 44.06
C1 NAG Z . 15.80 21.20 71.08
C2 NAG Z . 16.79 21.43 72.22
C3 NAG Z . 18.09 20.72 71.91
C4 NAG Z . 17.85 19.24 71.61
C5 NAG Z . 16.76 19.07 70.55
C6 NAG Z . 16.31 17.64 70.40
C7 NAG Z . 16.99 23.41 73.64
C8 NAG Z . 17.25 24.88 73.70
N2 NAG Z . 17.02 22.85 72.43
O3 NAG Z . 18.97 20.83 73.03
O4 NAG Z . 19.07 18.74 71.07
O5 NAG Z . 15.59 19.82 70.91
O6 NAG Z . 16.03 17.33 69.04
O7 NAG Z . 16.73 22.75 74.65
C1 NAG Z . 19.84 17.39 71.56
C2 NAG Z . 20.77 16.56 70.67
C3 NAG Z . 21.54 15.53 71.50
C4 NAG Z . 22.27 16.23 72.64
C5 NAG Z . 21.31 17.12 73.43
C6 NAG Z . 22.02 17.96 74.47
C7 NAG Z . 19.11 15.03 69.48
C8 NAG Z . 18.57 14.53 70.79
N2 NAG Z . 20.11 15.95 69.51
O3 NAG Z . 22.46 14.83 70.68
O4 NAG Z . 22.85 15.28 73.51
O5 NAG Z . 20.61 18.03 72.58
O6 NAG Z . 23.15 18.61 73.90
O7 NAG Z . 18.67 14.62 68.42
C1 NAG AA . -23.37 14.82 78.73
C2 NAG AA . -22.27 13.80 78.90
C3 NAG AA . -22.65 12.49 78.21
C4 NAG AA . -24.08 12.04 78.55
C5 NAG AA . -25.07 13.21 78.58
C6 NAG AA . -26.39 12.86 79.21
C7 NAG AA . -19.94 14.59 79.05
C8 NAG AA . -18.78 15.12 78.27
N2 NAG AA . -21.03 14.32 78.33
O3 NAG AA . -21.73 11.48 78.58
O4 NAG AA . -24.53 11.17 77.52
O5 NAG AA . -24.54 14.32 79.32
O6 NAG AA . -26.27 11.81 80.16
O7 NAG AA . -19.89 14.42 80.25
C1 NAG AA . -25.23 9.73 77.27
C2 NAG AA . -25.87 9.31 75.95
C3 NAG AA . -26.41 7.89 76.02
C4 NAG AA . -25.32 6.94 76.50
C5 NAG AA . -24.72 7.44 77.81
C6 NAG AA . -23.53 6.62 78.26
C7 NAG AA . -28.06 10.61 75.95
C8 NAG AA . -28.46 10.00 77.27
N2 NAG AA . -26.87 10.25 75.43
O3 NAG AA . -26.86 7.47 74.74
O4 NAG AA . -25.85 5.63 76.68
O5 NAG AA . -24.24 8.79 77.65
O6 NAG AA . -22.37 6.96 77.52
O7 NAG AA . -28.78 11.41 75.37
C1 NAG BA . -38.87 35.28 87.09
C2 NAG BA . -39.98 34.27 87.31
C3 NAG BA . -41.33 34.92 87.06
C4 NAG BA . -41.50 36.14 87.95
C5 NAG BA . -40.35 37.10 87.69
C6 NAG BA . -40.38 38.31 88.60
C7 NAG BA . -39.72 31.86 86.97
C8 NAG BA . -39.57 30.76 85.98
N2 NAG BA . -39.83 33.10 86.47
O3 NAG BA . -42.37 33.97 87.31
O4 NAG BA . -42.74 36.77 87.68
O5 NAG BA . -39.09 36.44 87.91
O6 NAG BA . -39.75 38.05 89.84
O7 NAG BA . -39.74 31.66 88.18
C1 NAG BA . -44.38 36.46 87.92
C2 NAG BA . -45.11 37.62 88.58
C3 NAG BA . -46.57 37.26 88.80
C4 NAG BA . -47.20 36.83 87.49
C5 NAG BA . -46.39 35.71 86.83
C6 NAG BA . -46.88 35.33 85.45
C7 NAG BA . -43.57 38.95 89.92
C8 NAG BA . -43.00 39.22 91.28
N2 NAG BA . -44.47 37.99 89.84
O3 NAG BA . -47.24 38.40 89.32
O4 NAG BA . -48.52 36.35 87.72
O5 NAG BA . -45.02 36.13 86.69
O6 NAG BA . -46.62 36.36 84.50
O7 NAG BA . -43.21 39.60 88.94
C1 NAG CA . -44.61 10.87 -41.31
C2 NAG CA . -44.32 10.31 -42.71
C3 NAG CA . -42.81 10.43 -43.00
C4 NAG CA . -42.39 11.89 -42.86
C5 NAG CA . -42.77 12.40 -41.47
C6 NAG CA . -42.40 13.88 -41.35
C7 NAG CA . -45.99 8.58 -43.04
C8 NAG CA . -46.40 7.12 -43.09
N2 NAG CA . -44.71 8.90 -42.76
O3 NAG CA . -42.55 9.97 -44.32
O4 NAG CA . -40.98 12.01 -43.06
O5 NAG CA . -44.16 12.23 -41.26
O6 NAG CA . -42.63 14.33 -40.01
O7 NAG CA . -46.81 9.45 -43.25
C1 NAG CA . -39.74 12.07 -44.22
C2 NAG CA . -38.37 12.67 -43.91
C3 NAG CA . -37.48 12.53 -45.15
C4 NAG CA . -37.40 11.06 -45.55
C5 NAG CA . -38.81 10.52 -45.79
C6 NAG CA . -38.74 9.03 -46.12
C7 NAG CA . -38.80 14.44 -42.30
C8 NAG CA . -38.94 15.90 -41.95
N2 NAG CA . -38.51 14.08 -43.57
O3 NAG CA . -36.17 13.02 -44.86
O4 NAG CA . -36.63 10.92 -46.75
O5 NAG CA . -39.60 10.70 -44.61
O6 NAG CA . -40.06 8.56 -46.46
O7 NAG CA . -38.94 13.59 -41.45
C1 NAG DA . -21.40 46.70 5.45
C2 NAG DA . -20.49 46.54 6.66
C3 NAG DA . -20.33 47.86 7.41
C4 NAG DA . -19.99 48.99 6.44
C5 NAG DA . -20.94 49.01 5.25
C6 NAG DA . -20.55 50.09 4.26
C7 NAG DA . -20.44 45.27 8.72
C8 NAG DA . -21.39 44.94 9.85
N2 NAG DA . -21.01 45.52 7.55
O3 NAG DA . -19.30 47.73 8.39
O4 NAG DA . -20.08 50.24 7.14
O5 NAG DA . -20.91 47.73 4.61
O6 NAG DA . -20.17 49.48 3.01
O7 NAG DA . -19.24 45.31 8.89
C1 NAG DA . -19.73 52.03 6.73
C2 NAG DA . -20.96 52.95 6.69
C3 NAG DA . -20.50 54.39 6.91
C4 NAG DA . -19.74 54.49 8.25
C5 NAG DA . -18.57 53.50 8.22
C6 NAG DA . -17.85 53.54 9.57
C7 NAG DA . -22.51 51.86 5.16
C8 NAG DA . -23.20 51.75 3.83
N2 NAG DA . -21.61 52.84 5.38
O3 NAG DA . -21.64 55.27 6.94
O4 NAG DA . -19.25 55.82 8.42
O5 NAG DA . -19.07 52.19 7.98
O6 NAG DA . -16.69 52.71 9.52
O7 NAG DA . -22.78 51.07 6.05
C1 NAG EA . -42.86 19.79 59.38
C2 NAG EA . -43.94 19.50 60.39
C3 NAG EA . -44.75 18.29 59.94
C4 NAG EA . -45.30 18.47 58.54
C5 NAG EA . -44.19 18.92 57.58
C6 NAG EA . -44.71 19.36 56.23
C7 NAG EA . -43.85 19.85 62.82
C8 NAG EA . -43.16 19.51 64.09
N2 NAG EA . -43.38 19.26 61.71
O3 NAG EA . -45.83 18.07 60.85
O4 NAG EA . -45.78 17.21 58.12
O5 NAG EA . -43.46 20.03 58.11
O6 NAG EA . -43.85 18.95 55.18
O7 NAG EA . -44.80 20.63 62.77
C1 NAG EA . -47.24 16.91 57.46
C2 NAG EA . -47.55 15.75 56.52
C3 NAG EA . -49.05 15.60 56.32
C4 NAG EA . -49.74 15.46 57.67
C5 NAG EA . -49.33 16.61 58.60
C6 NAG EA . -49.86 16.43 60.01
C7 NAG EA . -46.88 16.73 54.27
C8 NAG EA . -47.80 17.90 54.46
N2 NAG EA . -46.82 15.80 55.25
O3 NAG EA . -49.33 14.45 55.51
O4 NAG EA . -51.16 15.49 57.50
O5 NAG EA . -47.90 16.69 58.71
O6 NAG EA . -49.61 15.11 60.48
O7 NAG EA . -46.19 16.62 53.25
C1 NAG FA . -34.00 57.99 49.51
C2 NAG FA . -35.20 57.21 49.04
C3 NAG FA . -35.32 57.32 47.52
C4 NAG FA . -35.16 58.76 47.01
C5 NAG FA . -34.06 59.53 47.75
C6 NAG FA . -34.09 61.02 47.51
C7 NAG FA . -35.89 55.20 50.28
C8 NAG FA . -35.58 53.76 50.55
N2 NAG FA . -35.07 55.81 49.42
O3 NAG FA . -36.58 56.80 47.12
O4 NAG FA . -34.77 58.72 45.64
O5 NAG FA . -34.15 59.33 49.17
O6 NAG FA . -35.40 61.48 47.21
O7 NAG FA . -36.83 55.78 50.81
C1 NAG FA . -35.16 59.32 44.24
C2 NAG FA . -34.23 59.25 43.04
C3 NAG FA . -34.86 59.88 41.79
C4 NAG FA . -36.23 59.26 41.54
C5 NAG FA . -37.10 59.36 42.80
C6 NAG FA . -38.41 58.64 42.64
C7 NAG FA . -32.48 61.02 43.59
C8 NAG FA . -33.54 62.07 43.72
N2 NAG FA . -32.87 59.76 43.28
O3 NAG FA . -34.03 59.67 40.66
O4 NAG FA . -36.87 59.94 40.46
O5 NAG FA . -36.42 58.74 43.91
O6 NAG FA . -38.23 57.23 42.78
O7 NAG FA . -31.29 61.27 43.75
C1 NAG GA . -20.70 73.58 67.08
C2 NAG GA . -20.93 74.74 66.14
C3 NAG GA . -19.78 75.72 66.22
C4 NAG GA . -19.61 76.20 67.65
C5 NAG GA . -19.39 74.99 68.54
C6 NAG GA . -19.28 75.35 70.01
C7 NAG GA . -22.23 74.58 64.07
C8 NAG GA . -22.27 74.06 62.67
N2 NAG GA . -21.13 74.30 64.76
O3 NAG GA . -20.03 76.83 65.36
O4 NAG GA . -18.49 77.07 67.74
O5 NAG GA . -20.48 74.08 68.42
O6 NAG GA . -20.56 75.45 70.62
O7 NAG GA . -23.15 75.22 64.55
C1 NAG GA . -18.09 78.63 67.24
C2 NAG GA . -17.52 79.48 68.37
C3 NAG GA . -17.21 80.89 67.87
C4 NAG GA . -16.29 80.83 66.66
C5 NAG GA . -16.88 79.90 65.59
C6 NAG GA . -15.94 79.67 64.43
C7 NAG GA . -18.34 78.70 70.52
C8 NAG GA . -19.37 78.87 71.61
N2 NAG GA . -18.45 79.53 69.50
O3 NAG GA . -16.60 81.62 68.92
O4 NAG GA . -16.13 82.12 66.11
O5 NAG GA . -17.15 78.60 66.15
O6 NAG GA . -14.82 78.88 64.79
O7 NAG GA . -17.47 77.84 70.59
C1 NAG HA . 41.95 25.83 2.72
C2 NAG HA . 42.35 26.76 3.86
C3 NAG HA . 43.87 26.83 3.97
C4 NAG HA . 44.46 25.42 4.09
C5 NAG HA . 43.94 24.54 2.95
C6 NAG HA . 44.38 23.10 3.08
C7 NAG HA . 40.91 28.64 4.49
C8 NAG HA . 40.44 30.02 4.13
N2 NAG HA . 41.80 28.10 3.67
O3 NAG HA . 44.23 27.60 5.11
O4 NAG HA . 45.87 25.48 4.02
O5 NAG HA . 42.52 24.54 2.93
O6 NAG HA . 45.68 23.00 3.64
O7 NAG HA . 40.49 28.04 5.48
C1 NAG IA . 34.31 27.07 -34.35
C2 NAG IA . 34.21 27.41 -35.83
C3 NAG IA . 33.02 26.70 -36.46
C4 NAG IA . 33.14 25.20 -36.23
C5 NAG IA . 33.23 24.92 -34.73
C6 NAG IA . 33.44 23.46 -34.41
C7 NAG IA . 34.27 29.44 -37.21
C8 NAG IA . 34.13 30.94 -37.23
N2 NAG IA . 34.09 28.85 -36.03
O3 NAG IA . 32.99 26.95 -37.86
O4 NAG IA . 32.01 24.54 -36.76
O5 NAG IA . 34.36 25.62 -34.19
O6 NAG IA . 33.29 22.64 -35.57
O7 NAG IA . 34.51 28.81 -38.23
C1 NAG JA . 44.59 41.92 -41.18
C2 NAG JA . 43.69 40.94 -41.94
C3 NAG JA . 44.13 39.51 -41.63
C4 NAG JA . 45.61 39.34 -41.99
C5 NAG JA . 46.43 40.37 -41.23
C6 NAG JA . 47.91 40.26 -41.63
C7 NAG JA . 41.55 42.09 -42.11
C8 NAG JA . 40.12 42.28 -41.69
N2 NAG JA . 42.30 41.13 -41.52
O3 NAG JA . 43.34 38.58 -42.39
O4 NAG JA . 46.05 38.02 -41.63
O5 NAG JA . 45.96 41.69 -41.55
O6 NAG JA . 48.70 41.14 -40.84
O7 NAG JA . 42.03 42.78 -42.98
C1 NAG KA . 34.36 3.97 -33.16
C2 NAG KA . 33.24 3.16 -33.78
C3 NAG KA . 33.66 1.70 -33.89
C4 NAG KA . 34.99 1.58 -34.64
C5 NAG KA . 36.04 2.51 -34.04
C6 NAG KA . 37.31 2.58 -34.85
C7 NAG KA . 30.80 3.12 -33.51
C8 NAG KA . 29.66 3.33 -32.57
N2 NAG KA . 32.03 3.28 -33.00
O3 NAG KA . 32.66 0.96 -34.58
O4 NAG KA . 35.47 0.25 -34.56
O5 NAG KA . 35.53 3.85 -33.96
O6 NAG KA . 37.19 3.54 -35.89
O7 NAG KA . 30.64 2.83 -34.69
C1 NAG LA . 33.73 6.47 -13.94
C2 NAG LA . 33.18 5.05 -13.65
C3 NAG LA . 34.08 4.38 -12.60
C4 NAG LA . 35.55 4.45 -13.00
C5 NAG LA . 35.95 5.89 -13.34
C6 NAG LA . 37.37 6.04 -13.81
C7 NAG LA . 31.07 3.95 -12.99
C8 NAG LA . 29.67 4.16 -12.52
N2 NAG LA . 31.80 5.06 -13.21
O3 NAG LA . 33.71 3.02 -12.37
O4 NAG LA . 36.37 3.99 -11.93
O5 NAG LA . 35.09 6.39 -14.38
O6 NAG LA . 38.25 6.28 -12.72
O7 NAG LA . 31.54 2.83 -13.16
C1 NAG MA . 10.41 44.45 -7.66
C2 NAG MA . 9.85 45.68 -8.37
C3 NAG MA . 10.84 46.84 -8.30
C4 NAG MA . 11.32 47.06 -6.87
C5 NAG MA . 11.79 45.75 -6.24
C6 NAG MA . 12.20 45.96 -4.79
C7 NAG MA . 8.42 45.74 -10.33
C8 NAG MA . 8.25 47.21 -10.51
N2 NAG MA . 9.56 45.36 -9.75
O3 NAG MA . 10.19 48.03 -8.78
O4 NAG MA . 12.40 48.00 -6.87
O5 NAG MA . 10.73 44.79 -6.30
O6 NAG MA . 12.51 44.69 -4.21
O7 NAG MA . 7.57 44.93 -10.67
C1 NAG NA . 26.41 -27.16 -20.90
C2 NAG NA . 26.24 -26.03 -21.89
C3 NAG NA . 26.31 -26.60 -23.29
C4 NAG NA . 27.56 -27.44 -23.50
C5 NAG NA . 27.78 -28.39 -22.33
C6 NAG NA . 29.14 -29.03 -22.35
C7 NAG NA . 24.85 -24.04 -21.60
C8 NAG NA . 23.48 -23.54 -21.33
N2 NAG NA . 24.97 -25.37 -21.66
O3 NAG NA . 26.23 -25.56 -24.28
O4 NAG NA . 27.42 -28.23 -24.66
O5 NAG NA . 27.67 -27.73 -21.07
O6 NAG NA . 30.11 -28.10 -21.90
O7 NAG NA . 25.80 -23.29 -21.81
C1 NAG OA . 14.63 44.62 14.83
C2 NAG OA . 14.30 45.91 15.64
C3 NAG OA . 12.93 46.45 15.21
C4 NAG OA . 12.92 46.68 13.71
C5 NAG OA . 13.29 45.39 12.98
C6 NAG OA . 13.42 45.56 11.49
C7 NAG OA . 14.54 46.64 17.97
C8 NAG OA . 14.47 46.20 19.40
N2 NAG OA . 14.31 45.68 17.07
O3 NAG OA . 12.65 47.65 15.92
O4 NAG OA . 11.62 47.11 13.28
O5 NAG OA . 14.55 44.90 13.44
O6 NAG OA . 14.75 45.88 11.12
O7 NAG OA . 14.80 47.80 17.65
C1 NAG PA . 36.16 35.17 41.08
C2 NAG PA . 37.33 36.03 41.55
C3 NAG PA . 38.56 35.19 41.84
C4 NAG PA . 38.22 34.00 42.72
C5 NAG PA . 37.01 33.24 42.18
C6 NAG PA . 36.62 32.10 43.11
C7 NAG PA . 37.77 36.71 39.27
C8 NAG PA . 38.64 35.52 38.99
N2 NAG PA . 37.63 37.03 40.55
O3 NAG PA . 39.55 36.00 42.48
O4 NAG PA . 39.34 33.12 42.78
O5 NAG PA . 35.91 34.16 42.05
O6 NAG PA . 37.80 31.45 43.58
O7 NAG PA . 37.23 37.36 38.37
C1 NAG QA . 14.51 37.66 78.16
C2 NAG QA . 13.95 37.11 79.48
C3 NAG QA . 14.80 37.58 80.66
C4 NAG QA . 16.28 37.32 80.39
C5 NAG QA . 16.68 37.88 79.05
C6 NAG QA . 18.11 37.60 78.68
C7 NAG QA . 11.53 36.89 79.09
C8 NAG QA . 10.17 37.46 79.34
N2 NAG QA . 12.56 37.52 79.64
O3 NAG QA . 14.40 36.90 81.84
O4 NAG QA . 17.07 37.92 81.41
O5 NAG QA . 15.86 37.30 78.03
O6 NAG QA . 18.73 38.74 78.11
O7 NAG QA . 11.69 35.88 78.39
C1 EIC RA . 19.75 -13.08 -14.81
C2 EIC RA . 19.81 -13.24 -13.30
C3 EIC RA . 20.62 -14.49 -12.96
C4 EIC RA . 19.97 -15.23 -11.79
C5 EIC RA . 20.88 -16.34 -11.30
C6 EIC RA . 20.48 -16.76 -9.89
C7 EIC RA . 20.39 -15.53 -8.99
C8 EIC RA . 21.20 -15.76 -7.73
C9 EIC RA . 20.40 -15.30 -6.51
C10 EIC RA . 20.67 -15.77 -5.32
C11 EIC RA . 21.80 -16.77 -5.13
C12 EIC RA . 21.50 -17.62 -3.89
C13 EIC RA . 22.09 -18.78 -3.72
C14 EIC RA . 23.11 -19.30 -4.72
C15 EIC RA . 22.39 -19.91 -5.93
C16 EIC RA . 22.62 -21.41 -5.94
C17 EIC RA . 23.80 -21.74 -6.85
C18 EIC RA . 23.32 -22.66 -7.97
O1 EIC RA . 20.66 -13.56 -15.54
O2 EIC RA . 18.80 -12.45 -15.35
C1 EIC SA . -6.07 -23.11 -13.74
C2 EIC SA . -7.56 -23.37 -13.48
C3 EIC SA . -8.42 -22.63 -14.51
C4 EIC SA . -9.86 -22.61 -14.03
C5 EIC SA . -10.63 -21.53 -14.77
C6 EIC SA . -12.07 -21.47 -14.25
C7 EIC SA . -12.14 -20.50 -13.07
C8 EIC SA . -13.54 -20.53 -12.46
C9 EIC SA . -13.59 -19.52 -11.32
C10 EIC SA . -14.71 -19.27 -10.66
C11 EIC SA . -16.01 -19.98 -11.03
C12 EIC SA . -17.08 -18.95 -11.34
C13 EIC SA . -18.00 -19.20 -12.26
C14 EIC SA . -17.98 -20.53 -13.01
C15 EIC SA . -18.52 -20.34 -14.43
C16 EIC SA . -18.28 -21.61 -15.23
C17 EIC SA . -18.21 -21.31 -16.72
C18 EIC SA . -19.62 -21.29 -17.30
O1 EIC SA . -5.44 -23.85 -14.55
O2 EIC SA . -5.47 -22.17 -13.16
C1 NAG TA . -5.67 -37.25 31.90
C2 NAG TA . -6.09 -37.12 33.37
C3 NAG TA . -6.81 -38.37 33.83
C4 NAG TA . -7.97 -38.70 32.88
C5 NAG TA . -7.49 -38.73 31.43
C6 NAG TA . -8.61 -38.91 30.44
C7 NAG TA . -4.76 -35.73 34.90
C8 NAG TA . -3.50 -35.64 35.71
N2 NAG TA . -4.94 -36.86 34.21
O3 NAG TA . -7.29 -38.19 35.14
O4 NAG TA . -8.54 -39.96 33.22
O5 NAG TA . -6.83 -37.51 31.10
O6 NAG TA . -9.64 -39.75 30.97
O7 NAG TA . -5.58 -34.82 34.86
C1 NAG UA . 23.53 -49.23 10.99
C2 NAG UA . 24.77 -49.92 10.44
C3 NAG UA . 25.33 -49.14 9.24
C4 NAG UA . 24.24 -48.99 8.19
C5 NAG UA . 23.03 -48.29 8.81
C6 NAG UA . 21.86 -48.18 7.84
C7 NAG UA . 26.86 -50.85 11.33
C8 NAG UA . 27.82 -50.87 12.50
N2 NAG UA . 25.81 -50.05 11.47
O3 NAG UA . 26.43 -49.83 8.68
O4 NAG UA . 24.72 -48.22 7.10
O5 NAG UA . 22.55 -49.07 9.92
O6 NAG UA . 22.23 -48.55 6.51
O7 NAG UA . 27.07 -51.50 10.33
C1 NAG VA . 32.13 -62.88 21.60
C2 NAG VA . 32.49 -62.40 20.19
C3 NAG VA . 31.24 -62.48 19.30
C4 NAG VA . 30.72 -63.92 19.30
C5 NAG VA . 30.43 -64.35 20.75
C6 NAG VA . 29.97 -65.81 20.77
C7 NAG VA . 34.24 -60.74 20.53
C8 NAG VA . 34.71 -59.31 20.60
N2 NAG VA . 32.95 -61.01 20.26
O3 NAG VA . 31.58 -62.10 17.97
O4 NAG VA . 29.51 -64.00 18.54
O5 NAG VA . 31.63 -64.22 21.52
O6 NAG VA . 29.60 -66.18 22.10
O7 NAG VA . 35.01 -61.65 20.73
C1 NAG WA . 9.24 -46.54 -7.00
C2 NAG WA . 9.70 -45.81 -8.26
C3 NAG WA . 8.73 -46.09 -9.40
C4 NAG WA . 8.57 -47.59 -9.60
C5 NAG WA . 8.23 -48.28 -8.28
C6 NAG WA . 8.24 -49.79 -8.38
C7 NAG WA . 10.61 -43.57 -8.69
C8 NAG WA . 10.60 -42.13 -8.28
N2 NAG WA . 9.79 -44.37 -8.00
O3 NAG WA . 9.22 -45.50 -10.59
O4 NAG WA . 7.53 -47.85 -10.53
O5 NAG WA . 9.19 -47.93 -7.27
O6 NAG WA . 9.56 -50.30 -8.20
O7 NAG WA . 11.30 -43.98 -9.61
C1 NAG XA . -1.98 -36.66 5.32
C2 NAG XA . -2.76 -35.90 4.22
C3 NAG XA . -4.27 -36.10 4.45
C4 NAG XA . -4.62 -37.57 4.63
C5 NAG XA . -3.73 -38.21 5.70
C6 NAG XA . -3.97 -39.69 5.88
C7 NAG XA . -2.89 -33.66 3.20
C8 NAG XA . -2.44 -32.24 3.31
N2 NAG XA . -2.43 -34.51 4.15
O3 NAG XA . -5.04 -35.53 3.40
O4 NAG XA . -5.98 -37.71 5.02
O5 NAG XA . -2.35 -38.04 5.34
O6 NAG XA . -4.96 -39.92 6.87
O7 NAG XA . -3.64 -34.04 2.32
C1 NAG YA . 26.45 -16.95 34.12
C2 NAG YA . 27.90 -16.94 34.60
C3 NAG YA . 28.09 -17.86 35.80
C4 NAG YA . 27.03 -17.59 36.87
C5 NAG YA . 25.63 -17.56 36.25
C6 NAG YA . 24.59 -17.21 37.31
C7 NAG YA . 29.90 -16.69 33.25
C8 NAG YA . 30.97 -16.77 34.30
N2 NAG YA . 28.78 -17.35 33.52
O3 NAG YA . 29.39 -17.66 36.35
O4 NAG YA . 27.09 -18.61 37.87
O5 NAG YA . 25.60 -16.60 35.20
O6 NAG YA . 23.31 -17.07 36.68
O7 NAG YA . 30.06 -16.06 32.22
C1 NAG ZA . -14.27 -30.54 -27.58
C2 NAG ZA . -15.37 -30.90 -28.55
C3 NAG ZA . -15.06 -32.23 -29.22
C4 NAG ZA . -13.66 -32.22 -29.82
C5 NAG ZA . -12.64 -31.64 -28.84
C6 NAG ZA . -11.32 -31.36 -29.49
C7 NAG ZA . -17.75 -30.37 -28.29
C8 NAG ZA . -18.94 -30.52 -27.42
N2 NAG ZA . -16.65 -30.96 -27.85
O3 NAG ZA . -16.04 -32.56 -30.19
O4 NAG ZA . -13.25 -33.55 -30.10
O5 NAG ZA . -13.08 -30.40 -28.27
O6 NAG ZA . -11.41 -30.18 -30.26
O7 NAG ZA . -17.79 -29.79 -29.37
C1 NAG AB . 9.46 -9.41 47.46
C2 NAG AB . 9.80 -8.85 48.86
C3 NAG AB . 11.03 -7.93 48.75
C4 NAG AB . 12.20 -8.68 48.12
C5 NAG AB . 11.76 -9.24 46.76
C6 NAG AB . 12.82 -10.12 46.13
C7 NAG AB . 8.55 -7.96 50.77
C8 NAG AB . 7.37 -7.15 51.19
N2 NAG AB . 8.72 -8.12 49.45
O3 NAG AB . 11.39 -7.44 50.04
O4 NAG AB . 13.31 -7.82 47.94
O5 NAG AB . 10.60 -10.06 46.92
O6 NAG AB . 12.65 -11.48 46.48
O7 NAG AB . 9.33 -8.46 51.60
C1 NAG BB . -23.52 -14.03 59.01
C2 NAG BB . -23.86 -14.87 60.22
C3 NAG BB . -25.10 -15.72 59.98
C4 NAG BB . -26.24 -14.87 59.42
C5 NAG BB . -25.76 -14.02 58.25
C6 NAG BB . -26.88 -13.13 57.74
C7 NAG BB . -22.11 -16.46 59.64
C8 NAG BB . -23.01 -17.23 58.72
N2 NAG BB . -22.73 -15.73 60.56
O3 NAG BB . -25.52 -16.33 61.21
O4 NAG BB . -27.30 -15.73 58.99
O5 NAG BB . -24.66 -13.23 58.65
O6 NAG BB . -28.11 -13.85 57.73
O7 NAG BB . -20.90 -16.50 59.55
C1 NAG CB . -37.29 22.88 76.28
C2 NAG CB . -38.25 24.07 76.42
C3 NAG CB . -39.16 23.88 77.64
C4 NAG CB . -39.81 22.50 77.62
C5 NAG CB . -38.75 21.43 77.43
C6 NAG CB . -39.31 20.03 77.33
C7 NAG CB . -37.02 25.97 75.48
C8 NAG CB . -36.25 27.21 75.78
N2 NAG CB . -37.50 25.31 76.53
O3 NAG CB . -40.17 24.88 77.64
O4 NAG CB . -40.50 22.25 78.84
O5 NAG CB . -38.04 21.69 76.22
O6 NAG CB . -38.55 19.11 78.08
O7 NAG CB . -37.21 25.60 74.33
C1 EIC DB . -1.67 -0.52 -29.40
C2 EIC DB . -1.39 0.46 -28.26
C3 EIC DB . -0.90 1.79 -28.84
C4 EIC DB . -0.14 2.58 -27.78
C5 EIC DB . 1.04 3.31 -28.42
C6 EIC DB . 1.93 3.89 -27.32
C7 EIC DB . 2.13 5.39 -27.56
C8 EIC DB . 2.22 6.11 -26.21
C9 EIC DB . 2.22 7.62 -26.43
C10 EIC DB . 2.66 8.41 -25.46
C11 EIC DB . 2.68 9.93 -25.67
C12 EIC DB . 3.92 10.52 -25.02
C13 EIC DB . 4.87 11.08 -25.74
C14 EIC DB . 4.74 11.14 -27.26
C15 EIC DB . 5.83 10.28 -27.90
C16 EIC DB . 5.93 10.60 -29.40
C17 EIC DB . 7.04 9.75 -30.01
C18 EIC DB . 6.79 9.59 -31.51
O1 EIC DB . -2.81 -1.02 -29.54
O2 EIC DB . -0.74 -0.84 -30.19
C1 NAG EB . -40.70 24.31 -14.03
C2 NAG EB . -41.42 25.37 -13.22
C3 NAG EB . -42.13 26.34 -14.15
C4 NAG EB . -41.17 26.91 -15.19
C5 NAG EB . -40.43 25.77 -15.90
C6 NAG EB . -39.35 26.27 -16.83
C7 NAG EB . -42.25 24.87 -10.96
C8 NAG EB . -43.32 24.18 -10.17
N2 NAG EB . -42.37 24.78 -12.30
O3 NAG EB . -42.71 27.41 -13.40
O4 NAG EB . -41.87 27.68 -16.15
O5 NAG EB . -39.79 24.93 -14.94
O6 NAG EB . -39.73 27.48 -17.46
O7 NAG EB . -41.32 25.47 -10.44
C1 NAG FB . -46.79 -10.16 -28.48
C2 NAG FB . -47.39 -11.45 -29.06
C3 NAG FB . -46.37 -12.58 -28.95
C4 NAG FB . -45.08 -12.19 -29.66
C5 NAG FB . -44.54 -10.91 -29.03
C6 NAG FB . -43.31 -10.39 -29.73
C7 NAG FB . -49.46 -12.71 -28.85
C8 NAG FB . -50.70 -12.95 -28.02
N2 NAG FB . -48.62 -11.81 -28.37
O3 NAG FB . -46.89 -13.75 -29.57
O4 NAG FB . -44.12 -13.22 -29.51
O5 NAG FB . -45.53 -9.87 -29.16
O6 NAG FB . -42.79 -11.32 -30.67
O7 NAG FB . -49.26 -13.34 -29.88
C1 NAG GB . -65.80 -11.01 -31.79
C2 NAG GB . -64.72 -12.06 -32.09
C3 NAG GB . -63.61 -11.42 -32.92
C4 NAG GB . -64.22 -10.84 -34.20
C5 NAG GB . -65.31 -9.84 -33.82
C6 NAG GB . -65.96 -9.29 -35.10
C7 NAG GB . -64.79 -13.56 -30.16
C8 NAG GB . -64.21 -14.06 -28.87
N2 NAG GB . -64.17 -12.56 -30.82
O3 NAG GB . -62.63 -12.41 -33.26
O4 NAG GB . -63.20 -10.18 -34.95
O5 NAG GB . -66.30 -10.49 -33.03
O6 NAG GB . -66.90 -8.27 -34.76
O7 NAG GB . -65.80 -14.05 -30.61
C1 NAG HB . -26.60 -7.06 -39.34
C2 NAG HB . -25.54 -8.13 -39.33
C3 NAG HB . -24.49 -7.85 -40.40
C4 NAG HB . -25.16 -7.67 -41.75
C5 NAG HB . -26.30 -6.64 -41.67
C6 NAG HB . -27.11 -6.57 -42.94
C7 NAG HB . -24.35 -9.34 -37.55
C8 NAG HB . -23.79 -9.26 -36.16
N2 NAG HB . -24.92 -8.23 -38.01
O3 NAG HB . -23.57 -8.92 -40.45
O4 NAG HB . -24.21 -7.20 -42.70
O5 NAG HB . -27.21 -7.01 -40.62
O6 NAG HB . -28.13 -7.57 -42.96
O7 NAG HB . -24.28 -10.36 -38.23
C1 NAG IB . -24.09 7.84 -27.19
C2 NAG IB . -22.55 7.88 -27.35
C3 NAG IB . -22.14 9.32 -27.73
C4 NAG IB . -22.96 9.85 -28.90
C5 NAG IB . -24.45 9.67 -28.64
C6 NAG IB . -25.33 10.11 -29.78
C7 NAG IB . -20.50 7.28 -26.12
C8 NAG IB . -19.95 6.82 -24.81
N2 NAG IB . -21.84 7.44 -26.19
O3 NAG IB . -20.75 9.42 -28.03
O4 NAG IB . -22.68 11.23 -29.10
O5 NAG IB . -24.73 8.29 -28.37
O6 NAG IB . -25.68 11.48 -29.66
O7 NAG IB . -19.78 7.53 -27.08
C1 NAG JB . -44.94 -4.20 10.85
C2 NAG JB . -45.92 -5.20 11.44
C3 NAG JB . -47.34 -4.69 11.40
C4 NAG JB . -47.43 -3.27 11.95
C5 NAG JB . -46.38 -2.37 11.32
C6 NAG JB . -46.41 -0.98 11.94
C7 NAG JB . -45.77 -7.63 11.36
C8 NAG JB . -47.01 -8.02 12.11
N2 NAG JB . -45.83 -6.46 10.72
O3 NAG JB . -48.20 -5.55 12.15
O4 NAG JB . -48.74 -2.73 11.68
O5 NAG JB . -45.08 -2.95 11.52
O6 NAG JB . -45.31 -0.20 11.43
O7 NAG JB . -44.78 -8.34 11.34
C1 NAG KB . 7.56 0.39 -42.14
C2 NAG KB . 7.18 -1.07 -41.87
C3 NAG KB . 7.07 -1.82 -43.19
C4 NAG KB . 6.06 -1.11 -44.09
C5 NAG KB . 6.48 0.35 -44.28
C6 NAG KB . 5.43 1.08 -45.12
C7 NAG KB . 8.15 -1.57 -39.69
C8 NAG KB . 9.21 -2.22 -38.83
N2 NAG KB . 8.21 -1.70 -41.03
O3 NAG KB . 6.65 -3.17 -42.96
O4 NAG KB . 6.00 -1.76 -45.36
O5 NAG KB . 6.59 0.98 -43.00
O6 NAG KB . 5.89 2.41 -45.39
O7 NAG KB . 7.26 -0.94 -39.17
C1 NAG LB . -41.86 16.38 20.35
C2 NAG LB . -42.63 16.73 21.65
C3 NAG LB . -42.59 15.53 22.60
C4 NAG LB . -43.12 14.29 21.92
C5 NAG LB . -42.34 14.04 20.64
C6 NAG LB . -42.89 12.89 19.81
C7 NAG LB . -42.84 18.69 23.12
C8 NAG LB . -42.12 19.83 23.74
N2 NAG LB . -42.11 17.90 22.31
O3 NAG LB . -43.34 15.83 23.78
O4 NAG LB . -43.01 13.15 22.77
O5 NAG LB . -42.39 15.19 19.78
O6 NAG LB . -43.85 13.34 18.86
O7 NAG LB . -44.03 18.47 23.35
C1 NAG MB . -37.39 51.00 15.44
C2 NAG MB . -38.56 51.98 15.35
C3 NAG MB . -38.32 53.01 14.25
C4 NAG MB . -36.95 53.63 14.37
C5 NAG MB . -35.87 52.56 14.52
C6 NAG MB . -34.50 53.18 14.72
C7 NAG MB . -39.87 50.34 14.14
C8 NAG MB . -39.29 50.72 12.81
N2 NAG MB . -39.80 51.26 15.10
O3 NAG MB . -39.32 54.04 14.33
O4 NAG MB . -36.66 54.42 13.20
O5 NAG MB . -36.18 51.73 15.64
O6 NAG MB . -34.35 54.31 13.86
O7 NAG MB . -40.39 49.25 14.34
C1 NAG NB . -21.34 68.02 51.54
C2 NAG NB . -20.32 68.80 52.36
C3 NAG NB . -20.83 70.20 52.67
C4 NAG NB . -21.33 70.89 51.40
C5 NAG NB . -22.31 69.98 50.67
C6 NAG NB . -22.79 70.54 49.35
C7 NAG NB . -19.12 67.08 53.66
C8 NAG NB . -18.95 66.44 55.00
N2 NAG NB . -20.00 68.09 53.59
O3 NAG NB . -19.79 70.98 53.24
O4 NAG NB . -21.98 72.10 51.71
O5 NAG NB . -21.66 68.74 50.37
O6 NAG NB . -24.18 70.34 49.19
O7 NAG NB . -18.48 66.71 52.69
#